data_6MYX
#
_entry.id   6MYX
#
loop_
_entity.id
_entity.type
_entity.pdbx_description
1 polymer 'Ribonucleoside-diphosphate reductase'
2 non-polymer "2'-DEOXYADENOSINE 5'-TRIPHOSPHATE"
#
_entity_poly.entity_id   1
_entity_poly.type   'polypeptide(L)'
_entity_poly.pdbx_seq_one_letter_code
;MSQNQVPKWIQLNNEIMIQKDGKFQFDKDKEAVHSYFVDYINQNTVFFHNLKEKLDYLVENQYYEEEFLSLYSFEDIKEV
FKTAYAKKFRFPSFMSAFKFYNDYALKTNDKKKILERYEDRISIVALFFANGDTEKAKEYVNLMINQEYQPSTPTFLNAG
RKRRGELVSCFLLEVNDSLNDISRAIDISMQLSKLGGGVSLNLSKLRAKGEAIKDVENATKGVVGVMKLLDNAFRYADQM
GQRQGSGAAYLNIFHRDINDFLDTKKISADEDVRVKTLSIGVVIPDKFVELAREDKAAYVFYPHTIYKEYGQHMDEMDMN
EMYDKFVDNPRVKKEKINPRKLLEKLAMLRSESGYPYIMFQDNVNKVHANNHISKVKFSNLCSEVLQASQVSSYTDYDEE
DEIGLDISCNLGSLNILNVMEHKSIEKTVKLATDSLTHVSETTDIRNAPAVRRANKAMKSIGLGAMNLHGYLAQNGIAYE
SPEARDFANTFFMMVNFYSIQRSAEIAKEKGETFDQYEGSTYATGEYFDKYVSTDFSPKYEKIANLFEGMHIPTTEDWKK
LKAFVAEHGMYHSYRLCIAPTGSISYVQSSTASVMPIMERIEERTYGNSKTYYPMPGLASNNWFFYKEAYDMDMFKVVDM
IATIQQHIDQGISFTLFLKDTMTTRDLNRIDLYAHHRGIKTIYYARTKDTGQDSCLSCVV
;
_entity_poly.pdbx_strand_id   C,D,I,J
#
loop_
_chem_comp.id
_chem_comp.type
_chem_comp.name
_chem_comp.formula
DTP non-polymer '2'-DEOXYADENOSINE 5'-TRIPHOSPHATE' 'C10 H16 N5 O12 P3'
#
# COMPACT_ATOMS: atom_id res chain seq x y z
N ASN A 4 -45.03 -10.59 -29.05
CA ASN A 4 -43.72 -10.10 -28.63
C ASN A 4 -43.61 -8.61 -28.85
N GLN A 5 -44.63 -8.05 -29.50
CA GLN A 5 -44.57 -6.65 -29.88
C GLN A 5 -44.79 -5.75 -28.67
N VAL A 6 -44.01 -4.70 -28.61
CA VAL A 6 -44.16 -3.68 -27.57
C VAL A 6 -45.50 -2.96 -27.78
N PRO A 7 -46.34 -2.86 -26.75
CA PRO A 7 -47.65 -2.22 -26.94
C PRO A 7 -47.53 -0.72 -27.14
N LYS A 8 -48.67 -0.09 -27.41
CA LYS A 8 -48.66 1.28 -27.92
C LYS A 8 -48.21 2.29 -26.88
N TRP A 9 -48.69 2.14 -25.64
CA TRP A 9 -48.39 3.12 -24.61
C TRP A 9 -46.93 3.08 -24.20
N ILE A 10 -46.30 1.91 -24.27
CA ILE A 10 -44.87 1.83 -23.98
C ILE A 10 -44.07 2.53 -25.07
N GLN A 11 -44.50 2.40 -26.32
CA GLN A 11 -43.87 3.15 -27.39
C GLN A 11 -44.11 4.64 -27.25
N LEU A 12 -45.27 5.03 -26.73
CA LEU A 12 -45.53 6.45 -26.47
C LEU A 12 -44.63 6.98 -25.37
N ASN A 13 -44.36 6.17 -24.36
CA ASN A 13 -43.41 6.55 -23.33
C ASN A 13 -41.99 6.62 -23.87
N ASN A 14 -41.66 5.75 -24.83
CA ASN A 14 -40.36 5.84 -25.50
C ASN A 14 -40.27 7.09 -26.35
N GLU A 15 -41.41 7.56 -26.87
CA GLU A 15 -41.44 8.75 -27.69
C GLU A 15 -41.26 10.03 -26.90
N ILE A 16 -41.30 9.97 -25.57
CA ILE A 16 -41.12 11.16 -24.75
C ILE A 16 -39.70 11.70 -24.89
N MET A 17 -38.71 10.80 -24.91
CA MET A 17 -37.31 11.20 -24.96
C MET A 17 -36.86 11.65 -26.34
N ILE A 18 -37.76 11.73 -27.33
CA ILE A 18 -37.38 12.22 -28.64
C ILE A 18 -37.13 13.71 -28.57
N GLN A 19 -35.97 14.14 -29.08
CA GLN A 19 -35.56 15.53 -28.98
C GLN A 19 -36.37 16.42 -29.90
N LYS A 20 -37.43 17.01 -29.37
CA LYS A 20 -38.19 18.03 -30.09
C LYS A 20 -37.57 19.37 -29.72
N ASP A 21 -36.86 19.97 -30.70
CA ASP A 21 -36.08 21.22 -30.61
C ASP A 21 -35.28 21.34 -29.30
N GLY A 22 -34.64 20.25 -28.90
CA GLY A 22 -33.90 20.23 -27.66
C GLY A 22 -34.72 19.97 -26.41
N LYS A 23 -35.97 19.53 -26.57
CA LYS A 23 -36.80 19.21 -25.42
C LYS A 23 -37.37 17.81 -25.55
N PHE A 24 -38.35 17.50 -24.72
CA PHE A 24 -38.91 16.16 -24.65
C PHE A 24 -40.40 16.20 -24.94
N GLN A 25 -40.91 15.08 -25.46
CA GLN A 25 -42.31 15.00 -25.84
C GLN A 25 -43.12 14.58 -24.63
N PHE A 26 -43.44 15.57 -23.79
CA PHE A 26 -44.07 15.31 -22.50
C PHE A 26 -45.49 14.76 -22.67
N ASP A 27 -46.23 15.29 -23.64
CA ASP A 27 -47.64 14.92 -23.79
C ASP A 27 -47.83 13.51 -24.32
N LYS A 28 -46.77 12.90 -24.84
CA LYS A 28 -46.75 11.48 -25.17
C LYS A 28 -46.98 10.60 -23.94
N ASP A 29 -46.71 11.12 -22.74
CA ASP A 29 -47.12 10.46 -21.51
C ASP A 29 -48.63 10.25 -21.48
N LYS A 30 -49.39 11.27 -21.86
CA LYS A 30 -50.84 11.27 -21.68
C LYS A 30 -51.51 10.17 -22.49
N GLU A 31 -51.14 10.05 -23.77
CA GLU A 31 -51.59 8.93 -24.57
C GLU A 31 -51.05 7.62 -24.03
N ALA A 32 -49.81 7.64 -23.53
CA ALA A 32 -49.27 6.50 -22.81
C ALA A 32 -50.06 6.22 -21.54
N VAL A 33 -50.68 7.24 -20.98
CA VAL A 33 -51.75 7.01 -20.02
C VAL A 33 -52.99 6.49 -20.75
N HIS A 34 -53.48 7.28 -21.70
CA HIS A 34 -54.86 7.17 -22.15
C HIS A 34 -55.12 5.91 -22.96
N SER A 35 -54.18 5.51 -23.81
CA SER A 35 -54.31 4.24 -24.51
C SER A 35 -54.20 3.08 -23.54
N TYR A 36 -53.32 3.20 -22.54
CA TYR A 36 -53.12 2.11 -21.60
C TYR A 36 -54.33 1.91 -20.72
N PHE A 37 -55.07 2.98 -20.44
CA PHE A 37 -56.37 2.84 -19.82
C PHE A 37 -57.33 2.10 -20.74
N VAL A 38 -57.32 2.44 -22.02
CA VAL A 38 -58.26 1.84 -22.95
C VAL A 38 -57.84 0.42 -23.29
N ASP A 39 -56.59 0.24 -23.69
CA ASP A 39 -56.17 -1.04 -24.22
C ASP A 39 -55.92 -2.08 -23.14
N TYR A 40 -55.68 -1.66 -21.90
CA TYR A 40 -55.37 -2.63 -20.86
C TYR A 40 -56.33 -2.57 -19.69
N ILE A 41 -56.57 -1.38 -19.15
CA ILE A 41 -57.24 -1.27 -17.85
C ILE A 41 -58.71 -1.61 -17.99
N ASN A 42 -59.38 -1.02 -18.98
CA ASN A 42 -60.79 -1.26 -19.16
C ASN A 42 -61.09 -2.60 -19.81
N GLN A 43 -60.07 -3.33 -20.24
CA GLN A 43 -60.27 -4.63 -20.85
C GLN A 43 -59.96 -5.78 -19.91
N ASN A 44 -59.54 -5.50 -18.68
CA ASN A 44 -59.15 -6.59 -17.79
C ASN A 44 -59.81 -6.47 -16.44
N THR A 45 -60.97 -5.84 -16.35
CA THR A 45 -61.66 -5.63 -15.09
C THR A 45 -62.86 -6.56 -15.02
N VAL A 46 -63.13 -7.08 -13.82
CA VAL A 46 -64.24 -8.01 -13.64
C VAL A 46 -65.55 -7.25 -13.75
N PHE A 47 -66.43 -7.73 -14.62
CA PHE A 47 -67.70 -7.07 -14.87
C PHE A 47 -68.64 -7.26 -13.69
N PHE A 48 -69.46 -6.25 -13.43
CA PHE A 48 -70.56 -6.34 -12.48
C PHE A 48 -71.78 -5.66 -13.06
N HIS A 49 -72.95 -6.11 -12.61
CA HIS A 49 -74.20 -5.52 -13.05
C HIS A 49 -74.61 -4.31 -12.24
N ASN A 50 -74.23 -4.26 -10.96
CA ASN A 50 -74.54 -3.13 -10.10
C ASN A 50 -73.50 -3.05 -9.00
N LEU A 51 -73.79 -2.21 -8.00
CA LEU A 51 -72.93 -2.10 -6.84
C LEU A 51 -73.22 -3.21 -5.83
N LYS A 52 -74.48 -3.62 -5.75
CA LYS A 52 -74.90 -4.58 -4.74
C LYS A 52 -74.26 -5.94 -4.94
N GLU A 53 -74.33 -6.47 -6.17
CA GLU A 53 -73.70 -7.76 -6.45
C GLU A 53 -72.19 -7.67 -6.36
N LYS A 54 -71.62 -6.50 -6.62
CA LYS A 54 -70.19 -6.28 -6.43
C LYS A 54 -69.80 -6.42 -4.96
N LEU A 55 -70.58 -5.78 -4.08
CA LEU A 55 -70.30 -5.88 -2.65
C LEU A 55 -70.58 -7.27 -2.13
N ASP A 56 -71.58 -7.95 -2.69
CA ASP A 56 -71.86 -9.33 -2.31
C ASP A 56 -70.73 -10.25 -2.72
N TYR A 57 -70.14 -10.00 -3.89
CA TYR A 57 -68.98 -10.75 -4.32
C TYR A 57 -67.79 -10.50 -3.41
N LEU A 58 -67.62 -9.23 -2.99
CA LEU A 58 -66.54 -8.90 -2.06
C LEU A 58 -66.73 -9.57 -0.70
N VAL A 59 -67.99 -9.71 -0.27
CA VAL A 59 -68.25 -10.36 1.00
C VAL A 59 -68.03 -11.86 0.88
N GLU A 60 -68.63 -12.49 -0.13
CA GLU A 60 -68.62 -13.94 -0.24
C GLU A 60 -67.27 -14.48 -0.65
N ASN A 61 -66.47 -13.67 -1.33
CA ASN A 61 -65.17 -14.12 -1.79
C ASN A 61 -64.08 -13.81 -0.78
N GLN A 62 -64.46 -13.37 0.42
CA GLN A 62 -63.59 -13.23 1.59
C GLN A 62 -62.43 -12.27 1.32
N TYR A 63 -62.79 -11.02 1.07
CA TYR A 63 -61.80 -10.01 0.73
C TYR A 63 -61.69 -8.91 1.76
N TYR A 64 -62.70 -8.72 2.60
CA TYR A 64 -62.70 -7.59 3.51
C TYR A 64 -63.27 -7.99 4.86
N GLU A 65 -62.86 -7.25 5.88
CA GLU A 65 -63.56 -7.24 7.15
C GLU A 65 -64.92 -6.61 6.94
N GLU A 66 -65.98 -7.38 7.13
CA GLU A 66 -67.32 -6.91 6.78
C GLU A 66 -67.97 -6.07 7.87
N GLU A 67 -67.31 -5.89 9.01
CA GLU A 67 -67.95 -5.25 10.16
C GLU A 67 -68.09 -3.75 9.97
N PHE A 68 -66.96 -3.07 9.72
CA PHE A 68 -67.02 -1.63 9.53
C PHE A 68 -67.65 -1.27 8.20
N LEU A 69 -67.65 -2.19 7.25
CA LEU A 69 -68.43 -2.01 6.04
C LEU A 69 -69.92 -2.07 6.33
N SER A 70 -70.32 -2.88 7.31
CA SER A 70 -71.71 -2.92 7.74
C SER A 70 -72.05 -1.83 8.74
N LEU A 71 -71.13 -0.92 9.04
CA LEU A 71 -71.41 0.24 9.87
C LEU A 71 -71.97 1.41 9.07
N TYR A 72 -72.32 1.16 7.80
CA TYR A 72 -72.97 2.15 6.96
C TYR A 72 -74.09 1.47 6.21
N SER A 73 -75.04 2.26 5.73
CA SER A 73 -76.04 1.70 4.83
C SER A 73 -75.45 1.55 3.44
N PHE A 74 -76.11 0.73 2.63
CA PHE A 74 -75.73 0.60 1.22
C PHE A 74 -75.90 1.91 0.48
N GLU A 75 -76.88 2.71 0.89
CA GLU A 75 -77.08 4.03 0.29
C GLU A 75 -75.94 4.98 0.64
N ASP A 76 -75.45 4.94 1.86
CA ASP A 76 -74.34 5.80 2.25
C ASP A 76 -73.05 5.38 1.56
N ILE A 77 -72.87 4.07 1.39
CA ILE A 77 -71.74 3.54 0.63
C ILE A 77 -71.81 3.99 -0.81
N LYS A 78 -73.01 3.96 -1.39
CA LYS A 78 -73.18 4.47 -2.74
C LYS A 78 -73.02 5.98 -2.82
N GLU A 79 -73.32 6.68 -1.73
CA GLU A 79 -73.13 8.13 -1.70
C GLU A 79 -71.66 8.49 -1.71
N VAL A 80 -70.86 7.81 -0.89
CA VAL A 80 -69.43 8.11 -0.88
C VAL A 80 -68.78 7.59 -2.17
N PHE A 81 -69.37 6.56 -2.78
CA PHE A 81 -68.83 6.07 -4.04
C PHE A 81 -69.15 7.03 -5.17
N LYS A 82 -70.35 7.59 -5.17
CA LYS A 82 -70.73 8.60 -6.14
C LYS A 82 -69.91 9.87 -5.95
N THR A 83 -69.59 10.19 -4.69
CA THR A 83 -68.75 11.35 -4.40
C THR A 83 -67.35 11.15 -4.93
N ALA A 84 -66.83 9.92 -4.83
CA ALA A 84 -65.51 9.64 -5.35
C ALA A 84 -65.51 9.62 -6.88
N TYR A 85 -66.51 8.97 -7.49
CA TYR A 85 -66.58 8.89 -8.93
C TYR A 85 -66.99 10.21 -9.57
N ALA A 86 -67.53 11.15 -8.79
CA ALA A 86 -67.82 12.48 -9.31
C ALA A 86 -66.56 13.29 -9.55
N LYS A 87 -65.43 12.88 -8.96
CA LYS A 87 -64.16 13.51 -9.29
C LYS A 87 -63.78 13.25 -10.73
N LYS A 88 -63.91 12.00 -11.16
CA LYS A 88 -63.37 11.48 -12.42
C LYS A 88 -61.90 11.85 -12.54
N PHE A 89 -61.14 11.26 -11.63
CA PHE A 89 -59.74 11.62 -11.47
C PHE A 89 -58.93 11.22 -12.69
N ARG A 90 -58.32 12.21 -13.33
CA ARG A 90 -57.55 12.00 -14.53
C ARG A 90 -56.08 11.90 -14.15
N PHE A 91 -55.55 10.70 -14.25
CA PHE A 91 -54.14 10.44 -13.99
C PHE A 91 -53.26 11.17 -14.99
N PRO A 92 -52.35 12.03 -14.53
CA PRO A 92 -51.42 12.69 -15.47
C PRO A 92 -50.19 11.88 -15.78
N SER A 93 -49.81 10.93 -14.92
CA SER A 93 -48.55 10.22 -15.07
C SER A 93 -48.79 8.79 -15.53
N PHE A 94 -47.81 8.26 -16.26
CA PHE A 94 -47.82 6.85 -16.58
C PHE A 94 -47.57 6.01 -15.34
N MET A 95 -46.67 6.48 -14.46
CA MET A 95 -46.38 5.76 -13.23
C MET A 95 -47.49 5.87 -12.21
N SER A 96 -48.44 6.78 -12.42
CA SER A 96 -49.61 6.88 -11.55
C SER A 96 -50.46 5.62 -11.62
N ALA A 97 -51.00 5.31 -12.81
CA ALA A 97 -51.71 4.05 -12.96
C ALA A 97 -50.76 2.87 -12.96
N PHE A 98 -49.51 3.08 -13.37
CA PHE A 98 -48.58 1.99 -13.58
C PHE A 98 -48.05 1.41 -12.27
N LYS A 99 -48.32 2.06 -11.15
CA LYS A 99 -47.99 1.49 -9.87
C LYS A 99 -49.22 1.15 -9.05
N PHE A 100 -50.30 1.91 -9.22
CA PHE A 100 -51.49 1.69 -8.42
C PHE A 100 -52.19 0.41 -8.81
N TYR A 101 -52.68 0.34 -10.04
CA TYR A 101 -53.34 -0.86 -10.53
C TYR A 101 -52.38 -2.00 -10.75
N ASN A 102 -51.08 -1.74 -10.75
CA ASN A 102 -50.13 -2.84 -10.78
C ASN A 102 -49.87 -3.40 -9.40
N ASP A 103 -49.67 -2.54 -8.40
CA ASP A 103 -49.26 -3.03 -7.09
C ASP A 103 -50.24 -2.68 -5.98
N TYR A 104 -50.64 -1.42 -5.87
CA TYR A 104 -51.40 -1.00 -4.70
C TYR A 104 -52.86 -1.38 -4.76
N ALA A 105 -53.36 -1.78 -5.92
CA ALA A 105 -54.75 -2.18 -6.03
C ALA A 105 -54.92 -3.65 -5.68
N LEU A 106 -56.01 -3.94 -4.99
CA LEU A 106 -56.36 -5.32 -4.66
C LEU A 106 -56.91 -6.00 -5.90
N LYS A 107 -56.20 -7.04 -6.36
CA LYS A 107 -56.59 -7.78 -7.54
C LYS A 107 -57.27 -9.08 -7.12
N THR A 108 -57.50 -9.94 -8.10
CA THR A 108 -58.21 -11.20 -7.87
C THR A 108 -57.32 -12.20 -7.15
N ASN A 109 -57.89 -13.37 -6.88
CA ASN A 109 -57.15 -14.41 -6.18
C ASN A 109 -56.08 -15.02 -7.07
N ASP A 110 -56.39 -15.21 -8.34
CA ASP A 110 -55.38 -15.62 -9.30
C ASP A 110 -54.61 -14.42 -9.86
N LYS A 111 -55.02 -13.21 -9.50
CA LYS A 111 -54.33 -11.95 -9.84
C LYS A 111 -54.24 -11.75 -11.35
N LYS A 112 -55.29 -12.12 -12.07
CA LYS A 112 -55.31 -11.98 -13.51
C LYS A 112 -56.39 -11.02 -13.99
N LYS A 113 -57.01 -10.27 -13.08
CA LYS A 113 -57.93 -9.22 -13.44
C LYS A 113 -57.92 -8.18 -12.34
N ILE A 114 -58.73 -7.14 -12.52
CA ILE A 114 -58.78 -6.00 -11.60
C ILE A 114 -60.06 -6.12 -10.78
N LEU A 115 -59.96 -5.79 -9.49
CA LEU A 115 -61.14 -5.73 -8.63
C LEU A 115 -61.43 -4.31 -8.17
N GLU A 116 -60.46 -3.68 -7.52
CA GLU A 116 -60.65 -2.33 -7.02
C GLU A 116 -60.39 -1.32 -8.11
N ARG A 117 -61.13 -0.22 -8.07
CA ARG A 117 -60.77 0.92 -8.91
C ARG A 117 -59.98 1.91 -8.05
N TYR A 118 -59.58 3.00 -8.68
CA TYR A 118 -58.85 4.04 -7.95
C TYR A 118 -59.75 4.75 -6.96
N GLU A 119 -61.04 4.87 -7.27
CA GLU A 119 -61.97 5.44 -6.31
C GLU A 119 -62.29 4.45 -5.20
N ASP A 120 -62.26 3.15 -5.51
CA ASP A 120 -62.81 2.15 -4.60
C ASP A 120 -61.92 1.97 -3.37
N ARG A 121 -60.62 1.82 -3.58
CA ARG A 121 -59.68 1.65 -2.49
C ARG A 121 -59.66 2.89 -1.60
N ILE A 122 -59.69 4.06 -2.21
CA ILE A 122 -59.70 5.32 -1.47
C ILE A 122 -60.96 5.46 -0.63
N SER A 123 -62.11 5.07 -1.21
CA SER A 123 -63.37 5.16 -0.49
C SER A 123 -63.45 4.15 0.63
N ILE A 124 -62.90 2.96 0.43
CA ILE A 124 -62.87 1.95 1.48
C ILE A 124 -61.98 2.40 2.63
N VAL A 125 -60.82 2.97 2.30
CA VAL A 125 -59.91 3.52 3.31
C VAL A 125 -60.57 4.67 4.06
N ALA A 126 -61.37 5.47 3.35
CA ALA A 126 -62.07 6.58 3.99
C ALA A 126 -63.15 6.09 4.94
N LEU A 127 -63.86 5.02 4.56
CA LEU A 127 -64.86 4.45 5.46
C LEU A 127 -64.21 3.79 6.66
N PHE A 128 -63.00 3.26 6.48
CA PHE A 128 -62.28 2.67 7.60
C PHE A 128 -61.77 3.73 8.56
N PHE A 129 -61.29 4.85 8.03
CA PHE A 129 -60.80 5.94 8.87
C PHE A 129 -61.94 6.62 9.62
N ALA A 130 -63.06 6.84 8.93
CA ALA A 130 -64.20 7.46 9.57
C ALA A 130 -64.85 6.51 10.57
N ASN A 131 -65.12 5.28 10.13
CA ASN A 131 -65.62 4.17 10.95
C ASN A 131 -66.94 4.53 11.63
N GLY A 132 -67.95 4.81 10.81
CA GLY A 132 -69.26 5.13 11.33
C GLY A 132 -69.89 6.36 10.71
N ASP A 133 -69.10 7.37 10.38
CA ASP A 133 -69.61 8.59 9.79
C ASP A 133 -69.40 8.59 8.28
N THR A 134 -70.40 9.10 7.56
CA THR A 134 -70.32 9.18 6.12
C THR A 134 -69.64 10.46 5.65
N GLU A 135 -69.96 11.57 6.31
CA GLU A 135 -69.47 12.87 5.86
C GLU A 135 -67.99 13.03 6.14
N LYS A 136 -67.52 12.51 7.27
CA LYS A 136 -66.09 12.52 7.55
C LYS A 136 -65.33 11.65 6.56
N ALA A 137 -65.94 10.55 6.13
CA ALA A 137 -65.34 9.73 5.10
C ALA A 137 -65.27 10.48 3.77
N LYS A 138 -66.29 11.28 3.47
CA LYS A 138 -66.23 12.10 2.27
C LYS A 138 -65.16 13.18 2.38
N GLU A 139 -64.96 13.71 3.59
CA GLU A 139 -63.87 14.65 3.82
C GLU A 139 -62.53 13.97 3.66
N TYR A 140 -62.42 12.72 4.11
CA TYR A 140 -61.21 11.93 3.91
C TYR A 140 -60.96 11.69 2.43
N VAL A 141 -62.04 11.51 1.67
CA VAL A 141 -61.93 11.37 0.22
C VAL A 141 -61.39 12.66 -0.38
N ASN A 142 -61.97 13.80 0.00
CA ASN A 142 -61.53 15.09 -0.53
C ASN A 142 -60.10 15.41 -0.12
N LEU A 143 -59.66 14.91 1.02
CA LEU A 143 -58.26 15.02 1.37
C LEU A 143 -57.40 14.06 0.57
N MET A 144 -57.96 12.93 0.15
CA MET A 144 -57.20 11.89 -0.55
C MET A 144 -57.37 11.91 -2.05
N ILE A 145 -58.60 12.12 -2.55
CA ILE A 145 -58.81 12.11 -3.99
C ILE A 145 -58.27 13.36 -4.65
N ASN A 146 -57.98 14.40 -3.88
CA ASN A 146 -57.24 15.54 -4.38
C ASN A 146 -55.75 15.45 -4.05
N GLN A 147 -55.33 14.30 -3.50
CA GLN A 147 -53.93 13.97 -3.20
C GLN A 147 -53.31 14.97 -2.22
N GLU A 148 -54.12 15.47 -1.30
CA GLU A 148 -53.60 16.37 -0.28
C GLU A 148 -52.99 15.60 0.87
N TYR A 149 -53.46 14.37 1.09
CA TYR A 149 -52.88 13.48 2.07
C TYR A 149 -52.73 12.10 1.45
N GLN A 150 -51.71 11.38 1.88
CA GLN A 150 -51.56 9.99 1.53
C GLN A 150 -51.15 9.21 2.76
N PRO A 151 -51.94 8.24 3.17
CA PRO A 151 -51.56 7.40 4.32
C PRO A 151 -50.36 6.50 4.05
N SER A 152 -49.90 5.81 5.08
CA SER A 152 -48.75 4.94 4.98
C SER A 152 -49.09 3.71 4.14
N THR A 153 -48.04 2.98 3.78
CA THR A 153 -48.17 1.89 2.83
C THR A 153 -49.04 0.73 3.32
N PRO A 154 -48.87 0.15 4.54
CA PRO A 154 -49.81 -0.90 4.92
C PRO A 154 -51.17 -0.34 5.34
N THR A 155 -51.17 0.92 5.77
CA THR A 155 -52.41 1.55 6.18
C THR A 155 -53.31 1.80 5.00
N PHE A 156 -52.77 2.41 3.94
CA PHE A 156 -53.51 2.55 2.70
C PHE A 156 -53.69 1.22 2.00
N LEU A 157 -52.84 0.23 2.31
CA LEU A 157 -52.92 -1.04 1.61
C LEU A 157 -54.03 -1.92 2.15
N ASN A 158 -53.97 -2.27 3.43
CA ASN A 158 -54.77 -3.36 3.97
C ASN A 158 -55.80 -2.84 4.96
N ALA A 159 -56.46 -1.75 4.62
CA ALA A 159 -57.52 -1.21 5.48
C ALA A 159 -58.71 -2.15 5.40
N GLY A 160 -58.88 -2.98 6.43
CA GLY A 160 -59.96 -3.94 6.47
C GLY A 160 -59.76 -5.06 5.48
N ARG A 161 -58.63 -5.75 5.57
CA ARG A 161 -58.26 -6.79 4.62
C ARG A 161 -57.60 -7.92 5.41
N LYS A 162 -56.92 -8.81 4.69
CA LYS A 162 -56.37 -10.00 5.34
C LYS A 162 -54.85 -9.91 5.47
N LEU A 167 -48.93 -3.44 9.55
CA LEU A 167 -49.75 -2.25 9.80
C LEU A 167 -48.86 -1.07 10.18
N VAL A 168 -47.80 -1.36 10.93
CA VAL A 168 -46.80 -0.37 11.32
C VAL A 168 -45.45 -0.88 10.86
N SER A 169 -44.60 0.02 10.37
CA SER A 169 -43.26 -0.34 9.93
C SER A 169 -42.19 0.31 10.82
N CYS A 170 -42.50 0.52 12.09
CA CYS A 170 -41.54 1.14 13.00
C CYS A 170 -41.62 0.44 14.35
N PHE A 171 -40.55 -0.26 14.74
CA PHE A 171 -40.48 -0.96 16.02
C PHE A 171 -39.09 -0.86 16.59
N LEU A 172 -38.99 -0.42 17.84
CA LEU A 172 -37.71 -0.16 18.47
C LEU A 172 -37.72 -0.77 19.86
N LEU A 173 -36.83 -1.73 20.09
CA LEU A 173 -36.77 -2.47 21.34
C LEU A 173 -35.35 -2.44 21.89
N GLU A 174 -35.18 -3.04 23.06
CA GLU A 174 -33.89 -3.13 23.73
C GLU A 174 -33.62 -4.57 24.10
N VAL A 175 -32.43 -4.79 24.68
CA VAL A 175 -31.98 -6.11 25.07
C VAL A 175 -31.31 -6.00 26.43
N ASN A 176 -31.62 -6.93 27.32
CA ASN A 176 -30.98 -7.01 28.61
C ASN A 176 -29.90 -8.10 28.59
N ASP A 177 -29.16 -8.19 29.69
CA ASP A 177 -28.00 -9.07 29.78
C ASP A 177 -28.39 -10.37 30.46
N SER A 178 -29.20 -11.16 29.77
CA SER A 178 -29.48 -12.54 30.19
C SER A 178 -29.81 -13.36 28.95
N LEU A 179 -29.52 -14.67 29.06
CA LEU A 179 -29.75 -15.57 27.93
C LEU A 179 -31.24 -15.71 27.64
N ASN A 180 -32.07 -15.73 28.68
CA ASN A 180 -33.51 -15.77 28.49
C ASN A 180 -34.02 -14.52 27.80
N ASP A 181 -33.40 -13.37 28.10
CA ASP A 181 -33.71 -12.14 27.38
C ASP A 181 -33.34 -12.24 25.91
N ILE A 182 -32.20 -12.90 25.62
CA ILE A 182 -31.74 -13.05 24.26
C ILE A 182 -32.71 -13.90 23.46
N SER A 183 -33.13 -15.03 24.03
CA SER A 183 -34.07 -15.90 23.37
C SER A 183 -35.42 -15.22 23.18
N ARG A 184 -35.84 -14.45 24.18
CA ARG A 184 -37.10 -13.72 24.09
C ARG A 184 -37.07 -12.69 22.97
N ALA A 185 -35.96 -11.98 22.84
CA ALA A 185 -35.84 -10.97 21.79
C ALA A 185 -35.77 -11.61 20.41
N ILE A 186 -35.09 -12.76 20.31
CA ILE A 186 -35.05 -13.52 19.07
C ILE A 186 -36.45 -13.96 18.67
N ASP A 187 -37.22 -14.42 19.65
CA ASP A 187 -38.58 -14.85 19.40
C ASP A 187 -39.46 -13.68 18.95
N ILE A 188 -39.29 -12.52 19.58
CA ILE A 188 -40.13 -11.37 19.26
C ILE A 188 -39.80 -10.84 17.87
N SER A 189 -38.51 -10.82 17.51
CA SER A 189 -38.12 -10.41 16.17
C SER A 189 -38.65 -11.37 15.13
N MET A 190 -38.64 -12.67 15.44
CA MET A 190 -39.21 -13.64 14.52
C MET A 190 -40.73 -13.52 14.43
N GLN A 191 -41.36 -13.06 15.51
CA GLN A 191 -42.81 -12.84 15.49
C GLN A 191 -43.15 -11.68 14.58
N LEU A 192 -42.41 -10.57 14.70
CA LEU A 192 -42.74 -9.40 13.92
C LEU A 192 -42.19 -9.45 12.50
N SER A 193 -41.28 -10.37 12.21
CA SER A 193 -40.67 -10.41 10.89
C SER A 193 -41.65 -10.90 9.84
N LYS A 194 -42.56 -11.79 10.23
CA LYS A 194 -43.58 -12.27 9.31
C LYS A 194 -44.66 -11.24 9.04
N LEU A 195 -44.73 -10.18 9.86
CA LEU A 195 -45.75 -9.15 9.69
C LEU A 195 -45.24 -7.94 8.94
N GLY A 196 -43.98 -7.96 8.51
CA GLY A 196 -43.44 -6.92 7.65
C GLY A 196 -43.10 -5.61 8.34
N GLY A 197 -43.13 -5.55 9.67
CA GLY A 197 -42.82 -4.32 10.35
C GLY A 197 -41.33 -4.07 10.47
N GLY A 198 -40.96 -2.79 10.46
CA GLY A 198 -39.58 -2.41 10.63
C GLY A 198 -39.15 -2.49 12.08
N VAL A 199 -38.33 -3.47 12.41
CA VAL A 199 -37.91 -3.73 13.78
C VAL A 199 -36.41 -3.50 13.87
N SER A 200 -36.00 -2.61 14.77
CA SER A 200 -34.59 -2.34 15.00
C SER A 200 -34.33 -2.26 16.50
N LEU A 201 -33.08 -2.45 16.90
CA LEU A 201 -32.76 -2.42 18.33
C LEU A 201 -31.46 -1.69 18.63
N ASN A 202 -30.99 -1.83 19.87
CA ASN A 202 -29.72 -1.26 20.31
C ASN A 202 -29.14 -2.21 21.34
N LEU A 203 -27.81 -2.36 21.31
CA LEU A 203 -27.14 -3.38 22.09
C LEU A 203 -26.22 -2.78 23.15
N SER A 204 -26.56 -1.62 23.69
CA SER A 204 -25.66 -0.93 24.61
C SER A 204 -25.64 -1.54 26.00
N LYS A 205 -26.44 -2.57 26.28
CA LYS A 205 -26.52 -3.19 27.59
C LYS A 205 -26.14 -4.65 27.54
N LEU A 206 -25.06 -4.98 26.84
CA LEU A 206 -24.54 -6.34 26.79
C LEU A 206 -23.08 -6.33 27.18
N ARG A 207 -22.61 -7.45 27.73
CA ARG A 207 -21.24 -7.54 28.17
C ARG A 207 -20.30 -7.67 26.98
N ALA A 208 -19.07 -7.24 27.18
CA ALA A 208 -18.10 -7.18 26.08
C ALA A 208 -17.52 -8.57 25.82
N LYS A 209 -16.70 -8.63 24.77
CA LYS A 209 -16.09 -9.89 24.37
C LYS A 209 -15.00 -10.29 25.35
N GLY A 210 -14.94 -11.58 25.65
CA GLY A 210 -13.89 -12.10 26.50
C GLY A 210 -14.05 -11.79 27.96
N GLU A 211 -15.28 -11.69 28.44
CA GLU A 211 -15.54 -11.38 29.83
C GLU A 211 -16.03 -12.60 30.59
N ALA A 212 -16.03 -12.47 31.91
CA ALA A 212 -16.44 -13.57 32.78
C ALA A 212 -17.95 -13.71 32.79
N ILE A 213 -18.45 -14.88 32.43
CA ILE A 213 -19.89 -15.16 32.50
C ILE A 213 -20.13 -15.73 33.90
N LYS A 214 -20.15 -14.83 34.88
CA LYS A 214 -20.76 -14.98 36.21
C LYS A 214 -20.08 -15.99 37.13
N ASP A 215 -19.27 -16.90 36.60
CA ASP A 215 -18.61 -17.90 37.43
C ASP A 215 -17.15 -18.12 37.06
N VAL A 216 -16.84 -18.09 35.76
CA VAL A 216 -15.53 -18.48 35.26
C VAL A 216 -15.01 -17.33 34.40
N GLU A 217 -13.71 -17.05 34.49
CA GLU A 217 -13.13 -15.92 33.80
C GLU A 217 -12.90 -16.21 32.32
N ASN A 218 -13.01 -15.15 31.52
CA ASN A 218 -12.77 -15.14 30.07
C ASN A 218 -13.64 -16.17 29.34
N ALA A 219 -14.95 -15.94 29.41
CA ALA A 219 -15.92 -16.89 28.87
C ALA A 219 -16.87 -16.30 27.84
N THR A 220 -16.98 -14.99 27.74
CA THR A 220 -17.92 -14.40 26.79
C THR A 220 -17.37 -14.51 25.38
N LYS A 221 -18.17 -15.10 24.48
CA LYS A 221 -17.76 -15.21 23.10
C LYS A 221 -17.79 -13.84 22.42
N GLY A 222 -18.63 -12.94 22.90
CA GLY A 222 -18.71 -11.60 22.37
C GLY A 222 -20.05 -11.31 21.74
N VAL A 223 -20.26 -10.02 21.45
CA VAL A 223 -21.52 -9.60 20.86
C VAL A 223 -21.60 -9.97 19.39
N VAL A 224 -20.46 -10.23 18.75
CA VAL A 224 -20.42 -10.47 17.32
C VAL A 224 -21.04 -11.82 16.98
N GLY A 225 -20.99 -12.77 17.91
CA GLY A 225 -21.70 -14.03 17.72
C GLY A 225 -23.20 -13.84 17.78
N VAL A 226 -23.67 -12.94 18.65
CA VAL A 226 -25.09 -12.65 18.73
C VAL A 226 -25.55 -11.93 17.47
N MET A 227 -24.70 -11.07 16.92
CA MET A 227 -25.01 -10.40 15.66
C MET A 227 -25.05 -11.40 14.51
N LYS A 228 -24.12 -12.36 14.52
CA LYS A 228 -24.15 -13.45 13.55
C LYS A 228 -25.42 -14.28 13.67
N LEU A 229 -25.86 -14.49 14.92
CA LEU A 229 -27.08 -15.26 15.16
C LEU A 229 -28.31 -14.53 14.67
N LEU A 230 -28.37 -13.22 14.88
CA LEU A 230 -29.52 -12.46 14.42
C LEU A 230 -29.53 -12.33 12.90
N ASP A 231 -28.34 -12.24 12.29
CA ASP A 231 -28.25 -12.21 10.85
C ASP A 231 -28.70 -13.53 10.24
N ASN A 232 -28.36 -14.65 10.88
CA ASN A 232 -28.87 -15.94 10.43
C ASN A 232 -30.36 -16.06 10.68
N ALA A 233 -30.84 -15.47 11.77
CA ALA A 233 -32.25 -15.58 12.12
C ALA A 233 -33.13 -14.78 11.18
N PHE A 234 -32.61 -13.69 10.62
CA PHE A 234 -33.40 -12.92 9.69
C PHE A 234 -33.49 -13.57 8.32
N ARG A 235 -32.74 -14.64 8.08
CA ARG A 235 -32.84 -15.40 6.84
C ARG A 235 -34.06 -16.29 6.79
N TYR A 236 -34.91 -16.27 7.80
CA TYR A 236 -36.09 -17.10 7.80
C TYR A 236 -37.34 -16.34 7.37
N ALA A 237 -37.28 -15.04 7.21
CA ALA A 237 -38.43 -14.25 6.77
C ALA A 237 -38.05 -13.39 5.57
N ASP A 238 -38.94 -12.47 5.22
CA ASP A 238 -38.74 -11.58 4.08
C ASP A 238 -37.60 -10.58 4.31
N SER A 246 -36.59 -7.36 7.44
CA SER A 246 -35.20 -6.97 7.72
C SER A 246 -35.12 -6.24 9.06
N GLY A 247 -33.91 -6.12 9.58
CA GLY A 247 -33.73 -5.52 10.89
C GLY A 247 -32.45 -4.72 11.06
N ALA A 248 -32.23 -4.19 12.25
CA ALA A 248 -31.06 -3.36 12.51
C ALA A 248 -30.75 -3.40 14.00
N ALA A 249 -29.54 -2.97 14.34
CA ALA A 249 -29.14 -2.87 15.74
C ALA A 249 -28.03 -1.83 15.86
N TYR A 250 -27.97 -1.19 17.02
CA TYR A 250 -27.01 -0.13 17.32
C TYR A 250 -26.13 -0.53 18.49
N LEU A 251 -25.24 0.39 18.87
CA LEU A 251 -24.37 0.23 20.02
C LEU A 251 -23.86 1.61 20.43
N ASN A 252 -23.80 1.86 21.74
CA ASN A 252 -23.15 3.07 22.24
C ASN A 252 -21.66 3.01 21.95
N ILE A 253 -21.08 4.19 21.75
CA ILE A 253 -19.74 4.25 21.15
C ILE A 253 -18.65 3.88 22.16
N PHE A 254 -18.91 4.03 23.46
CA PHE A 254 -17.84 3.89 24.45
C PHE A 254 -17.69 2.44 24.91
N HIS A 255 -17.49 1.55 23.93
CA HIS A 255 -17.38 0.13 24.16
C HIS A 255 -16.04 -0.36 23.63
N ARG A 256 -15.53 -1.45 24.20
CA ARG A 256 -14.27 -1.97 23.67
C ARG A 256 -14.51 -2.68 22.34
N ASP A 257 -15.66 -3.31 22.19
CA ASP A 257 -15.97 -3.95 20.93
C ASP A 257 -16.55 -3.00 19.90
N ILE A 258 -16.47 -1.68 20.12
CA ILE A 258 -17.03 -0.72 19.17
C ILE A 258 -16.23 -0.74 17.87
N ASN A 259 -14.94 -1.08 17.94
CA ASN A 259 -14.14 -1.32 16.74
C ASN A 259 -14.67 -2.55 16.03
N ASP A 260 -15.03 -3.57 16.80
CA ASP A 260 -15.69 -4.74 16.25
C ASP A 260 -17.07 -4.40 15.72
N PHE A 261 -17.65 -3.31 16.19
CA PHE A 261 -18.91 -2.86 15.63
C PHE A 261 -18.71 -2.32 14.22
N LEU A 262 -17.48 -1.87 13.95
CA LEU A 262 -17.08 -1.38 12.60
C LEU A 262 -16.64 -2.60 11.78
N ASP A 263 -16.35 -3.73 12.45
CA ASP A 263 -15.94 -4.92 11.75
C ASP A 263 -17.13 -5.63 11.16
N THR A 264 -18.33 -5.22 11.54
CA THR A 264 -19.56 -5.82 11.05
C THR A 264 -19.76 -5.52 9.57
N LYS A 265 -19.84 -4.24 9.21
CA LYS A 265 -19.95 -3.82 7.81
C LYS A 265 -18.55 -3.64 7.23
N LYS A 266 -17.79 -4.72 7.28
CA LYS A 266 -16.43 -4.74 6.76
C LYS A 266 -16.48 -4.84 5.25
N ILE A 267 -15.58 -4.10 4.58
CA ILE A 267 -15.55 -4.13 3.13
C ILE A 267 -15.02 -5.45 2.61
N SER A 268 -14.29 -6.21 3.44
CA SER A 268 -13.97 -7.60 3.17
C SER A 268 -15.02 -8.43 3.88
N ALA A 269 -15.97 -8.95 3.12
CA ALA A 269 -17.04 -9.79 3.67
C ALA A 269 -16.46 -11.14 4.07
N ASP A 270 -16.45 -11.41 5.37
CA ASP A 270 -15.83 -12.62 5.89
C ASP A 270 -16.82 -13.77 6.00
N GLU A 271 -16.28 -14.96 6.21
CA GLU A 271 -17.06 -16.06 6.76
C GLU A 271 -17.52 -15.75 8.17
N ASP A 272 -16.57 -15.39 9.04
CA ASP A 272 -16.84 -15.19 10.45
C ASP A 272 -17.71 -13.97 10.70
N VAL A 273 -17.57 -12.94 9.87
CA VAL A 273 -18.49 -11.79 9.92
C VAL A 273 -19.11 -11.66 8.53
N ARG A 274 -20.39 -12.01 8.44
CA ARG A 274 -21.15 -11.84 7.19
C ARG A 274 -22.53 -11.30 7.54
N VAL A 275 -22.67 -9.98 7.52
CA VAL A 275 -23.96 -9.33 7.72
C VAL A 275 -24.55 -9.11 6.34
N LYS A 276 -25.86 -9.31 6.23
CA LYS A 276 -26.58 -9.01 5.00
C LYS A 276 -27.83 -8.19 5.24
N THR A 277 -28.33 -8.14 6.46
CA THR A 277 -29.58 -7.45 6.74
C THR A 277 -29.47 -6.39 7.82
N LEU A 278 -28.56 -6.57 8.78
CA LEU A 278 -28.57 -5.71 9.96
C LEU A 278 -27.81 -4.43 9.65
N SER A 279 -28.53 -3.32 9.55
CA SER A 279 -27.86 -2.05 9.46
C SER A 279 -27.35 -1.63 10.84
N ILE A 280 -26.21 -0.97 10.85
CA ILE A 280 -25.61 -0.52 12.09
C ILE A 280 -25.59 1.00 12.10
N GLY A 281 -25.54 1.56 13.30
CA GLY A 281 -25.43 3.00 13.45
C GLY A 281 -24.86 3.38 14.80
N VAL A 282 -23.81 4.19 14.79
CA VAL A 282 -23.10 4.53 16.01
C VAL A 282 -23.68 5.82 16.57
N VAL A 283 -24.21 5.75 17.77
CA VAL A 283 -24.78 6.91 18.44
C VAL A 283 -23.68 7.58 19.25
N ILE A 284 -23.35 8.81 18.87
CA ILE A 284 -22.19 9.51 19.40
C ILE A 284 -22.67 10.62 20.32
N PRO A 285 -22.38 10.56 21.62
CA PRO A 285 -22.65 11.70 22.50
C PRO A 285 -21.57 12.75 22.34
N ASP A 286 -21.73 13.85 23.09
CA ASP A 286 -20.80 14.97 22.97
C ASP A 286 -19.47 14.69 23.65
N LYS A 287 -19.40 13.66 24.49
CA LYS A 287 -18.13 13.29 25.11
C LYS A 287 -17.15 12.76 24.08
N PHE A 288 -17.63 12.02 23.09
CA PHE A 288 -16.72 11.45 22.12
C PHE A 288 -16.19 12.50 21.15
N VAL A 289 -17.05 13.42 20.71
CA VAL A 289 -16.57 14.49 19.84
C VAL A 289 -15.73 15.46 20.66
N GLU A 290 -15.96 15.52 21.98
CA GLU A 290 -15.10 16.28 22.86
C GLU A 290 -13.70 15.67 22.92
N LEU A 291 -13.62 14.35 23.07
CA LEU A 291 -12.33 13.69 23.19
C LEU A 291 -11.60 13.62 21.86
N ALA A 292 -12.33 13.51 20.76
CA ALA A 292 -11.69 13.52 19.46
C ALA A 292 -11.33 14.91 18.99
N ARG A 293 -12.03 15.92 19.52
CA ARG A 293 -11.77 17.30 19.13
C ARG A 293 -10.46 17.79 19.72
N GLU A 294 -10.18 17.42 20.97
CA GLU A 294 -8.93 17.79 21.61
C GLU A 294 -7.76 16.92 21.17
N ASP A 295 -8.01 15.89 20.34
CA ASP A 295 -7.01 14.95 19.83
C ASP A 295 -6.29 14.23 20.96
N LYS A 296 -7.04 13.87 22.00
CA LYS A 296 -6.49 13.21 23.18
C LYS A 296 -6.99 11.77 23.21
N ALA A 297 -6.20 10.90 23.84
CA ALA A 297 -6.55 9.49 23.91
C ALA A 297 -7.75 9.27 24.80
N ALA A 298 -8.71 8.50 24.31
CA ALA A 298 -9.97 8.25 24.96
C ALA A 298 -10.00 6.86 25.58
N TYR A 299 -11.03 6.62 26.39
CA TYR A 299 -11.14 5.40 27.19
C TYR A 299 -12.54 4.82 27.04
N VAL A 300 -12.64 3.67 26.37
CA VAL A 300 -13.85 2.89 26.44
C VAL A 300 -13.75 1.91 27.61
N PHE A 301 -14.90 1.38 28.00
CA PHE A 301 -15.01 0.66 29.25
C PHE A 301 -15.74 -0.66 29.03
N TYR A 302 -15.87 -1.40 30.11
CA TYR A 302 -16.61 -2.66 30.10
C TYR A 302 -17.92 -2.45 30.83
N PRO A 303 -19.06 -2.47 30.14
CA PRO A 303 -20.33 -2.13 30.79
C PRO A 303 -20.79 -3.16 31.80
N HIS A 304 -20.30 -4.40 31.70
CA HIS A 304 -20.61 -5.35 32.75
C HIS A 304 -19.84 -5.06 34.02
N THR A 305 -18.59 -4.60 33.90
CA THR A 305 -17.87 -4.14 35.09
C THR A 305 -18.49 -2.87 35.64
N ILE A 306 -19.03 -2.03 34.75
CA ILE A 306 -19.75 -0.84 35.18
C ILE A 306 -21.00 -1.23 35.94
N TYR A 307 -21.70 -2.26 35.46
CA TYR A 307 -22.90 -2.73 36.14
C TYR A 307 -22.57 -3.42 37.45
N LYS A 308 -21.41 -4.07 37.51
CA LYS A 308 -21.01 -4.73 38.75
C LYS A 308 -20.46 -3.73 39.74
N GLU A 309 -20.00 -2.57 39.27
CA GLU A 309 -19.40 -1.59 40.15
C GLU A 309 -20.40 -0.53 40.62
N TYR A 310 -20.97 0.20 39.68
CA TYR A 310 -21.89 1.27 40.03
C TYR A 310 -23.33 0.80 40.14
N GLY A 311 -23.68 -0.33 39.51
CA GLY A 311 -25.02 -0.85 39.56
C GLY A 311 -25.83 -0.66 38.29
N GLN A 312 -25.41 0.23 37.40
CA GLN A 312 -26.14 0.53 36.18
C GLN A 312 -25.26 0.30 34.96
N HIS A 313 -25.89 0.27 33.80
CA HIS A 313 -25.16 0.17 32.55
C HIS A 313 -24.49 1.51 32.23
N MET A 314 -23.66 1.49 31.19
CA MET A 314 -22.92 2.68 30.82
C MET A 314 -23.83 3.71 30.17
N ASP A 315 -24.75 3.28 29.34
CA ASP A 315 -25.70 4.21 28.72
C ASP A 315 -26.80 4.65 29.68
N GLU A 316 -26.83 4.10 30.90
CA GLU A 316 -27.73 4.64 31.91
C GLU A 316 -27.30 6.02 32.38
N MET A 317 -26.00 6.29 32.37
CA MET A 317 -25.46 7.55 32.87
C MET A 317 -24.80 8.32 31.74
N ASP A 318 -24.62 9.62 31.96
CA ASP A 318 -23.99 10.47 30.97
C ASP A 318 -22.49 10.27 30.98
N MET A 319 -21.88 10.23 29.79
CA MET A 319 -20.45 10.02 29.70
C MET A 319 -19.66 11.27 30.07
N ASN A 320 -20.25 12.45 29.84
CA ASN A 320 -19.55 13.69 30.13
C ASN A 320 -19.33 13.88 31.63
N GLU A 321 -20.29 13.45 32.44
CA GLU A 321 -20.09 13.48 33.90
C GLU A 321 -19.17 12.36 34.33
N MET A 322 -19.56 11.12 34.05
CA MET A 322 -18.97 9.95 34.67
C MET A 322 -17.74 9.45 33.93
N TYR A 323 -17.23 10.19 32.94
CA TYR A 323 -16.04 9.74 32.23
C TYR A 323 -14.82 9.72 33.14
N ASP A 324 -14.56 10.83 33.82
CA ASP A 324 -13.44 10.87 34.75
C ASP A 324 -13.71 10.02 35.99
N LYS A 325 -14.99 9.83 36.34
CA LYS A 325 -15.34 8.96 37.44
C LYS A 325 -15.10 7.49 37.09
N PHE A 326 -15.17 7.16 35.81
CA PHE A 326 -14.72 5.84 35.36
C PHE A 326 -13.21 5.80 35.23
N VAL A 327 -12.59 6.96 34.97
CA VAL A 327 -11.13 6.99 34.79
C VAL A 327 -10.42 6.74 36.10
N ASP A 328 -10.79 7.46 37.17
CA ASP A 328 -10.06 7.33 38.42
C ASP A 328 -10.40 6.06 39.18
N ASN A 329 -11.56 5.47 38.91
CA ASN A 329 -11.96 4.25 39.60
C ASN A 329 -11.22 3.06 39.03
N PRO A 330 -10.45 2.32 39.84
CA PRO A 330 -9.67 1.21 39.28
C PRO A 330 -10.49 -0.03 38.99
N ARG A 331 -11.78 -0.04 39.35
CA ARG A 331 -12.56 -1.25 39.24
C ARG A 331 -12.94 -1.56 37.80
N VAL A 332 -13.50 -0.57 37.10
CA VAL A 332 -13.90 -0.78 35.72
C VAL A 332 -12.65 -0.81 34.85
N LYS A 333 -12.49 -1.89 34.09
CA LYS A 333 -11.30 -2.07 33.28
C LYS A 333 -11.34 -1.11 32.10
N LYS A 334 -10.20 -0.51 31.82
CA LYS A 334 -10.09 0.53 30.80
C LYS A 334 -9.77 -0.08 29.45
N GLU A 335 -9.91 0.75 28.42
CA GLU A 335 -9.24 0.51 27.14
C GLU A 335 -9.04 1.85 26.45
N LYS A 336 -7.79 2.18 26.15
CA LYS A 336 -7.43 3.49 25.64
C LYS A 336 -7.13 3.43 24.15
N ILE A 337 -7.77 4.32 23.39
CA ILE A 337 -7.67 4.39 21.93
C ILE A 337 -7.46 5.85 21.54
N ASN A 338 -7.26 6.09 20.24
CA ASN A 338 -7.34 7.41 19.65
C ASN A 338 -8.70 7.60 19.01
N PRO A 339 -9.53 8.51 19.52
CA PRO A 339 -10.84 8.74 18.90
C PRO A 339 -10.76 9.42 17.54
N ARG A 340 -9.68 10.14 17.25
CA ARG A 340 -9.53 10.74 15.94
C ARG A 340 -9.28 9.68 14.87
N LYS A 341 -8.57 8.60 15.22
CA LYS A 341 -8.42 7.48 14.30
C LYS A 341 -9.74 6.77 14.08
N LEU A 342 -10.59 6.70 15.10
CA LEU A 342 -11.93 6.16 14.92
C LEU A 342 -12.78 7.07 14.03
N LEU A 343 -12.61 8.38 14.16
CA LEU A 343 -13.27 9.33 13.26
C LEU A 343 -12.82 9.13 11.82
N GLU A 344 -11.52 8.88 11.64
CA GLU A 344 -10.98 8.63 10.30
C GLU A 344 -11.55 7.35 9.72
N LYS A 345 -11.65 6.30 10.51
CA LYS A 345 -12.17 5.03 10.00
C LYS A 345 -13.67 5.10 9.77
N LEU A 346 -14.38 5.90 10.58
CA LEU A 346 -15.80 6.11 10.36
C LEU A 346 -16.05 6.86 9.06
N ALA A 347 -15.27 7.91 8.81
CA ALA A 347 -15.38 8.64 7.56
C ALA A 347 -14.96 7.77 6.38
N MET A 348 -14.01 6.86 6.60
CA MET A 348 -13.61 5.93 5.54
C MET A 348 -14.72 4.97 5.19
N LEU A 349 -15.41 4.41 6.20
CA LEU A 349 -16.51 3.51 5.91
C LEU A 349 -17.70 4.26 5.31
N ARG A 350 -17.90 5.52 5.70
CA ARG A 350 -18.96 6.30 5.09
C ARG A 350 -18.65 6.67 3.65
N SER A 351 -17.37 6.85 3.31
CA SER A 351 -17.02 7.08 1.92
C SER A 351 -17.02 5.80 1.13
N GLU A 352 -16.81 4.66 1.79
CA GLU A 352 -16.93 3.37 1.13
C GLU A 352 -18.36 3.08 0.75
N SER A 353 -19.25 3.06 1.73
CA SER A 353 -20.67 2.87 1.48
C SER A 353 -21.51 4.06 1.91
N GLY A 354 -21.41 4.46 3.18
CA GLY A 354 -22.33 5.41 3.75
C GLY A 354 -22.72 4.93 5.14
N TYR A 355 -22.14 3.82 5.53
CA TYR A 355 -22.34 3.18 6.83
C TYR A 355 -21.29 3.68 7.82
N PRO A 356 -21.62 3.73 9.11
CA PRO A 356 -22.94 3.53 9.73
C PRO A 356 -23.68 4.83 9.91
N TYR A 357 -24.77 4.78 10.68
CA TYR A 357 -25.48 5.99 11.01
C TYR A 357 -24.84 6.67 12.21
N ILE A 358 -25.06 7.98 12.31
CA ILE A 358 -24.47 8.80 13.36
C ILE A 358 -25.58 9.59 14.03
N MET A 359 -25.71 9.41 15.35
CA MET A 359 -26.71 10.10 16.15
C MET A 359 -26.04 10.87 17.26
N PHE A 360 -26.38 12.16 17.37
CA PHE A 360 -25.91 13.02 18.44
C PHE A 360 -26.98 13.03 19.52
N GLN A 361 -26.92 12.03 20.41
CA GLN A 361 -27.99 11.80 21.38
C GLN A 361 -28.09 12.93 22.39
N ASP A 362 -26.99 13.60 22.69
CA ASP A 362 -27.06 14.77 23.56
C ASP A 362 -27.77 15.91 22.86
N ASN A 363 -27.55 16.05 21.55
CA ASN A 363 -28.29 17.04 20.78
C ASN A 363 -29.75 16.65 20.66
N VAL A 364 -30.05 15.35 20.69
CA VAL A 364 -31.43 14.91 20.72
C VAL A 364 -32.07 15.28 22.05
N ASN A 365 -31.35 15.04 23.14
CA ASN A 365 -31.89 15.37 24.45
C ASN A 365 -31.89 16.86 24.71
N LYS A 366 -31.10 17.63 23.94
CA LYS A 366 -31.13 19.08 24.04
C LYS A 366 -32.46 19.66 23.60
N VAL A 367 -33.22 18.93 22.80
CA VAL A 367 -34.57 19.33 22.41
C VAL A 367 -35.64 18.38 22.92
N HIS A 368 -35.28 17.30 23.61
CA HIS A 368 -36.27 16.27 23.89
C HIS A 368 -37.16 16.65 25.07
N ALA A 369 -38.45 16.73 24.79
CA ALA A 369 -39.45 17.14 25.78
C ALA A 369 -39.62 16.09 26.86
N ASN A 370 -39.60 14.82 26.47
CA ASN A 370 -39.73 13.75 27.45
C ASN A 370 -38.37 13.24 27.91
N ASN A 371 -37.49 14.17 28.27
CA ASN A 371 -36.22 13.79 28.88
C ASN A 371 -36.37 13.42 30.34
N HIS A 372 -37.52 13.74 30.94
CA HIS A 372 -37.79 13.33 32.31
C HIS A 372 -37.95 11.82 32.42
N ILE A 373 -38.34 11.17 31.33
CA ILE A 373 -38.43 9.72 31.33
C ILE A 373 -37.04 9.10 31.17
N SER A 374 -36.40 9.36 30.04
CA SER A 374 -35.11 8.78 29.73
C SER A 374 -34.44 9.64 28.68
N LYS A 375 -33.33 9.14 28.14
CA LYS A 375 -32.64 9.76 27.01
C LYS A 375 -32.74 8.86 25.81
N VAL A 376 -32.93 9.46 24.63
CA VAL A 376 -32.99 8.70 23.40
C VAL A 376 -31.58 8.25 23.04
N LYS A 377 -31.43 6.97 22.75
CA LYS A 377 -30.11 6.38 22.51
C LYS A 377 -30.01 5.63 21.19
N PHE A 378 -31.05 5.69 20.35
CA PHE A 378 -31.15 4.85 19.16
C PHE A 378 -32.33 5.35 18.33
N SER A 379 -32.41 4.84 17.10
CA SER A 379 -33.52 5.13 16.20
C SER A 379 -33.80 3.88 15.39
N ASN A 380 -34.63 4.03 14.35
CA ASN A 380 -35.08 2.91 13.54
C ASN A 380 -34.24 2.79 12.28
N LEU A 381 -34.60 1.80 11.45
CA LEU A 381 -34.03 1.70 10.11
C LEU A 381 -34.41 2.90 9.27
N CYS A 382 -35.63 3.40 9.44
CA CYS A 382 -36.04 4.64 8.79
C CYS A 382 -35.36 5.86 9.39
N SER A 383 -34.66 5.71 10.53
CA SER A 383 -33.77 6.71 11.14
C SER A 383 -34.49 8.01 11.44
N GLU A 384 -35.70 7.91 11.89
CA GLU A 384 -36.51 9.11 12.05
C GLU A 384 -37.11 9.23 13.43
N VAL A 385 -37.47 8.12 14.05
CA VAL A 385 -38.25 8.14 15.27
C VAL A 385 -37.31 8.17 16.47
N LEU A 386 -37.54 9.13 17.36
CA LEU A 386 -36.73 9.30 18.57
C LEU A 386 -37.67 9.49 19.73
N GLN A 387 -37.82 8.45 20.56
CA GLN A 387 -38.69 8.48 21.72
C GLN A 387 -37.93 7.99 22.94
N ALA A 388 -38.64 7.94 24.07
CA ALA A 388 -38.07 7.37 25.28
C ALA A 388 -38.32 5.86 25.33
N SER A 389 -37.53 5.16 26.15
CA SER A 389 -37.57 3.71 26.15
C SER A 389 -37.12 3.17 27.50
N GLN A 390 -37.48 1.92 27.74
CA GLN A 390 -37.05 1.19 28.94
C GLN A 390 -36.83 -0.26 28.59
N VAL A 391 -35.66 -0.79 28.95
CA VAL A 391 -35.33 -2.17 28.66
C VAL A 391 -36.12 -3.09 29.59
N SER A 392 -36.56 -4.23 29.08
CA SER A 392 -37.29 -5.20 29.88
C SER A 392 -36.31 -6.19 30.50
N SER A 393 -36.83 -7.18 31.22
CA SER A 393 -36.00 -8.29 31.67
C SER A 393 -36.84 -9.56 31.74
N TYR A 394 -36.37 -10.60 31.07
CA TYR A 394 -37.07 -11.87 30.95
C TYR A 394 -36.30 -12.95 31.69
N THR A 395 -36.94 -13.57 32.66
CA THR A 395 -36.40 -14.69 33.41
C THR A 395 -36.86 -15.99 32.72
N ASP A 396 -36.80 -17.11 33.44
CA ASP A 396 -37.18 -18.39 32.88
C ASP A 396 -38.70 -18.47 32.66
N TYR A 397 -39.12 -19.61 32.10
CA TYR A 397 -40.51 -19.78 31.67
C TYR A 397 -41.45 -19.87 32.87
N ASP A 398 -41.07 -20.67 33.86
CA ASP A 398 -41.85 -20.75 35.10
C ASP A 398 -41.71 -19.48 35.92
N GLU A 399 -40.61 -18.76 35.75
CA GLU A 399 -40.38 -17.55 36.52
C GLU A 399 -41.04 -16.34 35.85
N GLU A 400 -41.13 -15.26 36.61
CA GLU A 400 -41.82 -14.07 36.14
C GLU A 400 -40.84 -13.10 35.48
N ASP A 401 -41.35 -12.33 34.53
CA ASP A 401 -40.55 -11.43 33.72
C ASP A 401 -40.96 -9.98 33.97
N GLU A 402 -40.42 -9.09 33.14
CA GLU A 402 -40.67 -7.66 33.25
C GLU A 402 -41.20 -7.13 31.94
N ILE A 403 -41.95 -6.03 32.02
CA ILE A 403 -42.56 -5.38 30.86
C ILE A 403 -41.99 -3.97 30.77
N GLY A 404 -41.03 -3.77 29.89
CA GLY A 404 -40.42 -2.45 29.76
C GLY A 404 -41.20 -1.53 28.84
N LEU A 405 -40.51 -0.56 28.23
CA LEU A 405 -41.14 0.39 27.33
C LEU A 405 -40.57 0.19 25.93
N ASP A 406 -41.42 0.42 24.92
CA ASP A 406 -40.97 0.28 23.55
C ASP A 406 -41.39 1.48 22.71
N ILE A 407 -41.16 1.40 21.40
CA ILE A 407 -41.43 2.51 20.48
C ILE A 407 -42.12 1.94 19.24
N SER A 408 -43.25 2.55 18.87
CA SER A 408 -43.93 2.24 17.62
C SER A 408 -44.59 3.52 17.13
N CYS A 409 -44.16 4.00 15.97
CA CYS A 409 -44.63 5.27 15.43
C CYS A 409 -45.17 5.04 14.02
N ASN A 410 -46.47 5.28 13.84
CA ASN A 410 -47.07 5.11 12.53
C ASN A 410 -46.66 6.24 11.59
N LEU A 411 -46.90 6.04 10.31
CA LEU A 411 -46.45 6.93 9.26
C LEU A 411 -47.67 7.47 8.50
N GLY A 412 -47.41 8.15 7.39
CA GLY A 412 -48.44 8.78 6.60
C GLY A 412 -48.10 10.23 6.31
N SER A 413 -48.04 10.60 5.04
CA SER A 413 -47.50 11.89 4.61
C SER A 413 -48.59 12.74 3.98
N LEU A 414 -48.28 14.00 3.75
CA LEU A 414 -49.18 14.91 3.07
C LEU A 414 -48.42 15.63 1.96
N ASN A 415 -49.15 16.38 1.15
CA ASN A 415 -48.57 17.11 0.03
C ASN A 415 -48.42 18.57 0.42
N ILE A 416 -47.20 19.09 0.31
CA ILE A 416 -46.99 20.52 0.46
C ILE A 416 -47.71 21.27 -0.65
N LEU A 417 -47.67 20.73 -1.86
CA LEU A 417 -48.26 21.39 -3.03
C LEU A 417 -49.76 21.51 -2.89
N ASN A 418 -50.44 20.40 -2.58
CA ASN A 418 -51.90 20.42 -2.55
C ASN A 418 -52.43 21.16 -1.33
N VAL A 419 -51.74 21.10 -0.20
CA VAL A 419 -52.16 21.88 0.96
C VAL A 419 -51.95 23.37 0.70
N MET A 420 -50.81 23.72 0.08
CA MET A 420 -50.52 25.11 -0.22
C MET A 420 -51.40 25.66 -1.34
N GLU A 421 -52.00 24.79 -2.16
CA GLU A 421 -52.92 25.28 -3.18
C GLU A 421 -54.37 25.28 -2.72
N HIS A 422 -54.77 24.31 -1.90
CA HIS A 422 -56.16 24.21 -1.47
C HIS A 422 -56.44 24.93 -0.17
N LYS A 423 -55.41 25.13 0.67
CA LYS A 423 -55.44 25.99 1.86
C LYS A 423 -56.47 25.53 2.90
N SER A 424 -56.64 24.22 3.05
CA SER A 424 -57.46 23.63 4.10
C SER A 424 -56.58 23.04 5.20
N ILE A 425 -55.52 23.77 5.55
CA ILE A 425 -54.38 23.21 6.28
C ILE A 425 -54.77 22.78 7.69
N GLU A 426 -55.64 23.55 8.35
CA GLU A 426 -56.05 23.19 9.70
C GLU A 426 -56.97 21.98 9.68
N LYS A 427 -57.93 21.95 8.74
CA LYS A 427 -58.79 20.78 8.61
C LYS A 427 -58.01 19.57 8.12
N THR A 428 -56.96 19.80 7.34
CA THR A 428 -56.04 18.72 6.99
C THR A 428 -55.38 18.13 8.23
N VAL A 429 -54.95 19.00 9.14
CA VAL A 429 -54.37 18.56 10.41
C VAL A 429 -55.40 17.78 11.23
N LYS A 430 -56.65 18.27 11.23
CA LYS A 430 -57.76 17.61 11.93
C LYS A 430 -57.97 16.19 11.42
N LEU A 431 -58.17 16.04 10.12
CA LEU A 431 -58.47 14.74 9.53
C LEU A 431 -57.29 13.77 9.63
N ALA A 432 -56.07 14.28 9.40
CA ALA A 432 -54.89 13.43 9.49
C ALA A 432 -54.66 12.95 10.92
N THR A 433 -54.90 13.83 11.89
CA THR A 433 -54.72 13.47 13.29
C THR A 433 -55.77 12.46 13.74
N ASP A 434 -57.01 12.64 13.29
CA ASP A 434 -58.07 11.69 13.64
C ASP A 434 -57.82 10.34 13.01
N SER A 435 -57.33 10.31 11.77
CA SER A 435 -57.05 9.03 11.11
C SER A 435 -55.88 8.32 11.78
N LEU A 436 -54.81 9.07 12.10
CA LEU A 436 -53.67 8.47 12.78
C LEU A 436 -54.04 8.02 14.19
N THR A 437 -54.96 8.74 14.83
CA THR A 437 -55.49 8.31 16.13
C THR A 437 -56.25 7.00 15.98
N HIS A 438 -57.03 6.87 14.91
CA HIS A 438 -57.77 5.65 14.67
C HIS A 438 -56.85 4.47 14.38
N VAL A 439 -55.75 4.73 13.66
CA VAL A 439 -54.76 3.68 13.40
C VAL A 439 -54.08 3.25 14.69
N SER A 440 -53.70 4.21 15.53
CA SER A 440 -53.07 3.87 16.80
C SER A 440 -54.03 3.18 17.74
N GLU A 441 -55.33 3.44 17.61
CA GLU A 441 -56.31 2.75 18.44
C GLU A 441 -56.52 1.31 17.98
N THR A 442 -56.60 1.09 16.66
CA THR A 442 -56.98 -0.23 16.18
C THR A 442 -55.83 -1.22 16.24
N THR A 443 -54.59 -0.74 16.17
CA THR A 443 -53.45 -1.63 16.06
C THR A 443 -53.16 -2.30 17.40
N ASP A 444 -52.94 -3.62 17.37
CA ASP A 444 -52.65 -4.38 18.58
C ASP A 444 -51.63 -5.46 18.28
N ILE A 445 -50.80 -5.76 19.29
CA ILE A 445 -49.75 -6.77 19.21
C ILE A 445 -50.00 -7.80 20.31
N ARG A 446 -49.88 -9.08 19.97
CA ARG A 446 -50.21 -10.14 20.91
C ARG A 446 -49.04 -11.10 21.16
N ASN A 447 -47.82 -10.66 20.88
CA ASN A 447 -46.63 -11.47 21.17
C ASN A 447 -45.75 -10.84 22.23
N ALA A 448 -45.27 -9.62 21.99
CA ALA A 448 -44.54 -8.86 22.99
C ALA A 448 -45.49 -7.85 23.60
N PRO A 449 -45.89 -8.01 24.86
CA PRO A 449 -46.81 -7.04 25.46
C PRO A 449 -46.17 -5.71 25.80
N ALA A 450 -44.85 -5.60 25.68
CA ALA A 450 -44.18 -4.34 26.01
C ALA A 450 -44.48 -3.28 24.98
N VAL A 451 -44.44 -3.63 23.69
CA VAL A 451 -44.79 -2.67 22.66
C VAL A 451 -46.29 -2.39 22.66
N ARG A 452 -47.08 -3.38 23.09
CA ARG A 452 -48.51 -3.19 23.26
C ARG A 452 -48.79 -2.15 24.35
N ARG A 453 -48.12 -2.30 25.49
CA ARG A 453 -48.21 -1.33 26.57
C ARG A 453 -47.65 0.03 26.15
N ALA A 454 -46.60 0.04 25.34
CA ALA A 454 -46.00 1.30 24.90
C ALA A 454 -46.92 2.06 23.97
N ASN A 455 -47.56 1.37 23.02
CA ASN A 455 -48.52 2.01 22.14
C ASN A 455 -49.78 2.39 22.90
N LYS A 456 -50.12 1.65 23.94
CA LYS A 456 -51.28 2.01 24.74
C LYS A 456 -51.00 3.21 25.62
N ALA A 457 -49.75 3.41 26.03
CA ALA A 457 -49.40 4.45 26.98
C ALA A 457 -49.00 5.76 26.31
N MET A 458 -48.17 5.69 25.25
CA MET A 458 -47.64 6.91 24.66
C MET A 458 -48.67 7.61 23.80
N LYS A 459 -49.46 6.84 23.04
CA LYS A 459 -50.37 7.34 22.01
C LYS A 459 -49.63 8.25 21.04
N SER A 460 -48.46 7.80 20.60
CA SER A 460 -47.55 8.61 19.81
C SER A 460 -47.84 8.41 18.33
N ILE A 461 -47.82 9.51 17.58
CA ILE A 461 -48.03 9.46 16.14
C ILE A 461 -46.83 10.07 15.45
N GLY A 462 -46.81 9.93 14.13
CA GLY A 462 -45.80 10.58 13.32
C GLY A 462 -46.38 11.14 12.05
N LEU A 463 -46.17 12.42 11.81
CA LEU A 463 -46.70 13.08 10.63
C LEU A 463 -45.57 13.70 9.83
N GLY A 464 -45.62 13.51 8.52
CA GLY A 464 -44.65 14.10 7.62
C GLY A 464 -45.28 14.69 6.39
N ALA A 465 -44.46 15.11 5.43
CA ALA A 465 -44.94 15.74 4.21
C ALA A 465 -43.95 15.45 3.08
N MET A 466 -44.36 15.78 1.87
CA MET A 466 -43.52 15.59 0.69
C MET A 466 -43.76 16.74 -0.28
N ASN A 467 -43.04 16.68 -1.40
CA ASN A 467 -43.10 17.67 -2.48
C ASN A 467 -42.71 19.06 -2.00
N LEU A 468 -41.48 19.16 -1.53
CA LEU A 468 -40.91 20.46 -1.21
C LEU A 468 -40.17 21.06 -2.39
N HIS A 469 -39.20 20.30 -2.93
CA HIS A 469 -38.40 20.80 -4.04
C HIS A 469 -39.22 20.94 -5.31
N GLY A 470 -40.11 19.98 -5.56
CA GLY A 470 -40.91 20.04 -6.77
C GLY A 470 -41.94 21.14 -6.76
N TYR A 471 -42.58 21.37 -5.60
CA TYR A 471 -43.59 22.41 -5.51
C TYR A 471 -42.95 23.80 -5.55
N LEU A 472 -41.95 24.03 -4.69
CA LEU A 472 -41.33 25.35 -4.63
C LEU A 472 -40.54 25.65 -5.89
N ALA A 473 -39.87 24.63 -6.45
CA ALA A 473 -39.19 24.80 -7.73
C ALA A 473 -40.18 24.94 -8.87
N GLN A 474 -41.40 24.40 -8.69
CA GLN A 474 -42.45 24.61 -9.67
C GLN A 474 -43.01 26.03 -9.58
N ASN A 475 -42.90 26.67 -8.42
CA ASN A 475 -43.31 28.06 -8.28
C ASN A 475 -42.27 29.03 -8.81
N GLY A 476 -41.06 28.56 -9.10
CA GLY A 476 -40.00 29.44 -9.56
C GLY A 476 -39.11 29.91 -8.44
N ILE A 477 -38.89 29.05 -7.45
CA ILE A 477 -38.03 29.33 -6.31
C ILE A 477 -36.90 28.31 -6.31
N ALA A 478 -35.67 28.78 -6.12
CA ALA A 478 -34.54 27.87 -6.04
C ALA A 478 -34.58 27.09 -4.73
N TYR A 479 -34.09 25.84 -4.79
CA TYR A 479 -34.02 25.03 -3.58
C TYR A 479 -32.94 25.55 -2.63
N GLU A 480 -31.87 26.12 -3.19
CA GLU A 480 -30.79 26.67 -2.40
C GLU A 480 -30.99 28.14 -2.07
N SER A 481 -32.20 28.55 -1.95
CA SER A 481 -32.55 29.90 -1.55
C SER A 481 -32.84 29.95 -0.05
N PRO A 482 -32.48 31.06 0.61
CA PRO A 482 -32.97 31.29 1.97
C PRO A 482 -34.46 31.58 2.00
N GLU A 483 -35.04 31.96 0.85
CA GLU A 483 -36.48 32.09 0.72
C GLU A 483 -37.18 30.76 1.01
N ALA A 484 -36.66 29.66 0.45
CA ALA A 484 -37.24 28.35 0.72
C ALA A 484 -37.03 27.94 2.17
N ARG A 485 -35.94 28.38 2.78
CA ARG A 485 -35.70 28.08 4.19
C ARG A 485 -36.68 28.82 5.09
N ASP A 486 -36.92 30.10 4.80
CA ASP A 486 -37.95 30.85 5.54
C ASP A 486 -39.34 30.32 5.24
N PHE A 487 -39.55 29.79 4.03
CA PHE A 487 -40.82 29.15 3.69
C PHE A 487 -41.07 27.93 4.54
N ALA A 488 -40.06 27.06 4.64
CA ALA A 488 -40.17 25.88 5.50
C ALA A 488 -40.33 26.28 6.96
N ASN A 489 -39.62 27.34 7.38
CA ASN A 489 -39.71 27.86 8.74
C ASN A 489 -41.13 28.28 9.08
N THR A 490 -41.72 29.16 8.25
CA THR A 490 -43.06 29.66 8.52
C THR A 490 -44.10 28.56 8.36
N PHE A 491 -43.99 27.73 7.32
CA PHE A 491 -44.97 26.70 7.06
C PHE A 491 -44.97 25.65 8.15
N PHE A 492 -43.80 25.23 8.59
CA PHE A 492 -43.76 24.23 9.63
C PHE A 492 -44.05 24.83 11.00
N MET A 493 -43.85 26.14 11.17
CA MET A 493 -44.41 26.83 12.33
C MET A 493 -45.92 26.76 12.33
N MET A 494 -46.53 26.96 11.16
CA MET A 494 -47.99 26.94 11.07
C MET A 494 -48.55 25.54 11.30
N VAL A 495 -47.91 24.53 10.72
CA VAL A 495 -48.41 23.18 10.93
C VAL A 495 -48.06 22.69 12.33
N ASN A 496 -47.02 23.26 12.94
CA ASN A 496 -46.73 22.97 14.33
C ASN A 496 -47.79 23.57 15.23
N PHE A 497 -48.21 24.80 14.91
CA PHE A 497 -49.32 25.45 15.61
C PHE A 497 -50.58 24.63 15.51
N TYR A 498 -50.93 24.20 14.28
CA TYR A 498 -52.15 23.45 14.08
C TYR A 498 -52.08 22.05 14.68
N SER A 499 -50.91 21.42 14.68
CA SER A 499 -50.77 20.09 15.24
C SER A 499 -50.85 20.12 16.76
N ILE A 500 -50.19 21.10 17.38
CA ILE A 500 -50.26 21.23 18.82
C ILE A 500 -51.66 21.67 19.25
N GLN A 501 -52.30 22.51 18.43
CA GLN A 501 -53.68 22.91 18.66
C GLN A 501 -54.62 21.72 18.60
N ARG A 502 -54.43 20.86 17.61
CA ARG A 502 -55.27 19.68 17.47
C ARG A 502 -55.02 18.69 18.59
N SER A 503 -53.75 18.52 19.00
CA SER A 503 -53.48 17.58 20.08
C SER A 503 -54.03 18.07 21.40
N ALA A 504 -53.98 19.38 21.63
CA ALA A 504 -54.55 19.93 22.85
C ALA A 504 -56.07 19.87 22.82
N GLU A 505 -56.66 20.11 21.65
CA GLU A 505 -58.10 19.97 21.51
C GLU A 505 -58.53 18.53 21.72
N ILE A 506 -57.73 17.59 21.23
CA ILE A 506 -58.07 16.17 21.35
C ILE A 506 -57.92 15.70 22.79
N ALA A 507 -56.87 16.16 23.49
CA ALA A 507 -56.73 15.83 24.91
C ALA A 507 -57.80 16.52 25.76
N LYS A 508 -58.36 17.63 25.26
CA LYS A 508 -59.51 18.23 25.93
C LYS A 508 -60.77 17.41 25.69
N GLU A 509 -61.01 17.01 24.43
CA GLU A 509 -62.23 16.31 24.06
C GLU A 509 -62.28 14.93 24.67
N LYS A 510 -61.15 14.24 24.72
CA LYS A 510 -61.05 13.00 25.48
C LYS A 510 -61.07 13.29 26.98
N GLY A 511 -60.69 14.50 27.38
CA GLY A 511 -60.49 14.80 28.78
C GLY A 511 -59.30 14.09 29.40
N GLU A 512 -58.33 13.69 28.60
CA GLU A 512 -57.28 12.78 29.01
C GLU A 512 -56.09 12.86 28.05
N THR A 513 -54.89 12.88 28.62
CA THR A 513 -53.65 13.09 27.89
C THR A 513 -52.84 11.82 27.84
N PHE A 514 -51.65 11.91 27.24
CA PHE A 514 -50.75 10.76 27.32
C PHE A 514 -50.11 10.68 28.70
N ASP A 515 -49.45 9.55 28.95
CA ASP A 515 -48.88 9.28 30.26
C ASP A 515 -47.52 9.97 30.40
N GLN A 516 -47.22 10.37 31.64
CA GLN A 516 -46.07 11.21 32.02
C GLN A 516 -46.04 12.51 31.21
N TYR A 517 -47.23 13.07 31.00
CA TYR A 517 -47.33 14.35 30.32
C TYR A 517 -46.78 15.48 31.19
N GLU A 518 -46.87 15.32 32.50
CA GLU A 518 -46.54 16.38 33.44
C GLU A 518 -45.05 16.70 33.45
N GLY A 519 -44.19 15.72 33.20
CA GLY A 519 -42.77 15.99 33.17
C GLY A 519 -42.27 16.48 31.84
N SER A 520 -43.11 16.48 30.82
CA SER A 520 -42.74 16.97 29.51
C SER A 520 -42.73 18.50 29.50
N THR A 521 -42.14 19.06 28.44
CA THR A 521 -42.09 20.51 28.30
C THR A 521 -43.43 21.12 27.92
N TYR A 522 -44.37 20.29 27.43
CA TYR A 522 -45.69 20.80 27.06
C TYR A 522 -46.49 21.16 28.30
N ALA A 523 -46.36 20.38 29.38
CA ALA A 523 -47.07 20.69 30.62
C ALA A 523 -46.50 21.93 31.30
N THR A 524 -45.22 22.21 31.09
CA THR A 524 -44.58 23.40 31.61
C THR A 524 -44.49 24.52 30.59
N GLY A 525 -44.95 24.29 29.36
CA GLY A 525 -44.98 25.32 28.36
C GLY A 525 -43.63 25.69 27.78
N GLU A 526 -42.61 24.87 28.00
CA GLU A 526 -41.25 25.23 27.60
C GLU A 526 -41.04 25.09 26.10
N TYR A 527 -41.78 24.21 25.43
CA TYR A 527 -41.70 24.13 23.98
C TYR A 527 -42.31 25.37 23.34
N PHE A 528 -43.28 26.00 23.99
CA PHE A 528 -43.87 27.22 23.50
C PHE A 528 -43.04 28.45 23.88
N ASP A 529 -42.09 28.28 24.81
CA ASP A 529 -41.23 29.39 25.21
C ASP A 529 -40.36 29.88 24.06
N LYS A 530 -40.01 28.99 23.14
CA LYS A 530 -39.38 29.40 21.90
C LYS A 530 -40.36 30.15 21.00
N TYR A 531 -41.66 29.84 21.11
CA TYR A 531 -42.66 30.34 20.19
C TYR A 531 -43.52 31.47 20.77
N VAL A 532 -43.47 31.71 22.09
CA VAL A 532 -44.16 32.88 22.63
C VAL A 532 -43.40 34.16 22.29
N SER A 533 -42.14 34.04 21.90
CA SER A 533 -41.38 35.08 21.24
C SER A 533 -40.97 34.53 19.87
N THR A 534 -40.14 35.30 19.16
CA THR A 534 -39.48 34.93 17.90
C THR A 534 -40.51 34.55 16.82
N ASP A 535 -41.25 35.57 16.38
CA ASP A 535 -42.28 35.37 15.37
C ASP A 535 -41.66 34.94 14.04
N PHE A 536 -42.17 33.84 13.49
CA PHE A 536 -41.65 33.25 12.26
C PHE A 536 -42.49 33.66 11.06
N SER A 537 -42.94 34.91 11.06
CA SER A 537 -43.61 35.49 9.91
C SER A 537 -42.65 35.55 8.72
N PRO A 538 -43.16 35.44 7.49
CA PRO A 538 -42.28 35.37 6.31
C PRO A 538 -41.58 36.71 6.07
N LYS A 539 -40.26 36.64 5.98
CA LYS A 539 -39.44 37.82 5.72
C LYS A 539 -39.18 38.05 4.24
N TYR A 540 -39.73 37.21 3.38
CA TYR A 540 -39.57 37.36 1.94
C TYR A 540 -40.92 37.53 1.28
N GLU A 541 -40.92 38.26 0.16
CA GLU A 541 -42.17 38.74 -0.42
C GLU A 541 -42.91 37.64 -1.18
N LYS A 542 -42.20 36.82 -1.96
CA LYS A 542 -42.87 35.73 -2.66
C LYS A 542 -43.26 34.62 -1.70
N ILE A 543 -42.45 34.44 -0.65
CA ILE A 543 -42.76 33.48 0.40
C ILE A 543 -44.01 33.88 1.15
N ALA A 544 -44.13 35.17 1.49
CA ALA A 544 -45.34 35.66 2.14
C ALA A 544 -46.53 35.60 1.21
N ASN A 545 -46.33 35.91 -0.08
CA ASN A 545 -47.42 35.90 -1.03
C ASN A 545 -47.95 34.49 -1.30
N LEU A 546 -47.08 33.48 -1.19
CA LEU A 546 -47.57 32.11 -1.18
C LEU A 546 -48.39 31.84 0.07
N PHE A 547 -47.98 32.39 1.20
CA PHE A 547 -48.72 32.25 2.44
C PHE A 547 -49.87 33.24 2.56
N GLU A 548 -50.01 34.18 1.62
CA GLU A 548 -51.18 35.06 1.65
C GLU A 548 -52.43 34.29 1.26
N GLY A 549 -53.57 34.79 1.72
CA GLY A 549 -54.82 34.07 1.61
C GLY A 549 -55.21 33.33 2.87
N MET A 550 -54.35 33.30 3.88
CA MET A 550 -54.65 32.65 5.14
C MET A 550 -53.91 33.37 6.26
N HIS A 551 -54.48 33.30 7.45
CA HIS A 551 -53.87 33.97 8.60
C HIS A 551 -52.64 33.20 9.07
N ILE A 552 -51.54 33.92 9.24
CA ILE A 552 -50.30 33.33 9.75
C ILE A 552 -50.29 33.51 11.27
N PRO A 553 -50.19 32.44 12.05
CA PRO A 553 -50.21 32.56 13.52
C PRO A 553 -48.96 33.22 14.04
N THR A 554 -49.13 34.28 14.82
CA THR A 554 -48.03 34.99 15.43
C THR A 554 -47.73 34.37 16.79
N THR A 555 -46.88 35.04 17.57
CA THR A 555 -46.49 34.53 18.88
C THR A 555 -47.64 34.60 19.88
N GLU A 556 -48.58 35.51 19.68
CA GLU A 556 -49.74 35.60 20.57
C GLU A 556 -50.68 34.41 20.38
N ASP A 557 -50.77 33.92 19.15
CA ASP A 557 -51.48 32.67 18.89
C ASP A 557 -50.78 31.51 19.58
N TRP A 558 -49.44 31.53 19.61
CA TRP A 558 -48.69 30.55 20.37
C TRP A 558 -48.89 30.71 21.87
N LYS A 559 -49.15 31.94 22.34
CA LYS A 559 -49.40 32.17 23.75
C LYS A 559 -50.76 31.63 24.17
N LYS A 560 -51.78 31.87 23.35
CA LYS A 560 -53.09 31.29 23.61
C LYS A 560 -53.06 29.77 23.47
N LEU A 561 -52.24 29.27 22.54
CA LEU A 561 -52.03 27.82 22.42
C LEU A 561 -51.35 27.26 23.67
N LYS A 562 -50.38 28.00 24.22
CA LYS A 562 -49.71 27.58 25.43
C LYS A 562 -50.65 27.58 26.63
N ALA A 563 -51.53 28.59 26.69
CA ALA A 563 -52.53 28.64 27.76
C ALA A 563 -53.56 27.53 27.62
N PHE A 564 -53.91 27.16 26.38
CA PHE A 564 -54.85 26.06 26.19
C PHE A 564 -54.20 24.72 26.46
N VAL A 565 -52.89 24.60 26.19
CA VAL A 565 -52.19 23.36 26.50
C VAL A 565 -52.04 23.19 28.00
N ALA A 566 -51.66 24.27 28.70
CA ALA A 566 -51.62 24.26 30.16
C ALA A 566 -53.01 24.15 30.76
N GLU A 567 -54.06 24.48 30.00
CA GLU A 567 -55.43 24.33 30.48
C GLU A 567 -55.83 22.87 30.59
N HIS A 568 -55.60 22.09 29.52
CA HIS A 568 -55.99 20.68 29.50
C HIS A 568 -54.80 19.75 29.41
N GLY A 569 -53.97 19.89 28.38
CA GLY A 569 -52.90 18.97 28.12
C GLY A 569 -52.82 18.66 26.65
N MET A 570 -51.78 17.94 26.26
CA MET A 570 -51.61 17.49 24.89
C MET A 570 -51.75 15.97 24.83
N TYR A 571 -52.20 15.48 23.68
CA TYR A 571 -52.58 14.07 23.59
C TYR A 571 -51.43 13.18 23.15
N HIS A 572 -50.58 13.64 22.25
CA HIS A 572 -49.51 12.81 21.70
C HIS A 572 -48.17 13.29 22.24
N SER A 573 -47.39 12.36 22.77
CA SER A 573 -46.03 12.66 23.20
C SER A 573 -45.14 13.04 22.03
N TYR A 574 -45.42 12.49 20.84
CA TYR A 574 -44.75 12.91 19.62
C TYR A 574 -45.79 12.91 18.51
N ARG A 575 -45.60 13.81 17.54
CA ARG A 575 -46.60 13.96 16.49
C ARG A 575 -45.98 13.87 15.10
N LEU A 576 -44.69 14.13 14.99
CA LEU A 576 -44.07 14.38 13.70
C LEU A 576 -42.88 13.46 13.50
N CYS A 577 -42.74 12.96 12.28
CA CYS A 577 -41.51 12.32 11.85
C CYS A 577 -41.44 12.44 10.33
N ILE A 578 -40.23 12.39 9.80
CA ILE A 578 -40.02 12.50 8.36
C ILE A 578 -39.28 11.27 7.89
N ALA A 579 -39.92 10.50 7.02
CA ALA A 579 -39.43 9.25 6.46
C ALA A 579 -39.23 9.39 4.95
N PRO A 580 -38.31 8.66 4.36
CA PRO A 580 -38.20 8.64 2.89
C PRO A 580 -39.36 7.88 2.26
N THR A 581 -40.51 8.53 2.12
CA THR A 581 -41.72 7.90 1.59
C THR A 581 -41.81 8.11 0.09
N GLY A 582 -40.82 7.59 -0.64
CA GLY A 582 -40.77 7.77 -2.08
C GLY A 582 -41.57 6.75 -2.86
N SER A 583 -42.07 5.70 -2.19
CA SER A 583 -42.76 4.64 -2.89
C SER A 583 -44.17 5.02 -3.30
N ILE A 584 -44.67 6.16 -2.84
CA ILE A 584 -46.02 6.60 -3.12
C ILE A 584 -46.08 7.91 -3.88
N SER A 585 -44.94 8.47 -4.27
CA SER A 585 -44.93 9.75 -4.99
C SER A 585 -45.50 9.62 -6.39
N TYR A 586 -45.35 8.44 -7.00
CA TYR A 586 -45.85 8.23 -8.35
C TYR A 586 -47.37 8.23 -8.37
N VAL A 587 -47.98 7.48 -7.46
CA VAL A 587 -49.43 7.43 -7.40
C VAL A 587 -49.97 8.71 -6.79
N GLN A 588 -49.16 9.43 -6.02
CA GLN A 588 -49.54 10.78 -5.62
C GLN A 588 -49.25 11.81 -6.70
N SER A 589 -48.70 11.38 -7.85
CA SER A 589 -48.41 12.21 -9.01
C SER A 589 -47.49 13.38 -8.65
N SER A 590 -46.58 13.15 -7.72
CA SER A 590 -45.85 14.21 -7.07
C SER A 590 -44.39 13.83 -6.97
N THR A 591 -43.59 14.76 -6.48
CA THR A 591 -42.17 14.51 -6.29
C THR A 591 -41.96 13.84 -4.95
N ALA A 592 -40.70 13.74 -4.53
CA ALA A 592 -40.32 13.07 -3.30
C ALA A 592 -40.57 13.95 -2.09
N SER A 593 -39.95 13.60 -0.97
CA SER A 593 -40.04 14.41 0.24
C SER A 593 -39.11 15.61 0.15
N VAL A 594 -38.82 16.23 1.30
CA VAL A 594 -38.06 17.47 1.36
C VAL A 594 -36.61 17.35 0.87
N MET A 595 -36.10 16.13 0.71
CA MET A 595 -34.85 15.94 0.00
C MET A 595 -35.01 16.38 -1.44
N PRO A 596 -34.07 17.14 -1.99
CA PRO A 596 -34.20 17.59 -3.39
C PRO A 596 -34.01 16.44 -4.36
N ILE A 597 -34.49 16.66 -5.58
CA ILE A 597 -34.49 15.59 -6.58
C ILE A 597 -33.07 15.34 -7.06
N MET A 598 -32.87 14.17 -7.66
CA MET A 598 -31.57 13.88 -8.25
C MET A 598 -31.60 14.12 -9.75
N GLU A 599 -32.63 13.63 -10.43
CA GLU A 599 -32.73 13.75 -11.88
C GLU A 599 -34.05 14.40 -12.25
N ARG A 600 -34.03 15.12 -13.38
CA ARG A 600 -35.26 15.67 -13.91
C ARG A 600 -36.11 14.58 -14.54
N ILE A 601 -35.49 13.55 -15.10
CA ILE A 601 -36.20 12.43 -15.71
C ILE A 601 -35.67 11.15 -15.10
N GLU A 602 -36.50 10.48 -14.31
CA GLU A 602 -36.25 9.10 -13.95
C GLU A 602 -36.38 8.22 -15.19
N GLU A 603 -35.43 7.31 -15.38
CA GLU A 603 -35.51 6.32 -16.44
C GLU A 603 -35.48 4.94 -15.82
N ARG A 604 -36.46 4.11 -16.15
CA ARG A 604 -36.51 2.76 -15.62
C ARG A 604 -36.64 1.78 -16.77
N THR A 605 -36.05 0.61 -16.58
CA THR A 605 -36.34 -0.54 -17.41
C THR A 605 -37.29 -1.36 -16.54
N TYR A 606 -38.58 -1.24 -16.84
CA TYR A 606 -39.58 -2.05 -16.16
C TYR A 606 -39.38 -3.52 -16.46
N GLY A 607 -39.58 -3.90 -17.71
CA GLY A 607 -39.25 -5.22 -18.19
C GLY A 607 -39.55 -5.25 -19.67
N ASN A 608 -38.57 -5.67 -20.47
CA ASN A 608 -38.61 -5.63 -21.95
C ASN A 608 -38.98 -4.24 -22.47
N SER A 609 -38.57 -3.19 -21.77
CA SER A 609 -39.05 -1.85 -22.05
C SER A 609 -38.17 -0.85 -21.32
N LYS A 610 -38.38 0.43 -21.63
CA LYS A 610 -37.68 1.55 -20.99
C LYS A 610 -38.68 2.69 -20.83
N THR A 611 -39.32 2.77 -19.67
CA THR A 611 -40.12 3.95 -19.38
C THR A 611 -39.22 5.11 -19.00
N TYR A 612 -39.64 6.31 -19.39
CA TYR A 612 -38.93 7.54 -19.10
C TYR A 612 -39.93 8.44 -18.41
N TYR A 613 -39.93 8.42 -17.09
CA TYR A 613 -40.85 9.24 -16.32
C TYR A 613 -40.13 10.51 -15.92
N PRO A 614 -40.49 11.66 -16.47
CA PRO A 614 -39.88 12.91 -16.00
C PRO A 614 -40.45 13.31 -14.66
N MET A 615 -39.88 14.38 -14.11
CA MET A 615 -40.44 14.96 -12.90
C MET A 615 -41.78 15.61 -13.22
N PRO A 616 -42.73 15.57 -12.28
CA PRO A 616 -44.02 16.23 -12.54
C PRO A 616 -43.85 17.74 -12.53
N GLY A 617 -44.28 18.36 -13.63
CA GLY A 617 -44.08 19.79 -13.80
C GLY A 617 -42.76 20.16 -14.43
N LEU A 618 -42.08 19.22 -15.06
CA LEU A 618 -40.77 19.48 -15.65
C LEU A 618 -40.94 20.19 -16.99
N ALA A 619 -40.42 21.40 -17.08
CA ALA A 619 -40.35 22.14 -18.32
C ALA A 619 -39.02 22.90 -18.32
N SER A 620 -38.89 23.86 -19.23
CA SER A 620 -37.66 24.62 -19.36
C SER A 620 -37.57 25.78 -18.38
N ASN A 621 -38.70 26.25 -17.85
CA ASN A 621 -38.66 27.36 -16.90
C ASN A 621 -38.18 26.89 -15.54
N ASN A 622 -38.72 25.77 -15.05
CA ASN A 622 -38.23 25.16 -13.82
C ASN A 622 -37.18 24.09 -14.09
N TRP A 623 -36.54 24.15 -15.27
CA TRP A 623 -35.45 23.24 -15.59
C TRP A 623 -34.29 23.42 -14.63
N PHE A 624 -33.84 24.65 -14.45
CA PHE A 624 -32.79 24.96 -13.50
C PHE A 624 -33.31 25.19 -12.10
N PHE A 625 -34.63 25.18 -11.93
CA PHE A 625 -35.18 25.03 -10.59
C PHE A 625 -35.21 23.57 -10.17
N TYR A 626 -35.40 22.66 -11.12
CA TYR A 626 -35.25 21.23 -10.88
C TYR A 626 -33.76 20.90 -11.06
N LYS A 627 -32.98 21.21 -10.04
CA LYS A 627 -31.54 21.02 -10.11
C LYS A 627 -31.19 19.56 -9.91
N GLU A 628 -29.88 19.29 -9.85
CA GLU A 628 -29.38 17.95 -9.66
C GLU A 628 -28.69 17.84 -8.31
N ALA A 629 -28.95 16.74 -7.60
CA ALA A 629 -28.50 16.58 -6.22
C ALA A 629 -27.00 16.38 -6.12
N TYR A 630 -26.33 15.98 -7.19
CA TYR A 630 -24.89 15.88 -7.19
C TYR A 630 -24.21 17.24 -7.32
N ASP A 631 -24.97 18.30 -7.62
CA ASP A 631 -24.43 19.61 -7.91
C ASP A 631 -25.07 20.66 -7.02
N MET A 632 -25.13 20.37 -5.72
CA MET A 632 -25.69 21.28 -4.75
C MET A 632 -24.74 21.44 -3.58
N ASP A 633 -24.88 22.56 -2.87
CA ASP A 633 -24.16 22.78 -1.63
C ASP A 633 -24.89 22.05 -0.52
N MET A 634 -24.21 21.11 0.12
CA MET A 634 -24.82 20.37 1.22
C MET A 634 -25.00 21.25 2.45
N PHE A 635 -24.21 22.32 2.57
CA PHE A 635 -24.29 23.19 3.74
C PHE A 635 -25.61 23.93 3.80
N LYS A 636 -26.09 24.41 2.65
CA LYS A 636 -27.42 25.01 2.60
C LYS A 636 -28.50 23.99 2.89
N VAL A 637 -28.27 22.73 2.53
CA VAL A 637 -29.23 21.68 2.81
C VAL A 637 -29.33 21.42 4.30
N VAL A 638 -28.20 21.36 5.01
CA VAL A 638 -28.29 21.08 6.44
C VAL A 638 -28.76 22.32 7.19
N ASP A 639 -28.51 23.51 6.64
CA ASP A 639 -29.13 24.71 7.20
C ASP A 639 -30.65 24.67 7.07
N MET A 640 -31.15 24.20 5.92
CA MET A 640 -32.58 23.96 5.75
C MET A 640 -33.07 22.89 6.71
N ILE A 641 -32.25 21.87 6.94
CA ILE A 641 -32.59 20.78 7.85
C ILE A 641 -32.75 21.31 9.27
N ALA A 642 -31.85 22.19 9.70
CA ALA A 642 -31.95 22.81 11.01
C ALA A 642 -33.14 23.74 11.08
N THR A 643 -33.44 24.43 9.97
CA THR A 643 -34.60 25.31 9.91
C THR A 643 -35.90 24.53 10.08
N ILE A 644 -35.95 23.33 9.52
CA ILE A 644 -37.13 22.48 9.69
C ILE A 644 -37.14 21.87 11.08
N GLN A 645 -35.98 21.43 11.57
CA GLN A 645 -35.81 20.84 12.89
C GLN A 645 -36.10 21.81 14.02
N GLN A 646 -36.16 23.11 13.72
CA GLN A 646 -36.72 24.10 14.64
C GLN A 646 -38.19 23.85 15.00
N HIS A 647 -38.91 23.00 14.28
CA HIS A 647 -40.29 22.71 14.60
C HIS A 647 -40.61 21.23 14.79
N ILE A 648 -39.72 20.32 14.43
CA ILE A 648 -40.01 18.90 14.49
C ILE A 648 -39.58 18.35 15.85
N ASP A 649 -40.45 17.54 16.45
CA ASP A 649 -40.11 16.93 17.74
C ASP A 649 -39.09 15.83 17.57
N GLN A 650 -39.32 14.91 16.64
CA GLN A 650 -38.45 13.77 16.43
C GLN A 650 -37.40 14.09 15.37
N GLY A 651 -36.71 13.06 14.90
CA GLY A 651 -35.68 13.23 13.90
C GLY A 651 -36.22 13.19 12.49
N ILE A 652 -35.34 13.54 11.54
CA ILE A 652 -35.66 13.60 10.13
C ILE A 652 -34.59 12.82 9.38
N SER A 653 -35.02 11.88 8.55
CA SER A 653 -34.09 11.02 7.80
C SER A 653 -33.49 11.83 6.66
N PHE A 654 -32.48 12.63 6.99
CA PHE A 654 -31.75 13.39 5.97
C PHE A 654 -30.78 12.45 5.28
N THR A 655 -31.07 12.12 4.04
CA THR A 655 -30.14 11.34 3.24
C THR A 655 -29.05 12.25 2.69
N LEU A 656 -27.80 11.84 2.91
CA LEU A 656 -26.67 12.60 2.40
C LEU A 656 -26.52 12.37 0.90
N PHE A 657 -26.43 13.47 0.15
CA PHE A 657 -26.30 13.42 -1.31
C PHE A 657 -24.86 13.76 -1.65
N LEU A 658 -24.02 12.75 -1.74
CA LEU A 658 -22.61 12.95 -2.00
C LEU A 658 -22.23 12.34 -3.34
N LYS A 659 -20.94 12.42 -3.65
CA LYS A 659 -20.38 11.91 -4.89
C LYS A 659 -19.15 11.07 -4.58
N ASP A 660 -18.52 10.56 -5.62
CA ASP A 660 -17.35 9.70 -5.46
C ASP A 660 -16.07 10.52 -5.32
N THR A 661 -16.04 11.72 -5.88
CA THR A 661 -14.83 12.53 -5.95
C THR A 661 -14.51 13.23 -4.63
N MET A 662 -15.43 13.25 -3.68
CA MET A 662 -15.25 13.96 -2.43
C MET A 662 -14.29 13.22 -1.51
N THR A 663 -13.96 13.85 -0.38
CA THR A 663 -12.95 13.31 0.52
C THR A 663 -13.53 13.11 1.91
N THR A 664 -12.77 12.40 2.76
CA THR A 664 -13.25 12.07 4.09
C THR A 664 -13.17 13.25 5.04
N ARG A 665 -12.19 14.13 4.87
CA ARG A 665 -12.04 15.25 5.77
C ARG A 665 -13.16 16.28 5.57
N ASP A 666 -13.64 16.43 4.34
CA ASP A 666 -14.80 17.28 4.11
C ASP A 666 -16.04 16.67 4.72
N LEU A 667 -16.12 15.34 4.73
CA LEU A 667 -17.19 14.66 5.44
C LEU A 667 -17.08 14.89 6.94
N ASN A 668 -15.86 14.95 7.46
CA ASN A 668 -15.64 15.31 8.85
C ASN A 668 -16.09 16.74 9.13
N ARG A 669 -15.82 17.66 8.21
CA ARG A 669 -16.27 19.03 8.36
C ARG A 669 -17.78 19.12 8.33
N ILE A 670 -18.40 18.28 7.50
CA ILE A 670 -19.86 18.17 7.47
C ILE A 670 -20.38 17.65 8.81
N ASP A 671 -19.68 16.69 9.40
CA ASP A 671 -20.07 16.15 10.70
C ASP A 671 -19.95 17.19 11.81
N LEU A 672 -18.86 17.97 11.80
CA LEU A 672 -18.71 19.03 12.77
C LEU A 672 -19.73 20.13 12.56
N TYR A 673 -20.08 20.41 11.30
CA TYR A 673 -21.10 21.39 10.99
C TYR A 673 -22.47 20.95 11.47
N ALA A 674 -22.77 19.66 11.32
CA ALA A 674 -24.05 19.13 11.75
C ALA A 674 -24.14 19.04 13.27
N HIS A 675 -23.04 18.68 13.93
CA HIS A 675 -23.00 18.72 15.39
C HIS A 675 -23.08 20.14 15.89
N HIS A 676 -22.53 21.09 15.13
CA HIS A 676 -22.72 22.50 15.45
C HIS A 676 -24.16 22.93 15.25
N ARG A 677 -24.86 22.32 14.29
CA ARG A 677 -26.24 22.67 14.05
C ARG A 677 -27.21 21.93 14.96
N GLY A 678 -26.73 21.03 15.80
CA GLY A 678 -27.62 20.24 16.62
C GLY A 678 -28.44 19.26 15.84
N ILE A 679 -27.90 18.75 14.74
CA ILE A 679 -28.62 17.78 13.91
C ILE A 679 -28.72 16.47 14.66
N LYS A 680 -29.92 15.88 14.67
CA LYS A 680 -30.16 14.68 15.45
C LYS A 680 -29.48 13.47 14.83
N THR A 681 -29.88 13.10 13.62
CA THR A 681 -29.37 11.91 12.96
C THR A 681 -29.01 12.22 11.52
N ILE A 682 -28.28 11.30 10.90
CA ILE A 682 -28.00 11.34 9.47
C ILE A 682 -28.34 9.97 8.89
N TYR A 683 -28.52 9.94 7.58
CA TYR A 683 -28.77 8.70 6.87
C TYR A 683 -27.54 8.31 6.04
N TYR A 684 -27.61 7.10 5.50
CA TYR A 684 -26.70 6.59 4.47
C TYR A 684 -26.51 7.58 3.33
N ALA A 685 -25.27 7.67 2.84
CA ALA A 685 -24.87 8.70 1.90
C ALA A 685 -25.01 8.23 0.45
N ARG A 686 -24.98 9.20 -0.47
CA ARG A 686 -25.10 8.93 -1.90
C ARG A 686 -23.76 9.05 -2.61
N THR A 687 -23.77 8.64 -3.88
CA THR A 687 -22.57 8.61 -4.71
C THR A 687 -22.88 8.97 -6.16
N ASN B 4 13.72 -28.25 30.32
CA ASN B 4 13.25 -28.79 29.05
C ASN B 4 13.40 -30.29 29.02
N GLN B 5 14.03 -30.83 30.06
CA GLN B 5 14.33 -32.25 30.09
C GLN B 5 13.07 -33.06 30.37
N VAL B 6 12.95 -34.16 29.63
CA VAL B 6 11.85 -35.11 29.85
C VAL B 6 12.03 -35.76 31.22
N PRO B 7 11.01 -35.76 32.07
CA PRO B 7 11.17 -36.34 33.41
C PRO B 7 11.29 -37.85 33.39
N LYS B 8 11.53 -38.43 34.55
CA LYS B 8 11.97 -39.81 34.62
C LYS B 8 10.87 -40.78 34.23
N TRP B 9 9.65 -40.55 34.71
CA TRP B 9 8.56 -41.49 34.47
C TRP B 9 8.14 -41.51 33.01
N ILE B 10 8.27 -40.38 32.31
CA ILE B 10 7.97 -40.36 30.89
C ILE B 10 9.01 -41.17 30.12
N GLN B 11 10.27 -41.07 30.53
CA GLN B 11 11.30 -41.92 29.94
C GLN B 11 11.08 -43.39 30.26
N LEU B 12 10.55 -43.69 31.45
CA LEU B 12 10.22 -45.06 31.80
C LEU B 12 9.09 -45.59 30.91
N ASN B 13 8.11 -44.73 30.61
CA ASN B 13 7.06 -45.12 29.69
C ASN B 13 7.58 -45.28 28.27
N ASN B 14 8.59 -44.50 27.89
CA ASN B 14 9.24 -44.69 26.60
C ASN B 14 10.02 -45.99 26.57
N GLU B 15 10.52 -46.42 27.72
CA GLU B 15 11.29 -47.66 27.83
C GLU B 15 10.42 -48.90 27.71
N ILE B 16 9.09 -48.76 27.76
CA ILE B 16 8.21 -49.91 27.66
C ILE B 16 8.30 -50.53 26.27
N MET B 17 8.37 -49.70 25.23
CA MET B 17 8.39 -50.18 23.86
C MET B 17 9.74 -50.72 23.42
N ILE B 18 10.72 -50.81 24.32
CA ILE B 18 12.01 -51.39 23.96
C ILE B 18 11.84 -52.89 23.79
N GLN B 19 12.33 -53.41 22.66
CA GLN B 19 12.14 -54.81 22.33
C GLN B 19 13.02 -55.70 23.18
N LYS B 20 12.48 -56.20 24.27
CA LYS B 20 13.14 -57.22 25.09
C LYS B 20 12.70 -58.57 24.54
N ASP B 21 13.63 -59.25 23.87
CA ASP B 21 13.47 -60.54 23.15
C ASP B 21 12.16 -60.64 22.36
N GLY B 22 11.80 -59.56 21.67
CA GLY B 22 10.56 -59.52 20.92
C GLY B 22 9.34 -59.14 21.74
N LYS B 23 9.53 -58.64 22.96
CA LYS B 23 8.41 -58.22 23.79
C LYS B 23 8.61 -56.80 24.28
N PHE B 24 7.81 -56.38 25.24
CA PHE B 24 7.83 -55.01 25.72
C PHE B 24 8.12 -54.98 27.21
N GLN B 25 8.70 -53.88 27.66
CA GLN B 25 9.10 -53.73 29.06
C GLN B 25 7.92 -53.21 29.85
N PHE B 26 7.02 -54.13 30.22
CA PHE B 26 5.76 -53.77 30.84
C PHE B 26 5.97 -53.15 32.22
N ASP B 27 6.91 -53.68 32.99
CA ASP B 27 7.10 -53.26 34.37
C ASP B 27 7.69 -51.86 34.49
N LYS B 28 8.25 -51.34 33.38
CA LYS B 28 8.64 -49.94 33.30
C LYS B 28 7.47 -48.98 33.48
N ASP B 29 6.25 -49.45 33.24
CA ASP B 29 5.05 -48.71 33.62
C ASP B 29 5.04 -48.41 35.11
N LYS B 30 5.39 -49.41 35.93
CA LYS B 30 5.21 -49.31 37.37
C LYS B 30 6.09 -48.23 37.98
N GLU B 31 7.36 -48.20 37.59
CA GLU B 31 8.23 -47.11 37.98
C GLU B 31 7.75 -45.80 37.38
N ALA B 32 7.25 -45.86 36.13
CA ALA B 32 6.59 -44.71 35.53
C ALA B 32 5.35 -44.31 36.32
N VAL B 33 4.73 -45.27 37.00
CA VAL B 33 3.80 -44.93 38.06
C VAL B 33 4.56 -44.39 39.26
N HIS B 34 5.48 -45.19 39.79
CA HIS B 34 5.94 -45.03 41.16
C HIS B 34 6.82 -43.80 41.35
N SER B 35 7.68 -43.51 40.38
CA SER B 35 8.44 -42.28 40.43
C SER B 35 7.54 -41.07 40.27
N TYR B 36 6.53 -41.18 39.41
CA TYR B 36 5.65 -40.06 39.14
C TYR B 36 4.78 -39.73 40.35
N PHE B 37 4.46 -40.75 41.14
CA PHE B 37 3.85 -40.50 42.44
C PHE B 37 4.82 -39.76 43.35
N VAL B 38 6.08 -40.18 43.36
CA VAL B 38 7.05 -39.58 44.26
C VAL B 38 7.45 -38.20 43.76
N ASP B 39 7.86 -38.12 42.49
CA ASP B 39 8.45 -36.88 42.00
C ASP B 39 7.43 -35.81 41.70
N TYR B 40 6.18 -36.17 41.49
CA TYR B 40 5.19 -35.16 41.14
C TYR B 40 4.02 -35.11 42.10
N ILE B 41 3.42 -36.25 42.41
CA ILE B 41 2.13 -36.26 43.09
C ILE B 41 2.29 -35.85 44.54
N ASN B 42 3.25 -36.45 45.23
CA ASN B 42 3.45 -36.14 46.63
C ASN B 42 4.18 -34.82 46.85
N GLN B 43 4.65 -34.17 45.79
CA GLN B 43 5.32 -32.90 45.92
C GLN B 43 4.45 -31.71 45.55
N ASN B 44 3.21 -31.95 45.14
CA ASN B 44 2.37 -30.84 44.71
C ASN B 44 1.01 -30.85 45.37
N THR B 45 0.90 -31.41 46.57
CA THR B 45 -0.37 -31.51 47.27
C THR B 45 -0.38 -30.50 48.41
N VAL B 46 -1.55 -29.92 48.67
CA VAL B 46 -1.67 -28.92 49.72
C VAL B 46 -1.59 -29.61 51.08
N PHE B 47 -0.68 -29.14 51.92
CA PHE B 47 -0.45 -29.73 53.23
C PHE B 47 -1.62 -29.43 54.15
N PHE B 48 -1.93 -30.38 55.03
CA PHE B 48 -2.86 -30.17 56.13
C PHE B 48 -2.31 -30.81 57.39
N HIS B 49 -2.73 -30.28 58.53
CA HIS B 49 -2.30 -30.81 59.81
C HIS B 49 -3.19 -31.96 60.29
N ASN B 50 -4.47 -31.95 59.92
CA ASN B 50 -5.38 -33.02 60.30
C ASN B 50 -6.50 -33.10 59.27
N LEU B 51 -7.54 -33.87 59.60
CA LEU B 51 -8.72 -33.95 58.75
C LEU B 51 -9.66 -32.78 58.99
N LYS B 52 -9.70 -32.29 60.23
CA LYS B 52 -10.66 -31.26 60.62
C LYS B 52 -10.39 -29.95 59.89
N GLU B 53 -9.14 -29.49 59.91
CA GLU B 53 -8.78 -28.26 59.21
C GLU B 53 -8.89 -28.42 57.71
N LYS B 54 -8.70 -29.63 57.21
CA LYS B 54 -8.91 -29.91 55.79
C LYS B 54 -10.37 -29.72 55.41
N LEU B 55 -11.28 -30.27 56.22
CA LEU B 55 -12.71 -30.10 55.94
C LEU B 55 -13.15 -28.66 56.15
N ASP B 56 -12.53 -27.97 57.11
CA ASP B 56 -12.85 -26.56 57.32
C ASP B 56 -12.39 -25.72 56.13
N TYR B 57 -11.24 -26.07 55.55
CA TYR B 57 -10.78 -25.41 54.34
C TYR B 57 -11.72 -25.68 53.17
N LEU B 58 -12.20 -26.93 53.08
CA LEU B 58 -13.16 -27.26 52.03
C LEU B 58 -14.47 -26.52 52.19
N VAL B 59 -14.88 -26.28 53.43
CA VAL B 59 -16.12 -25.55 53.67
C VAL B 59 -15.93 -24.06 53.36
N GLU B 60 -14.87 -23.47 53.93
CA GLU B 60 -14.69 -22.02 53.83
C GLU B 60 -14.27 -21.58 52.44
N ASN B 61 -13.62 -22.47 51.70
CA ASN B 61 -13.16 -22.12 50.37
C ASN B 61 -14.18 -22.43 49.30
N GLN B 62 -15.42 -22.79 49.71
CA GLN B 62 -16.59 -22.91 48.86
C GLN B 62 -16.38 -23.95 47.75
N TYR B 63 -16.19 -25.19 48.18
CA TYR B 63 -15.93 -26.27 47.24
C TYR B 63 -17.01 -27.32 47.20
N TYR B 64 -17.85 -27.41 48.22
CA TYR B 64 -18.82 -28.47 48.30
C TYR B 64 -20.15 -27.98 48.84
N GLU B 65 -21.21 -28.68 48.47
CA GLU B 65 -22.47 -28.58 49.18
C GLU B 65 -22.28 -29.15 50.58
N GLU B 66 -22.42 -28.31 51.60
CA GLU B 66 -22.09 -28.73 52.95
C GLU B 66 -23.21 -29.46 53.66
N GLU B 67 -24.37 -29.61 53.02
CA GLU B 67 -25.55 -30.15 53.69
C GLU B 67 -25.44 -31.65 53.91
N PHE B 68 -25.24 -32.41 52.83
CA PHE B 68 -25.12 -33.86 52.96
C PHE B 68 -23.80 -34.25 53.61
N LEU B 69 -22.80 -33.38 53.55
CA LEU B 69 -21.60 -33.60 54.34
C LEU B 69 -21.88 -33.43 55.82
N SER B 70 -22.82 -32.55 56.17
CA SER B 70 -23.23 -32.41 57.56
C SER B 70 -24.30 -33.42 57.97
N LEU B 71 -24.64 -34.36 57.10
CA LEU B 71 -25.53 -35.46 57.44
C LEU B 71 -24.79 -36.63 58.06
N TYR B 72 -23.52 -36.44 58.41
CA TYR B 72 -22.73 -37.44 59.10
C TYR B 72 -21.92 -36.74 60.17
N SER B 73 -21.48 -37.50 61.17
CA SER B 73 -20.55 -36.93 62.14
C SER B 73 -19.15 -36.89 61.52
N PHE B 74 -18.29 -36.08 62.14
CA PHE B 74 -16.89 -36.04 61.74
C PHE B 74 -16.22 -37.39 61.98
N GLU B 75 -16.67 -38.12 63.01
CA GLU B 75 -16.13 -39.44 63.27
C GLU B 75 -16.53 -40.43 62.19
N ASP B 76 -17.77 -40.35 61.70
CA ASP B 76 -18.20 -41.26 60.65
C ASP B 76 -17.50 -40.94 59.34
N ILE B 77 -17.26 -39.65 59.09
CA ILE B 77 -16.49 -39.24 57.92
C ILE B 77 -15.07 -39.76 58.01
N LYS B 78 -14.47 -39.70 59.20
CA LYS B 78 -13.15 -40.26 59.39
C LYS B 78 -13.16 -41.78 59.32
N GLU B 79 -14.29 -42.41 59.66
CA GLU B 79 -14.40 -43.86 59.55
C GLU B 79 -14.42 -44.30 58.10
N VAL B 80 -15.21 -43.63 57.26
CA VAL B 80 -15.24 -44.00 55.85
C VAL B 80 -13.93 -43.59 55.18
N PHE B 81 -13.27 -42.55 55.70
CA PHE B 81 -11.97 -42.17 55.13
C PHE B 81 -10.90 -43.18 55.49
N LYS B 82 -10.93 -43.66 56.73
CA LYS B 82 -10.01 -44.71 57.16
C LYS B 82 -10.28 -46.01 56.41
N THR B 83 -11.56 -46.28 56.13
CA THR B 83 -11.92 -47.46 55.35
C THR B 83 -11.38 -47.37 53.92
N ALA B 84 -11.43 -46.17 53.34
CA ALA B 84 -10.89 -45.99 52.01
C ALA B 84 -9.37 -46.05 52.00
N TYR B 85 -8.72 -45.38 52.96
CA TYR B 85 -7.27 -45.38 53.02
C TYR B 85 -6.70 -46.71 53.50
N ALA B 86 -7.52 -47.58 54.09
CA ALA B 86 -7.09 -48.91 54.45
C ALA B 86 -6.89 -49.80 53.23
N LYS B 87 -7.46 -49.43 52.10
CA LYS B 87 -7.20 -50.14 50.86
C LYS B 87 -5.74 -49.97 50.45
N LYS B 88 -5.23 -48.74 50.52
CA LYS B 88 -3.96 -48.32 49.95
C LYS B 88 -3.86 -48.78 48.50
N PHE B 89 -4.75 -48.19 47.70
CA PHE B 89 -4.93 -48.62 46.32
C PHE B 89 -3.70 -48.33 45.50
N ARG B 90 -3.13 -49.38 44.94
CA ARG B 90 -1.92 -49.28 44.15
C ARG B 90 -2.30 -49.25 42.68
N PHE B 91 -2.15 -48.08 42.08
CA PHE B 91 -2.39 -47.89 40.67
C PHE B 91 -1.44 -48.73 39.82
N PRO B 92 -1.96 -49.60 38.95
CA PRO B 92 -1.06 -50.35 38.07
C PRO B 92 -0.73 -49.63 36.79
N SER B 93 -1.53 -48.66 36.36
CA SER B 93 -1.36 -48.03 35.07
C SER B 93 -0.82 -46.62 35.22
N PHE B 94 -0.06 -46.19 34.21
CA PHE B 94 0.34 -44.80 34.14
C PHE B 94 -0.86 -43.90 33.85
N MET B 95 -1.76 -44.37 32.99
CA MET B 95 -2.95 -43.61 32.65
C MET B 95 -3.97 -43.60 33.78
N SER B 96 -3.80 -44.45 34.78
CA SER B 96 -4.67 -44.45 35.96
C SER B 96 -4.53 -43.15 36.73
N ALA B 97 -3.33 -42.88 37.24
CA ALA B 97 -3.09 -41.59 37.89
C ALA B 97 -3.04 -40.47 36.87
N PHE B 98 -2.66 -40.77 35.64
CA PHE B 98 -2.39 -39.74 34.65
C PHE B 98 -3.66 -39.13 34.09
N LYS B 99 -4.82 -39.70 34.40
CA LYS B 99 -6.07 -39.07 34.04
C LYS B 99 -6.87 -38.62 35.25
N PHE B 100 -6.72 -39.33 36.37
CA PHE B 100 -7.51 -39.01 37.56
C PHE B 100 -7.04 -37.71 38.19
N TYR B 101 -5.80 -37.68 38.66
CA TYR B 101 -5.24 -36.47 39.26
C TYR B 101 -4.96 -35.40 38.23
N ASN B 102 -4.99 -35.73 36.95
CA ASN B 102 -4.90 -34.69 35.94
C ASN B 102 -6.27 -34.07 35.65
N ASP B 103 -7.31 -34.88 35.51
CA ASP B 103 -8.59 -34.35 35.07
C ASP B 103 -9.71 -34.59 36.07
N TYR B 104 -9.88 -35.82 36.55
CA TYR B 104 -11.07 -36.13 37.33
C TYR B 104 -10.98 -35.66 38.77
N ALA B 105 -9.80 -35.30 39.24
CA ALA B 105 -9.64 -34.83 40.61
C ALA B 105 -9.93 -33.34 40.70
N LEU B 106 -10.59 -32.95 41.78
CA LEU B 106 -10.83 -31.55 42.05
C LEU B 106 -9.56 -30.90 42.55
N LYS B 107 -9.05 -29.94 41.79
CA LYS B 107 -7.83 -29.24 42.13
C LYS B 107 -8.17 -27.88 42.73
N THR B 108 -7.14 -27.05 42.92
CA THR B 108 -7.30 -25.76 43.55
C THR B 108 -7.97 -24.77 42.61
N ASN B 109 -8.17 -23.55 43.12
CA ASN B 109 -8.82 -22.51 42.33
C ASN B 109 -7.90 -22.02 41.22
N ASP B 110 -6.62 -21.87 41.51
CA ASP B 110 -5.65 -21.58 40.47
C ASP B 110 -5.16 -22.84 39.76
N LYS B 111 -5.58 -24.02 40.25
CA LYS B 111 -5.32 -25.32 39.63
C LYS B 111 -3.82 -25.62 39.53
N LYS B 112 -3.08 -25.23 40.57
CA LYS B 112 -1.64 -25.45 40.59
C LYS B 112 -1.21 -26.37 41.71
N LYS B 113 -2.16 -27.03 42.38
CA LYS B 113 -1.85 -28.04 43.37
C LYS B 113 -3.01 -29.03 43.42
N ILE B 114 -2.87 -30.03 44.28
CA ILE B 114 -3.85 -31.10 44.40
C ILE B 114 -4.65 -30.88 45.66
N LEU B 115 -5.96 -31.14 45.60
CA LEU B 115 -6.81 -31.09 46.78
C LEU B 115 -7.35 -32.47 47.14
N GLU B 116 -8.04 -33.11 46.21
CA GLU B 116 -8.61 -34.41 46.49
C GLU B 116 -7.58 -35.50 46.27
N ARG B 117 -7.67 -36.55 47.07
CA ARG B 117 -6.91 -37.75 46.78
C ARG B 117 -7.81 -38.73 46.05
N TYR B 118 -7.25 -39.89 45.71
CA TYR B 118 -8.04 -40.91 45.05
C TYR B 118 -9.06 -41.52 45.98
N GLU B 119 -8.75 -41.58 47.28
CA GLU B 119 -9.74 -42.04 48.24
C GLU B 119 -10.78 -40.98 48.51
N ASP B 120 -10.41 -39.71 48.40
CA ASP B 120 -11.25 -38.63 48.90
C ASP B 120 -12.48 -38.43 48.02
N ARG B 121 -12.26 -38.36 46.70
CA ARG B 121 -13.36 -38.19 45.76
C ARG B 121 -14.32 -39.37 45.82
N ILE B 122 -13.78 -40.58 45.90
CA ILE B 122 -14.58 -41.80 45.98
C ILE B 122 -15.41 -41.81 47.27
N SER B 123 -14.80 -41.39 48.37
CA SER B 123 -15.51 -41.37 49.65
C SER B 123 -16.59 -40.29 49.68
N ILE B 124 -16.32 -39.15 49.06
CA ILE B 124 -17.32 -38.09 48.98
C ILE B 124 -18.50 -38.53 48.12
N VAL B 125 -18.21 -39.19 46.99
CA VAL B 125 -19.24 -39.72 46.11
C VAL B 125 -20.05 -40.79 46.84
N ALA B 126 -19.39 -41.58 47.68
CA ALA B 126 -20.08 -42.61 48.45
C ALA B 126 -21.00 -42.00 49.50
N LEU B 127 -20.56 -40.93 50.15
CA LEU B 127 -21.41 -40.25 51.13
C LEU B 127 -22.58 -39.57 50.44
N PHE B 128 -22.38 -39.12 49.20
CA PHE B 128 -23.47 -38.51 48.46
C PHE B 128 -24.50 -39.54 48.02
N PHE B 129 -24.02 -40.71 47.59
CA PHE B 129 -24.93 -41.78 47.17
C PHE B 129 -25.70 -42.35 48.35
N ALA B 130 -25.02 -42.54 49.48
CA ALA B 130 -25.69 -43.07 50.65
C ALA B 130 -26.62 -42.04 51.25
N ASN B 131 -26.11 -40.81 51.46
CA ASN B 131 -26.87 -39.64 51.90
C ASN B 131 -27.56 -39.88 53.23
N GLY B 132 -26.75 -40.15 54.25
CA GLY B 132 -27.27 -40.37 55.57
C GLY B 132 -26.72 -41.58 56.28
N ASP B 133 -26.44 -42.66 55.53
CA ASP B 133 -25.92 -43.88 56.11
C ASP B 133 -24.42 -43.97 55.91
N THR B 134 -23.72 -44.47 56.92
CA THR B 134 -22.27 -44.63 56.84
C THR B 134 -21.89 -45.97 56.24
N GLU B 135 -22.61 -47.03 56.62
CA GLU B 135 -22.23 -48.38 56.20
C GLU B 135 -22.54 -48.60 54.73
N LYS B 136 -23.64 -48.05 54.23
CA LYS B 136 -23.93 -48.13 52.80
C LYS B 136 -22.90 -47.35 52.00
N ALA B 137 -22.40 -46.24 52.54
CA ALA B 137 -21.32 -45.51 51.89
C ALA B 137 -20.04 -46.33 51.87
N LYS B 138 -19.78 -47.10 52.93
CA LYS B 138 -18.63 -47.98 52.90
C LYS B 138 -18.82 -49.12 51.90
N GLU B 139 -20.05 -49.59 51.73
CA GLU B 139 -20.34 -50.57 50.69
C GLU B 139 -20.14 -49.97 49.31
N TYR B 140 -20.53 -48.71 49.14
CA TYR B 140 -20.29 -47.99 47.89
C TYR B 140 -18.81 -47.85 47.62
N VAL B 141 -18.03 -47.65 48.68
CA VAL B 141 -16.57 -47.61 48.56
C VAL B 141 -16.05 -48.95 48.09
N ASN B 142 -16.49 -50.03 48.73
CA ASN B 142 -16.04 -51.37 48.36
C ASN B 142 -16.47 -51.76 46.96
N LEU B 143 -17.59 -51.21 46.49
CA LEU B 143 -17.96 -51.38 45.10
C LEU B 143 -17.11 -50.51 44.18
N MET B 144 -16.62 -49.38 44.69
CA MET B 144 -15.88 -48.43 43.86
C MET B 144 -14.37 -48.53 44.02
N ILE B 145 -13.87 -48.69 45.26
CA ILE B 145 -12.43 -48.74 45.47
C ILE B 145 -11.85 -50.07 44.98
N ASN B 146 -12.68 -51.07 44.76
CA ASN B 146 -12.25 -52.27 44.08
C ASN B 146 -12.59 -52.24 42.60
N GLN B 147 -13.08 -51.09 42.11
CA GLN B 147 -13.37 -50.84 40.69
C GLN B 147 -14.41 -51.80 40.13
N GLU B 148 -15.34 -52.21 40.99
CA GLU B 148 -16.41 -53.08 40.52
C GLU B 148 -17.53 -52.28 39.86
N TYR B 149 -17.68 -51.02 40.27
CA TYR B 149 -18.62 -50.10 39.65
C TYR B 149 -17.92 -48.78 39.43
N GLN B 150 -18.32 -48.09 38.37
CA GLN B 150 -17.88 -46.73 38.13
C GLN B 150 -19.07 -45.90 37.68
N PRO B 151 -19.44 -44.87 38.42
CA PRO B 151 -20.54 -44.00 38.00
C PRO B 151 -20.22 -43.18 36.75
N SER B 152 -21.23 -42.46 36.27
CA SER B 152 -21.08 -41.66 35.06
C SER B 152 -20.18 -40.46 35.33
N THR B 153 -19.79 -39.81 34.24
CA THR B 153 -18.77 -38.77 34.31
C THR B 153 -19.19 -37.54 35.11
N PRO B 154 -20.38 -36.90 34.91
CA PRO B 154 -20.70 -35.78 35.80
C PRO B 154 -21.13 -36.24 37.18
N THR B 155 -21.64 -37.47 37.26
CA THR B 155 -22.08 -38.02 38.54
C THR B 155 -20.89 -38.28 39.44
N PHE B 156 -19.88 -38.97 38.93
CA PHE B 156 -18.64 -39.14 39.67
C PHE B 156 -17.87 -37.83 39.77
N LEU B 157 -18.12 -36.89 38.88
CA LEU B 157 -17.35 -35.65 38.87
C LEU B 157 -17.84 -34.68 39.95
N ASN B 158 -19.09 -34.27 39.86
CA ASN B 158 -19.56 -33.11 40.62
C ASN B 158 -20.58 -33.51 41.67
N ALA B 159 -20.30 -34.58 42.39
CA ALA B 159 -21.18 -35.01 43.48
C ALA B 159 -21.03 -34.02 44.62
N GLY B 160 -22.02 -33.13 44.74
CA GLY B 160 -21.99 -32.11 45.77
C GLY B 160 -20.94 -31.05 45.50
N ARG B 161 -21.01 -30.43 44.33
CA ARG B 161 -20.01 -29.46 43.91
C ARG B 161 -20.74 -28.33 43.19
N LYS B 162 -19.99 -27.51 42.46
CA LYS B 162 -20.57 -26.32 41.85
C LYS B 162 -20.70 -26.49 40.34
N LEU B 167 -25.18 -33.05 34.80
CA LEU B 167 -25.50 -34.17 35.68
C LEU B 167 -25.95 -35.37 34.87
N VAL B 168 -26.70 -35.11 33.80
CA VAL B 168 -27.14 -36.13 32.85
C VAL B 168 -26.65 -35.71 31.47
N SER B 169 -26.22 -36.68 30.68
CA SER B 169 -25.78 -36.43 29.31
C SER B 169 -26.71 -37.10 28.28
N CYS B 170 -27.99 -37.21 28.60
CA CYS B 170 -28.94 -37.83 27.68
C CYS B 170 -30.25 -37.05 27.74
N PHE B 171 -30.61 -36.40 26.63
CA PHE B 171 -31.84 -35.63 26.54
C PHE B 171 -32.43 -35.77 25.15
N LEU B 172 -33.71 -36.14 25.09
CA LEU B 172 -34.36 -36.45 23.83
C LEU B 172 -35.71 -35.76 23.81
N LEU B 173 -35.90 -34.84 22.85
CA LEU B 173 -37.10 -34.04 22.77
C LEU B 173 -37.66 -34.11 21.36
N GLU B 174 -38.81 -33.46 21.16
CA GLU B 174 -39.48 -33.41 19.86
C GLU B 174 -39.77 -31.96 19.50
N VAL B 175 -40.34 -31.78 18.32
CA VAL B 175 -40.67 -30.46 17.80
C VAL B 175 -42.03 -30.54 17.14
N ASN B 176 -42.87 -29.54 17.42
CA ASN B 176 -44.17 -29.43 16.77
C ASN B 176 -44.09 -28.40 15.63
N ASP B 177 -45.20 -28.29 14.90
CA ASP B 177 -45.24 -27.49 13.68
C ASP B 177 -45.85 -26.12 14.00
N SER B 178 -45.11 -25.32 14.77
CA SER B 178 -45.44 -23.92 14.97
C SER B 178 -44.16 -23.14 15.24
N LEU B 179 -44.20 -21.85 14.89
CA LEU B 179 -43.03 -20.99 15.07
C LEU B 179 -42.71 -20.81 16.53
N ASN B 180 -43.74 -20.68 17.36
CA ASN B 180 -43.54 -20.57 18.80
C ASN B 180 -42.91 -21.82 19.37
N ASP B 181 -43.28 -22.99 18.84
CA ASP B 181 -42.63 -24.23 19.20
C ASP B 181 -41.16 -24.23 18.82
N ILE B 182 -40.85 -23.66 17.65
CA ILE B 182 -39.47 -23.62 17.17
C ILE B 182 -38.62 -22.75 18.08
N SER B 183 -39.14 -21.58 18.44
CA SER B 183 -38.42 -20.68 19.33
C SER B 183 -38.26 -21.28 20.73
N ARG B 184 -39.29 -21.99 21.18
CA ARG B 184 -39.23 -22.65 22.48
C ARG B 184 -38.17 -23.73 22.50
N ALA B 185 -38.08 -24.52 21.43
CA ALA B 185 -37.10 -25.58 21.36
C ALA B 185 -35.68 -25.02 21.26
N ILE B 186 -35.53 -23.92 20.51
CA ILE B 186 -34.25 -23.24 20.42
C ILE B 186 -33.81 -22.75 21.79
N ASP B 187 -34.76 -22.18 22.55
CA ASP B 187 -34.47 -21.70 23.89
C ASP B 187 -34.09 -22.84 24.82
N ILE B 188 -34.78 -23.97 24.72
CA ILE B 188 -34.51 -25.09 25.62
C ILE B 188 -33.16 -25.72 25.31
N SER B 189 -32.82 -25.82 24.03
CA SER B 189 -31.49 -26.33 23.65
C SER B 189 -30.39 -25.39 24.12
N MET B 190 -30.65 -24.08 24.04
CA MET B 190 -29.67 -23.13 24.56
C MET B 190 -29.58 -23.18 26.07
N GLN B 191 -30.67 -23.53 26.74
CA GLN B 191 -30.64 -23.69 28.18
C GLN B 191 -29.80 -24.88 28.59
N LEU B 192 -29.99 -26.01 27.91
CA LEU B 192 -29.27 -27.20 28.31
C LEU B 192 -27.85 -27.26 27.75
N SER B 193 -27.52 -26.41 26.78
CA SER B 193 -26.20 -26.48 26.17
C SER B 193 -25.13 -26.00 27.13
N LYS B 194 -25.46 -25.03 27.98
CA LYS B 194 -24.51 -24.55 28.96
C LYS B 194 -24.30 -25.53 30.10
N LEU B 195 -25.16 -26.54 30.24
CA LEU B 195 -25.04 -27.51 31.30
C LEU B 195 -24.35 -28.79 30.85
N GLY B 196 -23.94 -28.87 29.59
CA GLY B 196 -23.15 -29.98 29.12
C GLY B 196 -23.90 -31.27 28.85
N GLY B 197 -25.23 -31.25 28.89
CA GLY B 197 -25.99 -32.46 28.66
C GLY B 197 -26.12 -32.78 27.18
N GLY B 198 -26.19 -34.08 26.89
CA GLY B 198 -26.38 -34.52 25.53
C GLY B 198 -27.84 -34.39 25.10
N VAL B 199 -28.12 -33.44 24.22
CA VAL B 199 -29.48 -33.13 23.81
C VAL B 199 -29.59 -33.44 22.32
N SER B 200 -30.55 -34.30 21.96
CA SER B 200 -30.80 -34.63 20.57
C SER B 200 -32.30 -34.64 20.33
N LEU B 201 -32.70 -34.50 19.06
CA LEU B 201 -34.12 -34.47 18.75
C LEU B 201 -34.48 -35.26 17.50
N ASN B 202 -35.71 -35.08 17.02
CA ASN B 202 -36.19 -35.68 15.79
C ASN B 202 -37.18 -34.72 15.16
N LEU B 203 -37.15 -34.64 13.83
CA LEU B 203 -37.88 -33.62 13.10
C LEU B 203 -38.98 -34.20 12.22
N SER B 204 -39.57 -35.32 12.63
CA SER B 204 -40.53 -36.01 11.77
C SER B 204 -41.90 -35.32 11.73
N LYS B 205 -42.10 -34.23 12.47
CA LYS B 205 -43.39 -33.54 12.52
C LYS B 205 -43.26 -32.10 12.05
N LEU B 206 -42.55 -31.88 10.97
CA LEU B 206 -42.43 -30.56 10.37
C LEU B 206 -42.83 -30.62 8.91
N ARG B 207 -43.32 -29.49 8.39
CA ARG B 207 -43.77 -29.46 7.01
C ARG B 207 -42.58 -29.44 6.06
N ALA B 208 -42.81 -29.94 4.85
CA ALA B 208 -41.72 -30.10 3.89
C ALA B 208 -41.39 -28.77 3.23
N LYS B 209 -40.35 -28.82 2.41
CA LYS B 209 -39.89 -27.61 1.72
C LYS B 209 -40.85 -27.22 0.62
N GLY B 210 -41.08 -25.92 0.49
CA GLY B 210 -41.90 -25.41 -0.59
C GLY B 210 -43.38 -25.62 -0.40
N GLU B 211 -43.86 -25.64 0.84
CA GLU B 211 -45.26 -25.86 1.12
C GLU B 211 -45.95 -24.58 1.54
N ALA B 212 -47.27 -24.62 1.56
CA ALA B 212 -48.07 -23.46 1.90
C ALA B 212 -48.07 -23.24 3.40
N ILE B 213 -47.63 -22.06 3.84
CA ILE B 213 -47.69 -21.70 5.25
C ILE B 213 -49.05 -21.04 5.48
N LYS B 214 -50.08 -21.89 5.55
CA LYS B 214 -51.38 -21.63 6.16
C LYS B 214 -52.26 -20.61 5.42
N ASP B 215 -51.69 -19.78 4.56
CA ASP B 215 -52.47 -18.77 3.85
C ASP B 215 -52.09 -18.65 2.39
N VAL B 216 -50.81 -18.76 2.06
CA VAL B 216 -50.28 -18.48 0.73
C VAL B 216 -49.51 -19.71 0.28
N GLU B 217 -49.62 -20.04 -1.00
CA GLU B 217 -49.00 -21.24 -1.53
C GLU B 217 -47.49 -21.05 -1.78
N ASN B 218 -46.75 -22.15 -1.61
CA ASN B 218 -45.31 -22.25 -1.86
C ASN B 218 -44.52 -21.21 -1.04
N ALA B 219 -44.59 -21.36 0.27
CA ALA B 219 -44.01 -20.40 1.17
C ALA B 219 -42.99 -20.98 2.15
N THR B 220 -42.96 -22.30 2.34
CA THR B 220 -42.04 -22.89 3.31
C THR B 220 -40.63 -22.87 2.75
N LYS B 221 -39.69 -22.29 3.50
CA LYS B 221 -38.30 -22.29 3.09
C LYS B 221 -37.70 -23.68 3.19
N GLY B 222 -38.23 -24.51 4.08
CA GLY B 222 -37.78 -25.87 4.23
C GLY B 222 -37.15 -26.12 5.58
N VAL B 223 -36.92 -27.40 5.86
CA VAL B 223 -36.35 -27.80 7.13
C VAL B 223 -34.86 -27.50 7.19
N VAL B 224 -34.22 -27.34 6.03
CA VAL B 224 -32.78 -27.18 5.99
C VAL B 224 -32.36 -25.82 6.53
N GLY B 225 -33.23 -24.82 6.42
CA GLY B 225 -32.97 -23.55 7.07
C GLY B 225 -33.04 -23.64 8.57
N VAL B 226 -33.95 -24.46 9.09
CA VAL B 226 -34.03 -24.67 10.53
C VAL B 226 -32.81 -25.43 11.02
N MET B 227 -32.32 -26.38 10.21
CA MET B 227 -31.09 -27.08 10.55
C MET B 227 -29.89 -26.15 10.54
N LYS B 228 -29.84 -25.24 9.55
CA LYS B 228 -28.82 -24.21 9.51
C LYS B 228 -28.90 -23.31 10.74
N LEU B 229 -30.12 -23.00 11.18
CA LEU B 229 -30.31 -22.15 12.35
C LEU B 229 -29.85 -22.85 13.62
N LEU B 230 -30.13 -24.14 13.75
CA LEU B 230 -29.70 -24.86 14.95
C LEU B 230 -28.19 -25.06 14.95
N ASP B 231 -27.61 -25.26 13.77
CA ASP B 231 -26.16 -25.37 13.68
C ASP B 231 -25.48 -24.06 14.04
N ASN B 232 -26.06 -22.93 13.64
CA ASN B 232 -25.53 -21.64 14.08
C ASN B 232 -25.77 -21.42 15.56
N ALA B 233 -26.88 -21.93 16.08
CA ALA B 233 -27.21 -21.72 17.50
C ALA B 233 -26.31 -22.52 18.41
N PHE B 234 -25.82 -23.66 17.94
CA PHE B 234 -24.92 -24.44 18.78
C PHE B 234 -23.52 -23.87 18.81
N ARG B 235 -23.24 -22.85 18.02
CA ARG B 235 -21.95 -22.17 18.06
C ARG B 235 -21.83 -21.21 19.23
N TYR B 236 -22.85 -21.12 20.08
CA TYR B 236 -22.79 -20.23 21.22
C TYR B 236 -22.39 -20.93 22.50
N ALA B 237 -22.31 -22.26 22.51
CA ALA B 237 -21.90 -23.00 23.70
C ALA B 237 -20.75 -23.95 23.36
N ASP B 238 -20.44 -24.83 24.30
CA ASP B 238 -19.35 -25.80 24.15
C ASP B 238 -19.65 -26.84 23.07
N SER B 246 -22.96 -29.94 22.24
CA SER B 246 -23.27 -30.38 20.90
C SER B 246 -24.65 -31.03 20.85
N GLY B 247 -25.19 -31.20 19.64
CA GLY B 247 -26.53 -31.74 19.51
C GLY B 247 -26.74 -32.59 18.28
N ALA B 248 -27.97 -33.06 18.10
CA ALA B 248 -28.28 -33.94 16.97
C ALA B 248 -29.77 -33.85 16.68
N ALA B 249 -30.15 -34.32 15.49
CA ALA B 249 -31.55 -34.37 15.09
C ALA B 249 -31.73 -35.46 14.05
N TYR B 250 -32.93 -36.03 14.04
CA TYR B 250 -33.29 -37.13 13.14
C TYR B 250 -34.44 -36.71 12.24
N LEU B 251 -34.89 -37.65 11.40
CA LEU B 251 -36.03 -37.48 10.53
C LEU B 251 -36.52 -38.86 10.09
N ASN B 252 -37.84 -39.04 10.06
CA ASN B 252 -38.41 -40.25 9.49
C ASN B 252 -38.12 -40.30 7.99
N ILE B 253 -38.00 -41.52 7.46
CA ILE B 253 -37.41 -41.68 6.14
C ILE B 253 -38.41 -41.32 5.04
N PHE B 254 -39.71 -41.39 5.30
CA PHE B 254 -40.69 -41.25 4.23
C PHE B 254 -41.08 -39.79 4.00
N HIS B 255 -40.06 -38.97 3.76
CA HIS B 255 -40.22 -37.53 3.56
C HIS B 255 -39.66 -37.15 2.20
N ARG B 256 -40.18 -36.06 1.63
CA ARG B 256 -39.62 -35.64 0.35
C ARG B 256 -38.26 -35.00 0.53
N ASP B 257 -38.06 -34.32 1.64
CA ASP B 257 -36.77 -33.72 1.91
C ASP B 257 -35.79 -34.70 2.54
N ILE B 258 -36.09 -36.01 2.54
CA ILE B 258 -35.18 -36.98 3.14
C ILE B 258 -33.89 -37.08 2.34
N ASN B 259 -33.95 -36.81 1.03
CA ASN B 259 -32.75 -36.69 0.21
C ASN B 259 -31.97 -35.47 0.67
N ASP B 260 -32.68 -34.38 0.98
CA ASP B 260 -32.06 -33.21 1.56
C ASP B 260 -31.53 -33.50 2.96
N PHE B 261 -32.07 -34.54 3.61
CA PHE B 261 -31.51 -34.95 4.89
C PHE B 261 -30.13 -35.58 4.71
N LEU B 262 -29.90 -36.11 3.51
CA LEU B 262 -28.59 -36.68 3.12
C LEU B 262 -27.70 -35.54 2.61
N ASP B 263 -28.31 -34.39 2.27
CA ASP B 263 -27.54 -33.27 1.78
C ASP B 263 -26.92 -32.51 2.93
N THR B 264 -27.31 -32.85 4.16
CA THR B 264 -26.77 -32.21 5.35
C THR B 264 -25.31 -32.57 5.56
N LYS B 265 -25.02 -33.87 5.71
CA LYS B 265 -23.65 -34.35 5.84
C LYS B 265 -23.10 -34.65 4.45
N LYS B 266 -23.08 -33.61 3.63
CA LYS B 266 -22.58 -33.69 2.27
C LYS B 266 -21.06 -33.68 2.31
N ILE B 267 -20.44 -34.50 1.44
CA ILE B 267 -18.99 -34.55 1.41
C ILE B 267 -18.41 -33.28 0.79
N SER B 268 -19.20 -32.53 0.04
CA SER B 268 -18.85 -31.18 -0.36
C SER B 268 -19.51 -30.24 0.64
N ALA B 269 -18.72 -29.71 1.56
CA ALA B 269 -19.22 -28.80 2.58
C ALA B 269 -19.54 -27.46 1.93
N ASP B 270 -20.82 -27.11 1.91
CA ASP B 270 -21.28 -25.92 1.22
C ASP B 270 -21.32 -24.72 2.16
N GLU B 271 -21.47 -23.54 1.55
CA GLU B 271 -21.95 -22.36 2.27
C GLU B 271 -23.38 -22.57 2.75
N ASP B 272 -24.26 -22.95 1.82
CA ASP B 272 -25.69 -23.04 2.11
C ASP B 272 -26.00 -24.20 3.05
N VAL B 273 -25.23 -25.28 2.97
CA VAL B 273 -25.34 -26.38 3.95
C VAL B 273 -23.94 -26.55 4.56
N ARG B 274 -23.82 -26.14 5.82
CA ARG B 274 -22.58 -26.33 6.57
C ARG B 274 -22.95 -26.78 7.99
N VAL B 275 -23.00 -28.08 8.20
CA VAL B 275 -23.23 -28.65 9.52
C VAL B 275 -21.86 -28.92 10.13
N LYS B 276 -21.73 -28.65 11.43
CA LYS B 276 -20.50 -28.97 12.15
C LYS B 276 -20.78 -29.72 13.45
N THR B 277 -22.01 -29.67 13.95
CA THR B 277 -22.31 -30.26 15.25
C THR B 277 -23.45 -31.27 15.20
N LEU B 278 -24.40 -31.09 14.28
CA LEU B 278 -25.62 -31.88 14.35
C LEU B 278 -25.39 -33.22 13.65
N SER B 279 -25.35 -34.28 14.44
CA SER B 279 -25.33 -35.60 13.84
C SER B 279 -26.73 -35.97 13.37
N ILE B 280 -26.79 -36.68 12.25
CA ILE B 280 -28.06 -37.11 11.68
C ILE B 280 -28.15 -38.62 11.76
N GLY B 281 -29.38 -39.12 11.74
CA GLY B 281 -29.62 -40.54 11.71
C GLY B 281 -30.98 -40.89 11.17
N VAL B 282 -31.03 -41.74 10.16
CA VAL B 282 -32.27 -42.07 9.48
C VAL B 282 -32.89 -43.29 10.14
N VAL B 283 -34.09 -43.11 10.66
CA VAL B 283 -34.81 -44.20 11.30
C VAL B 283 -35.66 -44.89 10.24
N ILE B 284 -35.36 -46.15 9.97
CA ILE B 284 -35.93 -46.89 8.86
C ILE B 284 -36.91 -47.92 9.41
N PRO B 285 -38.19 -47.80 9.13
CA PRO B 285 -39.14 -48.87 9.46
C PRO B 285 -39.05 -49.99 8.43
N ASP B 286 -39.85 -51.03 8.66
CA ASP B 286 -39.81 -52.20 7.80
C ASP B 286 -40.47 -51.97 6.45
N LYS B 287 -41.26 -50.90 6.33
CA LYS B 287 -41.87 -50.57 5.05
C LYS B 287 -40.83 -50.15 4.03
N PHE B 288 -39.79 -49.43 4.47
CA PHE B 288 -38.79 -48.97 3.52
C PHE B 288 -37.89 -50.11 3.04
N VAL B 289 -37.49 -51.00 3.95
CA VAL B 289 -36.69 -52.13 3.53
C VAL B 289 -37.56 -53.11 2.75
N GLU B 290 -38.88 -53.09 3.00
CA GLU B 290 -39.81 -53.84 2.18
C GLU B 290 -39.84 -53.31 0.76
N LEU B 291 -39.92 -51.99 0.60
CA LEU B 291 -40.03 -51.39 -0.73
C LEU B 291 -38.69 -51.44 -1.47
N ALA B 292 -37.59 -51.36 -0.76
CA ALA B 292 -36.29 -51.46 -1.40
C ALA B 292 -35.90 -52.90 -1.68
N ARG B 293 -36.48 -53.84 -0.92
CA ARG B 293 -36.18 -55.25 -1.11
C ARG B 293 -36.79 -55.77 -2.39
N GLU B 294 -38.02 -55.35 -2.69
CA GLU B 294 -38.69 -55.74 -3.91
C GLU B 294 -38.21 -54.97 -5.13
N ASP B 295 -37.32 -53.98 -4.93
CA ASP B 295 -36.77 -53.12 -5.99
C ASP B 295 -37.87 -52.38 -6.74
N LYS B 296 -38.88 -51.93 -6.01
CA LYS B 296 -40.02 -51.23 -6.59
C LYS B 296 -39.98 -49.78 -6.16
N ALA B 297 -40.57 -48.92 -7.00
CA ALA B 297 -40.54 -47.49 -6.73
C ALA B 297 -41.43 -47.14 -5.54
N ALA B 298 -40.87 -46.35 -4.63
CA ALA B 298 -41.52 -46.00 -3.37
C ALA B 298 -42.05 -44.58 -3.43
N TYR B 299 -42.84 -44.24 -2.41
CA TYR B 299 -43.57 -42.98 -2.36
C TYR B 299 -43.38 -42.32 -1.00
N VAL B 300 -42.65 -41.21 -0.96
CA VAL B 300 -42.67 -40.36 0.21
C VAL B 300 -43.78 -39.33 0.05
N PHE B 301 -44.14 -38.71 1.18
CA PHE B 301 -45.34 -37.92 1.25
C PHE B 301 -45.04 -36.58 1.91
N TYR B 302 -46.08 -35.77 2.01
CA TYR B 302 -45.99 -34.48 2.67
C TYR B 302 -46.72 -34.58 3.99
N PRO B 303 -46.02 -34.53 5.13
CA PRO B 303 -46.69 -34.76 6.41
C PRO B 303 -47.63 -33.65 6.83
N HIS B 304 -47.47 -32.46 6.26
CA HIS B 304 -48.46 -31.41 6.52
C HIS B 304 -49.76 -31.69 5.78
N THR B 305 -49.67 -32.23 4.56
CA THR B 305 -50.88 -32.66 3.87
C THR B 305 -51.49 -33.86 4.56
N ILE B 306 -50.66 -34.72 5.13
CA ILE B 306 -51.14 -35.84 5.92
C ILE B 306 -51.88 -35.34 7.16
N TYR B 307 -51.33 -34.30 7.80
CA TYR B 307 -51.97 -33.73 8.98
C TYR B 307 -53.24 -32.98 8.61
N LYS B 308 -53.28 -32.40 7.42
CA LYS B 308 -54.48 -31.70 6.99
C LYS B 308 -55.54 -32.67 6.50
N GLU B 309 -55.12 -33.87 6.10
CA GLU B 309 -56.07 -34.84 5.56
C GLU B 309 -56.58 -35.81 6.61
N TYR B 310 -55.69 -36.57 7.23
CA TYR B 310 -56.09 -37.57 8.21
C TYR B 310 -56.16 -37.00 9.62
N GLY B 311 -55.47 -35.91 9.90
CA GLY B 311 -55.47 -35.31 11.21
C GLY B 311 -54.21 -35.52 12.02
N GLN B 312 -53.37 -36.48 11.64
CA GLN B 312 -52.16 -36.80 12.39
C GLN B 312 -50.95 -36.68 11.49
N HIS B 313 -49.78 -36.68 12.12
CA HIS B 313 -48.53 -36.70 11.37
C HIS B 313 -48.29 -38.08 10.77
N MET B 314 -47.25 -38.16 9.94
CA MET B 314 -46.95 -39.42 9.27
C MET B 314 -46.37 -40.43 10.22
N ASP B 315 -45.49 -40.00 11.12
CA ASP B 315 -44.93 -40.90 12.12
C ASP B 315 -45.90 -41.23 13.24
N GLU B 316 -47.08 -40.62 13.25
CA GLU B 316 -48.11 -41.04 14.18
C GLU B 316 -48.65 -42.42 13.83
N MET B 317 -48.68 -42.76 12.55
CA MET B 317 -49.24 -44.01 12.09
C MET B 317 -48.16 -44.88 11.47
N ASP B 318 -48.46 -46.18 11.36
CA ASP B 318 -47.52 -47.12 10.77
C ASP B 318 -47.53 -46.99 9.25
N MET B 319 -46.35 -47.06 8.65
CA MET B 319 -46.26 -46.93 7.20
C MET B 319 -46.70 -48.19 6.49
N ASN B 320 -46.53 -49.35 7.13
CA ASN B 320 -46.89 -50.62 6.50
C ASN B 320 -48.41 -50.73 6.30
N GLU B 321 -49.19 -50.20 7.24
CA GLU B 321 -50.63 -50.17 7.06
C GLU B 321 -51.02 -49.08 6.08
N MET B 322 -50.67 -47.84 6.40
CA MET B 322 -51.23 -46.68 5.74
C MET B 322 -50.47 -46.28 4.48
N TYR B 323 -49.53 -47.10 4.01
CA TYR B 323 -48.80 -46.75 2.80
C TYR B 323 -49.72 -46.75 1.58
N ASP B 324 -50.46 -47.84 1.39
CA ASP B 324 -51.40 -47.88 0.28
C ASP B 324 -52.58 -46.96 0.50
N LYS B 325 -52.91 -46.67 1.77
CA LYS B 325 -53.97 -45.72 2.07
C LYS B 325 -53.54 -44.30 1.75
N PHE B 326 -52.23 -44.03 1.79
CA PHE B 326 -51.72 -42.77 1.28
C PHE B 326 -51.60 -42.82 -0.24
N VAL B 327 -51.42 -44.02 -0.80
CA VAL B 327 -51.24 -44.15 -2.24
C VAL B 327 -52.55 -43.86 -2.96
N ASP B 328 -53.65 -44.50 -2.55
CA ASP B 328 -54.89 -44.34 -3.28
C ASP B 328 -55.58 -43.02 -3.00
N ASN B 329 -55.27 -42.37 -1.89
CA ASN B 329 -55.90 -41.11 -1.54
C ASN B 329 -55.27 -39.99 -2.35
N PRO B 330 -56.03 -39.25 -3.16
CA PRO B 330 -55.43 -38.21 -4.01
C PRO B 330 -55.06 -36.95 -3.26
N ARG B 331 -55.40 -36.85 -1.97
CA ARG B 331 -55.24 -35.59 -1.25
C ARG B 331 -53.77 -35.36 -0.89
N VAL B 332 -53.13 -36.34 -0.30
CA VAL B 332 -51.73 -36.19 0.10
C VAL B 332 -50.87 -36.29 -1.16
N LYS B 333 -50.06 -35.25 -1.38
CA LYS B 333 -49.24 -35.19 -2.58
C LYS B 333 -48.12 -36.20 -2.50
N LYS B 334 -47.87 -36.89 -3.60
CA LYS B 334 -46.92 -37.98 -3.67
C LYS B 334 -45.53 -37.46 -4.02
N GLU B 335 -44.55 -38.33 -3.85
CA GLU B 335 -43.27 -38.20 -4.52
C GLU B 335 -42.65 -39.58 -4.66
N LYS B 336 -42.38 -40.00 -5.89
CA LYS B 336 -41.95 -41.36 -6.18
C LYS B 336 -40.46 -41.39 -6.48
N ILE B 337 -39.74 -42.30 -5.80
CA ILE B 337 -38.29 -42.45 -5.91
C ILE B 337 -37.97 -43.94 -6.03
N ASN B 338 -36.70 -44.25 -6.24
CA ASN B 338 -36.18 -45.61 -6.08
C ASN B 338 -35.54 -45.75 -4.71
N PRO B 339 -36.09 -46.58 -3.84
CA PRO B 339 -35.47 -46.78 -2.51
C PRO B 339 -34.16 -47.53 -2.55
N ARG B 340 -33.92 -48.33 -3.60
CA ARG B 340 -32.64 -49.00 -3.73
C ARG B 340 -31.51 -48.02 -4.04
N LYS B 341 -31.81 -46.96 -4.80
CA LYS B 341 -30.84 -45.90 -5.02
C LYS B 341 -30.56 -45.13 -3.74
N LEU B 342 -31.57 -44.97 -2.89
CA LEU B 342 -31.35 -44.37 -1.59
C LEU B 342 -30.51 -45.27 -0.69
N LEU B 343 -30.70 -46.59 -0.79
CA LEU B 343 -29.85 -47.54 -0.08
C LEU B 343 -28.41 -47.44 -0.56
N GLU B 344 -28.22 -47.28 -1.86
CA GLU B 344 -26.88 -47.13 -2.42
C GLU B 344 -26.22 -45.85 -1.93
N LYS B 345 -26.97 -44.75 -1.88
CA LYS B 345 -26.38 -43.49 -1.44
C LYS B 345 -26.14 -43.49 0.07
N LEU B 346 -26.98 -44.21 0.82
CA LEU B 346 -26.77 -44.35 2.26
C LEU B 346 -25.51 -45.16 2.54
N ALA B 347 -25.33 -46.25 1.82
CA ALA B 347 -24.10 -47.05 1.96
C ALA B 347 -22.89 -46.26 1.50
N MET B 348 -23.07 -45.40 0.49
CA MET B 348 -21.97 -44.56 0.03
C MET B 348 -21.55 -43.55 1.10
N LEU B 349 -22.52 -42.91 1.74
CA LEU B 349 -22.18 -41.96 2.80
C LEU B 349 -21.61 -42.67 4.02
N ARG B 350 -22.06 -43.89 4.30
CA ARG B 350 -21.49 -44.66 5.40
C ARG B 350 -20.07 -45.11 5.10
N SER B 351 -19.76 -45.39 3.83
CA SER B 351 -18.38 -45.72 3.48
C SER B 351 -17.52 -44.47 3.41
N GLU B 352 -18.14 -43.32 3.15
CA GLU B 352 -17.40 -42.06 3.17
C GLU B 352 -16.98 -41.72 4.60
N SER B 353 -17.96 -41.59 5.49
CA SER B 353 -17.69 -41.33 6.90
C SER B 353 -18.18 -42.46 7.80
N GLY B 354 -19.47 -42.79 7.73
CA GLY B 354 -20.08 -43.66 8.71
C GLY B 354 -21.43 -43.09 9.07
N TYR B 355 -21.78 -41.98 8.43
CA TYR B 355 -23.03 -41.25 8.59
C TYR B 355 -24.06 -41.76 7.59
N PRO B 356 -25.35 -41.73 7.93
CA PRO B 356 -25.94 -41.41 9.24
C PRO B 356 -26.20 -42.67 10.05
N TYR B 357 -26.94 -42.51 11.13
CA TYR B 357 -27.34 -43.65 11.92
C TYR B 357 -28.58 -44.31 11.32
N ILE B 358 -28.74 -45.59 11.61
CA ILE B 358 -29.85 -46.38 11.08
C ILE B 358 -30.55 -47.07 12.23
N MET B 359 -31.85 -46.81 12.36
CA MET B 359 -32.68 -47.40 13.40
C MET B 359 -33.85 -48.15 12.78
N PHE B 360 -34.02 -49.40 13.19
CA PHE B 360 -35.15 -50.23 12.77
C PHE B 360 -36.21 -50.13 13.85
N GLN B 361 -37.04 -49.09 13.73
CA GLN B 361 -37.99 -48.75 14.79
C GLN B 361 -39.06 -49.81 14.97
N ASP B 362 -39.40 -50.53 13.90
CA ASP B 362 -40.33 -51.63 14.04
C ASP B 362 -39.69 -52.77 14.81
N ASN B 363 -38.40 -53.00 14.58
CA ASN B 363 -37.68 -53.99 15.37
C ASN B 363 -37.52 -53.53 16.82
N VAL B 364 -37.47 -52.21 17.04
CA VAL B 364 -37.47 -51.70 18.41
C VAL B 364 -38.82 -51.95 19.06
N ASN B 365 -39.90 -51.69 18.34
CA ASN B 365 -41.22 -51.92 18.89
C ASN B 365 -41.56 -53.40 18.98
N LYS B 366 -40.84 -54.24 18.23
CA LYS B 366 -41.02 -55.68 18.34
C LYS B 366 -40.61 -56.21 19.71
N VAL B 367 -39.75 -55.49 20.42
CA VAL B 367 -39.37 -55.83 21.78
C VAL B 367 -39.83 -54.79 22.81
N HIS B 368 -40.46 -53.70 22.39
CA HIS B 368 -40.68 -52.60 23.32
C HIS B 368 -41.88 -52.88 24.23
N ALA B 369 -41.58 -52.89 25.53
CA ALA B 369 -42.58 -53.19 26.54
C ALA B 369 -43.61 -52.07 26.67
N ASN B 370 -43.15 -50.83 26.57
CA ASN B 370 -44.07 -49.70 26.65
C ASN B 370 -44.51 -49.25 25.27
N ASN B 371 -44.93 -50.20 24.44
CA ASN B 371 -45.52 -49.86 23.16
C ASN B 371 -46.96 -49.40 23.29
N HIS B 372 -47.57 -49.63 24.46
CA HIS B 372 -48.91 -49.13 24.72
C HIS B 372 -48.93 -47.61 24.80
N ILE B 373 -47.81 -47.00 25.14
CA ILE B 373 -47.73 -45.54 25.14
C ILE B 373 -47.55 -45.01 23.73
N SER B 374 -46.44 -45.38 23.10
CA SER B 374 -46.10 -44.88 21.77
C SER B 374 -45.11 -45.84 21.14
N LYS B 375 -44.55 -45.43 20.00
CA LYS B 375 -43.47 -46.16 19.36
C LYS B 375 -42.21 -45.30 19.39
N VAL B 376 -41.07 -45.96 19.61
CA VAL B 376 -39.80 -45.26 19.62
C VAL B 376 -39.42 -44.91 18.19
N LYS B 377 -39.06 -43.65 17.96
CA LYS B 377 -38.81 -43.16 16.62
C LYS B 377 -37.45 -42.49 16.47
N PHE B 378 -36.61 -42.53 17.51
CA PHE B 378 -35.37 -41.75 17.56
C PHE B 378 -34.55 -42.24 18.75
N SER B 379 -33.30 -41.79 18.79
CA SER B 379 -32.41 -42.08 19.92
C SER B 379 -31.52 -40.85 20.14
N ASN B 380 -30.50 -41.01 20.96
CA ASN B 380 -29.62 -39.92 21.34
C ASN B 380 -28.36 -39.91 20.49
N LEU B 381 -27.47 -38.96 20.79
CA LEU B 381 -26.14 -38.96 20.22
C LEU B 381 -25.37 -40.19 20.66
N CYS B 382 -25.55 -40.60 21.91
CA CYS B 382 -24.97 -41.85 22.37
C CYS B 382 -25.64 -43.07 21.77
N SER B 383 -26.77 -42.90 21.07
CA SER B 383 -27.43 -43.91 20.23
C SER B 383 -27.80 -45.16 21.03
N GLU B 384 -28.25 -44.96 22.23
CA GLU B 384 -28.47 -46.10 23.10
C GLU B 384 -29.84 -46.12 23.72
N VAL B 385 -30.40 -44.95 24.02
CA VAL B 385 -31.61 -44.86 24.81
C VAL B 385 -32.81 -44.88 23.87
N LEU B 386 -33.75 -45.78 24.15
CA LEU B 386 -34.97 -45.92 23.36
C LEU B 386 -36.14 -46.00 24.33
N GLN B 387 -36.91 -44.91 24.42
CA GLN B 387 -38.06 -44.83 25.30
C GLN B 387 -39.27 -44.31 24.52
N ALA B 388 -40.39 -44.15 25.22
CA ALA B 388 -41.57 -43.55 24.62
C ALA B 388 -41.52 -42.03 24.79
N SER B 389 -42.31 -41.33 23.97
CA SER B 389 -42.23 -39.89 23.93
C SER B 389 -43.55 -39.30 23.46
N GLN B 390 -43.73 -38.02 23.75
CA GLN B 390 -44.90 -37.26 23.28
C GLN B 390 -44.46 -35.84 22.98
N VAL B 391 -44.81 -35.36 21.79
CA VAL B 391 -44.44 -34.01 21.38
C VAL B 391 -45.32 -33.00 22.12
N SER B 392 -44.73 -31.88 22.50
CA SER B 392 -45.48 -30.82 23.17
C SER B 392 -46.06 -29.84 22.14
N SER B 393 -46.72 -28.80 22.61
CA SER B 393 -47.12 -27.70 21.72
C SER B 393 -47.10 -26.39 22.49
N TYR B 394 -46.38 -25.42 21.96
CA TYR B 394 -46.19 -24.12 22.59
C TYR B 394 -46.87 -23.04 21.76
N THR B 395 -47.80 -22.35 22.37
CA THR B 395 -48.49 -21.20 21.78
C THR B 395 -47.73 -19.93 22.16
N ASP B 396 -48.38 -18.77 22.04
CA ASP B 396 -47.75 -17.50 22.35
C ASP B 396 -47.51 -17.35 23.85
N TYR B 397 -46.89 -16.23 24.22
CA TYR B 397 -46.45 -16.01 25.59
C TYR B 397 -47.63 -15.80 26.52
N ASP B 398 -48.58 -14.96 26.11
CA ASP B 398 -49.80 -14.78 26.89
C ASP B 398 -50.69 -16.01 26.83
N GLU B 399 -50.58 -16.80 25.76
CA GLU B 399 -51.40 -17.98 25.60
C GLU B 399 -50.80 -19.17 26.33
N GLU B 400 -51.61 -20.21 26.48
CA GLU B 400 -51.21 -21.38 27.23
C GLU B 400 -50.62 -22.44 26.32
N ASP B 401 -49.70 -23.23 26.86
CA ASP B 401 -48.95 -24.22 26.11
C ASP B 401 -49.27 -25.62 26.59
N GLU B 402 -48.50 -26.59 26.09
CA GLU B 402 -48.69 -27.99 26.42
C GLU B 402 -47.40 -28.57 26.98
N ILE B 403 -47.53 -29.62 27.79
CA ILE B 403 -46.41 -30.29 28.43
C ILE B 403 -46.40 -31.73 27.94
N GLY B 404 -45.54 -32.03 26.98
CA GLY B 404 -45.48 -33.38 26.46
C GLY B 404 -44.61 -34.31 27.28
N LEU B 405 -44.06 -35.35 26.64
CA LEU B 405 -43.20 -36.31 27.31
C LEU B 405 -41.80 -36.23 26.74
N ASP B 406 -40.80 -36.46 27.59
CA ASP B 406 -39.43 -36.43 27.12
C ASP B 406 -38.64 -37.64 27.60
N ILE B 407 -37.34 -37.65 27.37
CA ILE B 407 -36.48 -38.78 27.68
C ILE B 407 -35.21 -38.26 28.34
N SER B 408 -34.87 -38.81 29.50
CA SER B 408 -33.59 -38.54 30.16
C SER B 408 -33.16 -39.81 30.89
N CYS B 409 -32.04 -40.37 30.48
CA CYS B 409 -31.55 -41.64 31.01
C CYS B 409 -30.14 -41.46 31.54
N ASN B 410 -29.96 -41.64 32.85
CA ASN B 410 -28.65 -41.51 33.43
C ASN B 410 -27.77 -42.71 33.08
N LEU B 411 -26.48 -42.56 33.30
CA LEU B 411 -25.48 -43.53 32.90
C LEU B 411 -24.74 -44.04 34.14
N GLY B 412 -23.67 -44.80 33.91
CA GLY B 412 -22.91 -45.42 34.97
C GLY B 412 -22.70 -46.89 34.71
N SER B 413 -21.45 -47.34 34.67
CA SER B 413 -21.11 -48.68 34.20
C SER B 413 -20.51 -49.50 35.34
N LEU B 414 -20.35 -50.79 35.09
CA LEU B 414 -19.71 -51.68 36.04
C LEU B 414 -18.64 -52.49 35.31
N ASN B 415 -17.87 -53.25 36.08
CA ASN B 415 -16.81 -54.07 35.53
C ASN B 415 -17.28 -55.51 35.47
N ILE B 416 -17.20 -56.10 34.28
CA ILE B 416 -17.43 -57.54 34.15
C ILE B 416 -16.36 -58.31 34.91
N LEU B 417 -15.11 -57.84 34.83
CA LEU B 417 -13.99 -58.52 35.45
C LEU B 417 -14.12 -58.56 36.96
N ASN B 418 -14.36 -57.40 37.57
CA ASN B 418 -14.39 -57.33 39.03
C ASN B 418 -15.64 -57.97 39.61
N VAL B 419 -16.76 -57.89 38.92
CA VAL B 419 -17.96 -58.58 39.39
C VAL B 419 -17.78 -60.09 39.26
N MET B 420 -17.20 -60.54 38.14
CA MET B 420 -16.97 -61.96 37.93
C MET B 420 -15.88 -62.51 38.83
N GLU B 421 -15.01 -61.66 39.38
CA GLU B 421 -14.02 -62.15 40.32
C GLU B 421 -14.46 -62.04 41.77
N HIS B 422 -15.22 -61.02 42.12
CA HIS B 422 -15.63 -60.81 43.50
C HIS B 422 -16.98 -61.44 43.82
N LYS B 423 -17.83 -61.65 42.82
CA LYS B 423 -19.05 -62.45 42.90
C LYS B 423 -20.07 -61.88 43.90
N SER B 424 -20.14 -60.55 44.00
CA SER B 424 -21.16 -59.86 44.79
C SER B 424 -22.23 -59.26 43.89
N ILE B 425 -22.62 -60.02 42.87
CA ILE B 425 -23.33 -59.50 41.71
C ILE B 425 -24.71 -58.96 42.08
N GLU B 426 -25.41 -59.65 42.98
CA GLU B 426 -26.73 -59.19 43.38
C GLU B 426 -26.64 -57.94 44.24
N LYS B 427 -25.69 -57.90 45.18
CA LYS B 427 -25.50 -56.71 45.98
C LYS B 427 -24.94 -55.56 45.14
N THR B 428 -24.19 -55.88 44.10
CA THR B 428 -23.78 -54.89 43.11
C THR B 428 -24.99 -54.27 42.43
N VAL B 429 -25.96 -55.11 42.05
CA VAL B 429 -27.20 -54.62 41.45
C VAL B 429 -27.97 -53.75 42.45
N LYS B 430 -27.99 -54.17 43.72
CA LYS B 430 -28.64 -53.42 44.79
C LYS B 430 -28.06 -52.02 44.92
N LEU B 431 -26.74 -51.93 45.10
CA LEU B 431 -26.09 -50.64 45.34
C LEU B 431 -26.13 -49.75 44.10
N ALA B 432 -25.95 -50.32 42.91
CA ALA B 432 -26.00 -49.54 41.68
C ALA B 432 -27.41 -49.00 41.44
N THR B 433 -28.42 -49.81 41.73
CA THR B 433 -29.79 -49.37 41.53
C THR B 433 -30.18 -48.30 42.53
N ASP B 434 -29.73 -48.43 43.77
CA ASP B 434 -30.01 -47.41 44.78
C ASP B 434 -29.32 -46.09 44.46
N SER B 435 -28.09 -46.16 43.96
CA SER B 435 -27.37 -44.94 43.60
C SER B 435 -28.00 -44.27 42.39
N LEU B 436 -28.37 -45.06 41.38
CA LEU B 436 -29.03 -44.48 40.21
C LEU B 436 -30.40 -43.94 40.56
N THR B 437 -31.08 -44.56 41.52
CA THR B 437 -32.34 -44.03 42.03
C THR B 437 -32.12 -42.70 42.72
N HIS B 438 -31.03 -42.59 43.48
CA HIS B 438 -30.72 -41.34 44.16
C HIS B 438 -30.38 -40.23 43.16
N VAL B 439 -29.69 -40.58 42.08
CA VAL B 439 -29.37 -39.62 41.03
C VAL B 439 -30.64 -39.15 40.33
N SER B 440 -31.54 -40.08 40.01
CA SER B 440 -32.80 -39.71 39.37
C SER B 440 -33.69 -38.91 40.30
N GLU B 441 -33.55 -39.11 41.61
CA GLU B 441 -34.34 -38.32 42.56
C GLU B 441 -33.80 -36.91 42.68
N THR B 442 -32.48 -36.75 42.74
CA THR B 442 -31.92 -35.44 43.05
C THR B 442 -31.93 -34.51 41.84
N THR B 443 -31.90 -35.06 40.63
CA THR B 443 -31.75 -34.24 39.44
C THR B 443 -33.05 -33.51 39.12
N ASP B 444 -32.95 -32.21 38.83
CA ASP B 444 -34.12 -31.41 38.50
C ASP B 444 -33.78 -30.40 37.42
N ILE B 445 -34.77 -30.10 36.59
CA ILE B 445 -34.65 -29.16 35.48
C ILE B 445 -35.69 -28.05 35.68
N ARG B 446 -35.27 -26.80 35.49
CA ARG B 446 -36.15 -25.67 35.76
C ARG B 446 -36.35 -24.77 34.53
N ASN B 447 -36.10 -25.28 33.34
CA ASN B 447 -36.37 -24.53 32.11
C ASN B 447 -37.46 -25.14 31.27
N ALA B 448 -37.30 -26.40 30.86
CA ALA B 448 -38.35 -27.14 30.17
C ALA B 448 -39.00 -28.07 31.18
N PRO B 449 -40.24 -27.82 31.57
CA PRO B 449 -40.89 -28.70 32.56
C PRO B 449 -41.30 -30.04 31.99
N ALA B 450 -41.21 -30.23 30.67
CA ALA B 450 -41.61 -31.51 30.08
C ALA B 450 -40.64 -32.61 30.44
N VAL B 451 -39.34 -32.33 30.38
CA VAL B 451 -38.34 -33.32 30.76
C VAL B 451 -38.35 -33.52 32.28
N ARG B 452 -38.71 -32.46 33.01
CA ARG B 452 -38.90 -32.57 34.45
C ARG B 452 -40.03 -33.53 34.80
N ARG B 453 -41.17 -33.35 34.13
CA ARG B 453 -42.30 -34.26 34.26
C ARG B 453 -41.96 -35.66 33.80
N ALA B 454 -41.16 -35.78 32.74
CA ALA B 454 -40.79 -37.09 32.21
C ALA B 454 -39.89 -37.85 33.17
N ASN B 455 -38.91 -37.17 33.75
CA ASN B 455 -38.06 -37.82 34.75
C ASN B 455 -38.81 -38.08 36.04
N LYS B 456 -39.83 -37.26 36.33
CA LYS B 456 -40.63 -37.52 37.51
C LYS B 456 -41.58 -38.68 37.31
N ALA B 457 -42.00 -38.92 36.07
CA ALA B 457 -43.01 -39.93 35.78
C ALA B 457 -42.41 -41.29 35.45
N MET B 458 -41.38 -41.33 34.62
CA MET B 458 -40.86 -42.61 34.16
C MET B 458 -40.02 -43.29 35.22
N LYS B 459 -39.21 -42.52 35.96
CA LYS B 459 -38.20 -43.02 36.89
C LYS B 459 -37.29 -44.03 36.21
N SER B 460 -36.84 -43.67 35.01
CA SER B 460 -36.09 -44.56 34.14
C SER B 460 -34.60 -44.44 34.40
N ILE B 461 -33.92 -45.57 34.45
CA ILE B 461 -32.48 -45.59 34.65
C ILE B 461 -31.83 -46.31 33.47
N GLY B 462 -30.51 -46.24 33.45
CA GLY B 462 -29.74 -46.97 32.47
C GLY B 462 -28.50 -47.58 33.07
N LEU B 463 -28.33 -48.89 32.94
CA LEU B 463 -27.18 -49.59 33.50
C LEU B 463 -26.43 -50.30 32.39
N GLY B 464 -25.10 -50.19 32.43
CA GLY B 464 -24.25 -50.87 31.48
C GLY B 464 -23.04 -51.49 32.15
N ALA B 465 -22.12 -52.01 31.34
CA ALA B 465 -20.93 -52.68 31.85
C ALA B 465 -19.80 -52.51 30.85
N MET B 466 -18.59 -52.88 31.27
CA MET B 466 -17.42 -52.80 30.42
C MET B 466 -16.52 -53.98 30.70
N ASN B 467 -15.39 -54.03 29.98
CA ASN B 467 -14.37 -55.07 30.09
C ASN B 467 -14.92 -56.45 29.79
N LEU B 468 -15.41 -56.60 28.55
CA LEU B 468 -15.81 -57.91 28.07
C LEU B 468 -14.66 -58.61 27.35
N HIS B 469 -14.09 -57.94 26.34
CA HIS B 469 -13.01 -58.54 25.56
C HIS B 469 -11.76 -58.70 26.39
N GLY B 470 -11.45 -57.71 27.22
CA GLY B 470 -10.23 -57.79 28.02
C GLY B 470 -10.31 -58.83 29.11
N TYR B 471 -11.46 -58.95 29.76
CA TYR B 471 -11.60 -59.94 30.83
C TYR B 471 -11.64 -61.36 30.27
N LEU B 472 -12.51 -61.60 29.29
CA LEU B 472 -12.66 -62.94 28.74
C LEU B 472 -11.41 -63.35 27.96
N ALA B 473 -10.81 -62.41 27.25
CA ALA B 473 -9.55 -62.68 26.56
C ALA B 473 -8.42 -62.83 27.56
N GLN B 474 -8.54 -62.22 28.74
CA GLN B 474 -7.58 -62.43 29.80
C GLN B 474 -7.73 -63.80 30.44
N ASN B 475 -8.93 -64.37 30.37
CA ASN B 475 -9.15 -65.73 30.85
C ASN B 475 -8.68 -66.79 29.86
N GLY B 476 -8.37 -66.40 28.62
CA GLY B 476 -7.97 -67.36 27.62
C GLY B 476 -9.12 -67.82 26.77
N ILE B 477 -10.06 -66.91 26.50
CA ILE B 477 -11.22 -67.19 25.66
C ILE B 477 -11.18 -66.23 24.48
N ALA B 478 -11.39 -66.75 23.27
CA ALA B 478 -11.44 -65.91 22.10
C ALA B 478 -12.70 -65.05 22.10
N TYR B 479 -12.58 -63.85 21.55
CA TYR B 479 -13.75 -62.97 21.42
C TYR B 479 -14.73 -63.49 20.39
N GLU B 480 -14.20 -64.15 19.35
CA GLU B 480 -15.03 -64.72 18.29
C GLU B 480 -15.44 -66.15 18.59
N SER B 481 -15.57 -66.49 19.81
CA SER B 481 -16.04 -67.79 20.24
C SER B 481 -17.54 -67.75 20.53
N PRO B 482 -18.26 -68.83 20.24
CA PRO B 482 -19.63 -68.96 20.76
C PRO B 482 -19.67 -69.16 22.26
N GLU B 483 -18.54 -69.57 22.85
CA GLU B 483 -18.40 -69.63 24.30
C GLU B 483 -18.62 -68.26 24.92
N ALA B 484 -18.00 -67.23 24.35
CA ALA B 484 -18.19 -65.87 24.85
C ALA B 484 -19.62 -65.38 24.63
N ARG B 485 -20.27 -65.86 23.57
CA ARG B 485 -21.65 -65.48 23.32
C ARG B 485 -22.59 -66.13 24.34
N ASP B 486 -22.37 -67.40 24.65
CA ASP B 486 -23.13 -68.05 25.71
C ASP B 486 -22.80 -67.46 27.08
N PHE B 487 -21.57 -66.99 27.25
CA PHE B 487 -21.17 -66.31 28.48
C PHE B 487 -21.96 -65.03 28.67
N ALA B 488 -22.02 -64.21 27.61
CA ALA B 488 -22.81 -62.98 27.67
C ALA B 488 -24.29 -63.29 27.85
N ASN B 489 -24.77 -64.36 27.20
CA ASN B 489 -26.14 -64.81 27.33
C ASN B 489 -26.50 -65.13 28.78
N THR B 490 -25.73 -66.01 29.40
CA THR B 490 -26.00 -66.42 30.77
C THR B 490 -25.78 -65.29 31.75
N PHE B 491 -24.70 -64.52 31.58
CA PHE B 491 -24.36 -63.45 32.50
C PHE B 491 -25.40 -62.34 32.45
N PHE B 492 -25.84 -61.96 31.26
CA PHE B 492 -26.82 -60.91 31.17
C PHE B 492 -28.21 -61.42 31.50
N MET B 493 -28.45 -62.73 31.38
CA MET B 493 -29.65 -63.32 31.97
C MET B 493 -29.63 -63.17 33.48
N MET B 494 -28.47 -63.39 34.10
CA MET B 494 -28.37 -63.31 35.55
C MET B 494 -28.51 -61.87 36.04
N VAL B 495 -27.88 -60.92 35.34
CA VAL B 495 -28.02 -59.53 35.76
C VAL B 495 -29.40 -58.99 35.39
N ASN B 496 -30.04 -59.59 34.39
CA ASN B 496 -31.42 -59.24 34.08
C ASN B 496 -32.34 -59.72 35.19
N PHE B 497 -32.08 -60.95 35.68
CA PHE B 497 -32.80 -61.49 36.81
C PHE B 497 -32.64 -60.61 38.04
N TYR B 498 -31.41 -60.23 38.36
CA TYR B 498 -31.15 -59.42 39.53
C TYR B 498 -31.68 -58.01 39.38
N SER B 499 -31.65 -57.44 38.18
CA SER B 499 -32.14 -56.08 37.98
C SER B 499 -33.65 -56.03 38.06
N ILE B 500 -34.33 -57.01 37.46
CA ILE B 500 -35.79 -57.06 37.54
C ILE B 500 -36.21 -57.39 38.97
N GLN B 501 -35.44 -58.24 39.64
CA GLN B 501 -35.68 -58.55 41.04
C GLN B 501 -35.54 -57.32 41.93
N ARG B 502 -34.51 -56.52 41.67
CA ARG B 502 -34.30 -55.31 42.45
C ARG B 502 -35.36 -54.27 42.15
N SER B 503 -35.78 -54.15 40.89
CA SER B 503 -36.81 -53.17 40.54
C SER B 503 -38.15 -53.55 41.14
N ALA B 504 -38.46 -54.85 41.16
CA ALA B 504 -39.69 -55.31 41.76
C ALA B 504 -39.66 -55.17 43.28
N GLU B 505 -38.50 -55.44 43.88
CA GLU B 505 -38.33 -55.22 45.31
C GLU B 505 -38.46 -53.75 45.66
N ILE B 506 -37.93 -52.87 44.82
CA ILE B 506 -37.98 -51.44 45.07
C ILE B 506 -39.38 -50.91 44.90
N ALA B 507 -40.11 -51.38 43.89
CA ALA B 507 -41.51 -50.99 43.73
C ALA B 507 -42.38 -51.57 44.84
N LYS B 508 -41.95 -52.67 45.45
CA LYS B 508 -42.64 -53.16 46.64
C LYS B 508 -42.35 -52.29 47.85
N GLU B 509 -41.07 -51.95 48.07
CA GLU B 509 -40.65 -51.21 49.25
C GLU B 509 -41.19 -49.79 49.22
N LYS B 510 -41.20 -49.16 48.05
CA LYS B 510 -41.90 -47.89 47.89
C LYS B 510 -43.41 -48.10 47.93
N GLY B 511 -43.88 -49.30 47.61
CA GLY B 511 -45.30 -49.53 47.44
C GLY B 511 -45.88 -48.86 46.23
N GLU B 512 -45.06 -48.56 45.22
CA GLU B 512 -45.43 -47.68 44.12
C GLU B 512 -44.49 -47.89 42.94
N THR B 513 -45.07 -47.94 41.74
CA THR B 513 -44.37 -48.26 40.52
C THR B 513 -44.25 -47.04 39.63
N PHE B 514 -43.67 -47.22 38.44
CA PHE B 514 -43.69 -46.13 37.49
C PHE B 514 -45.06 -46.01 36.84
N ASP B 515 -45.27 -44.91 36.13
CA ASP B 515 -46.56 -44.60 35.55
C ASP B 515 -46.75 -45.35 34.24
N GLN B 516 -48.01 -45.69 33.96
CA GLN B 516 -48.44 -46.58 32.87
C GLN B 516 -47.70 -47.91 32.90
N TYR B 517 -47.51 -48.43 34.12
CA TYR B 517 -46.90 -49.73 34.29
C TYR B 517 -47.83 -50.84 33.80
N GLU B 518 -49.14 -50.60 33.90
CA GLU B 518 -50.14 -51.62 33.62
C GLU B 518 -50.18 -52.03 32.16
N GLY B 519 -49.89 -51.11 31.24
CA GLY B 519 -49.88 -51.45 29.84
C GLY B 519 -48.57 -52.04 29.35
N SER B 520 -47.56 -52.06 30.20
CA SER B 520 -46.27 -52.64 29.85
C SER B 520 -46.35 -54.17 29.92
N THR B 521 -45.32 -54.82 29.35
CA THR B 521 -45.27 -56.27 29.39
C THR B 521 -44.90 -56.82 30.76
N TYR B 522 -44.37 -55.98 31.64
CA TYR B 522 -44.02 -56.43 32.99
C TYR B 522 -45.27 -56.67 33.82
N ALA B 523 -46.30 -55.84 33.65
CA ALA B 523 -47.55 -56.06 34.38
C ALA B 523 -48.31 -57.28 33.88
N THR B 524 -48.11 -57.65 32.62
CA THR B 524 -48.71 -58.83 32.05
C THR B 524 -47.75 -60.02 32.03
N GLY B 525 -46.50 -59.82 32.46
CA GLY B 525 -45.56 -60.91 32.54
C GLY B 525 -45.02 -61.38 31.21
N GLU B 526 -45.20 -60.60 30.14
CA GLU B 526 -44.83 -61.06 28.82
C GLU B 526 -43.32 -61.02 28.57
N TYR B 527 -42.61 -60.13 29.27
CA TYR B 527 -41.15 -60.14 29.18
C TYR B 527 -40.57 -61.38 29.85
N PHE B 528 -41.25 -61.91 30.86
CA PHE B 528 -40.83 -63.13 31.51
C PHE B 528 -41.28 -64.38 30.75
N ASP B 529 -42.20 -64.21 29.79
CA ASP B 529 -42.67 -65.34 29.00
C ASP B 529 -41.56 -65.94 28.16
N LYS B 530 -40.59 -65.11 27.75
CA LYS B 530 -39.38 -65.63 27.15
C LYS B 530 -38.52 -66.38 28.16
N TYR B 531 -38.59 -65.98 29.44
CA TYR B 531 -37.70 -66.49 30.46
C TYR B 531 -38.33 -67.54 31.38
N VAL B 532 -39.66 -67.70 31.36
CA VAL B 532 -40.27 -68.80 32.10
C VAL B 532 -39.99 -70.13 31.43
N SER B 533 -39.62 -70.10 30.16
CA SER B 533 -39.01 -71.22 29.45
C SER B 533 -37.62 -70.78 29.00
N THR B 534 -36.97 -71.63 28.21
CA THR B 534 -35.68 -71.36 27.53
C THR B 534 -34.58 -70.98 28.53
N ASP B 535 -34.19 -71.98 29.33
CA ASP B 535 -33.17 -71.77 30.34
C ASP B 535 -31.81 -71.47 29.69
N PHE B 536 -31.20 -70.37 30.13
CA PHE B 536 -29.95 -69.87 29.58
C PHE B 536 -28.76 -70.30 30.42
N SER B 537 -28.83 -71.53 30.96
CA SER B 537 -27.71 -72.13 31.65
C SER B 537 -26.52 -72.31 30.69
N PRO B 538 -25.29 -72.23 31.19
CA PRO B 538 -24.12 -72.29 30.31
C PRO B 538 -23.95 -73.66 29.67
N LYS B 539 -23.86 -73.68 28.35
CA LYS B 539 -23.69 -74.91 27.59
C LYS B 539 -22.23 -75.24 27.34
N TYR B 540 -21.31 -74.42 27.84
CA TYR B 540 -19.88 -74.64 27.68
C TYR B 540 -19.23 -74.79 29.04
N GLU B 541 -18.14 -75.57 29.08
CA GLU B 541 -17.57 -76.02 30.35
C GLU B 541 -16.75 -74.92 31.02
N LYS B 542 -15.94 -74.18 30.27
CA LYS B 542 -15.17 -73.10 30.86
C LYS B 542 -16.08 -71.92 31.20
N ILE B 543 -17.11 -71.73 30.39
CA ILE B 543 -18.11 -70.69 30.64
C ILE B 543 -18.87 -70.98 31.92
N ALA B 544 -19.29 -72.24 32.11
CA ALA B 544 -19.95 -72.64 33.34
C ALA B 544 -19.00 -72.56 34.53
N ASN B 545 -17.74 -72.95 34.34
CA ASN B 545 -16.77 -72.92 35.42
C ASN B 545 -16.43 -71.51 35.87
N LEU B 546 -16.49 -70.55 34.95
CA LEU B 546 -16.42 -69.15 35.36
C LEU B 546 -17.64 -68.77 36.18
N PHE B 547 -18.81 -69.28 35.79
CA PHE B 547 -20.03 -69.04 36.54
C PHE B 547 -20.20 -69.95 37.75
N GLU B 548 -19.31 -70.93 37.93
CA GLU B 548 -19.38 -71.74 39.14
C GLU B 548 -18.94 -70.93 40.35
N GLY B 549 -19.43 -71.33 41.52
CA GLY B 549 -19.26 -70.55 42.73
C GLY B 549 -20.47 -69.71 43.08
N MET B 550 -21.48 -69.69 42.21
CA MET B 550 -22.70 -68.95 42.49
C MET B 550 -23.86 -69.64 41.80
N HIS B 551 -25.05 -69.49 42.36
CA HIS B 551 -26.24 -70.12 41.81
C HIS B 551 -26.68 -69.39 40.54
N ILE B 552 -26.90 -70.16 39.48
CA ILE B 552 -27.39 -69.61 38.21
C ILE B 552 -28.90 -69.71 38.22
N PRO B 553 -29.63 -68.60 38.06
CA PRO B 553 -31.09 -68.65 38.10
C PRO B 553 -31.67 -69.35 36.88
N THR B 554 -32.50 -70.36 37.12
CA THR B 554 -33.16 -71.08 36.06
C THR B 554 -34.49 -70.41 35.74
N THR B 555 -35.31 -71.08 34.92
CA THR B 555 -36.59 -70.53 34.52
C THR B 555 -37.58 -70.48 35.67
N GLU B 556 -37.43 -71.35 36.67
CA GLU B 556 -38.31 -71.31 37.82
C GLU B 556 -38.05 -70.09 38.69
N ASP B 557 -36.79 -69.66 38.76
CA ASP B 557 -36.46 -68.39 39.39
C ASP B 557 -37.10 -67.24 38.63
N TRP B 558 -37.14 -67.33 37.30
CA TRP B 558 -37.85 -66.35 36.50
C TRP B 558 -39.36 -66.41 36.71
N LYS B 559 -39.87 -67.60 37.03
CA LYS B 559 -41.30 -67.74 37.31
C LYS B 559 -41.68 -67.11 38.63
N LYS B 560 -40.86 -67.34 39.67
CA LYS B 560 -41.09 -66.66 40.95
C LYS B 560 -40.86 -65.17 40.83
N LEU B 561 -39.91 -64.76 39.97
CA LEU B 561 -39.72 -63.34 39.69
C LEU B 561 -40.93 -62.75 38.99
N LYS B 562 -41.54 -63.50 38.06
CA LYS B 562 -42.73 -63.06 37.37
C LYS B 562 -43.91 -62.94 38.32
N ALA B 563 -44.02 -63.89 39.26
CA ALA B 563 -45.08 -63.83 40.26
C ALA B 563 -44.88 -62.67 41.22
N PHE B 564 -43.63 -62.36 41.55
CA PHE B 564 -43.36 -61.23 42.42
C PHE B 564 -43.56 -59.90 41.69
N VAL B 565 -43.30 -59.86 40.39
CA VAL B 565 -43.54 -58.65 39.62
C VAL B 565 -45.04 -58.41 39.47
N ALA B 566 -45.79 -59.47 39.15
CA ALA B 566 -47.24 -59.38 39.12
C ALA B 566 -47.84 -59.16 40.51
N GLU B 567 -47.08 -59.47 41.56
CA GLU B 567 -47.55 -59.22 42.92
C GLU B 567 -47.57 -57.73 43.24
N HIS B 568 -46.47 -57.04 42.97
CA HIS B 568 -46.37 -55.62 43.28
C HIS B 568 -46.23 -54.74 42.04
N GLY B 569 -45.23 -54.99 41.21
CA GLY B 569 -44.91 -54.15 40.09
C GLY B 569 -43.43 -53.92 39.99
N MET B 570 -43.01 -53.28 38.91
CA MET B 570 -41.62 -52.92 38.70
C MET B 570 -41.47 -51.41 38.76
N TYR B 571 -40.30 -50.95 39.19
CA TYR B 571 -40.13 -49.53 39.48
C TYR B 571 -39.65 -48.72 38.29
N HIS B 572 -38.79 -49.28 37.45
CA HIS B 572 -38.21 -48.56 36.34
C HIS B 572 -38.78 -49.07 35.03
N SER B 573 -39.26 -48.15 34.19
CA SER B 573 -39.72 -48.51 32.87
C SER B 573 -38.57 -49.00 31.99
N TYR B 574 -37.36 -48.51 32.23
CA TYR B 574 -36.16 -49.02 31.58
C TYR B 574 -35.04 -49.03 32.60
N ARG B 575 -34.13 -49.99 32.47
CA ARG B 575 -33.08 -50.15 33.46
C ARG B 575 -31.69 -50.16 32.84
N LEU B 576 -31.61 -50.50 31.56
CA LEU B 576 -30.35 -50.85 30.95
C LEU B 576 -30.10 -50.01 29.71
N CYS B 577 -28.85 -49.58 29.54
CA CYS B 577 -28.39 -49.04 28.27
C CYS B 577 -26.89 -49.25 28.21
N ILE B 578 -26.36 -49.30 27.00
CA ILE B 578 -24.93 -49.50 26.79
C ILE B 578 -24.40 -48.33 25.97
N ALA B 579 -23.48 -47.57 26.57
CA ALA B 579 -22.86 -46.39 26.01
C ALA B 579 -21.37 -46.63 25.82
N PRO B 580 -20.74 -45.97 24.84
CA PRO B 580 -19.28 -46.04 24.73
C PRO B 580 -18.59 -45.25 25.83
N THR B 581 -18.48 -45.85 27.02
CA THR B 581 -17.91 -45.18 28.19
C THR B 581 -16.42 -45.47 28.30
N GLY B 582 -15.67 -45.05 27.27
CA GLY B 582 -14.25 -45.30 27.23
C GLY B 582 -13.40 -44.28 27.96
N SER B 583 -14.01 -43.18 28.40
CA SER B 583 -13.25 -42.11 29.03
C SER B 583 -12.86 -42.44 30.46
N ILE B 584 -13.38 -43.54 31.02
CA ILE B 584 -13.11 -43.91 32.40
C ILE B 584 -12.42 -45.25 32.51
N SER B 585 -12.07 -45.90 31.41
CA SER B 585 -11.42 -47.21 31.47
C SER B 585 -10.01 -47.12 32.03
N TYR B 586 -9.32 -46.00 31.81
CA TYR B 586 -7.96 -45.83 32.29
C TYR B 586 -7.94 -45.75 33.80
N VAL B 587 -8.80 -44.91 34.37
CA VAL B 587 -8.85 -44.78 35.81
C VAL B 587 -9.52 -46.00 36.44
N GLN B 588 -10.33 -46.72 35.67
CA GLN B 588 -10.80 -48.02 36.12
C GLN B 588 -9.78 -49.12 35.88
N SER B 589 -8.63 -48.79 35.31
CA SER B 589 -7.51 -49.70 35.07
C SER B 589 -7.94 -50.89 34.21
N SER B 590 -8.87 -50.66 33.30
CA SER B 590 -9.58 -51.72 32.63
C SER B 590 -9.66 -51.42 31.15
N THR B 591 -10.21 -52.36 30.41
CA THR B 591 -10.40 -52.18 28.98
C THR B 591 -11.71 -51.45 28.73
N ALA B 592 -12.12 -51.39 27.47
CA ALA B 592 -13.32 -50.68 27.06
C ALA B 592 -14.57 -51.49 27.36
N SER B 593 -15.68 -51.10 26.74
CA SER B 593 -16.93 -51.84 26.87
C SER B 593 -16.92 -53.09 26.01
N VAL B 594 -18.10 -53.66 25.76
CA VAL B 594 -18.23 -54.93 25.07
C VAL B 594 -17.74 -54.92 23.62
N MET B 595 -17.52 -53.75 23.04
CA MET B 595 -16.81 -53.66 21.77
C MET B 595 -15.39 -54.17 21.95
N PRO B 596 -14.89 -55.01 21.05
CA PRO B 596 -13.53 -55.53 21.21
C PRO B 596 -12.49 -54.45 20.94
N ILE B 597 -11.28 -54.71 21.43
CA ILE B 597 -10.23 -53.70 21.36
C ILE B 597 -9.74 -53.55 19.93
N MET B 598 -9.09 -52.43 19.66
CA MET B 598 -8.49 -52.24 18.35
C MET B 598 -7.01 -52.56 18.38
N GLU B 599 -6.29 -52.06 19.38
CA GLU B 599 -4.86 -52.24 19.48
C GLU B 599 -4.49 -52.84 20.83
N ARG B 600 -3.42 -53.62 20.84
CA ARG B 600 -2.91 -54.13 22.10
C ARG B 600 -2.21 -53.04 22.89
N ILE B 601 -1.61 -52.07 22.21
CA ILE B 601 -0.92 -50.96 22.85
C ILE B 601 -1.47 -49.67 22.24
N GLU B 602 -2.21 -48.91 23.05
CA GLU B 602 -2.50 -47.53 22.72
C GLU B 602 -1.22 -46.72 22.79
N GLU B 603 -0.98 -45.88 21.80
CA GLU B 603 0.14 -44.95 21.82
C GLU B 603 -0.42 -43.54 21.72
N ARG B 604 -0.04 -42.68 22.65
CA ARG B 604 -0.48 -41.29 22.62
C ARG B 604 0.71 -40.37 22.70
N THR B 605 0.58 -39.23 22.05
CA THR B 605 1.48 -38.10 22.27
C THR B 605 0.66 -37.19 23.17
N TYR B 606 0.96 -37.25 24.47
CA TYR B 606 0.33 -36.36 25.43
C TYR B 606 0.71 -34.91 25.13
N GLY B 607 1.98 -34.60 25.31
CA GLY B 607 2.53 -33.32 24.91
C GLY B 607 4.02 -33.35 25.20
N ASN B 608 4.84 -33.04 24.19
CA ASN B 608 6.30 -33.16 24.23
C ASN B 608 6.76 -34.55 24.66
N SER B 609 5.99 -35.59 24.33
CA SER B 609 6.20 -36.91 24.88
C SER B 609 5.41 -37.92 24.06
N LYS B 610 5.66 -39.20 24.33
CA LYS B 610 4.94 -40.31 23.70
C LYS B 610 4.74 -41.39 24.76
N THR B 611 3.59 -41.37 25.41
CA THR B 611 3.23 -42.48 26.28
C THR B 611 2.79 -43.67 25.44
N TYR B 612 3.10 -44.86 25.93
CA TYR B 612 2.75 -46.12 25.29
C TYR B 612 2.02 -46.93 26.34
N TYR B 613 0.70 -46.82 26.35
CA TYR B 613 -0.11 -47.54 27.31
C TYR B 613 -0.58 -48.83 26.67
N PRO B 614 -0.10 -49.99 27.09
CA PRO B 614 -0.62 -51.25 26.55
C PRO B 614 -1.99 -51.55 27.14
N MET B 615 -2.60 -52.60 26.64
CA MET B 615 -3.83 -53.08 27.24
C MET B 615 -3.54 -53.68 28.61
N PRO B 616 -4.47 -53.54 29.56
CA PRO B 616 -4.25 -54.14 30.88
C PRO B 616 -4.33 -55.65 30.81
N GLY B 617 -3.27 -56.31 31.25
CA GLY B 617 -3.17 -57.75 31.14
C GLY B 617 -2.58 -58.23 29.84
N LEU B 618 -1.89 -57.35 29.10
CA LEU B 618 -1.34 -57.72 27.80
C LEU B 618 -0.04 -58.49 28.01
N ALA B 619 -0.02 -59.74 27.56
CA ALA B 619 1.18 -60.55 27.51
C ALA B 619 1.13 -61.39 26.24
N SER B 620 2.00 -62.40 26.16
CA SER B 620 2.07 -63.22 24.97
C SER B 620 1.02 -64.33 24.95
N ASN B 621 0.48 -64.71 26.10
CA ASN B 621 -0.53 -65.77 26.14
C ASN B 621 -1.88 -65.25 25.64
N ASN B 622 -2.29 -64.08 26.10
CA ASN B 622 -3.48 -63.42 25.60
C ASN B 622 -3.17 -62.44 24.48
N TRP B 623 -2.01 -62.60 23.85
CA TRP B 623 -1.63 -61.77 22.71
C TRP B 623 -2.62 -61.95 21.56
N PHE B 624 -2.87 -63.20 21.18
CA PHE B 624 -3.84 -63.50 20.15
C PHE B 624 -5.25 -63.63 20.70
N PHE B 625 -5.41 -63.54 22.02
CA PHE B 625 -6.73 -63.29 22.56
C PHE B 625 -7.07 -61.82 22.51
N TYR B 626 -6.07 -60.94 22.64
CA TYR B 626 -6.24 -59.52 22.41
C TYR B 626 -6.04 -59.27 20.91
N LYS B 627 -7.08 -59.58 20.15
CA LYS B 627 -7.03 -59.47 18.70
C LYS B 627 -7.14 -58.01 18.26
N GLU B 628 -7.20 -57.82 16.95
CA GLU B 628 -7.32 -56.50 16.37
C GLU B 628 -8.67 -56.36 15.68
N ALA B 629 -9.31 -55.20 15.89
CA ALA B 629 -10.68 -54.98 15.44
C ALA B 629 -10.79 -54.88 13.93
N TYR B 630 -9.70 -54.56 13.24
CA TYR B 630 -9.71 -54.56 11.79
C TYR B 630 -9.66 -55.95 11.19
N ASP B 631 -9.40 -56.98 12.00
CA ASP B 631 -9.20 -58.34 11.53
C ASP B 631 -10.14 -59.29 12.24
N MET B 632 -11.42 -58.92 12.28
CA MET B 632 -12.44 -59.75 12.91
C MET B 632 -13.61 -59.91 11.96
N ASP B 633 -14.38 -60.98 12.18
CA ASP B 633 -15.65 -61.16 11.47
C ASP B 633 -16.71 -60.34 12.16
N MET B 634 -17.30 -59.40 11.43
CA MET B 634 -18.35 -58.57 12.01
C MET B 634 -19.63 -59.36 12.25
N PHE B 635 -19.81 -60.46 11.52
CA PHE B 635 -21.02 -61.26 11.65
C PHE B 635 -21.12 -61.93 13.01
N LYS B 636 -19.99 -62.44 13.51
CA LYS B 636 -19.97 -62.97 14.86
C LYS B 636 -20.20 -61.88 15.89
N VAL B 637 -19.76 -60.66 15.58
CA VAL B 637 -19.97 -59.54 16.49
C VAL B 637 -21.45 -59.20 16.59
N VAL B 638 -22.16 -59.17 15.45
CA VAL B 638 -23.58 -58.79 15.53
C VAL B 638 -24.39 -59.97 16.07
N ASP B 639 -23.90 -61.20 15.90
CA ASP B 639 -24.51 -62.33 16.58
C ASP B 639 -24.38 -62.21 18.10
N MET B 640 -23.21 -61.78 18.55
CA MET B 640 -23.01 -61.48 19.98
C MET B 640 -23.90 -60.32 20.42
N ILE B 641 -24.08 -59.34 19.54
CA ILE B 641 -24.94 -58.19 19.82
C ILE B 641 -26.38 -58.62 20.02
N ALA B 642 -26.85 -59.53 19.16
CA ALA B 642 -28.21 -60.07 19.32
C ALA B 642 -28.32 -60.94 20.55
N THR B 643 -27.25 -61.66 20.88
CA THR B 643 -27.22 -62.48 22.09
C THR B 643 -27.34 -61.63 23.34
N ILE B 644 -26.71 -60.45 23.32
CA ILE B 644 -26.82 -59.53 24.45
C ILE B 644 -28.18 -58.84 24.44
N GLN B 645 -28.66 -58.45 23.26
CA GLN B 645 -29.94 -57.79 23.06
C GLN B 645 -31.12 -58.68 23.42
N GLN B 646 -30.89 -59.98 23.55
CA GLN B 646 -31.86 -60.89 24.15
C GLN B 646 -32.19 -60.55 25.60
N HIS B 647 -31.42 -59.69 26.28
CA HIS B 647 -31.72 -59.32 27.66
C HIS B 647 -31.82 -57.82 27.89
N ILE B 648 -31.42 -56.97 26.94
CA ILE B 648 -31.40 -55.52 27.14
C ILE B 648 -32.74 -54.94 26.70
N ASP B 649 -33.29 -54.06 27.52
CA ASP B 649 -34.53 -53.40 27.16
C ASP B 649 -34.33 -52.35 26.07
N GLN B 650 -33.34 -51.49 26.26
CA GLN B 650 -33.08 -50.40 25.32
C GLN B 650 -32.04 -50.84 24.29
N GLY B 651 -31.52 -49.87 23.53
CA GLY B 651 -30.53 -50.16 22.51
C GLY B 651 -29.12 -50.16 23.04
N ILE B 652 -28.21 -50.62 22.19
CA ILE B 652 -26.79 -50.73 22.50
C ILE B 652 -26.02 -50.06 21.38
N SER B 653 -25.13 -49.13 21.76
CA SER B 653 -24.34 -48.37 20.78
C SER B 653 -23.25 -49.28 20.21
N PHE B 654 -23.62 -50.11 19.25
CA PHE B 654 -22.66 -50.97 18.56
C PHE B 654 -21.92 -50.13 17.54
N THR B 655 -20.67 -49.84 17.80
CA THR B 655 -19.84 -49.16 16.83
C THR B 655 -19.34 -50.16 15.79
N LEU B 656 -19.55 -49.81 14.52
CA LEU B 656 -19.09 -50.66 13.43
C LEU B 656 -17.58 -50.52 13.27
N PHE B 657 -16.89 -51.65 13.22
CA PHE B 657 -15.43 -51.69 13.09
C PHE B 657 -15.12 -52.13 11.67
N LEU B 658 -14.99 -51.17 10.78
CA LEU B 658 -14.75 -51.47 9.37
C LEU B 658 -13.39 -50.95 8.96
N LYS B 659 -13.09 -51.12 7.67
CA LYS B 659 -11.83 -50.71 7.08
C LYS B 659 -12.10 -49.92 5.81
N ASP B 660 -11.02 -49.51 5.14
CA ASP B 660 -11.16 -48.72 3.93
C ASP B 660 -11.35 -49.59 2.69
N THR B 661 -10.85 -50.83 2.73
CA THR B 661 -10.84 -51.68 1.57
C THR B 661 -12.20 -52.33 1.28
N MET B 662 -13.14 -52.25 2.22
CA MET B 662 -14.43 -52.91 2.08
C MET B 662 -15.31 -52.17 1.08
N THR B 663 -16.48 -52.75 0.80
CA THR B 663 -17.36 -52.22 -0.24
C THR B 663 -18.74 -51.91 0.34
N THR B 664 -19.54 -51.20 -0.45
CA THR B 664 -20.85 -50.76 0.01
C THR B 664 -21.87 -51.90 0.00
N ARG B 665 -21.74 -52.84 -0.93
CA ARG B 665 -22.71 -53.92 -1.00
C ARG B 665 -22.56 -54.89 0.15
N ASP B 666 -21.34 -55.09 0.64
CA ASP B 666 -21.14 -55.88 1.84
C ASP B 666 -21.72 -55.17 3.05
N LEU B 667 -21.65 -53.84 3.06
CA LEU B 667 -22.31 -53.06 4.09
C LEU B 667 -23.82 -53.22 4.00
N ASN B 668 -24.35 -53.32 2.79
CA ASN B 668 -25.77 -53.61 2.60
C ASN B 668 -26.12 -55.00 3.13
N ARG B 669 -25.25 -55.98 2.90
CA ARG B 669 -25.48 -57.32 3.42
C ARG B 669 -25.43 -57.32 4.95
N ILE B 670 -24.56 -56.49 5.52
CA ILE B 670 -24.51 -56.30 6.96
C ILE B 670 -25.82 -55.69 7.46
N ASP B 671 -26.36 -54.74 6.70
CA ASP B 671 -27.62 -54.11 7.08
C ASP B 671 -28.79 -55.08 7.01
N LEU B 672 -28.83 -55.92 5.98
CA LEU B 672 -29.86 -56.94 5.89
C LEU B 672 -29.70 -57.99 6.97
N TYR B 673 -28.45 -58.32 7.32
CA TYR B 673 -28.19 -59.27 8.40
C TYR B 673 -28.63 -58.71 9.75
N ALA B 674 -28.41 -57.41 9.97
CA ALA B 674 -28.80 -56.80 11.22
C ALA B 674 -30.32 -56.62 11.31
N HIS B 675 -30.95 -56.29 10.20
CA HIS B 675 -32.41 -56.25 10.17
C HIS B 675 -33.00 -57.63 10.33
N HIS B 676 -32.30 -58.65 9.84
CA HIS B 676 -32.68 -60.02 10.09
C HIS B 676 -32.50 -60.38 11.55
N ARG B 677 -31.51 -59.79 12.21
CA ARG B 677 -31.27 -60.07 13.63
C ARG B 677 -32.14 -59.24 14.55
N GLY B 678 -32.93 -58.32 14.02
CA GLY B 678 -33.70 -57.44 14.87
C GLY B 678 -32.86 -56.45 15.64
N ILE B 679 -31.73 -56.03 15.06
CA ILE B 679 -30.85 -55.09 15.71
C ILE B 679 -31.52 -53.72 15.75
N LYS B 680 -31.49 -53.07 16.91
CA LYS B 680 -32.21 -51.82 17.09
C LYS B 680 -31.52 -50.69 16.34
N THR B 681 -30.29 -50.36 16.73
CA THR B 681 -29.58 -49.23 16.14
C THR B 681 -28.16 -49.65 15.79
N ILE B 682 -27.50 -48.81 15.01
CA ILE B 682 -26.07 -48.94 14.72
C ILE B 682 -25.42 -47.59 14.98
N TYR B 683 -24.09 -47.62 15.14
CA TYR B 683 -23.32 -46.41 15.33
C TYR B 683 -22.48 -46.13 14.08
N TYR B 684 -21.87 -44.95 14.07
CA TYR B 684 -20.83 -44.54 13.14
C TYR B 684 -19.75 -45.61 12.99
N ALA B 685 -19.27 -45.79 11.76
CA ALA B 685 -18.39 -46.89 11.42
C ALA B 685 -16.92 -46.50 11.53
N ARG B 686 -16.05 -47.51 11.53
CA ARG B 686 -14.62 -47.32 11.64
C ARG B 686 -13.92 -47.54 10.32
N THR B 687 -12.63 -47.21 10.30
CA THR B 687 -11.81 -47.30 9.09
C THR B 687 -10.38 -47.72 9.41
N ASN C 4 21.01 -28.51 -25.47
CA ASN C 4 21.58 -28.17 -24.17
C ASN C 4 22.85 -28.98 -23.93
N GLN C 5 23.13 -29.90 -24.84
CA GLN C 5 24.25 -30.80 -24.65
C GLN C 5 25.57 -30.09 -24.92
N VAL C 6 26.54 -30.37 -24.06
CA VAL C 6 27.90 -29.86 -24.24
C VAL C 6 28.50 -30.48 -25.48
N PRO C 7 29.04 -29.68 -26.40
CA PRO C 7 29.59 -30.25 -27.65
C PRO C 7 30.87 -31.02 -27.40
N LYS C 8 31.38 -31.65 -28.46
CA LYS C 8 32.41 -32.67 -28.31
C LYS C 8 33.73 -32.07 -27.87
N TRP C 9 34.13 -30.94 -28.48
CA TRP C 9 35.44 -30.36 -28.19
C TRP C 9 35.53 -29.81 -26.78
N ILE C 10 34.41 -29.34 -26.23
CA ILE C 10 34.41 -28.88 -24.85
C ILE C 10 34.58 -30.06 -23.91
N GLN C 11 33.96 -31.19 -24.23
CA GLN C 11 34.18 -32.40 -23.46
C GLN C 11 35.61 -32.90 -23.60
N LEU C 12 36.22 -32.72 -24.77
CA LEU C 12 37.63 -33.08 -24.95
C LEU C 12 38.53 -32.20 -24.10
N ASN C 13 38.19 -30.92 -23.99
CA ASN C 13 38.94 -30.03 -23.10
C ASN C 13 38.73 -30.38 -21.64
N ASN C 14 37.53 -30.88 -21.30
CA ASN C 14 37.31 -31.37 -19.94
C ASN C 14 38.10 -32.64 -19.68
N GLU C 15 38.34 -33.42 -20.73
CA GLU C 15 39.10 -34.67 -20.61
C GLU C 15 40.59 -34.44 -20.39
N ILE C 16 41.07 -33.20 -20.56
CA ILE C 16 42.49 -32.92 -20.37
C ILE C 16 42.88 -33.11 -18.91
N MET C 17 42.02 -32.65 -17.99
CA MET C 17 42.33 -32.72 -16.56
C MET C 17 42.16 -34.09 -15.96
N ILE C 18 41.86 -35.12 -16.76
CA ILE C 18 41.76 -36.47 -16.23
C ILE C 18 43.14 -36.97 -15.88
N GLN C 19 43.28 -37.48 -14.65
CA GLN C 19 44.59 -37.90 -14.16
C GLN C 19 45.04 -39.19 -14.81
N LYS C 20 45.83 -39.07 -15.87
CA LYS C 20 46.50 -40.20 -16.49
C LYS C 20 47.85 -40.35 -15.80
N ASP C 21 47.97 -41.40 -14.96
CA ASP C 21 49.13 -41.73 -14.11
C ASP C 21 49.74 -40.51 -13.42
N GLY C 22 48.89 -39.63 -12.90
CA GLY C 22 49.36 -38.41 -12.27
C GLY C 22 49.64 -37.27 -13.21
N LYS C 23 49.23 -37.37 -14.47
CA LYS C 23 49.42 -36.29 -15.43
C LYS C 23 48.12 -35.91 -16.09
N PHE C 24 48.20 -35.14 -17.15
CA PHE C 24 47.02 -34.60 -17.82
C PHE C 24 47.00 -35.04 -19.27
N GLN C 25 45.78 -35.11 -19.82
CA GLN C 25 45.58 -35.59 -21.18
C GLN C 25 45.72 -34.40 -22.13
N PHE C 26 46.98 -34.07 -22.44
CA PHE C 26 47.29 -32.87 -23.20
C PHE C 26 46.76 -32.96 -24.62
N ASP C 27 46.88 -34.13 -25.25
CA ASP C 27 46.52 -34.29 -26.65
C ASP C 27 45.03 -34.21 -26.90
N LYS C 28 44.21 -34.33 -25.84
CA LYS C 28 42.79 -34.05 -25.91
C LYS C 28 42.50 -32.60 -26.30
N ASP C 29 43.45 -31.69 -26.10
CA ASP C 29 43.36 -30.35 -26.66
C ASP C 29 43.22 -30.40 -28.18
N LYS C 30 44.02 -31.25 -28.83
CA LYS C 30 44.14 -31.24 -30.29
C LYS C 30 42.83 -31.61 -30.96
N GLU C 31 42.19 -32.68 -30.49
CA GLU C 31 40.86 -33.02 -30.96
C GLU C 31 39.87 -31.93 -30.55
N ALA C 32 40.05 -31.36 -29.36
CA ALA C 32 39.28 -30.17 -28.97
C ALA C 32 39.55 -29.00 -29.90
N VAL C 33 40.75 -28.97 -30.49
CA VAL C 33 40.96 -28.13 -31.65
C VAL C 33 40.23 -28.71 -32.85
N HIS C 34 40.58 -29.96 -33.20
CA HIS C 34 40.34 -30.47 -34.55
C HIS C 34 38.86 -30.72 -34.82
N SER C 35 38.13 -31.24 -33.84
CA SER C 35 36.69 -31.38 -34.00
C SER C 35 36.02 -30.01 -34.06
N TYR C 36 36.50 -29.06 -33.27
CA TYR C 36 35.89 -27.74 -33.22
C TYR C 36 36.10 -26.99 -34.52
N PHE C 37 37.21 -27.26 -35.21
CA PHE C 37 37.38 -26.77 -36.57
C PHE C 37 36.36 -27.42 -37.50
N VAL C 38 36.15 -28.72 -37.35
CA VAL C 38 35.25 -29.42 -38.24
C VAL C 38 33.81 -29.11 -37.90
N ASP C 39 33.44 -29.27 -36.63
CA ASP C 39 32.04 -29.19 -36.26
C ASP C 39 31.53 -27.76 -36.18
N TYR C 40 32.40 -26.78 -36.02
CA TYR C 40 31.93 -25.41 -35.88
C TYR C 40 32.49 -24.47 -36.93
N ILE C 41 33.81 -24.48 -37.13
CA ILE C 41 34.46 -23.44 -37.90
C ILE C 41 34.15 -23.58 -39.38
N ASN C 42 34.30 -24.79 -39.90
CA ASN C 42 34.05 -25.01 -41.32
C ASN C 42 32.57 -25.10 -41.65
N GLN C 43 31.70 -25.09 -40.65
CA GLN C 43 30.26 -25.14 -40.90
C GLN C 43 29.58 -23.79 -40.76
N ASN C 44 30.33 -22.75 -40.43
CA ASN C 44 29.69 -21.45 -40.19
C ASN C 44 30.38 -20.33 -40.97
N THR C 45 31.02 -20.64 -42.08
CA THR C 45 31.75 -19.66 -42.86
C THR C 45 30.95 -19.34 -44.12
N VAL C 46 30.99 -18.08 -44.53
CA VAL C 46 30.25 -17.66 -45.72
C VAL C 46 30.94 -18.21 -46.96
N PHE C 47 30.17 -18.91 -47.79
CA PHE C 47 30.71 -19.55 -48.98
C PHE C 47 31.05 -18.50 -50.03
N PHE C 48 32.11 -18.75 -50.80
CA PHE C 48 32.44 -17.98 -51.98
C PHE C 48 32.86 -18.92 -53.10
N HIS C 49 32.67 -18.45 -54.32
CA HIS C 49 33.07 -19.23 -55.49
C HIS C 49 34.53 -19.02 -55.87
N ASN C 50 35.07 -17.84 -55.62
CA ASN C 50 36.46 -17.54 -55.91
C ASN C 50 36.96 -16.46 -54.97
N LEU C 51 38.14 -15.93 -55.27
CA LEU C 51 38.68 -14.81 -54.52
C LEU C 51 38.10 -13.48 -54.97
N LYS C 52 37.79 -13.39 -56.27
CA LYS C 52 37.34 -12.13 -56.85
C LYS C 52 35.99 -11.69 -56.30
N GLU C 53 35.02 -12.60 -56.29
CA GLU C 53 33.71 -12.28 -55.73
C GLU C 53 33.77 -12.05 -54.23
N LYS C 54 34.72 -12.71 -53.56
CA LYS C 54 34.95 -12.46 -52.14
C LYS C 54 35.41 -11.03 -51.90
N LEU C 55 36.38 -10.57 -52.69
CA LEU C 55 36.85 -9.20 -52.56
C LEU C 55 35.81 -8.20 -52.98
N ASP C 56 34.98 -8.55 -53.97
CA ASP C 56 33.89 -7.68 -54.39
C ASP C 56 32.85 -7.57 -53.29
N TYR C 57 32.59 -8.66 -52.59
CA TYR C 57 31.69 -8.61 -51.45
C TYR C 57 32.26 -7.76 -50.33
N LEU C 58 33.57 -7.87 -50.10
CA LEU C 58 34.23 -7.03 -49.10
C LEU C 58 34.18 -5.56 -49.45
N VAL C 59 34.26 -5.25 -50.75
CA VAL C 59 34.19 -3.85 -51.18
C VAL C 59 32.76 -3.33 -51.05
N GLU C 60 31.80 -4.07 -51.61
CA GLU C 60 30.43 -3.58 -51.69
C GLU C 60 29.74 -3.59 -50.35
N ASN C 61 30.16 -4.45 -49.44
CA ASN C 61 29.53 -4.54 -48.14
C ASN C 61 30.19 -3.62 -47.12
N GLN C 62 31.09 -2.75 -47.58
CA GLN C 62 31.67 -1.65 -46.80
C GLN C 62 32.40 -2.16 -45.56
N TYR C 63 33.45 -2.93 -45.80
CA TYR C 63 34.20 -3.52 -44.72
C TYR C 63 35.62 -3.02 -44.62
N TYR C 64 36.17 -2.45 -45.67
CA TYR C 64 37.57 -2.08 -45.67
C TYR C 64 37.77 -0.75 -46.39
N GLU C 65 38.86 -0.07 -46.01
CA GLU C 65 39.40 1.00 -46.81
C GLU C 65 39.93 0.40 -48.11
N GLU C 66 39.34 0.77 -49.24
CA GLU C 66 39.67 0.11 -50.50
C GLU C 66 40.90 0.70 -51.18
N GLU C 67 41.50 1.74 -50.62
CA GLU C 67 42.57 2.45 -51.30
C GLU C 67 43.87 1.65 -51.31
N PHE C 68 44.36 1.29 -50.13
CA PHE C 68 45.60 0.53 -50.05
C PHE C 68 45.40 -0.91 -50.55
N LEU C 69 44.17 -1.40 -50.52
CA LEU C 69 43.87 -2.65 -51.18
C LEU C 69 43.98 -2.53 -52.69
N SER C 70 43.67 -1.36 -53.23
CA SER C 70 43.84 -1.10 -54.66
C SER C 70 45.25 -0.67 -55.00
N LEU C 71 46.18 -0.66 -54.04
CA LEU C 71 47.58 -0.40 -54.30
C LEU C 71 48.33 -1.67 -54.70
N TYR C 72 47.61 -2.75 -54.97
CA TYR C 72 48.20 -3.98 -55.46
C TYR C 72 47.30 -4.52 -56.56
N SER C 73 47.85 -5.38 -57.40
CA SER C 73 47.01 -6.07 -58.37
C SER C 73 46.28 -7.22 -57.67
N PHE C 74 45.22 -7.70 -58.31
CA PHE C 74 44.52 -8.88 -57.82
C PHE C 74 45.42 -10.10 -57.83
N GLU C 75 46.36 -10.16 -58.77
CA GLU C 75 47.31 -11.26 -58.82
C GLU C 75 48.28 -11.20 -57.66
N ASP C 76 48.73 -10.00 -57.27
CA ASP C 76 49.64 -9.89 -56.14
C ASP C 76 48.93 -10.21 -54.83
N ILE C 77 47.65 -9.81 -54.74
CA ILE C 77 46.84 -10.16 -53.59
C ILE C 77 46.67 -11.67 -53.50
N LYS C 78 46.44 -12.32 -54.64
CA LYS C 78 46.34 -13.76 -54.65
C LYS C 78 47.70 -14.42 -54.37
N GLU C 79 48.79 -13.74 -54.71
CA GLU C 79 50.12 -14.29 -54.42
C GLU C 79 50.40 -14.27 -52.93
N VAL C 80 50.09 -13.17 -52.26
CA VAL C 80 50.31 -13.12 -50.81
C VAL C 80 49.31 -14.01 -50.10
N PHE C 81 48.12 -14.21 -50.70
CA PHE C 81 47.15 -15.11 -50.09
C PHE C 81 47.58 -16.55 -50.23
N LYS C 82 48.12 -16.91 -51.39
CA LYS C 82 48.66 -18.24 -51.61
C LYS C 82 49.87 -18.48 -50.73
N THR C 83 50.68 -17.44 -50.49
CA THR C 83 51.82 -17.54 -49.60
C THR C 83 51.38 -17.79 -48.17
N ALA C 84 50.29 -17.14 -47.76
CA ALA C 84 49.77 -17.37 -46.41
C ALA C 84 49.13 -18.75 -46.28
N TYR C 85 48.33 -19.14 -47.27
CA TYR C 85 47.67 -20.43 -47.23
C TYR C 85 48.62 -21.60 -47.47
N ALA C 86 49.81 -21.33 -48.01
CA ALA C 86 50.83 -22.36 -48.16
C ALA C 86 51.42 -22.77 -46.82
N LYS C 87 51.26 -21.94 -45.79
CA LYS C 87 51.66 -22.35 -44.45
C LYS C 87 50.82 -23.51 -43.96
N LYS C 88 49.50 -23.42 -44.16
CA LYS C 88 48.50 -24.29 -43.54
C LYS C 88 48.74 -24.39 -42.04
N PHE C 89 48.55 -23.24 -41.40
CA PHE C 89 48.91 -23.08 -40.00
C PHE C 89 48.02 -23.95 -39.12
N ARG C 90 48.64 -24.85 -38.39
CA ARG C 90 47.93 -25.78 -37.53
C ARG C 90 47.96 -25.24 -36.11
N PHE C 91 46.80 -24.78 -35.66
CA PHE C 91 46.62 -24.29 -34.30
C PHE C 91 46.86 -25.39 -33.29
N PRO C 92 47.80 -25.22 -32.36
CA PRO C 92 47.98 -26.23 -31.32
C PRO C 92 47.09 -26.05 -30.12
N SER C 93 46.56 -24.85 -29.88
CA SER C 93 45.81 -24.56 -28.68
C SER C 93 44.33 -24.42 -28.98
N PHE C 94 43.52 -24.77 -27.97
CA PHE C 94 42.09 -24.50 -28.06
C PHE C 94 41.83 -23.00 -27.99
N MET C 95 42.58 -22.30 -27.14
CA MET C 95 42.42 -20.86 -27.00
C MET C 95 42.97 -20.10 -28.20
N SER C 96 43.75 -20.76 -29.06
CA SER C 96 44.23 -20.14 -30.28
C SER C 96 43.07 -19.79 -31.21
N ALA C 97 42.33 -20.80 -31.66
CA ALA C 97 41.14 -20.51 -32.45
C ALA C 97 40.03 -19.93 -31.60
N PHE C 98 40.02 -20.24 -30.30
CA PHE C 98 38.91 -19.90 -29.44
C PHE C 98 38.89 -18.43 -29.07
N LYS C 99 39.96 -17.70 -29.39
CA LYS C 99 39.94 -16.25 -29.21
C LYS C 99 40.01 -15.51 -30.53
N PHE C 100 40.67 -16.09 -31.54
CA PHE C 100 40.83 -15.41 -32.81
C PHE C 100 39.52 -15.33 -33.57
N TYR C 101 38.97 -16.48 -33.94
CA TYR C 101 37.70 -16.50 -34.65
C TYR C 101 36.53 -16.16 -33.76
N ASN C 102 36.73 -16.10 -32.45
CA ASN C 102 35.69 -15.59 -31.59
C ASN C 102 35.73 -14.08 -31.48
N ASP C 103 36.91 -13.49 -31.31
CA ASP C 103 37.00 -12.06 -31.05
C ASP C 103 37.80 -11.30 -32.10
N TYR C 104 39.00 -11.76 -32.42
CA TYR C 104 39.89 -10.94 -33.23
C TYR C 104 39.55 -11.00 -34.71
N ALA C 105 38.73 -11.94 -35.14
CA ALA C 105 38.36 -12.05 -36.54
C ALA C 105 37.17 -11.15 -36.85
N LEU C 106 37.23 -10.53 -38.02
CA LEU C 106 36.12 -9.71 -38.49
C LEU C 106 35.00 -10.63 -38.97
N LYS C 107 33.86 -10.55 -38.31
CA LYS C 107 32.70 -11.36 -38.64
C LYS C 107 31.71 -10.54 -39.46
N THR C 108 30.52 -11.10 -39.67
CA THR C 108 29.51 -10.48 -40.48
C THR C 108 28.86 -9.31 -39.73
N ASN C 109 27.91 -8.66 -40.41
CA ASN C 109 27.22 -7.52 -39.81
C ASN C 109 26.28 -7.98 -38.71
N ASP C 110 25.59 -9.09 -38.92
CA ASP C 110 24.79 -9.69 -37.86
C ASP C 110 25.63 -10.59 -36.96
N LYS C 111 26.90 -10.80 -37.31
CA LYS C 111 27.89 -11.54 -36.51
C LYS C 111 27.46 -12.98 -36.26
N LYS C 112 26.86 -13.60 -37.28
CA LYS C 112 26.39 -14.97 -37.15
C LYS C 112 27.11 -15.91 -38.11
N LYS C 113 28.18 -15.44 -38.76
CA LYS C 113 29.02 -16.30 -39.56
C LYS C 113 30.43 -15.71 -39.58
N ILE C 114 31.33 -16.39 -40.29
CA ILE C 114 32.73 -16.01 -40.34
C ILE C 114 33.01 -15.37 -41.68
N LEU C 115 33.82 -14.31 -41.68
CA LEU C 115 34.27 -13.69 -42.91
C LEU C 115 35.77 -13.87 -43.14
N GLU C 116 36.57 -13.42 -42.19
CA GLU C 116 38.01 -13.53 -42.33
C GLU C 116 38.49 -14.91 -41.89
N ARG C 117 39.52 -15.39 -42.55
CA ARG C 117 40.22 -16.56 -42.03
C ARG C 117 41.44 -16.11 -41.26
N TYR C 118 42.18 -17.07 -40.73
CA TYR C 118 43.39 -16.74 -39.99
C TYR C 118 44.48 -16.22 -40.92
N GLU C 119 44.50 -16.70 -42.16
CA GLU C 119 45.44 -16.16 -43.13
C GLU C 119 44.99 -14.79 -43.61
N ASP C 120 43.68 -14.55 -43.65
CA ASP C 120 43.15 -13.37 -44.34
C ASP C 120 43.47 -12.09 -43.60
N ARG C 121 43.19 -12.07 -42.29
CA ARG C 121 43.47 -10.91 -41.47
C ARG C 121 44.95 -10.59 -41.44
N ILE C 122 45.79 -11.63 -41.33
CA ILE C 122 47.24 -11.46 -41.29
C ILE C 122 47.74 -10.90 -42.63
N SER C 123 47.18 -11.38 -43.73
CA SER C 123 47.60 -10.91 -45.05
C SER C 123 47.14 -9.49 -45.31
N ILE C 124 45.95 -9.14 -44.83
CA ILE C 124 45.45 -7.77 -44.96
C ILE C 124 46.31 -6.80 -44.15
N VAL C 125 46.66 -7.22 -42.92
CA VAL C 125 47.54 -6.41 -42.06
C VAL C 125 48.92 -6.27 -42.70
N ALA C 126 49.39 -7.32 -43.38
CA ALA C 126 50.67 -7.26 -44.05
C ALA C 126 50.64 -6.31 -45.24
N LEU C 127 49.54 -6.31 -46.00
CA LEU C 127 49.40 -5.38 -47.10
C LEU C 127 49.28 -3.95 -46.61
N PHE C 128 48.70 -3.77 -45.43
CA PHE C 128 48.59 -2.44 -44.86
C PHE C 128 49.94 -1.94 -44.37
N PHE C 129 50.73 -2.82 -43.76
CA PHE C 129 52.04 -2.43 -43.27
C PHE C 129 53.00 -2.16 -44.41
N ALA C 130 52.96 -2.99 -45.45
CA ALA C 130 53.83 -2.78 -46.60
C ALA C 130 53.38 -1.56 -47.39
N ASN C 131 52.09 -1.51 -47.72
CA ASN C 131 51.43 -0.36 -48.36
C ASN C 131 52.08 -0.03 -49.71
N GLY C 132 52.03 -1.00 -50.61
CA GLY C 132 52.57 -0.80 -51.94
C GLY C 132 53.45 -1.93 -52.43
N ASP C 133 54.21 -2.56 -51.53
CA ASP C 133 55.12 -3.63 -51.90
C ASP C 133 54.49 -4.98 -51.57
N THR C 134 54.69 -5.95 -52.46
CA THR C 134 54.17 -7.28 -52.24
C THR C 134 55.14 -8.15 -51.44
N GLU C 135 56.43 -8.03 -51.73
CA GLU C 135 57.42 -8.91 -51.11
C GLU C 135 57.63 -8.56 -49.65
N LYS C 136 57.60 -7.26 -49.32
CA LYS C 136 57.68 -6.86 -47.92
C LYS C 136 56.46 -7.32 -47.14
N ALA C 137 55.29 -7.34 -47.79
CA ALA C 137 54.10 -7.89 -47.16
C ALA C 137 54.25 -9.39 -46.92
N LYS C 138 54.89 -10.09 -47.85
CA LYS C 138 55.14 -11.51 -47.62
C LYS C 138 56.14 -11.73 -46.50
N GLU C 139 57.11 -10.81 -46.37
CA GLU C 139 58.03 -10.86 -45.23
C GLU C 139 57.30 -10.59 -43.93
N TYR C 140 56.34 -9.67 -43.96
CA TYR C 140 55.51 -9.40 -42.80
C TYR C 140 54.67 -10.62 -42.43
N VAL C 141 54.23 -11.35 -43.45
CA VAL C 141 53.51 -12.60 -43.23
C VAL C 141 54.41 -13.60 -42.54
N ASN C 142 55.63 -13.78 -43.07
CA ASN C 142 56.58 -14.73 -42.49
C ASN C 142 57.01 -14.34 -41.08
N LEU C 143 56.99 -13.06 -40.79
CA LEU C 143 57.20 -12.61 -39.42
C LEU C 143 55.97 -12.86 -38.56
N MET C 144 54.78 -12.86 -39.16
CA MET C 144 53.53 -12.99 -38.43
C MET C 144 52.94 -14.38 -38.46
N ILE C 145 52.96 -15.05 -39.61
CA ILE C 145 52.37 -16.39 -39.71
C ILE C 145 53.23 -17.43 -39.01
N ASN C 146 54.48 -17.11 -38.72
CA ASN C 146 55.30 -17.94 -37.85
C ASN C 146 55.30 -17.44 -36.42
N GLN C 147 54.46 -16.43 -36.13
CA GLN C 147 54.25 -15.87 -34.78
C GLN C 147 55.53 -15.31 -34.18
N GLU C 148 56.40 -14.78 -35.04
CA GLU C 148 57.61 -14.15 -34.54
C GLU C 148 57.35 -12.72 -34.09
N TYR C 149 56.34 -12.09 -34.67
CA TYR C 149 55.90 -10.77 -34.25
C TYR C 149 54.39 -10.77 -34.15
N GLN C 150 53.88 -9.97 -33.22
CA GLN C 150 52.46 -9.72 -33.14
C GLN C 150 52.23 -8.23 -32.90
N PRO C 151 51.54 -7.55 -33.80
CA PRO C 151 51.23 -6.13 -33.57
C PRO C 151 50.26 -5.89 -32.42
N SER C 152 50.04 -4.62 -32.12
CA SER C 152 49.17 -4.24 -31.02
C SER C 152 47.72 -4.54 -31.38
N THR C 153 46.87 -4.45 -30.36
CA THR C 153 45.49 -4.91 -30.48
C THR C 153 44.66 -4.09 -31.48
N PRO C 154 44.62 -2.73 -31.45
CA PRO C 154 43.85 -2.06 -32.51
C PRO C 154 44.57 -2.05 -33.84
N THR C 155 45.90 -2.17 -33.79
CA THR C 155 46.68 -2.18 -35.02
C THR C 155 46.46 -3.47 -35.79
N PHE C 156 46.56 -4.61 -35.11
CA PHE C 156 46.20 -5.87 -35.72
C PHE C 156 44.71 -5.99 -35.95
N LEU C 157 43.91 -5.23 -35.21
CA LEU C 157 42.47 -5.36 -35.31
C LEU C 157 41.91 -4.64 -36.53
N ASN C 158 42.11 -3.33 -36.60
CA ASN C 158 41.37 -2.48 -37.53
C ASN C 158 42.28 -1.91 -38.60
N ALA C 159 43.16 -2.73 -39.15
CA ALA C 159 44.03 -2.27 -40.23
C ALA C 159 43.19 -2.10 -41.49
N GLY C 160 42.85 -0.86 -41.80
CA GLY C 160 42.02 -0.55 -42.95
C GLY C 160 40.59 -0.98 -42.74
N ARG C 161 39.97 -0.49 -41.67
CA ARG C 161 38.62 -0.90 -41.30
C ARG C 161 37.89 0.34 -40.79
N LYS C 162 36.76 0.14 -40.13
CA LYS C 162 35.92 1.25 -39.72
C LYS C 162 36.00 1.50 -38.22
N LEU C 167 43.39 3.26 -32.22
CA LEU C 167 44.60 2.92 -32.97
C LEU C 167 45.80 2.90 -32.04
N VAL C 168 45.81 3.81 -31.07
CA VAL C 168 46.84 3.88 -30.04
C VAL C 168 46.14 3.81 -28.69
N SER C 169 46.74 3.10 -27.74
CA SER C 169 46.20 3.00 -26.39
C SER C 169 47.12 3.65 -25.36
N CYS C 170 47.84 4.70 -25.77
CA CYS C 170 48.74 5.38 -24.85
C CYS C 170 48.65 6.88 -25.10
N PHE C 171 48.14 7.62 -24.12
CA PHE C 171 48.03 9.08 -24.22
C PHE C 171 48.30 9.71 -22.88
N LEU C 172 49.20 10.69 -22.86
CA LEU C 172 49.67 11.30 -21.62
C LEU C 172 49.68 12.80 -21.80
N LEU C 173 48.87 13.50 -21.00
CA LEU C 173 48.70 14.94 -21.11
C LEU C 173 48.90 15.58 -19.75
N GLU C 174 48.83 16.91 -19.72
CA GLU C 174 48.98 17.69 -18.51
C GLU C 174 47.80 18.64 -18.37
N VAL C 175 47.81 19.37 -17.26
CA VAL C 175 46.74 20.31 -16.94
C VAL C 175 47.38 21.58 -16.40
N ASN C 176 46.90 22.73 -16.86
CA ASN C 176 47.34 24.02 -16.33
C ASN C 176 46.30 24.54 -15.35
N ASP C 177 46.64 25.66 -14.71
CA ASP C 177 45.84 26.22 -13.62
C ASP C 177 44.94 27.33 -14.17
N SER C 178 43.96 26.93 -14.97
CA SER C 178 42.89 27.82 -15.40
C SER C 178 41.63 27.00 -15.66
N LEU C 179 40.48 27.65 -15.49
CA LEU C 179 39.21 26.97 -15.68
C LEU C 179 39.01 26.59 -17.13
N ASN C 180 39.44 27.45 -18.05
CA ASN C 180 39.36 27.14 -19.47
C ASN C 180 40.25 25.95 -19.83
N ASP C 181 41.40 25.84 -19.16
CA ASP C 181 42.24 24.65 -19.32
C ASP C 181 41.53 23.40 -18.82
N ILE C 182 40.78 23.53 -17.72
CA ILE C 182 40.07 22.39 -17.14
C ILE C 182 39.00 21.90 -18.10
N SER C 183 38.23 22.84 -18.65
CA SER C 183 37.18 22.48 -19.60
C SER C 183 37.76 21.89 -20.86
N ARG C 184 38.90 22.44 -21.32
CA ARG C 184 39.55 21.91 -22.51
C ARG C 184 40.04 20.49 -22.30
N ALA C 185 40.60 20.21 -21.12
CA ALA C 185 41.08 18.87 -20.85
C ALA C 185 39.94 17.89 -20.71
N ILE C 186 38.84 18.32 -20.11
CA ILE C 186 37.63 17.50 -20.01
C ILE C 186 37.11 17.16 -21.39
N ASP C 187 37.11 18.16 -22.29
CA ASP C 187 36.67 17.95 -23.66
C ASP C 187 37.57 16.97 -24.39
N ILE C 188 38.89 17.10 -24.20
CA ILE C 188 39.83 16.25 -24.91
C ILE C 188 39.75 14.81 -24.43
N SER C 189 39.57 14.62 -23.12
CA SER C 189 39.39 13.27 -22.58
C SER C 189 38.09 12.66 -23.08
N MET C 190 37.04 13.47 -23.20
CA MET C 190 35.80 12.96 -23.75
C MET C 190 35.92 12.66 -25.24
N GLN C 191 36.80 13.39 -25.94
CA GLN C 191 37.03 13.12 -27.34
C GLN C 191 37.74 11.79 -27.53
N LEU C 192 38.76 11.54 -26.72
CA LEU C 192 39.54 10.31 -26.89
C LEU C 192 38.89 9.11 -26.22
N SER C 193 37.91 9.32 -25.36
CA SER C 193 37.32 8.19 -24.64
C SER C 193 36.47 7.33 -25.57
N LYS C 194 35.84 7.94 -26.57
CA LYS C 194 35.06 7.19 -27.54
C LYS C 194 35.94 6.41 -28.52
N LEU C 195 37.23 6.71 -28.57
CA LEU C 195 38.14 6.05 -29.49
C LEU C 195 38.91 4.93 -28.83
N GLY C 196 38.69 4.69 -27.54
CA GLY C 196 39.27 3.54 -26.87
C GLY C 196 40.73 3.68 -26.48
N GLY C 197 41.32 4.86 -26.63
CA GLY C 197 42.72 5.02 -26.29
C GLY C 197 42.95 5.18 -24.81
N GLY C 198 44.09 4.71 -24.34
CA GLY C 198 44.48 4.87 -22.95
C GLY C 198 44.98 6.26 -22.66
N VAL C 199 44.19 7.05 -21.94
CA VAL C 199 44.50 8.45 -21.67
C VAL C 199 44.70 8.60 -20.17
N SER C 200 45.87 9.11 -19.77
CA SER C 200 46.17 9.36 -18.38
C SER C 200 46.84 10.72 -18.26
N LEU C 201 46.79 11.31 -17.06
CA LEU C 201 47.39 12.62 -16.86
C LEU C 201 48.15 12.74 -15.54
N ASN C 202 48.50 13.97 -15.19
CA ASN C 202 49.17 14.29 -13.93
C ASN C 202 48.70 15.67 -13.51
N LEU C 203 48.51 15.85 -12.21
CA LEU C 203 47.87 17.05 -11.68
C LEU C 203 48.82 17.87 -10.81
N SER C 204 50.11 17.85 -11.11
CA SER C 204 51.09 18.51 -10.25
C SER C 204 51.10 20.03 -10.39
N LYS C 205 50.29 20.59 -11.29
CA LYS C 205 50.27 22.03 -11.54
C LYS C 205 48.90 22.63 -11.26
N LEU C 206 48.29 22.23 -10.15
CA LEU C 206 47.01 22.80 -9.73
C LEU C 206 47.12 23.30 -8.31
N ARG C 207 46.31 24.31 -7.98
CA ARG C 207 46.36 24.90 -6.65
C ARG C 207 45.73 23.97 -5.62
N ALA C 208 46.17 24.11 -4.39
CA ALA C 208 45.74 23.21 -3.33
C ALA C 208 44.36 23.58 -2.83
N LYS C 209 43.84 22.74 -1.93
CA LYS C 209 42.52 22.96 -1.37
C LYS C 209 42.51 24.12 -0.41
N GLY C 210 41.45 24.93 -0.47
CA GLY C 210 41.30 26.01 0.45
C GLY C 210 42.17 27.22 0.19
N GLU C 211 42.51 27.47 -1.07
CA GLU C 211 43.37 28.58 -1.42
C GLU C 211 42.57 29.71 -2.06
N ALA C 212 43.23 30.86 -2.19
CA ALA C 212 42.59 32.04 -2.73
C ALA C 212 42.52 31.93 -4.25
N ILE C 213 41.31 32.03 -4.79
CA ILE C 213 41.14 32.05 -6.25
C ILE C 213 41.19 33.51 -6.65
N LYS C 214 42.42 34.05 -6.70
CA LYS C 214 42.84 35.24 -7.43
C LYS C 214 42.26 36.56 -6.92
N ASP C 215 41.20 36.54 -6.13
CA ASP C 215 40.60 37.76 -5.62
C ASP C 215 40.21 37.68 -4.16
N VAL C 216 39.69 36.52 -3.72
CA VAL C 216 39.09 36.36 -2.41
C VAL C 216 39.78 35.18 -1.74
N GLU C 217 40.02 35.30 -0.44
CA GLU C 217 40.76 34.28 0.29
C GLU C 217 39.88 33.08 0.63
N ASN C 218 40.52 31.90 0.67
CA ASN C 218 39.93 30.61 1.04
C ASN C 218 38.73 30.26 0.16
N ALA C 219 39.01 30.09 -1.14
CA ALA C 219 37.96 29.88 -2.12
C ALA C 219 38.09 28.60 -2.92
N THR C 220 39.26 27.97 -2.93
CA THR C 220 39.44 26.77 -3.74
C THR C 220 38.74 25.59 -3.08
N LYS C 221 37.86 24.93 -3.83
CA LYS C 221 37.20 23.74 -3.31
C LYS C 221 38.15 22.58 -3.18
N GLY C 222 39.20 22.57 -3.99
CA GLY C 222 40.22 21.54 -3.93
C GLY C 222 40.27 20.70 -5.19
N VAL C 223 41.33 19.89 -5.27
CA VAL C 223 41.52 19.04 -6.43
C VAL C 223 40.58 17.85 -6.42
N VAL C 224 40.05 17.51 -5.24
CA VAL C 224 39.24 16.30 -5.11
C VAL C 224 37.89 16.46 -5.79
N GLY C 225 37.40 17.70 -5.88
CA GLY C 225 36.21 17.95 -6.67
C GLY C 225 36.44 17.76 -8.15
N VAL C 226 37.64 18.15 -8.63
CA VAL C 226 37.97 17.94 -10.02
C VAL C 226 38.14 16.46 -10.31
N MET C 227 38.68 15.71 -9.36
CA MET C 227 38.77 14.26 -9.51
C MET C 227 37.40 13.61 -9.52
N LYS C 228 36.49 14.10 -8.67
CA LYS C 228 35.10 13.66 -8.69
C LYS C 228 34.45 13.97 -10.03
N LEU C 229 34.77 15.14 -10.59
CA LEU C 229 34.20 15.53 -11.87
C LEU C 229 34.71 14.65 -13.01
N LEU C 230 35.99 14.31 -12.98
CA LEU C 230 36.53 13.46 -14.03
C LEU C 230 36.03 12.03 -13.90
N ASP C 231 35.84 11.58 -12.66
CA ASP C 231 35.26 10.25 -12.43
C ASP C 231 33.82 10.18 -12.93
N ASN C 232 33.05 11.25 -12.72
CA ASN C 232 31.71 11.30 -13.28
C ASN C 232 31.75 11.41 -14.80
N ALA C 233 32.74 12.11 -15.34
CA ALA C 233 32.83 12.32 -16.78
C ALA C 233 33.20 11.05 -17.51
N PHE C 234 33.96 10.17 -16.86
CA PHE C 234 34.31 8.92 -17.51
C PHE C 234 33.16 7.92 -17.52
N ARG C 235 32.06 8.22 -16.84
CA ARG C 235 30.88 7.39 -16.88
C ARG C 235 30.07 7.56 -18.15
N TYR C 236 30.52 8.39 -19.08
CA TYR C 236 29.82 8.59 -20.32
C TYR C 236 30.35 7.75 -21.46
N ALA C 237 31.49 7.09 -21.29
CA ALA C 237 32.06 6.25 -22.34
C ALA C 237 32.34 4.85 -21.79
N ASP C 238 33.07 4.06 -22.58
CA ASP C 238 33.42 2.68 -22.22
C ASP C 238 34.38 2.63 -21.03
N SER C 246 38.57 4.28 -20.05
CA SER C 246 38.98 4.54 -18.69
C SER C 246 40.20 5.47 -18.67
N GLY C 247 40.48 6.03 -17.49
CA GLY C 247 41.55 7.00 -17.39
C GLY C 247 42.32 6.97 -16.08
N ALA C 248 43.28 7.87 -15.93
CA ALA C 248 44.10 7.90 -14.72
C ALA C 248 44.67 9.30 -14.55
N ALA C 249 45.16 9.58 -13.35
CA ALA C 249 45.81 10.85 -13.06
C ALA C 249 46.77 10.66 -11.90
N TYR C 250 47.83 11.47 -11.89
CA TYR C 250 48.89 11.41 -10.90
C TYR C 250 48.97 12.74 -10.15
N LEU C 251 49.94 12.82 -9.23
CA LEU C 251 50.24 14.02 -8.48
C LEU C 251 51.64 13.89 -7.90
N ASN C 252 52.40 14.99 -7.94
CA ASN C 252 53.69 15.03 -7.26
C ASN C 252 53.48 14.95 -5.75
N ILE C 253 54.46 14.36 -5.06
CA ILE C 253 54.22 13.94 -3.69
C ILE C 253 54.26 15.13 -2.72
N PHE C 254 54.93 16.21 -3.08
CA PHE C 254 55.17 17.28 -2.12
C PHE C 254 54.04 18.31 -2.10
N HIS C 255 52.83 17.80 -1.89
CA HIS C 255 51.61 18.60 -1.90
C HIS C 255 50.90 18.46 -0.57
N ARG C 256 50.12 19.47 -0.18
CA ARG C 256 49.39 19.33 1.06
C ARG C 256 48.22 18.39 0.90
N ASP C 257 47.62 18.37 -0.27
CA ASP C 257 46.52 17.45 -0.52
C ASP C 257 47.00 16.07 -0.94
N ILE C 258 48.29 15.75 -0.78
CA ILE C 258 48.78 14.44 -1.18
C ILE C 258 48.21 13.35 -0.27
N ASN C 259 47.90 13.69 0.98
CA ASN C 259 47.17 12.79 1.86
C ASN C 259 45.77 12.58 1.31
N ASP C 260 45.17 13.65 0.80
CA ASP C 260 43.89 13.55 0.12
C ASP C 260 44.02 12.78 -1.18
N PHE C 261 45.24 12.70 -1.73
CA PHE C 261 45.46 11.87 -2.89
C PHE C 261 45.36 10.39 -2.53
N LEU C 262 45.63 10.10 -1.25
CA LEU C 262 45.51 8.72 -0.70
C LEU C 262 44.05 8.52 -0.28
N ASP C 263 43.28 9.61 -0.13
CA ASP C 263 41.90 9.49 0.25
C ASP C 263 41.04 9.13 -0.94
N THR C 264 41.62 9.17 -2.14
CA THR C 264 40.90 8.83 -3.36
C THR C 264 40.59 7.34 -3.40
N LYS C 265 41.62 6.48 -3.35
CA LYS C 265 41.42 5.04 -3.31
C LYS C 265 41.31 4.59 -1.85
N LYS C 266 40.32 5.15 -1.18
CA LYS C 266 40.04 4.84 0.21
C LYS C 266 39.35 3.50 0.28
N ILE C 267 39.71 2.70 1.29
CA ILE C 267 39.10 1.39 1.45
C ILE C 267 37.66 1.51 1.93
N SER C 268 37.29 2.65 2.51
CA SER C 268 35.89 2.99 2.77
C SER C 268 35.46 3.87 1.60
N ALA C 269 34.70 3.28 0.68
CA ALA C 269 34.20 3.99 -0.49
C ALA C 269 33.10 4.97 -0.05
N ASP C 270 33.39 6.26 -0.17
CA ASP C 270 32.48 7.27 0.32
C ASP C 270 31.51 7.74 -0.78
N GLU C 271 30.49 8.46 -0.35
CA GLU C 271 29.73 9.32 -1.25
C GLU C 271 30.60 10.43 -1.81
N ASP C 272 31.26 11.18 -0.91
CA ASP C 272 32.01 12.36 -1.28
C ASP C 272 33.26 11.99 -2.09
N VAL C 273 33.87 10.84 -1.81
CA VAL C 273 34.96 10.32 -2.63
C VAL C 273 34.53 8.94 -3.10
N ARG C 274 34.22 8.85 -4.40
CA ARG C 274 33.88 7.57 -5.03
C ARG C 274 34.57 7.52 -6.39
N VAL C 275 35.76 6.95 -6.43
CA VAL C 275 36.48 6.73 -7.67
C VAL C 275 36.15 5.32 -8.14
N LYS C 276 35.95 5.15 -9.45
CA LYS C 276 35.75 3.84 -10.03
C LYS C 276 36.64 3.58 -11.23
N THR C 277 37.20 4.63 -11.83
CA THR C 277 37.98 4.47 -13.05
C THR C 277 39.37 5.03 -12.95
N LEU C 278 39.59 6.07 -12.15
CA LEU C 278 40.84 6.79 -12.20
C LEU C 278 41.86 6.09 -11.32
N SER C 279 42.86 5.47 -11.95
CA SER C 279 43.97 4.95 -11.19
C SER C 279 44.88 6.09 -10.77
N ILE C 280 45.45 5.96 -9.58
CA ILE C 280 46.36 6.97 -9.06
C ILE C 280 47.75 6.38 -8.94
N GLY C 281 48.75 7.24 -8.95
CA GLY C 281 50.12 6.81 -8.75
C GLY C 281 51.00 7.94 -8.28
N VAL C 282 51.70 7.73 -7.17
CA VAL C 282 52.49 8.78 -6.54
C VAL C 282 53.91 8.70 -7.08
N VAL C 283 54.35 9.78 -7.71
CA VAL C 283 55.70 9.85 -8.26
C VAL C 283 56.61 10.44 -7.19
N ILE C 284 57.56 9.64 -6.73
CA ILE C 284 58.38 9.96 -5.57
C ILE C 284 59.78 10.30 -6.05
N PRO C 285 60.25 11.53 -5.89
CA PRO C 285 61.65 11.85 -6.15
C PRO C 285 62.51 11.41 -4.98
N ASP C 286 63.83 11.62 -5.13
CA ASP C 286 64.76 11.17 -4.11
C ASP C 286 64.75 12.04 -2.87
N LYS C 287 64.15 13.22 -2.94
CA LYS C 287 64.03 14.08 -1.78
C LYS C 287 63.10 13.47 -0.73
N PHE C 288 62.03 12.81 -1.19
CA PHE C 288 61.08 12.26 -0.24
C PHE C 288 61.64 11.01 0.45
N VAL C 289 62.32 10.15 -0.30
CA VAL C 289 62.92 8.99 0.34
C VAL C 289 64.13 9.43 1.17
N GLU C 290 64.72 10.57 0.82
CA GLU C 290 65.75 11.17 1.66
C GLU C 290 65.18 11.62 2.99
N LEU C 291 64.03 12.30 2.97
CA LEU C 291 63.43 12.81 4.19
C LEU C 291 62.80 11.71 5.03
N ALA C 292 62.29 10.68 4.39
CA ALA C 292 61.73 9.57 5.15
C ALA C 292 62.81 8.62 5.64
N ARG C 293 63.97 8.62 4.98
CA ARG C 293 65.06 7.74 5.37
C ARG C 293 65.70 8.22 6.67
N GLU C 294 65.87 9.54 6.80
CA GLU C 294 66.42 10.12 8.02
C GLU C 294 65.41 10.19 9.15
N ASP C 295 64.15 9.81 8.89
CA ASP C 295 63.04 9.84 9.87
C ASP C 295 62.82 11.25 10.43
N LYS C 296 62.95 12.25 9.57
CA LYS C 296 62.80 13.63 9.96
C LYS C 296 61.52 14.20 9.35
N ALA C 297 60.96 15.19 10.01
CA ALA C 297 59.71 15.80 9.57
C ALA C 297 59.90 16.57 8.27
N ALA C 298 59.03 16.32 7.31
CA ALA C 298 59.12 16.88 5.98
C ALA C 298 58.10 17.99 5.80
N TYR C 299 58.25 18.71 4.69
CA TYR C 299 57.46 19.92 4.40
C TYR C 299 56.90 19.86 2.98
N VAL C 300 55.60 19.70 2.88
CA VAL C 300 54.95 19.95 1.59
C VAL C 300 54.53 21.41 1.52
N PHE C 301 54.25 21.86 0.31
CA PHE C 301 54.10 23.27 0.04
C PHE C 301 52.83 23.52 -0.76
N TYR C 302 52.59 24.78 -1.05
CA TYR C 302 51.47 25.20 -1.87
C TYR C 302 51.99 25.63 -3.22
N PRO C 303 51.72 24.89 -4.30
CA PRO C 303 52.34 25.20 -5.59
C PRO C 303 51.82 26.48 -6.20
N HIS C 304 50.65 26.94 -5.80
CA HIS C 304 50.20 28.25 -6.27
C HIS C 304 50.98 29.37 -5.60
N THR C 305 51.31 29.21 -4.32
CA THR C 305 52.18 30.19 -3.68
C THR C 305 53.58 30.11 -4.24
N ILE C 306 54.01 28.90 -4.63
CA ILE C 306 55.29 28.74 -5.30
C ILE C 306 55.28 29.45 -6.65
N TYR C 307 54.17 29.35 -7.38
CA TYR C 307 54.06 30.02 -8.65
C TYR C 307 53.95 31.53 -8.49
N LYS C 308 53.35 31.97 -7.40
CA LYS C 308 53.25 33.40 -7.16
C LYS C 308 54.54 33.97 -6.62
N GLU C 309 55.38 33.12 -6.04
CA GLU C 309 56.62 33.60 -5.45
C GLU C 309 57.80 33.48 -6.40
N TYR C 310 58.12 32.27 -6.84
CA TYR C 310 59.27 32.06 -7.70
C TYR C 310 58.92 32.20 -9.18
N GLY C 311 57.65 32.04 -9.55
CA GLY C 311 57.23 32.13 -10.93
C GLY C 311 56.92 30.82 -11.60
N GLN C 312 57.35 29.69 -11.04
CA GLN C 312 57.15 28.39 -11.64
C GLN C 312 56.42 27.47 -10.67
N HIS C 313 55.94 26.35 -11.20
CA HIS C 313 55.31 25.35 -10.36
C HIS C 313 56.38 24.59 -9.58
N MET C 314 55.91 23.74 -8.66
CA MET C 314 56.82 23.01 -7.81
C MET C 314 57.54 21.90 -8.58
N ASP C 315 56.82 21.21 -9.46
CA ASP C 315 57.46 20.18 -10.26
C ASP C 315 58.28 20.75 -11.42
N GLU C 316 58.28 22.07 -11.59
CA GLU C 316 59.21 22.69 -12.54
C GLU C 316 60.64 22.60 -12.06
N MET C 317 60.85 22.62 -10.74
CA MET C 317 62.18 22.63 -10.16
C MET C 317 62.40 21.37 -9.34
N ASP C 318 63.67 21.07 -9.09
CA ASP C 318 64.03 19.89 -8.31
C ASP C 318 63.81 20.15 -6.83
N MET C 319 63.27 19.16 -6.13
CA MET C 319 62.99 19.32 -4.71
C MET C 319 64.25 19.23 -3.87
N ASN C 320 65.26 18.49 -4.34
CA ASN C 320 66.49 18.33 -3.59
C ASN C 320 67.27 19.64 -3.48
N GLU C 321 67.23 20.45 -4.54
CA GLU C 321 67.85 21.77 -4.48
C GLU C 321 66.98 22.72 -3.68
N MET C 322 65.75 22.92 -4.14
CA MET C 322 64.91 24.02 -3.68
C MET C 322 64.11 23.68 -2.44
N TYR C 323 64.37 22.55 -1.79
CA TYR C 323 63.63 22.21 -0.58
C TYR C 323 63.94 23.18 0.54
N ASP C 324 65.23 23.38 0.83
CA ASP C 324 65.60 24.34 1.85
C ASP C 324 65.34 25.77 1.42
N LYS C 325 65.35 26.02 0.12
CA LYS C 325 65.01 27.34 -0.40
C LYS C 325 63.53 27.64 -0.23
N PHE C 326 62.71 26.59 -0.21
CA PHE C 326 61.31 26.76 0.17
C PHE C 326 61.17 26.83 1.68
N VAL C 327 62.09 26.21 2.41
CA VAL C 327 62.01 26.18 3.86
C VAL C 327 62.30 27.56 4.44
N ASP C 328 63.40 28.19 4.03
CA ASP C 328 63.77 29.47 4.64
C ASP C 328 62.93 30.63 4.14
N ASN C 329 62.32 30.50 2.97
CA ASN C 329 61.50 31.58 2.42
C ASN C 329 60.16 31.61 3.12
N PRO C 330 59.78 32.72 3.76
CA PRO C 330 58.51 32.76 4.51
C PRO C 330 57.29 32.89 3.62
N ARG C 331 57.47 33.08 2.31
CA ARG C 331 56.35 33.39 1.44
C ARG C 331 55.49 32.16 1.17
N VAL C 332 56.12 31.07 0.76
CA VAL C 332 55.38 29.85 0.47
C VAL C 332 54.96 29.21 1.77
N LYS C 333 53.66 28.98 1.93
CA LYS C 333 53.13 28.44 3.17
C LYS C 333 53.53 26.97 3.30
N LYS C 334 53.93 26.60 4.50
CA LYS C 334 54.45 25.28 4.79
C LYS C 334 53.34 24.32 5.18
N GLU C 335 53.68 23.04 5.19
CA GLU C 335 52.91 22.04 5.94
C GLU C 335 53.85 20.90 6.30
N LYS C 336 53.99 20.64 7.59
CA LYS C 336 54.97 19.69 8.10
C LYS C 336 54.30 18.39 8.52
N ILE C 337 54.82 17.26 8.02
CA ILE C 337 54.28 15.92 8.25
C ILE C 337 55.45 15.00 8.59
N ASN C 338 55.13 13.75 8.94
CA ASN C 338 56.11 12.68 9.00
C ASN C 338 56.06 11.86 7.72
N PRO C 339 57.12 11.86 6.92
CA PRO C 339 57.12 11.07 5.68
C PRO C 339 57.19 9.57 5.93
N ARG C 340 57.69 9.14 7.08
CA ARG C 340 57.69 7.72 7.40
C ARG C 340 56.29 7.20 7.67
N LYS C 341 55.42 8.04 8.25
CA LYS C 341 54.02 7.66 8.40
C LYS C 341 53.32 7.60 7.06
N LEU C 342 53.71 8.46 6.12
CA LEU C 342 53.19 8.37 4.76
C LEU C 342 53.67 7.11 4.07
N LEU C 343 54.92 6.70 4.33
CA LEU C 343 55.44 5.44 3.82
C LEU C 343 54.66 4.26 4.38
N GLU C 344 54.31 4.33 5.67
CA GLU C 344 53.52 3.29 6.30
C GLU C 344 52.13 3.20 5.69
N LYS C 345 51.50 4.35 5.45
CA LYS C 345 50.15 4.33 4.88
C LYS C 345 50.17 3.92 3.41
N LEU C 346 51.25 4.26 2.70
CA LEU C 346 51.39 3.82 1.32
C LEU C 346 51.56 2.31 1.23
N ALA C 347 52.39 1.75 2.12
CA ALA C 347 52.55 0.30 2.17
C ALA C 347 51.26 -0.37 2.62
N MET C 348 50.49 0.29 3.49
CA MET C 348 49.20 -0.25 3.91
C MET C 348 48.22 -0.31 2.76
N LEU C 349 48.14 0.75 1.96
CA LEU C 349 47.23 0.74 0.82
C LEU C 349 47.71 -0.23 -0.27
N ARG C 350 49.01 -0.42 -0.40
CA ARG C 350 49.52 -1.40 -1.35
C ARG C 350 49.26 -2.83 -0.87
N SER C 351 49.25 -3.06 0.44
CA SER C 351 48.88 -4.38 0.92
C SER C 351 47.38 -4.58 0.90
N GLU C 352 46.62 -3.49 0.96
CA GLU C 352 45.16 -3.59 0.82
C GLU C 352 44.79 -3.98 -0.60
N SER C 353 45.21 -3.18 -1.57
CA SER C 353 44.97 -3.49 -2.98
C SER C 353 46.26 -3.66 -3.76
N GLY C 354 47.14 -2.67 -3.74
CA GLY C 354 48.27 -2.63 -4.65
C GLY C 354 48.42 -1.23 -5.19
N TYR C 355 47.54 -0.34 -4.72
CA TYR C 355 47.48 1.07 -5.07
C TYR C 355 48.31 1.88 -4.09
N PRO C 356 48.91 3.00 -4.54
CA PRO C 356 49.01 3.49 -5.90
C PRO C 356 50.30 3.06 -6.56
N TYR C 357 50.59 3.65 -7.71
CA TYR C 357 51.85 3.40 -8.37
C TYR C 357 52.94 4.28 -7.78
N ILE C 358 54.18 3.82 -7.92
CA ILE C 358 55.34 4.51 -7.36
C ILE C 358 56.37 4.68 -8.47
N MET C 359 56.75 5.93 -8.72
CA MET C 359 57.73 6.27 -9.75
C MET C 359 58.88 7.05 -9.11
N PHE C 360 60.10 6.60 -9.37
CA PHE C 360 61.31 7.28 -8.93
C PHE C 360 61.79 8.13 -10.09
N GLN C 361 61.24 9.35 -10.18
CA GLN C 361 61.47 10.20 -11.34
C GLN C 361 62.90 10.66 -11.45
N ASP C 362 63.60 10.77 -10.33
CA ASP C 362 65.02 11.09 -10.39
C ASP C 362 65.80 9.92 -10.95
N ASN C 363 65.40 8.70 -10.60
CA ASN C 363 66.01 7.52 -11.20
C ASN C 363 65.65 7.40 -12.68
N VAL C 364 64.49 7.92 -13.07
CA VAL C 364 64.14 7.97 -14.48
C VAL C 364 65.04 8.96 -15.20
N ASN C 365 65.25 10.13 -14.60
CA ASN C 365 66.09 11.13 -15.23
C ASN C 365 67.57 10.77 -15.13
N LYS C 366 67.92 9.84 -14.23
CA LYS C 366 69.28 9.35 -14.16
C LYS C 366 69.68 8.57 -15.40
N VAL C 367 68.71 8.04 -16.14
CA VAL C 367 68.96 7.39 -17.42
C VAL C 367 68.33 8.11 -18.61
N HIS C 368 67.62 9.22 -18.38
CA HIS C 368 66.83 9.77 -19.46
C HIS C 368 67.68 10.60 -20.42
N ALA C 369 67.68 10.17 -21.68
CA ALA C 369 68.49 10.79 -22.72
C ALA C 369 67.97 12.18 -23.07
N ASN C 370 66.66 12.34 -23.10
CA ASN C 370 66.08 13.65 -23.40
C ASN C 370 65.76 14.42 -22.12
N ASN C 371 66.73 14.48 -21.22
CA ASN C 371 66.59 15.32 -20.03
C ASN C 371 66.85 16.77 -20.35
N HIS C 372 67.43 17.06 -21.51
CA HIS C 372 67.61 18.44 -21.93
C HIS C 372 66.29 19.12 -22.21
N ILE C 373 65.26 18.35 -22.55
CA ILE C 373 63.94 18.93 -22.74
C ILE C 373 63.27 19.19 -21.41
N SER C 374 63.03 18.13 -20.64
CA SER C 374 62.33 18.22 -19.37
C SER C 374 62.67 16.99 -18.55
N LYS C 375 61.96 16.83 -17.43
CA LYS C 375 62.04 15.62 -16.62
C LYS C 375 60.73 14.88 -16.66
N VAL C 376 60.80 13.56 -16.70
CA VAL C 376 59.61 12.73 -16.71
C VAL C 376 59.01 12.74 -15.32
N LYS C 377 57.71 13.01 -15.24
CA LYS C 377 57.04 13.18 -13.96
C LYS C 377 55.82 12.29 -13.79
N PHE C 378 55.56 11.39 -14.74
CA PHE C 378 54.31 10.63 -14.80
C PHE C 378 54.47 9.54 -15.86
N SER C 379 53.50 8.62 -15.86
CA SER C 379 53.44 7.57 -16.87
C SER C 379 51.97 7.29 -17.18
N ASN C 380 51.71 6.21 -17.90
CA ASN C 380 50.37 5.87 -18.35
C ASN C 380 49.72 4.86 -17.42
N LEU C 381 48.49 4.47 -17.77
CA LEU C 381 47.83 3.36 -17.10
C LEU C 381 48.61 2.07 -17.31
N CYS C 382 49.17 1.88 -18.51
CA CYS C 382 50.05 0.75 -18.76
C CYS C 382 51.38 0.88 -18.05
N SER C 383 51.69 2.05 -17.46
CA SER C 383 52.82 2.30 -16.56
C SER C 383 54.16 1.97 -17.21
N GLU C 384 54.28 2.29 -18.46
CA GLU C 384 55.47 1.87 -19.18
C GLU C 384 56.17 3.01 -19.89
N VAL C 385 55.41 3.98 -20.38
CA VAL C 385 55.95 4.99 -21.27
C VAL C 385 56.44 6.17 -20.44
N LEU C 386 57.68 6.57 -20.67
CA LEU C 386 58.30 7.68 -19.96
C LEU C 386 58.99 8.57 -20.99
N GLN C 387 58.37 9.71 -21.28
CA GLN C 387 58.90 10.67 -22.26
C GLN C 387 58.92 12.06 -21.64
N ALA C 388 59.36 13.04 -22.44
CA ALA C 388 59.32 14.42 -22.02
C ALA C 388 57.97 15.04 -22.39
N SER C 389 57.65 16.15 -21.73
CA SER C 389 56.31 16.73 -21.88
C SER C 389 56.36 18.22 -21.59
N GLN C 390 55.33 18.92 -22.05
CA GLN C 390 55.15 20.34 -21.79
C GLN C 390 53.67 20.62 -21.64
N VAL C 391 53.30 21.30 -20.55
CA VAL C 391 51.90 21.62 -20.30
C VAL C 391 51.48 22.75 -21.23
N SER C 392 50.24 22.70 -21.71
CA SER C 392 49.70 23.73 -22.57
C SER C 392 49.02 24.81 -21.73
N SER C 393 48.43 25.81 -22.38
CA SER C 393 47.56 26.76 -21.68
C SER C 393 46.47 27.24 -22.62
N TYR C 394 45.23 27.09 -22.16
CA TYR C 394 44.05 27.42 -22.95
C TYR C 394 43.33 28.60 -22.31
N THR C 395 43.18 29.67 -23.08
CA THR C 395 42.44 30.86 -22.71
C THR C 395 41.00 30.70 -23.20
N ASP C 396 40.27 31.81 -23.29
CA ASP C 396 38.88 31.78 -23.71
C ASP C 396 38.76 31.45 -25.20
N TYR C 397 37.52 31.34 -25.65
CA TYR C 397 37.22 30.87 -27.01
C TYR C 397 37.66 31.90 -28.05
N ASP C 398 37.32 33.17 -27.82
CA ASP C 398 37.77 34.22 -28.71
C ASP C 398 39.27 34.48 -28.55
N GLU C 399 39.83 34.16 -27.39
CA GLU C 399 41.23 34.39 -27.14
C GLU C 399 42.08 33.24 -27.65
N GLU C 400 43.38 33.47 -27.72
CA GLU C 400 44.30 32.49 -28.28
C GLU C 400 44.89 31.62 -27.19
N ASP C 401 45.22 30.38 -27.55
CA ASP C 401 45.68 29.37 -26.62
C ASP C 401 47.12 28.97 -26.94
N GLU C 402 47.58 27.92 -26.26
CA GLU C 402 48.93 27.42 -26.41
C GLU C 402 48.91 25.95 -26.80
N ILE C 403 49.97 25.50 -27.45
CA ILE C 403 50.10 24.13 -27.92
C ILE C 403 51.33 23.53 -27.25
N GLY C 404 51.13 22.76 -26.18
CA GLY C 404 52.25 22.18 -25.48
C GLY C 404 52.75 20.88 -26.10
N LEU C 405 53.36 20.03 -25.29
CA LEU C 405 53.87 18.74 -25.76
C LEU C 405 53.12 17.61 -25.09
N ASP C 406 52.93 16.52 -25.84
CA ASP C 406 52.24 15.37 -25.27
C ASP C 406 53.01 14.08 -25.53
N ILE C 407 52.39 12.94 -25.19
CA ILE C 407 53.03 11.64 -25.29
C ILE C 407 52.04 10.66 -25.91
N SER C 408 52.47 9.96 -26.96
CA SER C 408 51.70 8.87 -27.55
C SER C 408 52.69 7.84 -28.07
N CYS C 409 52.65 6.64 -27.50
CA CYS C 409 53.59 5.58 -27.83
C CYS C 409 52.83 4.33 -28.26
N ASN C 410 53.02 3.92 -29.51
CA ASN C 410 52.34 2.74 -30.01
C ASN C 410 52.99 1.48 -29.43
N LEU C 411 52.28 0.37 -29.58
CA LEU C 411 52.66 -0.89 -28.98
C LEU C 411 52.87 -1.93 -30.08
N GLY C 412 53.03 -3.18 -29.66
CA GLY C 412 53.32 -4.27 -30.57
C GLY C 412 54.52 -5.08 -30.11
N SER C 413 54.34 -6.38 -29.91
CA SER C 413 55.32 -7.23 -29.24
C SER C 413 55.87 -8.26 -30.22
N LEU C 414 56.92 -8.94 -29.78
CA LEU C 414 57.50 -10.03 -30.55
C LEU C 414 57.67 -11.24 -29.65
N ASN C 415 58.06 -12.36 -30.25
CA ASN C 415 58.25 -13.60 -29.52
C ASN C 415 59.74 -13.82 -29.30
N ILE C 416 60.13 -14.00 -28.04
CA ILE C 416 61.49 -14.41 -27.73
C ILE C 416 61.75 -15.80 -28.29
N LEU C 417 60.76 -16.69 -28.19
CA LEU C 417 60.91 -18.07 -28.62
C LEU C 417 61.12 -18.17 -30.13
N ASN C 418 60.25 -17.51 -30.90
CA ASN C 418 60.32 -17.64 -32.35
C ASN C 418 61.51 -16.90 -32.93
N VAL C 419 61.90 -15.77 -32.35
CA VAL C 419 63.10 -15.08 -32.82
C VAL C 419 64.34 -15.90 -32.47
N MET C 420 64.37 -16.46 -31.26
CA MET C 420 65.51 -17.27 -30.85
C MET C 420 65.58 -18.60 -31.59
N GLU C 421 64.48 -19.06 -32.17
CA GLU C 421 64.53 -20.29 -32.96
C GLU C 421 64.76 -20.03 -34.44
N HIS C 422 64.23 -18.94 -34.98
CA HIS C 422 64.35 -18.67 -36.40
C HIS C 422 65.55 -17.79 -36.74
N LYS C 423 66.04 -17.01 -35.78
CA LYS C 423 67.31 -16.28 -35.86
C LYS C 423 67.35 -15.26 -37.00
N SER C 424 66.22 -14.62 -37.27
CA SER C 424 66.14 -13.51 -38.22
C SER C 424 66.02 -12.18 -37.50
N ILE C 425 66.79 -12.03 -36.42
CA ILE C 425 66.54 -11.03 -35.39
C ILE C 425 66.75 -9.61 -35.94
N GLU C 426 67.75 -9.41 -36.80
CA GLU C 426 67.97 -8.09 -37.35
C GLU C 426 66.89 -7.72 -38.35
N LYS C 427 66.51 -8.66 -39.22
CA LYS C 427 65.42 -8.41 -40.15
C LYS C 427 64.09 -8.28 -39.43
N THR C 428 63.94 -8.97 -38.29
CA THR C 428 62.79 -8.76 -37.43
C THR C 428 62.73 -7.32 -36.92
N VAL C 429 63.89 -6.79 -36.51
CA VAL C 429 63.99 -5.40 -36.09
C VAL C 429 63.64 -4.45 -37.24
N LYS C 430 64.13 -4.79 -38.44
CA LYS C 430 63.84 -4.00 -39.66
C LYS C 430 62.35 -3.92 -39.92
N LEU C 431 61.69 -5.06 -40.02
CA LEU C 431 60.27 -5.11 -40.36
C LEU C 431 59.40 -4.51 -39.27
N ALA C 432 59.72 -4.78 -38.00
CA ALA C 432 58.95 -4.23 -36.89
C ALA C 432 59.09 -2.72 -36.83
N THR C 433 60.30 -2.20 -37.09
CA THR C 433 60.52 -0.77 -37.05
C THR C 433 59.81 -0.08 -38.21
N ASP C 434 59.84 -0.70 -39.41
CA ASP C 434 59.14 -0.11 -40.55
C ASP C 434 57.64 -0.10 -40.35
N SER C 435 57.10 -1.17 -39.75
CA SER C 435 55.66 -1.22 -39.51
C SER C 435 55.25 -0.21 -38.45
N LEU C 436 56.03 -0.10 -37.38
CA LEU C 436 55.72 0.89 -36.34
C LEU C 436 55.91 2.31 -36.86
N THR C 437 56.84 2.51 -37.79
CA THR C 437 56.99 3.79 -38.46
C THR C 437 55.77 4.11 -39.29
N HIS C 438 55.24 3.10 -39.99
CA HIS C 438 54.05 3.28 -40.79
C HIS C 438 52.83 3.61 -39.93
N VAL C 439 52.73 2.98 -38.75
CA VAL C 439 51.63 3.26 -37.83
C VAL C 439 51.74 4.68 -37.30
N SER C 440 52.96 5.10 -36.93
CA SER C 440 53.14 6.46 -36.43
C SER C 440 52.93 7.49 -37.53
N GLU C 441 53.15 7.11 -38.79
CA GLU C 441 52.89 8.03 -39.89
C GLU C 441 51.40 8.18 -40.15
N THR C 442 50.66 7.07 -40.13
CA THR C 442 49.27 7.11 -40.57
C THR C 442 48.35 7.69 -39.50
N THR C 443 48.72 7.58 -38.23
CA THR C 443 47.83 7.96 -37.15
C THR C 443 47.75 9.48 -37.02
N ASP C 444 46.54 10.00 -36.91
CA ASP C 444 46.33 11.44 -36.78
C ASP C 444 45.19 11.72 -35.81
N ILE C 445 45.30 12.84 -35.11
CA ILE C 445 44.32 13.30 -34.13
C ILE C 445 43.84 14.67 -34.56
N ARG C 446 42.52 14.90 -34.50
CA ARG C 446 41.94 16.15 -34.98
C ARG C 446 41.14 16.88 -33.92
N ASN C 447 41.37 16.59 -32.64
CA ASN C 447 40.72 17.31 -31.55
C ASN C 447 41.70 18.12 -30.72
N ALA C 448 42.69 17.47 -30.13
CA ALA C 448 43.78 18.15 -29.44
C ALA C 448 44.97 18.19 -30.36
N PRO C 449 45.37 19.36 -30.88
CA PRO C 449 46.52 19.41 -31.79
C PRO C 449 47.85 19.26 -31.08
N ALA C 450 47.86 19.24 -29.75
CA ALA C 450 49.12 19.12 -29.02
C ALA C 450 49.69 17.71 -29.14
N VAL C 451 48.84 16.69 -29.03
CA VAL C 451 49.30 15.32 -29.20
C VAL C 451 49.60 15.05 -30.67
N ARG C 452 48.90 15.75 -31.57
CA ARG C 452 49.20 15.68 -32.99
C ARG C 452 50.60 16.21 -33.28
N ARG C 453 50.90 17.39 -32.74
CA ARG C 453 52.23 17.97 -32.84
C ARG C 453 53.29 17.11 -32.16
N ALA C 454 52.93 16.48 -31.04
CA ALA C 454 53.88 15.63 -30.32
C ALA C 454 54.23 14.38 -31.10
N ASN C 455 53.21 13.73 -31.69
CA ASN C 455 53.48 12.56 -32.52
C ASN C 455 54.17 12.95 -33.82
N LYS C 456 53.93 14.18 -34.30
CA LYS C 456 54.63 14.63 -35.50
C LYS C 456 56.08 14.97 -35.20
N ALA C 457 56.38 15.39 -33.98
CA ALA C 457 57.71 15.89 -33.64
C ALA C 457 58.61 14.79 -33.09
N MET C 458 58.09 13.96 -32.19
CA MET C 458 58.95 12.99 -31.51
C MET C 458 59.27 11.81 -32.41
N LYS C 459 58.27 11.34 -33.18
CA LYS C 459 58.34 10.09 -33.96
C LYS C 459 58.76 8.93 -33.08
N SER C 460 58.13 8.85 -31.90
CA SER C 460 58.52 7.90 -30.87
C SER C 460 57.75 6.60 -31.03
N ILE C 461 58.45 5.48 -30.88
CA ILE C 461 57.82 4.17 -30.96
C ILE C 461 58.06 3.44 -29.66
N GLY C 462 57.40 2.29 -29.54
CA GLY C 462 57.61 1.41 -28.41
C GLY C 462 57.63 -0.04 -28.84
N LEU C 463 58.70 -0.75 -28.52
CA LEU C 463 58.84 -2.15 -28.89
C LEU C 463 59.05 -2.99 -27.65
N GLY C 464 58.34 -4.12 -27.60
CA GLY C 464 58.48 -5.07 -26.51
C GLY C 464 58.53 -6.50 -26.99
N ALA C 465 58.50 -7.44 -26.05
CA ALA C 465 58.60 -8.86 -26.38
C ALA C 465 57.84 -9.66 -25.32
N MET C 466 57.65 -10.94 -25.59
CA MET C 466 56.97 -11.84 -24.67
C MET C 466 57.63 -13.20 -24.74
N ASN C 467 57.10 -14.13 -23.93
CA ASN C 467 57.56 -15.52 -23.82
C ASN C 467 59.02 -15.59 -23.38
N LEU C 468 59.27 -15.07 -22.18
CA LEU C 468 60.56 -15.23 -21.55
C LEU C 468 60.61 -16.47 -20.66
N HIS C 469 59.67 -16.55 -19.72
CA HIS C 469 59.64 -17.67 -18.78
C HIS C 469 59.28 -18.97 -19.48
N GLY C 470 58.33 -18.91 -20.41
CA GLY C 470 57.91 -20.12 -21.09
C GLY C 470 58.96 -20.67 -22.04
N TYR C 471 59.65 -19.78 -22.76
CA TYR C 471 60.68 -20.23 -23.69
C TYR C 471 61.90 -20.75 -22.95
N LEU C 472 62.44 -19.96 -22.02
CA LEU C 472 63.64 -20.36 -21.30
C LEU C 472 63.37 -21.54 -20.39
N ALA C 473 62.20 -21.57 -19.76
CA ALA C 473 61.82 -22.72 -18.95
C ALA C 473 61.51 -23.92 -19.83
N GLN C 474 61.13 -23.68 -21.08
CA GLN C 474 60.96 -24.77 -22.04
C GLN C 474 62.30 -25.32 -22.49
N ASN C 475 63.35 -24.51 -22.44
CA ASN C 475 64.68 -24.98 -22.75
C ASN C 475 65.33 -25.73 -21.59
N GLY C 476 64.74 -25.68 -20.40
CA GLY C 476 65.33 -26.34 -19.26
C GLY C 476 66.19 -25.40 -18.43
N ILE C 477 65.79 -24.14 -18.36
CA ILE C 477 66.49 -23.13 -17.58
C ILE C 477 65.52 -22.58 -16.55
N ALA C 478 65.99 -22.46 -15.31
CA ALA C 478 65.16 -21.90 -14.25
C ALA C 478 64.98 -20.40 -14.46
N TYR C 479 63.81 -19.90 -14.06
CA TYR C 479 63.55 -18.47 -14.15
C TYR C 479 64.38 -17.70 -13.13
N GLU C 480 64.64 -18.32 -11.98
CA GLU C 480 65.43 -17.70 -10.93
C GLU C 480 66.91 -18.01 -11.07
N SER C 481 67.37 -18.20 -12.24
CA SER C 481 68.77 -18.41 -12.52
C SER C 481 69.44 -17.11 -12.94
N PRO C 482 70.71 -16.93 -12.55
CA PRO C 482 71.50 -15.83 -13.15
C PRO C 482 71.81 -16.08 -14.61
N GLU C 483 71.72 -17.33 -15.06
CA GLU C 483 71.82 -17.66 -16.47
C GLU C 483 70.76 -16.94 -17.28
N ALA C 484 69.51 -16.96 -16.80
CA ALA C 484 68.44 -16.25 -17.50
C ALA C 484 68.64 -14.75 -17.45
N ARG C 485 69.27 -14.24 -16.38
CA ARG C 485 69.54 -12.82 -16.30
C ARG C 485 70.62 -12.40 -17.29
N ASP C 486 71.68 -13.20 -17.42
CA ASP C 486 72.70 -12.95 -18.44
C ASP C 486 72.14 -13.16 -19.84
N PHE C 487 71.17 -14.07 -19.98
CA PHE C 487 70.49 -14.27 -21.25
C PHE C 487 69.73 -13.03 -21.67
N ALA C 488 68.94 -12.48 -20.74
CA ALA C 488 68.22 -11.23 -21.02
C ALA C 488 69.19 -10.09 -21.27
N ASN C 489 70.30 -10.05 -20.52
CA ASN C 489 71.33 -9.04 -20.70
C ASN C 489 71.90 -9.06 -22.11
N THR C 490 72.39 -10.22 -22.54
CA THR C 490 72.99 -10.33 -23.87
C THR C 490 71.96 -10.15 -24.97
N PHE C 491 70.78 -10.75 -24.81
CA PHE C 491 69.76 -10.69 -25.85
C PHE C 491 69.24 -9.26 -26.04
N PHE C 492 69.00 -8.56 -24.93
CA PHE C 492 68.51 -7.21 -25.06
C PHE C 492 69.63 -6.24 -25.42
N MET C 493 70.88 -6.59 -25.15
CA MET C 493 72.00 -5.87 -25.74
C MET C 493 71.99 -6.01 -27.26
N MET C 494 71.71 -7.23 -27.75
CA MET C 494 71.72 -7.46 -29.19
C MET C 494 70.54 -6.75 -29.87
N VAL C 495 69.35 -6.81 -29.26
CA VAL C 495 68.22 -6.12 -29.87
C VAL C 495 68.34 -4.62 -29.68
N ASN C 496 69.08 -4.18 -28.66
CA ASN C 496 69.38 -2.76 -28.52
C ASN C 496 70.32 -2.31 -29.61
N PHE C 497 71.32 -3.13 -29.90
CA PHE C 497 72.24 -2.90 -31.01
C PHE C 497 71.48 -2.79 -32.33
N TYR C 498 70.61 -3.76 -32.60
CA TYR C 498 69.87 -3.78 -33.84
C TYR C 498 68.85 -2.67 -33.93
N SER C 499 68.24 -2.28 -32.81
CA SER C 499 67.23 -1.23 -32.83
C SER C 499 67.89 0.14 -33.04
N ILE C 500 69.01 0.37 -32.36
CA ILE C 500 69.73 1.63 -32.55
C ILE C 500 70.33 1.68 -33.95
N GLN C 501 70.80 0.53 -34.45
CA GLN C 501 71.30 0.43 -35.80
C GLN C 501 70.22 0.74 -36.83
N ARG C 502 69.02 0.21 -36.60
CA ARG C 502 67.91 0.46 -37.52
C ARG C 502 67.45 1.91 -37.45
N SER C 503 67.43 2.50 -36.24
CA SER C 503 67.00 3.88 -36.11
C SER C 503 68.01 4.83 -36.75
N ALA C 504 69.29 4.52 -36.62
CA ALA C 504 70.32 5.34 -37.26
C ALA C 504 70.30 5.17 -38.76
N GLU C 505 70.06 3.95 -39.24
CA GLU C 505 69.91 3.72 -40.67
C GLU C 505 68.70 4.44 -41.22
N ILE C 506 67.61 4.46 -40.45
CA ILE C 506 66.38 5.10 -40.91
C ILE C 506 66.54 6.62 -40.91
N ALA C 507 67.21 7.18 -39.90
CA ALA C 507 67.48 8.62 -39.91
C ALA C 507 68.49 8.99 -40.99
N LYS C 508 69.32 8.03 -41.43
CA LYS C 508 70.17 8.27 -42.58
C LYS C 508 69.36 8.25 -43.87
N GLU C 509 68.50 7.24 -44.03
CA GLU C 509 67.75 7.04 -45.27
C GLU C 509 66.72 8.16 -45.47
N LYS C 510 66.09 8.59 -44.40
CA LYS C 510 65.27 9.80 -44.46
C LYS C 510 66.14 11.04 -44.59
N GLY C 511 67.39 10.97 -44.16
CA GLY C 511 68.23 12.14 -44.06
C GLY C 511 67.80 13.12 -42.99
N GLU C 512 67.07 12.65 -41.98
CA GLU C 512 66.38 13.51 -41.04
C GLU C 512 66.04 12.74 -39.77
N THR C 513 66.24 13.39 -38.63
CA THR C 513 66.11 12.77 -37.31
C THR C 513 64.89 13.34 -36.58
N PHE C 514 64.69 12.88 -35.35
CA PHE C 514 63.65 13.51 -34.56
C PHE C 514 64.11 14.86 -34.04
N ASP C 515 63.17 15.61 -33.49
CA ASP C 515 63.44 16.98 -33.07
C ASP C 515 64.09 16.99 -31.68
N GLN C 516 64.94 18.00 -31.46
CA GLN C 516 65.83 18.11 -30.28
C GLN C 516 66.67 16.86 -30.09
N TYR C 517 67.14 16.31 -31.21
CA TYR C 517 68.04 15.16 -31.16
C TYR C 517 69.39 15.56 -30.60
N GLU C 518 69.79 16.81 -30.83
CA GLU C 518 71.13 17.28 -30.50
C GLU C 518 71.39 17.32 -29.00
N GLY C 519 70.36 17.59 -28.20
CA GLY C 519 70.55 17.60 -26.76
C GLY C 519 70.44 16.25 -26.10
N SER C 520 70.06 15.23 -26.86
CA SER C 520 69.95 13.89 -26.33
C SER C 520 71.35 13.26 -26.21
N THR C 521 71.41 12.14 -25.50
CA THR C 521 72.68 11.44 -25.32
C THR C 521 73.11 10.70 -26.58
N TYR C 522 72.19 10.47 -27.53
CA TYR C 522 72.54 9.80 -28.76
C TYR C 522 73.41 10.69 -29.65
N ALA C 523 73.13 12.00 -29.66
CA ALA C 523 73.95 12.92 -30.46
C ALA C 523 75.33 13.11 -29.87
N THR C 524 75.46 12.94 -28.55
CA THR C 524 76.73 13.01 -27.87
C THR C 524 77.35 11.64 -27.62
N GLY C 525 76.64 10.56 -27.98
CA GLY C 525 77.18 9.23 -27.84
C GLY C 525 77.24 8.71 -26.43
N GLU C 526 76.53 9.35 -25.49
CA GLU C 526 76.67 8.99 -24.09
C GLU C 526 75.92 7.71 -23.75
N TYR C 527 74.87 7.37 -24.49
CA TYR C 527 74.20 6.09 -24.29
C TYR C 527 75.09 4.93 -24.74
N PHE C 528 75.96 5.18 -25.73
CA PHE C 528 76.91 4.17 -26.16
C PHE C 528 78.14 4.12 -25.29
N ASP C 529 78.34 5.13 -24.44
CA ASP C 529 79.49 5.15 -23.54
C ASP C 529 79.44 4.01 -22.54
N LYS C 530 78.23 3.57 -22.17
CA LYS C 530 78.09 2.34 -21.42
C LYS C 530 78.44 1.11 -22.26
N TYR C 531 78.24 1.20 -23.57
CA TYR C 531 78.37 0.04 -24.45
C TYR C 531 79.65 0.03 -25.27
N VAL C 532 80.40 1.13 -25.33
CA VAL C 532 81.72 1.09 -25.96
C VAL C 532 82.72 0.33 -25.09
N SER C 533 82.42 0.18 -23.81
CA SER C 533 83.06 -0.76 -22.92
C SER C 533 82.00 -1.74 -22.43
N THR C 534 82.39 -2.61 -21.49
CA THR C 534 81.50 -3.53 -20.75
C THR C 534 80.76 -4.47 -21.71
N ASP C 535 81.53 -5.36 -22.33
CA ASP C 535 80.96 -6.31 -23.28
C ASP C 535 80.02 -7.29 -22.58
N PHE C 536 78.81 -7.39 -23.11
CA PHE C 536 77.75 -8.22 -22.54
C PHE C 536 77.66 -9.57 -23.23
N SER C 537 78.81 -10.12 -23.59
CA SER C 537 78.91 -11.47 -24.11
C SER C 537 78.43 -12.47 -23.05
N PRO C 538 77.85 -13.61 -23.46
CA PRO C 538 77.29 -14.55 -22.48
C PRO C 538 78.38 -15.23 -21.67
N LYS C 539 78.24 -15.15 -20.36
CA LYS C 539 79.18 -15.75 -19.42
C LYS C 539 78.78 -17.16 -19.02
N TYR C 540 77.68 -17.68 -19.55
CA TYR C 540 77.22 -19.02 -19.25
C TYR C 540 77.15 -19.84 -20.53
N GLU C 541 77.36 -21.14 -20.38
CA GLU C 541 77.61 -22.02 -21.52
C GLU C 541 76.32 -22.35 -22.28
N LYS C 542 75.23 -22.63 -21.57
CA LYS C 542 73.97 -22.92 -22.25
C LYS C 542 73.37 -21.63 -22.80
N ILE C 543 73.60 -20.52 -22.11
CA ILE C 543 73.15 -19.22 -22.57
C ILE C 543 73.87 -18.83 -23.86
N ALA C 544 75.18 -19.04 -23.90
CA ALA C 544 75.94 -18.78 -25.13
C ALA C 544 75.55 -19.75 -26.23
N ASN C 545 75.29 -21.02 -25.90
CA ASN C 545 74.92 -22.01 -26.90
C ASN C 545 73.56 -21.73 -27.50
N LEU C 546 72.64 -21.14 -26.72
CA LEU C 546 71.41 -20.64 -27.31
C LEU C 546 71.71 -19.48 -28.26
N PHE C 547 72.66 -18.62 -27.91
CA PHE C 547 73.06 -17.53 -28.77
C PHE C 547 74.05 -17.95 -29.85
N GLU C 548 74.52 -19.19 -29.84
CA GLU C 548 75.38 -19.65 -30.93
C GLU C 548 74.55 -19.82 -32.20
N GLY C 549 75.23 -19.72 -33.33
CA GLY C 549 74.57 -19.68 -34.62
C GLY C 549 74.42 -18.28 -35.17
N MET C 550 74.77 -17.26 -34.40
CA MET C 550 74.70 -15.88 -34.86
C MET C 550 75.79 -15.08 -34.17
N HIS C 551 76.24 -14.03 -34.85
CA HIS C 551 77.29 -13.19 -34.30
C HIS C 551 76.75 -12.31 -33.18
N ILE C 552 77.43 -12.32 -32.04
CA ILE C 552 77.07 -11.48 -30.90
C ILE C 552 77.85 -10.18 -31.02
N PRO C 553 77.19 -9.02 -31.06
CA PRO C 553 77.90 -7.75 -31.20
C PRO C 553 78.68 -7.40 -29.95
N THR C 554 79.97 -7.13 -30.12
CA THR C 554 80.83 -6.74 -29.03
C THR C 554 80.81 -5.21 -28.89
N THR C 555 81.71 -4.68 -28.06
CA THR C 555 81.77 -3.25 -27.84
C THR C 555 82.28 -2.49 -29.05
N GLU C 556 83.05 -3.15 -29.91
CA GLU C 556 83.52 -2.50 -31.12
C GLU C 556 82.40 -2.30 -32.13
N ASP C 557 81.45 -3.24 -32.15
CA ASP C 557 80.23 -3.04 -32.92
C ASP C 557 79.43 -1.87 -32.37
N TRP C 558 79.42 -1.71 -31.05
CA TRP C 558 78.80 -0.53 -30.44
C TRP C 558 79.57 0.74 -30.76
N LYS C 559 80.89 0.64 -30.96
CA LYS C 559 81.69 1.81 -31.32
C LYS C 559 81.40 2.25 -32.75
N LYS C 560 81.33 1.30 -33.68
CA LYS C 560 80.94 1.62 -35.04
C LYS C 560 79.50 2.11 -35.11
N LEU C 561 78.63 1.56 -34.25
CA LEU C 561 77.27 2.05 -34.14
C LEU C 561 77.25 3.48 -33.62
N LYS C 562 78.10 3.80 -32.65
CA LYS C 562 78.19 5.15 -32.11
C LYS C 562 78.71 6.12 -33.16
N ALA C 563 79.68 5.68 -33.97
CA ALA C 563 80.20 6.52 -35.04
C ALA C 563 79.16 6.73 -36.14
N PHE C 564 78.34 5.71 -36.41
CA PHE C 564 77.28 5.87 -37.40
C PHE C 564 76.14 6.73 -36.88
N VAL C 565 75.87 6.68 -35.57
CA VAL C 565 74.86 7.54 -34.98
C VAL C 565 75.32 8.99 -34.98
N ALA C 566 76.57 9.23 -34.59
CA ALA C 566 77.15 10.56 -34.68
C ALA C 566 77.34 11.00 -36.12
N GLU C 567 77.36 10.06 -37.07
CA GLU C 567 77.46 10.41 -38.48
C GLU C 567 76.18 11.04 -39.00
N HIS C 568 75.04 10.41 -38.73
CA HIS C 568 73.76 10.92 -39.23
C HIS C 568 72.83 11.35 -38.10
N GLY C 569 72.52 10.46 -37.17
CA GLY C 569 71.54 10.70 -36.15
C GLY C 569 70.65 9.50 -35.98
N MET C 570 69.79 9.54 -34.96
CA MET C 570 68.82 8.50 -34.70
C MET C 570 67.42 9.03 -34.94
N TYR C 571 66.52 8.14 -35.33
CA TYR C 571 65.22 8.58 -35.80
C TYR C 571 64.17 8.67 -34.69
N HIS C 572 64.20 7.76 -33.72
CA HIS C 572 63.20 7.71 -32.67
C HIS C 572 63.81 8.16 -31.36
N SER C 573 63.14 9.10 -30.69
CA SER C 573 63.56 9.52 -29.37
C SER C 573 63.39 8.41 -28.34
N TYR C 574 62.42 7.51 -28.56
CA TYR C 574 62.28 6.31 -27.76
C TYR C 574 61.86 5.17 -28.69
N ARG C 575 62.28 3.96 -28.35
CA ARG C 575 62.02 2.83 -29.24
C ARG C 575 61.36 1.67 -28.51
N LEU C 576 61.51 1.62 -27.20
CA LEU C 576 61.19 0.42 -26.45
C LEU C 576 60.23 0.72 -25.31
N CYS C 577 59.27 -0.16 -25.10
CA CYS C 577 58.47 -0.16 -23.89
C CYS C 577 57.97 -1.58 -23.69
N ILE C 578 57.67 -1.91 -22.44
CA ILE C 578 57.18 -3.24 -22.10
C ILE C 578 55.83 -3.09 -21.41
N ALA C 579 54.79 -3.64 -22.04
CA ALA C 579 53.41 -3.60 -21.58
C ALA C 579 52.93 -5.01 -21.25
N PRO C 580 51.98 -5.14 -20.33
CA PRO C 580 51.36 -6.45 -20.10
C PRO C 580 50.44 -6.85 -21.24
N THR C 581 51.02 -7.37 -22.32
CA THR C 581 50.27 -7.73 -23.51
C THR C 581 49.84 -9.20 -23.47
N GLY C 582 49.05 -9.53 -22.46
CA GLY C 582 48.62 -10.90 -22.27
C GLY C 582 47.39 -11.29 -23.07
N SER C 583 46.73 -10.32 -23.70
CA SER C 583 45.49 -10.60 -24.40
C SER C 583 45.72 -11.28 -25.75
N ILE C 584 46.97 -11.38 -26.19
CA ILE C 584 47.30 -11.96 -27.49
C ILE C 584 48.19 -13.19 -27.37
N SER C 585 48.50 -13.64 -26.16
CA SER C 585 49.37 -14.80 -26.00
C SER C 585 48.69 -16.09 -26.45
N TYR C 586 47.38 -16.16 -26.33
CA TYR C 586 46.65 -17.36 -26.72
C TYR C 586 46.68 -17.54 -28.23
N VAL C 587 46.38 -16.48 -28.97
CA VAL C 587 46.41 -16.57 -30.42
C VAL C 587 47.85 -16.58 -30.93
N GLN C 588 48.80 -16.09 -30.13
CA GLN C 588 50.20 -16.30 -30.44
C GLN C 588 50.69 -17.67 -29.99
N SER C 589 49.81 -18.47 -29.37
CA SER C 589 50.10 -19.85 -28.92
C SER C 589 51.28 -19.89 -27.95
N SER C 590 51.41 -18.84 -27.16
CA SER C 590 52.63 -18.59 -26.40
C SER C 590 52.27 -18.20 -24.99
N THR C 591 53.30 -18.04 -24.17
CA THR C 591 53.10 -17.60 -22.80
C THR C 591 53.03 -16.08 -22.75
N ALA C 592 53.07 -15.54 -21.55
CA ALA C 592 52.95 -14.10 -21.33
C ALA C 592 54.26 -13.38 -21.61
N SER C 593 54.37 -12.15 -21.13
CA SER C 593 55.60 -11.40 -21.25
C SER C 593 56.64 -11.85 -20.23
N VAL C 594 57.66 -11.03 -20.01
CA VAL C 594 58.79 -11.38 -19.16
C VAL C 594 58.43 -11.62 -17.71
N MET C 595 57.25 -11.22 -17.27
CA MET C 595 56.74 -11.65 -15.97
C MET C 595 56.55 -13.16 -15.97
N PRO C 596 56.99 -13.86 -14.94
CA PRO C 596 56.85 -15.32 -14.91
C PRO C 596 55.39 -15.72 -14.71
N ILE C 597 55.11 -16.98 -15.07
CA ILE C 597 53.73 -17.45 -15.05
C ILE C 597 53.26 -17.63 -13.62
N MET C 598 51.95 -17.68 -13.45
CA MET C 598 51.39 -17.96 -12.13
C MET C 598 51.00 -19.42 -12.02
N GLU C 599 50.31 -19.96 -13.01
CA GLU C 599 49.83 -21.33 -12.98
C GLU C 599 50.31 -22.08 -14.21
N ARG C 600 50.51 -23.39 -14.04
CA ARG C 600 50.84 -24.24 -15.17
C ARG C 600 49.60 -24.47 -16.04
N ILE C 601 48.42 -24.48 -15.45
CA ILE C 601 47.17 -24.67 -16.18
C ILE C 601 46.24 -23.54 -15.80
N GLU C 602 45.98 -22.65 -16.76
CA GLU C 602 44.86 -21.73 -16.63
C GLU C 602 43.56 -22.52 -16.72
N GLU C 603 42.62 -22.23 -15.83
CA GLU C 603 41.29 -22.80 -15.89
C GLU C 603 40.29 -21.68 -16.01
N ARG C 604 39.42 -21.75 -17.02
CA ARG C 604 38.40 -20.73 -17.21
C ARG C 604 37.04 -21.39 -17.32
N THR C 605 36.04 -20.69 -16.83
CA THR C 605 34.65 -21.02 -17.13
C THR C 605 34.29 -20.00 -18.21
N TYR C 606 34.32 -20.46 -19.46
CA TYR C 606 33.89 -19.62 -20.57
C TYR C 606 32.42 -19.29 -20.45
N GLY C 607 31.57 -20.29 -20.57
CA GLY C 607 30.16 -20.16 -20.29
C GLY C 607 29.53 -21.53 -20.47
N ASN C 608 28.79 -21.99 -19.44
CA ASN C 608 28.23 -23.34 -19.35
C ASN C 608 29.30 -24.43 -19.57
N SER C 609 30.53 -24.16 -19.15
CA SER C 609 31.66 -25.01 -19.51
C SER C 609 32.84 -24.65 -18.62
N LYS C 610 33.88 -25.47 -18.71
CA LYS C 610 35.15 -25.25 -17.99
C LYS C 610 36.28 -25.68 -18.91
N THR C 611 36.85 -24.73 -19.64
CA THR C 611 38.06 -25.02 -20.38
C THR C 611 39.25 -25.06 -19.43
N TYR C 612 40.19 -25.93 -19.73
CA TYR C 612 41.42 -26.09 -18.95
C TYR C 612 42.56 -25.94 -19.94
N TYR C 613 43.07 -24.72 -20.07
CA TYR C 613 44.16 -24.46 -20.98
C TYR C 613 45.46 -24.52 -20.22
N PRO C 614 46.30 -25.53 -20.44
CA PRO C 614 47.62 -25.54 -19.78
C PRO C 614 48.55 -24.54 -20.43
N MET C 615 49.72 -24.41 -19.84
CA MET C 615 50.76 -23.60 -20.45
C MET C 615 51.27 -24.31 -21.72
N PRO C 616 51.64 -23.54 -22.74
CA PRO C 616 52.18 -24.18 -23.95
C PRO C 616 53.56 -24.76 -23.68
N GLY C 617 53.70 -26.05 -23.95
CA GLY C 617 54.92 -26.77 -23.64
C GLY C 617 54.96 -27.34 -22.25
N LEU C 618 53.82 -27.46 -21.58
CA LEU C 618 53.77 -27.95 -20.21
C LEU C 618 53.88 -29.47 -20.21
N ALA C 619 54.94 -29.99 -19.59
CA ALA C 619 55.11 -31.40 -19.36
C ALA C 619 55.77 -31.57 -17.99
N SER C 620 56.26 -32.76 -17.71
CA SER C 620 56.86 -33.05 -16.42
C SER C 620 58.32 -32.61 -16.33
N ASN C 621 59.00 -32.45 -17.46
CA ASN C 621 60.40 -32.02 -17.44
C ASN C 621 60.50 -30.54 -17.11
N ASN C 622 59.70 -29.71 -17.76
CA ASN C 622 59.63 -28.29 -17.44
C ASN C 622 58.51 -28.00 -16.44
N TRP C 623 58.07 -29.02 -15.70
CA TRP C 623 57.07 -28.83 -14.66
C TRP C 623 57.59 -27.89 -13.58
N PHE C 624 58.77 -28.17 -13.06
CA PHE C 624 59.39 -27.32 -12.07
C PHE C 624 60.21 -26.20 -12.70
N PHE C 625 60.31 -26.18 -14.03
CA PHE C 625 60.73 -24.97 -14.70
C PHE C 625 59.57 -24.00 -14.86
N TYR C 626 58.36 -24.53 -15.04
CA TYR C 626 57.15 -23.70 -15.01
C TYR C 626 56.72 -23.58 -13.55
N LYS C 627 57.41 -22.70 -12.84
CA LYS C 627 57.17 -22.52 -11.42
C LYS C 627 55.89 -21.71 -11.19
N GLU C 628 55.62 -21.41 -9.93
CA GLU C 628 54.47 -20.63 -9.53
C GLU C 628 54.90 -19.28 -8.97
N ALA C 629 54.19 -18.23 -9.38
CA ALA C 629 54.58 -16.86 -9.07
C ALA C 629 54.41 -16.53 -7.60
N TYR C 630 53.58 -17.27 -6.87
CA TYR C 630 53.46 -17.06 -5.44
C TYR C 630 54.62 -17.65 -4.66
N ASP C 631 55.47 -18.44 -5.31
CA ASP C 631 56.54 -19.17 -4.65
C ASP C 631 57.88 -18.85 -5.29
N MET C 632 58.14 -17.56 -5.49
CA MET C 632 59.39 -17.10 -6.07
C MET C 632 59.99 -16.00 -5.20
N ASP C 633 61.30 -15.83 -5.34
CA ASP C 633 61.99 -14.71 -4.71
C ASP C 633 61.79 -13.48 -5.58
N MET C 634 61.17 -12.44 -5.02
CA MET C 634 60.97 -11.22 -5.78
C MET C 634 62.27 -10.47 -6.02
N PHE C 635 63.27 -10.70 -5.17
CA PHE C 635 64.55 -10.00 -5.28
C PHE C 635 65.29 -10.39 -6.54
N LYS C 636 65.27 -11.68 -6.88
CA LYS C 636 65.85 -12.11 -8.15
C LYS C 636 65.07 -11.56 -9.33
N VAL C 637 63.76 -11.36 -9.15
CA VAL C 637 62.95 -10.79 -10.22
C VAL C 637 63.33 -9.34 -10.47
N VAL C 638 63.53 -8.54 -9.41
CA VAL C 638 63.84 -7.14 -9.64
C VAL C 638 65.30 -7.00 -10.08
N ASP C 639 66.16 -7.97 -9.71
CA ASP C 639 67.49 -8.01 -10.28
C ASP C 639 67.45 -8.27 -11.78
N MET C 640 66.57 -9.18 -12.20
CA MET C 640 66.34 -9.40 -13.63
C MET C 640 65.76 -8.15 -14.29
N ILE C 641 64.90 -7.44 -13.57
CA ILE C 641 64.29 -6.21 -14.07
C ILE C 641 65.35 -5.16 -14.31
N ALA C 642 66.31 -5.02 -13.38
CA ALA C 642 67.40 -4.09 -13.56
C ALA C 642 68.33 -4.53 -14.68
N THR C 643 68.51 -5.85 -14.82
CA THR C 643 69.32 -6.39 -15.91
C THR C 643 68.72 -6.06 -17.27
N ILE C 644 67.40 -6.09 -17.36
CA ILE C 644 66.73 -5.73 -18.60
C ILE C 644 66.74 -4.22 -18.79
N GLN C 645 66.50 -3.47 -17.71
CA GLN C 645 66.49 -2.01 -17.71
C GLN C 645 67.85 -1.42 -18.02
N GLN C 646 68.91 -2.21 -17.95
CA GLN C 646 70.21 -1.83 -18.51
C GLN C 646 70.18 -1.57 -20.02
N HIS C 647 69.13 -1.97 -20.74
CA HIS C 647 69.04 -1.71 -22.17
C HIS C 647 67.79 -0.97 -22.61
N ILE C 648 66.78 -0.84 -21.76
CA ILE C 648 65.51 -0.24 -22.14
C ILE C 648 65.55 1.26 -21.89
N ASP C 649 65.08 2.04 -22.86
CA ASP C 649 65.04 3.49 -22.69
C ASP C 649 63.93 3.90 -21.73
N GLN C 650 62.73 3.39 -21.95
CA GLN C 650 61.57 3.76 -21.15
C GLN C 650 61.40 2.78 -19.99
N GLY C 651 60.25 2.84 -19.34
CA GLY C 651 59.96 1.98 -18.21
C GLY C 651 59.37 0.65 -18.63
N ILE C 652 59.28 -0.24 -17.66
CA ILE C 652 58.75 -1.59 -17.84
C ILE C 652 57.71 -1.84 -16.77
N SER C 653 56.52 -2.27 -17.19
CA SER C 653 55.41 -2.50 -16.27
C SER C 653 55.66 -3.80 -15.50
N PHE C 654 56.49 -3.71 -14.47
CA PHE C 654 56.75 -4.86 -13.60
C PHE C 654 55.59 -5.00 -12.64
N THR C 655 54.78 -6.03 -12.84
CA THR C 655 53.72 -6.34 -11.92
C THR C 655 54.28 -7.08 -10.71
N LEU C 656 53.96 -6.59 -9.53
CA LEU C 656 54.41 -7.23 -8.30
C LEU C 656 53.59 -8.48 -8.04
N PHE C 657 54.28 -9.59 -7.80
CA PHE C 657 53.64 -10.89 -7.55
C PHE C 657 53.77 -11.17 -6.06
N LEU C 658 52.78 -10.74 -5.29
CA LEU C 658 52.82 -10.92 -3.85
C LEU C 658 51.70 -11.84 -3.41
N LYS C 659 51.61 -12.02 -2.09
CA LYS C 659 50.62 -12.88 -1.46
C LYS C 659 49.94 -12.12 -0.33
N ASP C 660 49.02 -12.80 0.36
CA ASP C 660 48.29 -12.17 1.44
C ASP C 660 49.04 -12.24 2.76
N THR C 661 49.91 -13.23 2.93
CA THR C 661 50.57 -13.48 4.19
C THR C 661 51.74 -12.53 4.45
N MET C 662 52.17 -11.78 3.44
CA MET C 662 53.33 -10.91 3.57
C MET C 662 53.00 -9.67 4.39
N THR C 663 54.02 -8.85 4.66
CA THR C 663 53.87 -7.70 5.54
C THR C 663 54.26 -6.42 4.83
N THR C 664 53.94 -5.28 5.46
CA THR C 664 54.19 -3.99 4.84
C THR C 664 55.66 -3.59 4.91
N ARG C 665 56.35 -4.00 5.98
CA ARG C 665 57.75 -3.62 6.13
C ARG C 665 58.64 -4.33 5.13
N ASP C 666 58.29 -5.57 4.76
CA ASP C 666 59.01 -6.25 3.69
C ASP C 666 58.74 -5.58 2.35
N LEU C 667 57.54 -5.05 2.17
CA LEU C 667 57.23 -4.25 1.00
C LEU C 667 58.06 -2.96 0.99
N ASN C 668 58.29 -2.39 2.17
CA ASN C 668 59.17 -1.23 2.28
C ASN C 668 60.61 -1.60 1.91
N ARG C 669 61.06 -2.79 2.34
CA ARG C 669 62.40 -3.25 1.99
C ARG C 669 62.50 -3.48 0.49
N ILE C 670 61.42 -3.97 -0.13
CA ILE C 670 61.35 -4.11 -1.57
C ILE C 670 61.45 -2.74 -2.24
N ASP C 671 60.79 -1.73 -1.67
CA ASP C 671 60.84 -0.38 -2.22
C ASP C 671 62.23 0.22 -2.12
N LEU C 672 62.89 0.02 -0.99
CA LEU C 672 64.27 0.49 -0.82
C LEU C 672 65.21 -0.26 -1.75
N TYR C 673 64.96 -1.54 -1.96
CA TYR C 673 65.76 -2.35 -2.87
C TYR C 673 65.60 -1.88 -4.31
N ALA C 674 64.37 -1.52 -4.69
CA ALA C 674 64.11 -1.06 -6.05
C ALA C 674 64.65 0.34 -6.27
N HIS C 675 64.55 1.21 -5.26
CA HIS C 675 65.17 2.52 -5.35
C HIS C 675 66.69 2.40 -5.38
N HIS C 676 67.22 1.40 -4.69
CA HIS C 676 68.64 1.09 -4.80
C HIS C 676 68.99 0.58 -6.18
N ARG C 677 68.08 -0.13 -6.84
CA ARG C 677 68.34 -0.64 -8.17
C ARG C 677 68.07 0.38 -9.26
N GLY C 678 67.57 1.56 -8.92
CA GLY C 678 67.21 2.53 -9.94
C GLY C 678 66.02 2.12 -10.76
N ILE C 679 65.09 1.38 -10.16
CA ILE C 679 63.90 0.93 -10.87
C ILE C 679 63.00 2.14 -11.13
N LYS C 680 62.52 2.24 -12.37
CA LYS C 680 61.74 3.42 -12.76
C LYS C 680 60.36 3.41 -12.12
N THR C 681 59.54 2.41 -12.45
CA THR C 681 58.17 2.35 -11.97
C THR C 681 57.87 0.96 -11.46
N ILE C 682 56.74 0.84 -10.75
CA ILE C 682 56.19 -0.43 -10.34
C ILE C 682 54.71 -0.45 -10.72
N TYR C 683 54.15 -1.66 -10.78
CA TYR C 683 52.74 -1.83 -11.07
C TYR C 683 52.01 -2.28 -9.80
N TYR C 684 50.68 -2.30 -9.90
CA TYR C 684 49.76 -2.93 -8.97
C TYR C 684 50.21 -4.35 -8.59
N ALA C 685 50.05 -4.69 -7.32
CA ALA C 685 50.60 -5.91 -6.77
C ALA C 685 49.58 -7.06 -6.80
N ARG C 686 50.09 -8.28 -6.60
CA ARG C 686 49.27 -9.48 -6.64
C ARG C 686 49.04 -10.04 -5.23
N THR C 687 48.15 -11.02 -5.16
CA THR C 687 47.76 -11.63 -3.90
C THR C 687 47.50 -13.12 -4.06
N ASN D 4 27.11 39.08 26.73
CA ASN D 4 26.12 38.09 26.34
C ASN D 4 24.73 38.69 26.37
N GLN D 5 24.65 39.93 26.84
CA GLN D 5 23.37 40.57 27.03
C GLN D 5 22.79 41.01 25.70
N VAL D 6 21.49 40.79 25.55
CA VAL D 6 20.76 41.25 24.36
C VAL D 6 20.74 42.77 24.37
N PRO D 7 21.13 43.44 23.27
CA PRO D 7 21.16 44.90 23.27
C PRO D 7 19.77 45.50 23.27
N LYS D 8 19.72 46.84 23.36
CA LYS D 8 18.47 47.51 23.68
C LYS D 8 17.47 47.43 22.54
N TRP D 9 17.93 47.63 21.30
CA TRP D 9 17.02 47.67 20.16
C TRP D 9 16.41 46.31 19.88
N ILE D 10 17.13 45.23 20.15
CA ILE D 10 16.57 43.90 19.99
C ILE D 10 15.47 43.66 21.02
N GLN D 11 15.69 44.13 22.25
CA GLN D 11 14.64 44.06 23.25
C GLN D 11 13.44 44.93 22.87
N LEU D 12 13.69 46.07 22.22
CA LEU D 12 12.59 46.90 21.75
C LEU D 12 11.79 46.20 20.66
N ASN D 13 12.48 45.47 19.79
CA ASN D 13 11.79 44.67 18.78
C ASN D 13 11.03 43.51 19.42
N ASN D 14 11.54 42.95 20.52
CA ASN D 14 10.80 41.95 21.26
C ASN D 14 9.58 42.54 21.93
N GLU D 15 9.65 43.82 22.29
CA GLU D 15 8.54 44.51 22.94
C GLU D 15 7.40 44.82 21.98
N ILE D 16 7.60 44.64 20.68
CA ILE D 16 6.54 44.92 19.72
C ILE D 16 5.39 43.93 19.88
N MET D 17 5.72 42.66 20.10
CA MET D 17 4.71 41.62 20.20
C MET D 17 3.98 41.60 21.53
N ILE D 18 4.24 42.56 22.43
CA ILE D 18 3.52 42.62 23.68
C ILE D 18 2.08 43.06 23.41
N GLN D 19 1.13 42.31 23.96
CA GLN D 19 -0.27 42.56 23.68
C GLN D 19 -0.77 43.80 24.41
N LYS D 20 -0.75 44.94 23.72
CA LYS D 20 -1.36 46.15 24.23
C LYS D 20 -2.80 46.17 23.72
N ASP D 21 -3.73 45.95 24.66
CA ASP D 21 -5.19 45.80 24.45
C ASP D 21 -5.56 44.99 23.20
N GLY D 22 -4.86 43.86 23.01
CA GLY D 22 -5.08 43.05 21.84
C GLY D 22 -4.34 43.49 20.59
N LYS D 23 -3.40 44.42 20.72
CA LYS D 23 -2.62 44.85 19.56
C LYS D 23 -1.14 44.73 19.84
N PHE D 24 -0.33 45.36 19.00
CA PHE D 24 1.12 45.23 19.08
C PHE D 24 1.75 46.60 19.24
N GLN D 25 2.93 46.61 19.87
CA GLN D 25 3.62 47.86 20.16
C GLN D 25 4.48 48.22 18.96
N PHE D 26 3.83 48.84 17.97
CA PHE D 26 4.47 49.11 16.69
C PHE D 26 5.60 50.13 16.82
N ASP D 27 5.39 51.16 17.64
CA ASP D 27 6.35 52.25 17.75
C ASP D 27 7.63 51.85 18.45
N LYS D 28 7.63 50.70 19.14
CA LYS D 28 8.85 50.10 19.65
C LYS D 28 9.83 49.72 18.56
N ASP D 29 9.36 49.57 17.32
CA ASP D 29 10.24 49.47 16.16
C ASP D 29 11.14 50.70 16.05
N LYS D 30 10.57 51.89 16.23
CA LYS D 30 11.26 53.14 15.94
C LYS D 30 12.45 53.34 16.85
N GLU D 31 12.28 53.12 18.15
CA GLU D 31 13.39 53.12 19.07
C GLU D 31 14.35 51.98 18.76
N ALA D 32 13.79 50.83 18.35
CA ALA D 32 14.62 49.73 17.85
C ALA D 32 15.35 50.14 16.58
N VAL D 33 14.79 51.08 15.83
CA VAL D 33 15.58 51.79 14.84
C VAL D 33 16.54 52.74 15.54
N HIS D 34 15.99 53.67 16.33
CA HIS D 34 16.69 54.89 16.69
C HIS D 34 17.85 54.65 17.64
N SER D 35 17.68 53.75 18.61
CA SER D 35 18.79 53.38 19.47
C SER D 35 19.86 52.64 18.68
N TYR D 36 19.44 51.79 17.75
CA TYR D 36 20.38 50.99 16.98
C TYR D 36 21.20 51.85 16.05
N PHE D 37 20.63 52.95 15.57
CA PHE D 37 21.42 53.95 14.89
C PHE D 37 22.44 54.59 15.82
N VAL D 38 22.01 54.89 17.04
CA VAL D 38 22.89 55.57 17.97
C VAL D 38 23.92 54.60 18.53
N ASP D 39 23.45 53.47 19.05
CA ASP D 39 24.34 52.59 19.78
C ASP D 39 25.24 51.76 18.89
N TYR D 40 24.87 51.57 17.63
CA TYR D 40 25.67 50.72 16.76
C TYR D 40 26.16 51.44 15.51
N ILE D 41 25.28 52.12 14.80
CA ILE D 41 25.61 52.60 13.46
C ILE D 41 26.59 53.76 13.53
N ASN D 42 26.29 54.75 14.37
CA ASN D 42 27.15 55.91 14.47
C ASN D 42 28.40 55.64 15.29
N GLN D 43 28.53 54.47 15.89
CA GLN D 43 29.72 54.15 16.67
C GLN D 43 30.67 53.22 15.93
N ASN D 44 30.34 52.81 14.70
CA ASN D 44 31.19 51.87 14.01
C ASN D 44 31.52 52.32 12.59
N THR D 45 31.51 53.62 12.34
CA THR D 45 31.76 54.16 11.01
C THR D 45 33.15 54.77 10.98
N VAL D 46 33.84 54.63 9.85
CA VAL D 46 35.19 55.16 9.72
C VAL D 46 35.13 56.67 9.62
N PHE D 47 35.87 57.35 10.49
CA PHE D 47 35.87 58.80 10.55
C PHE D 47 36.57 59.38 9.34
N PHE D 48 36.09 60.54 8.88
CA PHE D 48 36.78 61.34 7.88
C PHE D 48 36.69 62.80 8.26
N HIS D 49 37.66 63.57 7.79
CA HIS D 49 37.70 64.99 8.05
C HIS D 49 36.90 65.80 7.04
N ASN D 50 36.79 65.31 5.81
CA ASN D 50 36.02 65.99 4.78
C ASN D 50 35.57 64.96 3.75
N LEU D 51 35.04 65.46 2.63
CA LEU D 51 34.66 64.60 1.52
C LEU D 51 35.86 64.23 0.67
N LYS D 52 36.82 65.14 0.55
CA LYS D 52 37.95 64.95 -0.35
C LYS D 52 38.83 63.79 0.10
N GLU D 53 39.21 63.77 1.37
CA GLU D 53 40.02 62.67 1.88
C GLU D 53 39.25 61.36 1.89
N LYS D 54 37.93 61.43 2.03
CA LYS D 54 37.09 60.24 1.92
C LYS D 54 37.16 59.65 0.53
N LEU D 55 37.03 60.50 -0.50
CA LEU D 55 37.13 60.03 -1.88
C LEU D 55 38.55 59.58 -2.22
N ASP D 56 39.55 60.22 -1.63
CA ASP D 56 40.93 59.79 -1.84
C ASP D 56 41.17 58.44 -1.22
N TYR D 57 40.57 58.18 -0.06
CA TYR D 57 40.66 56.87 0.56
C TYR D 57 39.96 55.82 -0.29
N LEU D 58 38.80 56.18 -0.87
CA LEU D 58 38.09 55.27 -1.76
C LEU D 58 38.89 54.96 -3.01
N VAL D 59 39.65 55.93 -3.51
CA VAL D 59 40.47 55.71 -4.69
C VAL D 59 41.67 54.85 -4.35
N GLU D 60 42.40 55.23 -3.30
CA GLU D 60 43.67 54.58 -3.00
C GLU D 60 43.47 53.20 -2.42
N ASN D 61 42.33 52.95 -1.80
CA ASN D 61 42.07 51.66 -1.19
C ASN D 61 41.38 50.69 -2.14
N GLN D 62 41.29 51.08 -3.42
CA GLN D 62 40.86 50.21 -4.53
C GLN D 62 39.46 49.67 -4.31
N TYR D 63 38.50 50.58 -4.26
CA TYR D 63 37.12 50.21 -4.00
C TYR D 63 36.19 50.49 -5.16
N TYR D 64 36.57 51.35 -6.09
CA TYR D 64 35.66 51.74 -7.15
C TYR D 64 36.40 51.88 -8.47
N GLU D 65 35.65 51.71 -9.55
CA GLU D 65 36.08 52.18 -10.86
C GLU D 65 36.14 53.69 -10.84
N GLU D 66 37.33 54.26 -10.99
CA GLU D 66 37.51 55.69 -10.81
C GLU D 66 37.17 56.50 -12.05
N GLU D 67 36.81 55.86 -13.17
CA GLU D 67 36.66 56.55 -14.44
C GLU D 67 35.38 57.38 -14.47
N PHE D 68 34.24 56.74 -14.24
CA PHE D 68 32.96 57.45 -14.25
C PHE D 68 32.83 58.36 -13.04
N LEU D 69 33.55 58.06 -11.97
CA LEU D 69 33.64 59.00 -10.85
C LEU D 69 34.43 60.23 -11.25
N SER D 70 35.40 60.09 -12.14
CA SER D 70 36.13 61.25 -12.66
C SER D 70 35.42 61.91 -13.83
N LEU D 71 34.21 61.46 -14.18
CA LEU D 71 33.39 62.13 -15.18
C LEU D 71 32.56 63.25 -14.60
N TYR D 72 32.82 63.63 -13.35
CA TYR D 72 32.18 64.75 -12.70
C TYR D 72 33.24 65.53 -11.94
N SER D 73 32.94 66.80 -11.66
CA SER D 73 33.82 67.54 -10.77
C SER D 73 33.55 67.13 -9.33
N PHE D 74 34.52 67.45 -8.45
CA PHE D 74 34.32 67.24 -7.02
C PHE D 74 33.17 68.08 -6.49
N GLU D 75 32.95 69.26 -7.09
CA GLU D 75 31.84 70.11 -6.69
C GLU D 75 30.51 69.49 -7.07
N ASP D 76 30.43 68.87 -8.25
CA ASP D 76 29.17 68.24 -8.66
C ASP D 76 28.89 67.00 -7.82
N ILE D 77 29.94 66.27 -7.46
CA ILE D 77 29.82 65.13 -6.55
C ILE D 77 29.31 65.60 -5.20
N LYS D 78 29.85 66.71 -4.71
CA LYS D 78 29.37 67.27 -3.45
C LYS D 78 27.95 67.82 -3.59
N GLU D 79 27.57 68.26 -4.78
CA GLU D 79 26.21 68.75 -5.00
C GLU D 79 25.20 67.61 -4.93
N VAL D 80 25.50 66.49 -5.60
CA VAL D 80 24.57 65.36 -5.53
C VAL D 80 24.61 64.73 -4.14
N PHE D 81 25.75 64.85 -3.43
CA PHE D 81 25.81 64.33 -2.08
C PHE D 81 25.01 65.18 -1.13
N LYS D 82 25.07 66.50 -1.30
CA LYS D 82 24.27 67.41 -0.50
C LYS D 82 22.80 67.25 -0.82
N THR D 83 22.48 66.95 -2.08
CA THR D 83 21.10 66.70 -2.47
C THR D 83 20.57 65.44 -1.81
N ALA D 84 21.41 64.42 -1.70
CA ALA D 84 21.00 63.19 -1.04
C ALA D 84 20.88 63.39 0.47
N TYR D 85 21.86 64.05 1.08
CA TYR D 85 21.83 64.26 2.52
C TYR D 85 20.80 65.30 2.93
N ALA D 86 20.30 66.11 2.00
CA ALA D 86 19.22 67.03 2.28
C ALA D 86 17.90 66.31 2.51
N LYS D 87 17.79 65.07 2.07
CA LYS D 87 16.61 64.27 2.39
C LYS D 87 16.52 64.00 3.88
N LYS D 88 17.66 63.62 4.48
CA LYS D 88 17.75 63.06 5.84
C LYS D 88 16.72 61.95 6.02
N PHE D 89 16.96 60.89 5.26
CA PHE D 89 16.01 59.80 5.15
C PHE D 89 15.88 59.07 6.47
N ARG D 90 14.67 59.07 7.00
CA ARG D 90 14.38 58.45 8.28
C ARG D 90 13.82 57.06 8.02
N PHE D 91 14.62 56.06 8.33
CA PHE D 91 14.21 54.67 8.22
C PHE D 91 13.06 54.36 9.16
N PRO D 92 11.93 53.87 8.66
CA PRO D 92 10.84 53.48 9.56
C PRO D 92 10.95 52.06 10.07
N SER D 93 11.68 51.20 9.40
CA SER D 93 11.71 49.78 9.73
C SER D 93 13.03 49.40 10.36
N PHE D 94 12.97 48.39 11.24
CA PHE D 94 14.20 47.80 11.75
C PHE D 94 14.93 47.04 10.67
N MET D 95 14.18 46.35 9.81
CA MET D 95 14.78 45.59 8.72
C MET D 95 15.31 46.50 7.61
N SER D 96 14.92 47.77 7.62
CA SER D 96 15.46 48.74 6.65
C SER D 96 16.96 48.92 6.84
N ALA D 97 17.37 49.41 8.01
CA ALA D 97 18.80 49.50 8.29
C ALA D 97 19.40 48.12 8.52
N PHE D 98 18.59 47.17 8.98
CA PHE D 98 19.11 45.88 9.42
C PHE D 98 19.48 44.98 8.25
N LYS D 99 19.13 45.36 7.04
CA LYS D 99 19.61 44.64 5.87
C LYS D 99 20.55 45.46 5.02
N PHE D 100 20.36 46.79 5.01
CA PHE D 100 21.18 47.63 4.15
C PHE D 100 22.60 47.71 4.66
N TYR D 101 22.78 48.28 5.86
CA TYR D 101 24.10 48.39 6.46
C TYR D 101 24.64 47.05 6.92
N ASN D 102 23.81 46.02 6.96
CA ASN D 102 24.32 44.69 7.23
C ASN D 102 24.82 44.01 5.96
N ASP D 103 24.08 44.11 4.86
CA ASP D 103 24.42 43.35 3.66
C ASP D 103 24.67 44.23 2.45
N TYR D 104 23.76 45.14 2.14
CA TYR D 104 23.84 45.84 0.87
C TYR D 104 24.86 46.96 0.86
N ALA D 105 25.35 47.38 2.03
CA ALA D 105 26.33 48.44 2.11
C ALA D 105 27.73 47.87 1.94
N LEU D 106 28.57 48.62 1.23
CA LEU D 106 29.96 48.25 1.06
C LEU D 106 30.71 48.58 2.35
N LYS D 107 31.24 47.56 3.00
CA LYS D 107 31.97 47.72 4.23
C LYS D 107 33.48 47.68 3.96
N THR D 108 34.26 47.62 5.03
CA THR D 108 35.71 47.65 4.92
C THR D 108 36.24 46.31 4.42
N ASN D 109 37.56 46.24 4.27
CA ASN D 109 38.20 45.03 3.79
C ASN D 109 38.15 43.92 4.83
N ASP D 110 38.35 44.28 6.09
CA ASP D 110 38.15 43.33 7.17
C ASP D 110 36.69 43.27 7.62
N LYS D 111 35.84 44.13 7.07
CA LYS D 111 34.39 44.14 7.27
C LYS D 111 34.03 44.35 8.74
N LYS D 112 34.78 45.20 9.42
CA LYS D 112 34.54 45.47 10.83
C LYS D 112 34.14 46.92 11.08
N LYS D 113 33.86 47.68 10.02
CA LYS D 113 33.34 49.03 10.17
C LYS D 113 32.51 49.35 8.93
N ILE D 114 31.96 50.55 8.90
CA ILE D 114 31.07 50.99 7.83
C ILE D 114 31.84 51.95 6.95
N LEU D 115 31.62 51.85 5.64
CA LEU D 115 32.19 52.81 4.69
C LEU D 115 31.12 53.63 4.01
N GLU D 116 30.17 52.99 3.35
CA GLU D 116 29.12 53.70 2.65
C GLU D 116 28.00 54.07 3.61
N ARG D 117 27.39 55.21 3.36
CA ARG D 117 26.15 55.51 4.04
C ARG D 117 24.98 55.17 3.13
N TYR D 118 23.77 55.40 3.62
CA TYR D 118 22.59 55.12 2.81
C TYR D 118 22.48 56.11 1.66
N GLU D 119 22.94 57.34 1.85
CA GLU D 119 22.97 58.30 0.76
C GLU D 119 24.08 57.98 -0.22
N ASP D 120 25.18 57.40 0.27
CA ASP D 120 26.40 57.31 -0.52
C ASP D 120 26.26 56.30 -1.65
N ARG D 121 25.77 55.10 -1.31
CA ARG D 121 25.57 54.05 -2.31
C ARG D 121 24.56 54.48 -3.36
N ILE D 122 23.48 55.12 -2.93
CA ILE D 122 22.44 55.60 -3.84
C ILE D 122 22.99 56.67 -4.76
N SER D 123 23.81 57.57 -4.24
CA SER D 123 24.38 58.64 -5.04
C SER D 123 25.42 58.11 -6.03
N ILE D 124 26.19 57.10 -5.62
CA ILE D 124 27.15 56.48 -6.51
C ILE D 124 26.44 55.75 -7.65
N VAL D 125 25.37 55.03 -7.31
CA VAL D 125 24.56 54.34 -8.31
C VAL D 125 23.92 55.34 -9.26
N ALA D 126 23.52 56.50 -8.74
CA ALA D 126 22.94 57.54 -9.58
C ALA D 126 23.96 58.14 -10.53
N LEU D 127 25.19 58.34 -10.06
CA LEU D 127 26.24 58.84 -10.93
C LEU D 127 26.62 57.81 -11.98
N PHE D 128 26.51 56.53 -11.64
CA PHE D 128 26.79 55.48 -12.60
C PHE D 128 25.72 55.39 -13.67
N PHE D 129 24.46 55.54 -13.27
CA PHE D 129 23.35 55.49 -14.21
C PHE D 129 23.36 56.71 -15.12
N ALA D 130 23.61 57.88 -14.56
CA ALA D 130 23.65 59.09 -15.37
C ALA D 130 24.88 59.10 -16.27
N ASN D 131 26.06 58.84 -15.67
CA ASN D 131 27.34 58.67 -16.37
C ASN D 131 27.70 59.91 -17.20
N GLY D 132 27.85 61.02 -16.50
CA GLY D 132 28.23 62.26 -17.16
C GLY D 132 27.39 63.46 -16.77
N ASP D 133 26.10 63.25 -16.51
CA ASP D 133 25.21 64.34 -16.15
C ASP D 133 24.98 64.36 -14.65
N THR D 134 24.93 65.56 -14.08
CA THR D 134 24.68 65.71 -12.66
C THR D 134 23.20 65.76 -12.33
N GLU D 135 22.43 66.46 -13.16
CA GLU D 135 21.02 66.68 -12.87
C GLU D 135 20.21 65.40 -13.05
N LYS D 136 20.56 64.60 -14.06
CA LYS D 136 19.90 63.31 -14.23
C LYS D 136 20.22 62.38 -13.09
N ALA D 137 21.44 62.48 -12.54
CA ALA D 137 21.79 61.70 -11.35
C ALA D 137 20.98 62.17 -10.14
N LYS D 138 20.72 63.47 -10.04
CA LYS D 138 19.86 63.94 -8.96
C LYS D 138 18.42 63.48 -9.16
N GLU D 139 17.97 63.38 -10.40
CA GLU D 139 16.66 62.81 -10.68
C GLU D 139 16.61 61.34 -10.32
N TYR D 140 17.71 60.62 -10.59
CA TYR D 140 17.82 59.22 -10.18
C TYR D 140 17.78 59.09 -8.68
N VAL D 141 18.38 60.05 -7.98
CA VAL D 141 18.31 60.09 -6.52
C VAL D 141 16.87 60.27 -6.07
N ASN D 142 16.17 61.24 -6.65
CA ASN D 142 14.79 61.52 -6.28
C ASN D 142 13.87 60.35 -6.62
N LEU D 143 14.22 59.59 -7.64
CA LEU D 143 13.50 58.35 -7.90
C LEU D 143 13.87 57.26 -6.91
N MET D 144 15.09 57.30 -6.36
CA MET D 144 15.58 56.26 -5.49
C MET D 144 15.50 56.61 -4.02
N ILE D 145 15.85 57.85 -3.65
CA ILE D 145 15.83 58.22 -2.23
C ILE D 145 14.41 58.41 -1.72
N ASN D 146 13.43 58.51 -2.61
CA ASN D 146 12.03 58.44 -2.21
C ASN D 146 11.47 57.05 -2.42
N GLN D 147 12.32 56.07 -2.77
CA GLN D 147 11.98 54.66 -2.92
C GLN D 147 10.91 54.43 -3.98
N GLU D 148 10.93 55.27 -5.01
CA GLU D 148 9.99 55.07 -6.11
C GLU D 148 10.48 54.02 -7.09
N TYR D 149 11.79 53.86 -7.17
CA TYR D 149 12.41 52.82 -7.98
C TYR D 149 13.50 52.15 -7.16
N GLN D 150 13.68 50.87 -7.40
CA GLN D 150 14.81 50.15 -6.84
C GLN D 150 15.42 49.27 -7.92
N PRO D 151 16.69 49.47 -8.26
CA PRO D 151 17.35 48.60 -9.24
C PRO D 151 17.55 47.18 -8.75
N SER D 152 18.05 46.33 -9.64
CA SER D 152 18.26 44.93 -9.33
C SER D 152 19.42 44.77 -8.35
N THR D 153 19.55 43.57 -7.82
CA THR D 153 20.49 43.32 -6.73
C THR D 153 21.95 43.49 -7.11
N PRO D 154 22.49 42.91 -8.23
CA PRO D 154 23.90 43.22 -8.53
C PRO D 154 24.06 44.61 -9.11
N THR D 155 22.99 45.13 -9.72
CA THR D 155 23.06 46.46 -10.32
C THR D 155 23.15 47.52 -9.24
N PHE D 156 22.26 47.45 -8.25
CA PHE D 156 22.37 48.34 -7.10
C PHE D 156 23.58 47.99 -6.23
N LEU D 157 24.08 46.76 -6.32
CA LEU D 157 25.16 46.33 -5.46
C LEU D 157 26.51 46.84 -5.96
N ASN D 158 26.90 46.46 -7.16
CA ASN D 158 28.27 46.62 -7.60
C ASN D 158 28.39 47.62 -8.73
N ALA D 159 27.71 48.75 -8.61
CA ALA D 159 27.81 49.80 -9.60
C ALA D 159 29.18 50.45 -9.49
N GLY D 160 30.08 50.08 -10.40
CA GLY D 160 31.44 50.59 -10.38
C GLY D 160 32.24 50.04 -9.23
N ARG D 161 32.32 48.72 -9.14
CA ARG D 161 32.98 48.04 -8.03
C ARG D 161 33.74 46.84 -8.60
N LYS D 162 34.15 45.94 -7.72
CA LYS D 162 35.00 44.83 -8.15
C LYS D 162 34.22 43.51 -8.17
N LEU D 167 26.13 40.69 -12.67
CA LEU D 167 25.50 41.92 -13.15
C LEU D 167 24.08 41.62 -13.63
N VAL D 168 23.90 40.46 -14.25
CA VAL D 168 22.61 39.96 -14.69
C VAL D 168 22.39 38.61 -14.06
N SER D 169 21.16 38.32 -13.64
CA SER D 169 20.79 37.04 -13.07
C SER D 169 19.81 36.28 -13.95
N CYS D 170 19.88 36.47 -15.27
CA CYS D 170 18.97 35.79 -16.18
C CYS D 170 19.75 35.37 -17.41
N PHE D 171 19.91 34.06 -17.62
CA PHE D 171 20.61 33.52 -18.78
C PHE D 171 19.91 32.25 -19.25
N LEU D 172 19.61 32.20 -20.54
CA LEU D 172 18.83 31.11 -21.11
C LEU D 172 19.50 30.66 -22.39
N LEU D 173 19.94 29.40 -22.41
CA LEU D 173 20.69 28.86 -23.54
C LEU D 173 20.05 27.55 -23.98
N GLU D 174 20.60 26.98 -25.04
CA GLU D 174 20.14 25.71 -25.59
C GLU D 174 21.31 24.76 -25.73
N VAL D 175 21.00 23.54 -26.18
CA VAL D 175 22.00 22.49 -26.34
C VAL D 175 21.71 21.77 -27.66
N ASN D 176 22.76 21.52 -28.44
CA ASN D 176 22.64 20.73 -29.65
C ASN D 176 23.10 19.30 -29.39
N ASP D 177 22.93 18.46 -30.41
CA ASP D 177 23.16 17.02 -30.29
C ASP D 177 24.56 16.68 -30.81
N SER D 178 25.58 17.14 -30.06
CA SER D 178 26.95 16.71 -30.31
C SER D 178 27.71 16.77 -29.00
N LEU D 179 28.74 15.93 -28.89
CA LEU D 179 29.54 15.87 -27.68
C LEU D 179 30.33 17.15 -27.47
N ASN D 180 30.82 17.74 -28.56
CA ASN D 180 31.52 19.01 -28.48
C ASN D 180 30.59 20.12 -28.01
N ASP D 181 29.32 20.06 -28.43
CA ASP D 181 28.32 20.99 -27.91
C ASP D 181 28.10 20.80 -26.42
N ILE D 182 28.12 19.55 -25.96
CA ILE D 182 27.91 19.24 -24.55
C ILE D 182 29.04 19.81 -23.71
N SER D 183 30.28 19.60 -24.16
CA SER D 183 31.44 20.12 -23.45
C SER D 183 31.45 21.64 -23.47
N ARG D 184 31.04 22.24 -24.59
CA ARG D 184 30.99 23.69 -24.69
C ARG D 184 29.97 24.28 -23.72
N ALA D 185 28.81 23.64 -23.62
CA ALA D 185 27.77 24.13 -22.72
C ALA D 185 28.19 23.95 -21.26
N ILE D 186 28.87 22.85 -20.95
CA ILE D 186 29.40 22.63 -19.60
C ILE D 186 30.40 23.72 -19.25
N ASP D 187 31.26 24.06 -20.22
CA ASP D 187 32.26 25.10 -20.02
C ASP D 187 31.59 26.46 -19.80
N ILE D 188 30.55 26.76 -20.57
CA ILE D 188 29.90 28.06 -20.48
C ILE D 188 29.14 28.20 -19.16
N SER D 189 28.50 27.12 -18.72
CA SER D 189 27.83 27.13 -17.42
C SER D 189 28.83 27.29 -16.29
N MET D 190 30.00 26.66 -16.42
CA MET D 190 31.04 26.84 -15.41
C MET D 190 31.63 28.23 -15.46
N GLN D 191 31.62 28.86 -16.64
CA GLN D 191 32.09 30.24 -16.75
C GLN D 191 31.14 31.20 -16.04
N LEU D 192 29.85 31.03 -16.27
CA LEU D 192 28.89 31.95 -15.68
C LEU D 192 28.55 31.63 -14.23
N SER D 193 28.92 30.45 -13.75
CA SER D 193 28.54 30.07 -12.39
C SER D 193 29.33 30.86 -11.37
N LYS D 194 30.58 31.20 -11.68
CA LYS D 194 31.40 32.00 -10.79
C LYS D 194 30.97 33.46 -10.76
N LEU D 195 30.15 33.89 -11.71
CA LEU D 195 29.70 35.27 -11.77
C LEU D 195 28.32 35.47 -11.16
N GLY D 196 27.70 34.41 -10.64
CA GLY D 196 26.47 34.52 -9.91
C GLY D 196 25.22 34.72 -10.74
N GLY D 197 25.31 34.60 -12.06
CA GLY D 197 24.14 34.80 -12.89
C GLY D 197 23.23 33.57 -12.91
N GLY D 198 21.93 33.84 -13.06
CA GLY D 198 20.98 32.77 -13.18
C GLY D 198 20.97 32.17 -14.57
N VAL D 199 21.49 30.94 -14.70
CA VAL D 199 21.64 30.28 -15.98
C VAL D 199 20.74 29.05 -15.99
N SER D 200 19.86 28.97 -16.98
CA SER D 200 18.98 27.83 -17.14
C SER D 200 18.93 27.44 -18.61
N LEU D 201 18.54 26.20 -18.88
CA LEU D 201 18.50 25.74 -20.27
C LEU D 201 17.28 24.89 -20.57
N ASN D 202 17.29 24.24 -21.75
CA ASN D 202 16.24 23.33 -22.17
C ASN D 202 16.90 22.25 -23.01
N LEU D 203 16.41 21.02 -22.86
CA LEU D 203 17.07 19.85 -23.44
C LEU D 203 16.21 19.17 -24.49
N SER D 204 15.38 19.93 -25.21
CA SER D 204 14.45 19.33 -26.15
C SER D 204 15.10 18.85 -27.45
N LYS D 205 16.41 19.06 -27.62
CA LYS D 205 17.10 18.68 -28.85
C LYS D 205 18.21 17.67 -28.56
N LEU D 206 17.94 16.67 -27.74
CA LEU D 206 18.88 15.60 -27.47
C LEU D 206 18.23 14.27 -27.74
N ARG D 207 19.06 13.28 -28.09
CA ARG D 207 18.53 11.96 -28.41
C ARG D 207 18.10 11.23 -27.14
N ALA D 208 17.16 10.32 -27.31
CA ALA D 208 16.57 9.64 -26.16
C ALA D 208 17.48 8.53 -25.66
N LYS D 209 17.07 7.92 -24.57
CA LYS D 209 17.85 6.86 -23.94
C LYS D 209 17.79 5.60 -24.77
N GLY D 210 18.93 4.92 -24.88
CA GLY D 210 18.97 3.64 -25.57
C GLY D 210 18.91 3.72 -27.07
N GLU D 211 19.43 4.80 -27.65
CA GLU D 211 19.41 4.99 -29.09
C GLU D 211 20.77 4.76 -29.70
N ALA D 212 20.79 4.65 -31.03
CA ALA D 212 22.02 4.39 -31.75
C ALA D 212 22.84 5.66 -31.85
N ILE D 213 24.08 5.62 -31.36
CA ILE D 213 25.00 6.75 -31.51
C ILE D 213 25.74 6.53 -32.82
N LYS D 214 25.05 6.82 -33.93
CA LYS D 214 25.58 7.12 -35.25
C LYS D 214 26.25 5.94 -35.97
N ASP D 215 26.62 4.88 -35.26
CA ASP D 215 27.26 3.74 -35.90
C ASP D 215 26.74 2.40 -35.39
N VAL D 216 26.46 2.31 -34.09
CA VAL D 216 26.14 1.04 -33.43
C VAL D 216 24.81 1.22 -32.73
N GLU D 217 23.97 0.19 -32.75
CA GLU D 217 22.63 0.27 -32.18
C GLU D 217 22.65 0.14 -30.66
N ASN D 218 21.69 0.82 -30.02
CA ASN D 218 21.45 0.81 -28.58
C ASN D 218 22.68 1.20 -27.78
N ALA D 219 23.10 2.46 -27.98
CA ALA D 219 24.34 2.95 -27.39
C ALA D 219 24.17 4.18 -26.52
N THR D 220 23.06 4.90 -26.62
CA THR D 220 22.90 6.12 -25.83
C THR D 220 22.62 5.76 -24.38
N LYS D 221 23.43 6.31 -23.47
CA LYS D 221 23.19 6.09 -22.06
C LYS D 221 21.96 6.83 -21.58
N GLY D 222 21.59 7.91 -22.25
CA GLY D 222 20.39 8.66 -21.93
C GLY D 222 20.72 10.05 -21.44
N VAL D 223 19.65 10.86 -21.35
CA VAL D 223 19.80 12.24 -20.92
C VAL D 223 20.05 12.33 -19.42
N VAL D 224 19.68 11.29 -18.67
CA VAL D 224 19.75 11.35 -17.23
C VAL D 224 21.19 11.32 -16.75
N GLY D 225 22.10 10.72 -17.52
CA GLY D 225 23.50 10.81 -17.21
C GLY D 225 24.05 12.21 -17.41
N VAL D 226 23.55 12.91 -18.44
CA VAL D 226 23.97 14.29 -18.66
C VAL D 226 23.43 15.18 -17.55
N MET D 227 22.22 14.89 -17.07
CA MET D 227 21.68 15.63 -15.94
C MET D 227 22.47 15.37 -14.66
N LYS D 228 22.88 14.12 -14.46
CA LYS D 228 23.76 13.77 -13.35
C LYS D 228 25.09 14.51 -13.47
N LEU D 229 25.60 14.64 -14.69
CA LEU D 229 26.87 15.33 -14.91
C LEU D 229 26.76 16.82 -14.62
N LEU D 230 25.64 17.43 -15.02
CA LEU D 230 25.47 18.85 -14.76
C LEU D 230 25.23 19.11 -13.27
N ASP D 231 24.53 18.19 -12.61
CA ASP D 231 24.34 18.31 -11.17
C ASP D 231 25.66 18.18 -10.42
N ASN D 232 26.53 17.29 -10.86
CA ASN D 232 27.87 17.21 -10.28
C ASN D 232 28.70 18.44 -10.62
N ALA D 233 28.50 19.00 -11.81
CA ALA D 233 29.29 20.14 -12.25
C ALA D 233 28.91 21.41 -11.50
N PHE D 234 27.65 21.52 -11.07
CA PHE D 234 27.26 22.69 -10.31
C PHE D 234 27.74 22.64 -8.87
N ARG D 235 28.32 21.54 -8.43
CA ARG D 235 28.91 21.44 -7.11
C ARG D 235 30.26 22.12 -7.01
N TYR D 236 30.74 22.74 -8.09
CA TYR D 236 32.01 23.41 -8.06
C TYR D 236 31.90 24.91 -7.83
N ALA D 237 30.69 25.47 -7.86
CA ALA D 237 30.51 26.90 -7.62
C ALA D 237 29.46 27.10 -6.53
N ASP D 238 29.04 28.36 -6.37
CA ASP D 238 28.05 28.73 -5.36
C ASP D 238 26.67 28.15 -5.65
N SER D 246 23.64 28.30 -9.11
CA SER D 246 22.69 27.23 -9.35
C SER D 246 22.12 27.31 -10.76
N GLY D 247 21.50 26.22 -11.20
CA GLY D 247 21.01 26.16 -12.56
C GLY D 247 19.72 25.38 -12.74
N ALA D 248 19.26 25.26 -13.99
CA ALA D 248 18.01 24.57 -14.27
C ALA D 248 18.03 24.09 -15.72
N ALA D 249 17.12 23.18 -16.03
CA ALA D 249 16.97 22.68 -17.38
C ALA D 249 15.56 22.16 -17.57
N TYR D 250 15.07 22.24 -18.80
CA TYR D 250 13.71 21.85 -19.17
C TYR D 250 13.76 20.73 -20.21
N LEU D 251 12.58 20.31 -20.65
CA LEU D 251 12.41 19.31 -21.70
C LEU D 251 11.00 19.44 -22.26
N ASN D 252 10.87 19.33 -23.58
CA ASN D 252 9.55 19.24 -24.20
C ASN D 252 8.87 17.94 -23.79
N ILE D 253 7.54 17.99 -23.71
CA ILE D 253 6.82 16.91 -23.03
C ILE D 253 6.73 15.66 -23.89
N PHE D 254 6.83 15.78 -25.22
CA PHE D 254 6.55 14.63 -26.09
C PHE D 254 7.80 13.78 -26.34
N HIS D 255 8.39 13.34 -25.23
CA HIS D 255 9.62 12.57 -25.25
C HIS D 255 9.38 11.24 -24.55
N ARG D 256 10.15 10.22 -24.92
CA ARG D 256 9.98 8.95 -24.23
C ARG D 256 10.59 9.00 -22.84
N ASP D 257 11.66 9.75 -22.68
CA ASP D 257 12.26 9.89 -21.37
C ASP D 257 11.60 10.98 -20.54
N ILE D 258 10.42 11.48 -20.94
CA ILE D 258 9.76 12.53 -20.16
C ILE D 258 9.29 11.98 -18.82
N ASN D 259 8.98 10.68 -18.75
CA ASN D 259 8.70 10.03 -17.49
C ASN D 259 9.97 10.04 -16.64
N ASP D 260 11.11 9.78 -17.29
CA ASP D 260 12.40 9.90 -16.62
C ASP D 260 12.70 11.34 -16.24
N PHE D 261 12.05 12.30 -16.92
CA PHE D 261 12.19 13.68 -16.51
C PHE D 261 11.49 13.94 -15.18
N LEU D 262 10.50 13.10 -14.89
CA LEU D 262 9.77 13.15 -13.60
C LEU D 262 10.56 12.31 -12.58
N ASP D 263 11.47 11.45 -13.06
CA ASP D 263 12.27 10.64 -12.17
C ASP D 263 13.40 11.44 -11.58
N THR D 264 13.62 12.65 -12.11
CA THR D 264 14.69 13.52 -11.62
C THR D 264 14.38 14.03 -10.22
N LYS D 265 13.25 14.73 -10.05
CA LYS D 265 12.81 15.20 -8.74
C LYS D 265 11.95 14.12 -8.09
N LYS D 266 12.55 12.95 -7.92
CA LYS D 266 11.89 11.81 -7.31
C LYS D 266 11.85 12.01 -5.81
N ILE D 267 10.74 11.64 -5.18
CA ILE D 267 10.61 11.80 -3.74
C ILE D 267 11.48 10.78 -3.01
N SER D 268 11.89 9.70 -3.67
CA SER D 268 12.93 8.82 -3.18
C SER D 268 14.22 9.27 -3.84
N ALA D 269 15.06 9.97 -3.09
CA ALA D 269 16.33 10.46 -3.59
C ALA D 269 17.29 9.29 -3.76
N ASP D 270 17.64 8.99 -5.00
CA ASP D 270 18.45 7.82 -5.29
C ASP D 270 19.94 8.17 -5.32
N GLU D 271 20.77 7.12 -5.31
CA GLU D 271 22.15 7.23 -5.76
C GLU D 271 22.21 7.59 -7.24
N ASP D 272 21.53 6.81 -8.07
CA ASP D 272 21.61 6.95 -9.52
C ASP D 272 20.97 8.23 -9.99
N VAL D 273 19.92 8.70 -9.30
CA VAL D 273 19.33 10.02 -9.59
C VAL D 273 19.39 10.79 -8.28
N ARG D 274 20.28 11.78 -8.23
CA ARG D 274 20.38 12.69 -7.09
C ARG D 274 20.58 14.11 -7.61
N VAL D 275 19.47 14.83 -7.78
CA VAL D 275 19.52 16.23 -8.17
C VAL D 275 19.47 17.04 -6.88
N LYS D 276 20.26 18.12 -6.84
CA LYS D 276 20.22 19.05 -5.72
C LYS D 276 20.09 20.50 -6.17
N THR D 277 20.38 20.80 -7.43
CA THR D 277 20.39 22.18 -7.89
C THR D 277 19.51 22.41 -9.10
N LEU D 278 19.32 21.41 -9.96
CA LEU D 278 18.68 21.65 -11.24
C LEU D 278 17.18 21.60 -11.06
N SER D 279 16.53 22.75 -11.17
CA SER D 279 15.09 22.76 -11.21
C SER D 279 14.61 22.32 -12.59
N ILE D 280 13.50 21.60 -12.61
CA ILE D 280 12.93 21.11 -13.86
C ILE D 280 11.59 21.79 -14.07
N GLY D 281 11.17 21.84 -15.33
CA GLY D 281 9.87 22.37 -15.68
C GLY D 281 9.40 21.87 -17.02
N VAL D 282 8.18 21.31 -17.05
CA VAL D 282 7.67 20.67 -18.24
C VAL D 282 6.85 21.70 -19.02
N VAL D 283 7.27 21.97 -20.25
CA VAL D 283 6.59 22.91 -21.11
C VAL D 283 5.55 22.14 -21.91
N ILE D 284 4.29 22.46 -21.70
CA ILE D 284 3.17 21.68 -22.23
C ILE D 284 2.50 22.49 -23.33
N PRO D 285 2.54 22.05 -24.57
CA PRO D 285 1.74 22.68 -25.63
C PRO D 285 0.30 22.21 -25.55
N ASP D 286 -0.52 22.76 -26.44
CA ASP D 286 -1.95 22.46 -26.42
C ASP D 286 -2.27 21.08 -26.94
N LYS D 287 -1.31 20.43 -27.63
CA LYS D 287 -1.53 19.07 -28.09
C LYS D 287 -1.62 18.09 -26.93
N PHE D 288 -0.82 18.31 -25.89
CA PHE D 288 -0.84 17.38 -24.77
C PHE D 288 -2.10 17.52 -23.93
N VAL D 289 -2.54 18.75 -23.69
CA VAL D 289 -3.79 18.92 -22.94
C VAL D 289 -4.97 18.53 -23.83
N GLU D 290 -4.79 18.58 -25.15
CA GLU D 290 -5.78 18.05 -26.08
C GLU D 290 -5.89 16.53 -25.94
N LEU D 291 -4.75 15.84 -25.89
CA LEU D 291 -4.76 14.39 -25.82
C LEU D 291 -5.16 13.89 -24.45
N ALA D 292 -4.83 14.64 -23.40
CA ALA D 292 -5.24 14.24 -22.07
C ALA D 292 -6.68 14.62 -21.78
N ARG D 293 -7.19 15.62 -22.49
CA ARG D 293 -8.57 16.06 -22.29
C ARG D 293 -9.55 15.05 -22.84
N GLU D 294 -9.24 14.47 -24.00
CA GLU D 294 -10.09 13.44 -24.59
C GLU D 294 -9.91 12.09 -23.94
N ASP D 295 -8.97 11.96 -22.99
CA ASP D 295 -8.65 10.71 -22.29
C ASP D 295 -8.25 9.60 -23.24
N LYS D 296 -7.49 9.96 -24.28
CA LYS D 296 -7.05 9.02 -25.30
C LYS D 296 -5.55 8.81 -25.18
N ALA D 297 -5.10 7.64 -25.62
CA ALA D 297 -3.69 7.29 -25.51
C ALA D 297 -2.85 8.13 -26.46
N ALA D 298 -1.78 8.69 -25.92
CA ALA D 298 -0.91 9.61 -26.64
C ALA D 298 0.39 8.92 -27.05
N TYR D 299 1.15 9.61 -27.89
CA TYR D 299 2.35 9.06 -28.52
C TYR D 299 3.50 10.05 -28.39
N VAL D 300 4.50 9.70 -27.58
CA VAL D 300 5.75 10.42 -27.63
C VAL D 300 6.67 9.72 -28.63
N PHE D 301 7.71 10.44 -29.03
CA PHE D 301 8.52 10.05 -30.17
C PHE D 301 9.99 10.13 -29.82
N TYR D 302 10.81 9.77 -30.79
CA TYR D 302 12.25 9.84 -30.66
C TYR D 302 12.74 11.00 -31.51
N PRO D 303 13.23 12.09 -30.90
CA PRO D 303 13.58 13.27 -31.69
C PRO D 303 14.79 13.08 -32.57
N HIS D 304 15.64 12.10 -32.27
CA HIS D 304 16.73 11.79 -33.19
C HIS D 304 16.22 11.10 -34.43
N THR D 305 15.23 10.21 -34.29
CA THR D 305 14.59 9.63 -35.47
C THR D 305 13.81 10.68 -36.24
N ILE D 306 13.24 11.64 -35.52
CA ILE D 306 12.57 12.77 -36.17
C ILE D 306 13.58 13.60 -36.96
N TYR D 307 14.76 13.81 -36.38
CA TYR D 307 15.79 14.57 -37.07
C TYR D 307 16.36 13.79 -38.25
N LYS D 308 16.40 12.46 -38.14
CA LYS D 308 16.91 11.66 -39.23
C LYS D 308 15.86 11.49 -40.31
N GLU D 309 14.59 11.67 -39.97
CA GLU D 309 13.52 11.47 -40.95
C GLU D 309 13.09 12.77 -41.62
N TYR D 310 12.62 13.73 -40.85
CA TYR D 310 12.15 14.98 -41.41
C TYR D 310 13.25 16.02 -41.56
N GLY D 311 14.34 15.90 -40.80
CA GLY D 311 15.43 16.84 -40.88
C GLY D 311 15.52 17.81 -39.72
N GLN D 312 14.46 17.95 -38.93
CA GLN D 312 14.44 18.89 -37.82
C GLN D 312 14.12 18.17 -36.53
N HIS D 313 14.33 18.87 -35.41
CA HIS D 313 13.96 18.34 -34.12
C HIS D 313 12.45 18.40 -33.93
N MET D 314 11.99 17.79 -32.84
CA MET D 314 10.55 17.74 -32.59
C MET D 314 10.00 19.08 -32.17
N ASP D 315 10.75 19.82 -31.35
CA ASP D 315 10.31 21.15 -30.95
C ASP D 315 10.53 22.19 -32.03
N GLU D 316 11.13 21.81 -33.17
CA GLU D 316 11.18 22.72 -34.31
C GLU D 316 9.80 22.91 -34.92
N MET D 317 8.95 21.88 -34.86
CA MET D 317 7.64 21.91 -35.49
C MET D 317 6.55 21.82 -34.43
N ASP D 318 5.35 22.23 -34.82
CA ASP D 318 4.21 22.19 -33.91
C ASP D 318 3.69 20.77 -33.79
N MET D 319 3.34 20.38 -32.57
CA MET D 319 2.85 19.02 -32.34
C MET D 319 1.41 18.85 -32.81
N ASN D 320 0.62 19.93 -32.81
CA ASN D 320 -0.77 19.84 -33.21
C ASN D 320 -0.90 19.53 -34.70
N GLU D 321 0.00 20.08 -35.52
CA GLU D 321 0.01 19.73 -36.93
C GLU D 321 0.61 18.35 -37.14
N MET D 322 1.85 18.17 -36.73
CA MET D 322 2.65 17.04 -37.12
C MET D 322 2.46 15.82 -36.24
N TYR D 323 1.48 15.84 -35.32
CA TYR D 323 1.27 14.68 -34.47
C TYR D 323 0.80 13.48 -35.27
N ASP D 324 -0.24 13.66 -36.08
CA ASP D 324 -0.71 12.57 -36.92
C ASP D 324 0.27 12.27 -38.04
N LYS D 325 1.07 13.25 -38.45
CA LYS D 325 2.10 13.02 -39.45
C LYS D 325 3.25 12.19 -38.88
N PHE D 326 3.46 12.27 -37.57
CA PHE D 326 4.36 11.34 -36.91
C PHE D 326 3.69 10.00 -36.66
N VAL D 327 2.35 10.01 -36.52
CA VAL D 327 1.63 8.78 -36.24
C VAL D 327 1.63 7.85 -37.45
N ASP D 328 1.28 8.37 -38.62
CA ASP D 328 1.16 7.50 -39.79
C ASP D 328 2.51 7.13 -40.40
N ASN D 329 3.55 7.92 -40.13
CA ASN D 329 4.86 7.64 -40.68
C ASN D 329 5.52 6.51 -39.88
N PRO D 330 5.88 5.39 -40.51
CA PRO D 330 6.44 4.27 -39.75
C PRO D 330 7.89 4.48 -39.35
N ARG D 331 8.52 5.55 -39.79
CA ARG D 331 9.96 5.72 -39.58
C ARG D 331 10.27 6.10 -38.14
N VAL D 332 9.60 7.12 -37.63
CA VAL D 332 9.85 7.57 -36.27
C VAL D 332 9.21 6.57 -35.31
N LYS D 333 10.02 6.03 -34.41
CA LYS D 333 9.55 5.02 -33.48
C LYS D 333 8.61 5.64 -32.46
N LYS D 334 7.53 4.94 -32.18
CA LYS D 334 6.47 5.44 -31.31
C LYS D 334 6.74 5.07 -29.87
N GLU D 335 5.98 5.70 -28.98
CA GLU D 335 5.76 5.18 -27.63
C GLU D 335 4.43 5.69 -27.13
N LYS D 336 3.53 4.77 -26.78
CA LYS D 336 2.16 5.12 -26.44
C LYS D 336 1.93 5.03 -24.94
N ILE D 337 1.38 6.09 -24.36
CA ILE D 337 1.15 6.23 -22.92
C ILE D 337 -0.28 6.77 -22.72
N ASN D 338 -0.70 6.85 -21.46
CA ASN D 338 -1.89 7.60 -21.08
C ASN D 338 -1.47 8.98 -20.56
N PRO D 339 -1.84 10.05 -21.25
CA PRO D 339 -1.48 11.40 -20.77
C PRO D 339 -2.23 11.81 -19.52
N ARG D 340 -3.41 11.22 -19.26
CA ARG D 340 -4.13 11.52 -18.04
C ARG D 340 -3.41 10.97 -16.82
N LYS D 341 -2.75 9.81 -16.96
CA LYS D 341 -1.92 9.29 -15.88
C LYS D 341 -0.69 10.17 -15.65
N LEU D 342 -0.16 10.75 -16.73
CA LEU D 342 0.93 11.72 -16.57
C LEU D 342 0.45 12.98 -15.88
N LEU D 343 -0.78 13.42 -16.18
CA LEU D 343 -1.39 14.54 -15.47
C LEU D 343 -1.55 14.24 -13.99
N GLU D 344 -1.95 13.02 -13.68
CA GLU D 344 -2.10 12.60 -12.29
C GLU D 344 -0.76 12.60 -11.57
N LYS D 345 0.28 12.10 -12.22
CA LYS D 345 1.59 12.05 -11.57
C LYS D 345 2.21 13.44 -11.47
N LEU D 346 1.91 14.32 -12.42
CA LEU D 346 2.36 15.70 -12.35
C LEU D 346 1.71 16.43 -11.19
N ALA D 347 0.40 16.24 -11.03
CA ALA D 347 -0.30 16.84 -9.91
C ALA D 347 0.16 16.24 -8.59
N MET D 348 0.53 14.95 -8.60
CA MET D 348 1.06 14.32 -7.41
C MET D 348 2.40 14.91 -7.00
N LEU D 349 3.30 15.13 -7.97
CA LEU D 349 4.59 15.74 -7.64
C LEU D 349 4.43 17.20 -7.25
N ARG D 350 3.45 17.90 -7.82
CA ARG D 350 3.20 19.27 -7.40
C ARG D 350 2.59 19.34 -6.01
N SER D 351 1.81 18.35 -5.61
CA SER D 351 1.31 18.33 -4.25
C SER D 351 2.38 17.84 -3.27
N GLU D 352 3.34 17.06 -3.76
CA GLU D 352 4.47 16.65 -2.93
C GLU D 352 5.36 17.85 -2.62
N SER D 353 5.88 18.49 -3.66
CA SER D 353 6.69 19.69 -3.48
C SER D 353 6.07 20.91 -4.14
N GLY D 354 5.78 20.84 -5.44
CA GLY D 354 5.43 22.02 -6.21
C GLY D 354 6.15 21.96 -7.54
N TYR D 355 6.90 20.89 -7.74
CA TYR D 355 7.67 20.59 -8.93
C TYR D 355 6.84 19.77 -9.91
N PRO D 356 7.06 19.92 -11.22
CA PRO D 356 7.91 20.90 -11.89
C PRO D 356 7.13 22.12 -12.32
N TYR D 357 7.74 22.96 -13.14
CA TYR D 357 7.05 24.10 -13.70
C TYR D 357 6.25 23.68 -14.92
N ILE D 358 5.21 24.45 -15.23
CA ILE D 358 4.32 24.16 -16.34
C ILE D 358 4.20 25.41 -17.20
N MET D 359 4.53 25.28 -18.47
CA MET D 359 4.47 26.36 -19.43
C MET D 359 3.57 25.98 -20.60
N PHE D 360 2.62 26.84 -20.91
CA PHE D 360 1.73 26.67 -22.06
C PHE D 360 2.31 27.49 -23.21
N GLN D 361 3.25 26.87 -23.93
CA GLN D 361 4.03 27.57 -24.94
C GLN D 361 3.19 28.05 -26.10
N ASP D 362 2.10 27.33 -26.41
CA ASP D 362 1.19 27.81 -27.44
C ASP D 362 0.45 29.05 -26.97
N ASN D 363 0.10 29.08 -25.68
CA ASN D 363 -0.49 30.29 -25.11
C ASN D 363 0.52 31.43 -25.04
N VAL D 364 1.80 31.09 -24.91
CA VAL D 364 2.84 32.11 -24.98
C VAL D 364 2.94 32.67 -26.39
N ASN D 365 2.90 31.78 -27.39
CA ASN D 365 2.99 32.23 -28.77
C ASN D 365 1.69 32.87 -29.24
N LYS D 366 0.59 32.62 -28.52
CA LYS D 366 -0.66 33.29 -28.82
C LYS D 366 -0.60 34.79 -28.58
N VAL D 367 0.32 35.24 -27.73
CA VAL D 367 0.57 36.65 -27.51
C VAL D 367 1.96 37.11 -27.95
N HIS D 368 2.80 36.21 -28.47
CA HIS D 368 4.19 36.58 -28.67
C HIS D 368 4.37 37.38 -29.95
N ALA D 369 4.88 38.60 -29.79
CA ALA D 369 5.08 39.52 -30.89
C ALA D 369 6.18 39.06 -31.82
N ASN D 370 7.26 38.51 -31.26
CA ASN D 370 8.35 38.01 -32.08
C ASN D 370 8.20 36.52 -32.36
N ASN D 371 7.00 36.12 -32.79
CA ASN D 371 6.80 34.75 -33.24
C ASN D 371 7.33 34.52 -34.64
N HIS D 372 7.63 35.60 -35.36
CA HIS D 372 8.25 35.47 -36.67
C HIS D 372 9.66 34.93 -36.58
N ILE D 373 10.32 35.11 -35.44
CA ILE D 373 11.64 34.53 -35.25
C ILE D 373 11.52 33.06 -34.90
N SER D 374 10.89 32.75 -33.77
CA SER D 374 10.77 31.39 -33.28
C SER D 374 9.60 31.32 -32.31
N LYS D 375 9.47 30.19 -31.63
CA LYS D 375 8.51 30.02 -30.56
C LYS D 375 9.24 29.85 -29.24
N VAL D 376 8.68 30.44 -28.19
CA VAL D 376 9.28 30.31 -26.86
C VAL D 376 8.98 28.92 -26.34
N LYS D 377 10.02 28.23 -25.86
CA LYS D 377 9.90 26.85 -25.45
C LYS D 377 10.40 26.59 -24.03
N PHE D 378 10.75 27.63 -23.29
CA PHE D 378 11.44 27.51 -22.01
C PHE D 378 11.46 28.87 -21.34
N SER D 379 11.83 28.88 -20.06
CA SER D 379 12.02 30.11 -19.30
C SER D 379 13.18 29.91 -18.33
N ASN D 380 13.33 30.84 -17.39
CA ASN D 380 14.45 30.83 -16.47
C ASN D 380 14.06 30.20 -15.14
N LEU D 381 15.02 30.18 -14.22
CA LEU D 381 14.73 29.81 -12.84
C LEU D 381 13.77 30.80 -12.20
N CYS D 382 13.91 32.08 -12.54
CA CYS D 382 12.96 33.08 -12.10
C CYS D 382 11.62 32.97 -12.81
N SER D 383 11.53 32.13 -13.86
CA SER D 383 10.28 31.71 -14.53
C SER D 383 9.50 32.90 -15.07
N GLU D 384 10.20 33.86 -15.59
CA GLU D 384 9.53 35.09 -15.98
C GLU D 384 9.83 35.50 -17.41
N VAL D 385 11.03 35.23 -17.89
CA VAL D 385 11.49 35.77 -19.15
C VAL D 385 11.12 34.79 -20.27
N LEU D 386 10.47 35.32 -21.31
CA LEU D 386 10.05 34.52 -22.46
C LEU D 386 10.43 35.28 -23.71
N GLN D 387 11.49 34.84 -24.38
CA GLN D 387 11.98 35.47 -25.61
C GLN D 387 12.17 34.41 -26.68
N ALA D 388 12.64 34.86 -27.84
CA ALA D 388 12.99 33.94 -28.92
C ALA D 388 14.44 33.47 -28.76
N SER D 389 14.76 32.35 -29.41
CA SER D 389 16.06 31.73 -29.22
C SER D 389 16.44 30.91 -30.44
N GLN D 390 17.74 30.63 -30.54
CA GLN D 390 18.28 29.77 -31.59
C GLN D 390 19.43 28.96 -31.02
N VAL D 391 19.37 27.64 -31.21
CA VAL D 391 20.42 26.76 -30.70
C VAL D 391 21.68 26.91 -31.55
N SER D 392 22.84 26.86 -30.91
CA SER D 392 24.11 26.95 -31.62
C SER D 392 24.57 25.56 -32.02
N SER D 393 25.76 25.47 -32.64
CA SER D 393 26.39 24.18 -32.87
C SER D 393 27.90 24.34 -32.81
N TYR D 394 28.54 23.54 -31.97
CA TYR D 394 29.97 23.60 -31.73
C TYR D 394 30.62 22.33 -32.24
N THR D 395 31.55 22.48 -33.16
CA THR D 395 32.37 21.41 -33.70
C THR D 395 33.65 21.31 -32.88
N ASP D 396 34.68 20.67 -33.42
CA ASP D 396 35.94 20.48 -32.73
C ASP D 396 36.69 21.81 -32.60
N TYR D 397 37.84 21.76 -31.91
CA TYR D 397 38.60 22.96 -31.58
C TYR D 397 39.22 23.58 -32.82
N ASP D 398 39.84 22.75 -33.66
CA ASP D 398 40.38 23.25 -34.92
C ASP D 398 39.28 23.58 -35.90
N GLU D 399 38.11 22.97 -35.76
CA GLU D 399 37.01 23.21 -36.66
C GLU D 399 36.21 24.43 -36.23
N GLU D 400 35.36 24.90 -37.12
CA GLU D 400 34.58 26.11 -36.89
C GLU D 400 33.22 25.78 -36.31
N ASP D 401 32.70 26.70 -35.52
CA ASP D 401 31.45 26.51 -34.77
C ASP D 401 30.38 27.48 -35.26
N GLU D 402 29.28 27.52 -34.54
CA GLU D 402 28.15 28.37 -34.86
C GLU D 402 27.81 29.26 -33.67
N ILE D 403 27.19 30.41 -33.98
CA ILE D 403 26.81 31.39 -32.96
C ILE D 403 25.30 31.55 -33.03
N GLY D 404 24.59 30.89 -32.12
CA GLY D 404 23.14 30.97 -32.12
C GLY D 404 22.60 32.20 -31.40
N LEU D 405 21.37 32.12 -30.90
CA LEU D 405 20.75 33.22 -30.17
C LEU D 405 20.53 32.82 -28.73
N ASP D 406 20.64 33.79 -27.83
CA ASP D 406 20.41 33.52 -26.42
C ASP D 406 19.48 34.54 -25.79
N ILE D 407 19.32 34.47 -24.47
CA ILE D 407 18.39 35.33 -23.74
C ILE D 407 19.10 35.85 -22.50
N SER D 408 19.07 37.17 -22.30
CA SER D 408 19.54 37.79 -21.06
C SER D 408 18.68 39.02 -20.81
N CYS D 409 17.94 39.01 -19.71
CA CYS D 409 17.00 40.07 -19.38
C CYS D 409 17.33 40.62 -18.00
N ASN D 410 17.69 41.90 -17.95
CA ASN D 410 18.02 42.53 -16.68
C ASN D 410 16.74 42.81 -15.89
N LEU D 411 16.92 43.08 -14.61
CA LEU D 411 15.83 43.24 -13.67
C LEU D 411 15.86 44.65 -13.08
N GLY D 412 15.04 44.87 -12.06
CA GLY D 412 14.88 46.18 -11.44
C GLY D 412 13.43 46.58 -11.34
N SER D 413 12.96 46.85 -10.13
CA SER D 413 11.54 47.02 -9.85
C SER D 413 11.23 48.46 -9.43
N LEU D 414 9.96 48.78 -9.36
CA LEU D 414 9.52 50.08 -8.89
C LEU D 414 8.44 49.88 -7.83
N ASN D 415 8.03 50.96 -7.19
CA ASN D 415 7.03 50.93 -6.15
C ASN D 415 5.71 51.42 -6.73
N ILE D 416 4.67 50.58 -6.59
CA ILE D 416 3.32 51.02 -6.93
C ILE D 416 2.89 52.15 -6.00
N LEU D 417 3.24 52.03 -4.71
CA LEU D 417 2.82 53.00 -3.71
C LEU D 417 3.44 54.37 -3.97
N ASN D 418 4.76 54.41 -4.17
CA ASN D 418 5.43 55.70 -4.31
C ASN D 418 5.13 56.35 -5.66
N VAL D 419 4.96 55.56 -6.72
CA VAL D 419 4.57 56.14 -8.01
C VAL D 419 3.15 56.65 -7.93
N MET D 420 2.25 55.90 -7.30
CA MET D 420 0.87 56.32 -7.17
C MET D 420 0.69 57.49 -6.21
N GLU D 421 1.66 57.73 -5.33
CA GLU D 421 1.57 58.89 -4.45
C GLU D 421 2.29 60.11 -5.01
N HIS D 422 3.40 59.92 -5.72
CA HIS D 422 4.17 61.03 -6.22
C HIS D 422 3.79 61.45 -7.64
N LYS D 423 3.21 60.52 -8.42
CA LYS D 423 2.57 60.78 -9.71
C LYS D 423 3.54 61.34 -10.75
N SER D 424 4.79 60.87 -10.73
CA SER D 424 5.78 61.18 -11.75
C SER D 424 6.00 60.01 -12.69
N ILE D 425 4.90 59.35 -13.05
CA ILE D 425 4.92 58.00 -13.61
C ILE D 425 5.61 57.97 -14.97
N GLU D 426 5.39 58.99 -15.79
CA GLU D 426 6.03 59.01 -17.11
C GLU D 426 7.52 59.29 -16.99
N LYS D 427 7.90 60.23 -16.13
CA LYS D 427 9.32 60.48 -15.90
C LYS D 427 9.99 59.31 -15.18
N THR D 428 9.23 58.58 -14.37
CA THR D 428 9.71 57.33 -13.80
C THR D 428 10.03 56.33 -14.89
N VAL D 429 9.16 56.21 -15.89
CA VAL D 429 9.39 55.33 -17.03
C VAL D 429 10.62 55.79 -17.80
N LYS D 430 10.78 57.11 -17.97
CA LYS D 430 11.94 57.69 -18.65
C LYS D 430 13.24 57.31 -17.97
N LEU D 431 13.34 57.58 -16.67
CA LEU D 431 14.58 57.33 -15.93
C LEU D 431 14.88 55.85 -15.81
N ALA D 432 13.85 55.03 -15.56
CA ALA D 432 14.06 53.59 -15.44
C ALA D 432 14.50 52.99 -16.76
N THR D 433 13.93 53.47 -17.87
CA THR D 433 14.29 52.96 -19.18
C THR D 433 15.71 53.37 -19.55
N ASP D 434 16.09 54.61 -19.23
CA ASP D 434 17.44 55.07 -19.52
C ASP D 434 18.47 54.32 -18.69
N SER D 435 18.15 54.03 -17.42
CA SER D 435 19.09 53.29 -16.58
C SER D 435 19.22 51.85 -17.05
N LEU D 436 18.10 51.21 -17.40
CA LEU D 436 18.16 49.84 -17.89
C LEU D 436 18.84 49.78 -19.25
N THR D 437 18.71 50.83 -20.06
CA THR D 437 19.44 50.93 -21.30
C THR D 437 20.94 51.03 -21.04
N HIS D 438 21.32 51.80 -20.02
CA HIS D 438 22.73 51.93 -19.66
C HIS D 438 23.29 50.62 -19.15
N VAL D 439 22.50 49.86 -18.40
CA VAL D 439 22.93 48.55 -17.90
C VAL D 439 23.12 47.58 -19.07
N SER D 440 22.16 47.57 -20.01
CA SER D 440 22.28 46.70 -21.17
C SER D 440 23.43 47.11 -22.08
N GLU D 441 23.80 48.39 -22.07
CA GLU D 441 24.93 48.84 -22.87
C GLU D 441 26.25 48.42 -22.22
N THR D 442 26.37 48.57 -20.91
CA THR D 442 27.66 48.37 -20.27
C THR D 442 28.01 46.90 -20.10
N THR D 443 27.00 46.04 -20.01
CA THR D 443 27.24 44.63 -19.69
C THR D 443 27.81 43.89 -20.90
N ASP D 444 28.86 43.11 -20.66
CA ASP D 444 29.51 42.35 -21.73
C ASP D 444 29.96 41.00 -21.21
N ILE D 445 29.92 40.01 -22.10
CA ILE D 445 30.32 38.63 -21.81
C ILE D 445 31.44 38.25 -22.76
N ARG D 446 32.49 37.60 -22.23
CA ARG D 446 33.66 37.29 -23.03
C ARG D 446 33.98 35.79 -23.06
N ASN D 447 33.00 34.94 -22.75
CA ASN D 447 33.19 33.50 -22.84
C ASN D 447 32.31 32.86 -23.90
N ALA D 448 31.00 33.02 -23.81
CA ALA D 448 30.07 32.59 -24.85
C ALA D 448 29.69 33.81 -25.66
N PRO D 449 30.13 33.92 -26.91
CA PRO D 449 29.76 35.10 -27.71
C PRO D 449 28.32 35.08 -28.18
N ALA D 450 27.59 33.99 -27.99
CA ALA D 450 26.21 33.93 -28.44
C ALA D 450 25.32 34.81 -27.59
N VAL D 451 25.50 34.79 -26.27
CA VAL D 451 24.71 35.66 -25.41
C VAL D 451 25.17 37.11 -25.56
N ARG D 452 26.45 37.30 -25.91
CA ARG D 452 26.96 38.63 -26.22
C ARG D 452 26.27 39.19 -27.45
N ARG D 453 26.19 38.39 -28.50
CA ARG D 453 25.47 38.77 -29.72
C ARG D 453 23.99 38.95 -29.46
N ALA D 454 23.42 38.14 -28.58
CA ALA D 454 21.99 38.24 -28.28
C ALA D 454 21.66 39.52 -27.53
N ASN D 455 22.49 39.88 -26.55
CA ASN D 455 22.29 41.14 -25.84
C ASN D 455 22.61 42.33 -26.73
N LYS D 456 23.52 42.15 -27.68
CA LYS D 456 23.82 43.22 -28.62
C LYS D 456 22.70 43.42 -29.63
N ALA D 457 21.98 42.35 -29.96
CA ALA D 457 20.99 42.39 -31.03
C ALA D 457 19.58 42.71 -30.51
N MET D 458 19.17 42.09 -29.41
CA MET D 458 17.80 42.26 -28.96
C MET D 458 17.59 43.59 -28.28
N LYS D 459 18.56 44.04 -27.48
CA LYS D 459 18.45 45.20 -26.60
C LYS D 459 17.21 45.09 -25.71
N SER D 460 17.02 43.92 -25.13
CA SER D 460 15.83 43.58 -24.39
C SER D 460 15.99 43.93 -22.93
N ILE D 461 14.95 44.53 -22.35
CA ILE D 461 14.96 44.87 -20.94
C ILE D 461 13.80 44.18 -20.25
N GLY D 462 13.79 44.27 -18.93
CA GLY D 462 12.68 43.78 -18.14
C GLY D 462 12.35 44.72 -17.00
N LEU D 463 11.10 45.15 -16.94
CA LEU D 463 10.66 46.07 -15.90
C LEU D 463 9.50 45.46 -15.12
N GLY D 464 9.57 45.59 -13.80
CA GLY D 464 8.53 45.11 -12.92
C GLY D 464 8.19 46.10 -11.83
N ALA D 465 7.35 45.69 -10.88
CA ALA D 465 6.91 46.57 -9.81
C ALA D 465 6.61 45.72 -8.59
N MET D 466 6.40 46.38 -7.46
CA MET D 466 6.07 45.70 -6.21
C MET D 466 5.08 46.56 -5.44
N ASN D 467 4.69 46.06 -4.26
CA ASN D 467 3.76 46.70 -3.33
C ASN D 467 2.39 46.92 -3.98
N LEU D 468 1.77 45.81 -4.37
CA LEU D 468 0.39 45.86 -4.83
C LEU D 468 -0.59 45.63 -3.69
N HIS D 469 -0.42 44.51 -2.98
CA HIS D 469 -1.34 44.17 -1.89
C HIS D 469 -1.19 45.12 -0.72
N GLY D 470 0.05 45.51 -0.40
CA GLY D 470 0.26 46.40 0.73
C GLY D 470 -0.23 47.81 0.47
N TYR D 471 -0.03 48.32 -0.74
CA TYR D 471 -0.47 49.67 -1.05
C TYR D 471 -1.99 49.75 -1.16
N LEU D 472 -2.58 48.86 -1.97
CA LEU D 472 -4.03 48.89 -2.17
C LEU D 472 -4.78 48.50 -0.91
N ALA D 473 -4.24 47.53 -0.16
CA ALA D 473 -4.82 47.17 1.12
C ALA D 473 -4.59 48.26 2.16
N GLN D 474 -3.54 49.06 1.97
CA GLN D 474 -3.32 50.22 2.83
C GLN D 474 -4.30 51.33 2.50
N ASN D 475 -4.79 51.38 1.27
CA ASN D 475 -5.82 52.34 0.90
C ASN D 475 -7.21 51.93 1.37
N GLY D 476 -7.39 50.69 1.81
CA GLY D 476 -8.69 50.23 2.21
C GLY D 476 -9.42 49.51 1.10
N ILE D 477 -8.67 48.79 0.28
CA ILE D 477 -9.22 48.01 -0.83
C ILE D 477 -8.85 46.55 -0.60
N ALA D 478 -9.81 45.65 -0.75
CA ALA D 478 -9.54 44.24 -0.62
C ALA D 478 -8.72 43.74 -1.81
N TYR D 479 -7.85 42.76 -1.55
CA TYR D 479 -7.06 42.16 -2.62
C TYR D 479 -7.93 41.34 -3.54
N GLU D 480 -8.98 40.71 -2.99
CA GLU D 480 -9.90 39.90 -3.77
C GLU D 480 -11.07 40.72 -4.31
N SER D 481 -10.86 41.94 -4.58
CA SER D 481 -11.84 42.80 -5.20
C SER D 481 -11.63 42.89 -6.70
N PRO D 482 -12.70 43.00 -7.48
CA PRO D 482 -12.55 43.35 -8.90
C PRO D 482 -12.11 44.79 -9.08
N GLU D 483 -12.28 45.62 -8.05
CA GLU D 483 -11.73 46.96 -8.04
C GLU D 483 -10.22 46.95 -8.19
N ALA D 484 -9.54 46.06 -7.45
CA ALA D 484 -8.09 45.95 -7.57
C ALA D 484 -7.69 45.39 -8.92
N ARG D 485 -8.54 44.55 -9.51
CA ARG D 485 -8.25 44.01 -10.84
C ARG D 485 -8.37 45.08 -11.91
N ASP D 486 -9.40 45.92 -11.83
CA ASP D 486 -9.52 47.07 -12.73
C ASP D 486 -8.43 48.10 -12.46
N PHE D 487 -7.98 48.20 -11.21
CA PHE D 487 -6.86 49.07 -10.88
C PHE D 487 -5.59 48.63 -11.57
N ALA D 488 -5.28 47.34 -11.48
CA ALA D 488 -4.11 46.79 -12.16
C ALA D 488 -4.26 46.91 -13.66
N ASN D 489 -5.48 46.71 -14.17
CA ASN D 489 -5.79 46.85 -15.60
C ASN D 489 -5.46 48.26 -16.10
N THR D 490 -6.03 49.26 -15.45
CA THR D 490 -5.82 50.64 -15.88
C THR D 490 -4.39 51.10 -15.65
N PHE D 491 -3.81 50.74 -14.50
CA PHE D 491 -2.47 51.19 -14.17
C PHE D 491 -1.44 50.57 -15.09
N PHE D 492 -1.57 49.28 -15.39
CA PHE D 492 -0.62 48.66 -16.27
C PHE D 492 -0.89 49.00 -17.73
N MET D 493 -2.12 49.40 -18.07
CA MET D 493 -2.36 50.04 -19.35
C MET D 493 -1.59 51.35 -19.45
N MET D 494 -1.59 52.13 -18.37
CA MET D 494 -0.90 53.43 -18.40
C MET D 494 0.61 53.26 -18.46
N VAL D 495 1.15 52.32 -17.70
CA VAL D 495 2.60 52.11 -17.74
C VAL D 495 2.98 51.40 -19.03
N ASN D 496 2.04 50.66 -19.64
CA ASN D 496 2.29 50.09 -20.96
C ASN D 496 2.34 51.18 -22.00
N PHE D 497 1.43 52.14 -21.89
CA PHE D 497 1.43 53.33 -22.75
C PHE D 497 2.75 54.08 -22.63
N TYR D 498 3.16 54.36 -21.39
CA TYR D 498 4.38 55.12 -21.17
C TYR D 498 5.63 54.35 -21.58
N SER D 499 5.64 53.02 -21.40
CA SER D 499 6.81 52.23 -21.75
C SER D 499 6.95 52.12 -23.26
N ILE D 500 5.84 51.89 -23.96
CA ILE D 500 5.88 51.82 -25.41
C ILE D 500 6.19 53.20 -25.98
N GLN D 501 5.67 54.25 -25.35
CA GLN D 501 5.98 55.62 -25.73
C GLN D 501 7.45 55.91 -25.58
N ARG D 502 8.04 55.49 -24.47
CA ARG D 502 9.46 55.71 -24.22
C ARG D 502 10.32 54.89 -25.17
N SER D 503 9.91 53.66 -25.46
CA SER D 503 10.71 52.83 -26.37
C SER D 503 10.65 53.38 -27.78
N ALA D 504 9.50 53.90 -28.19
CA ALA D 504 9.38 54.48 -29.52
C ALA D 504 10.14 55.80 -29.60
N GLU D 505 10.10 56.59 -28.52
CA GLU D 505 10.88 57.82 -28.47
C GLU D 505 12.38 57.51 -28.50
N ILE D 506 12.79 56.45 -27.82
CA ILE D 506 14.20 56.08 -27.77
C ILE D 506 14.68 55.55 -29.12
N ALA D 507 13.85 54.74 -29.79
CA ALA D 507 14.20 54.29 -31.13
C ALA D 507 14.16 55.42 -32.14
N LYS D 508 13.41 56.48 -31.86
CA LYS D 508 13.47 57.68 -32.68
C LYS D 508 14.76 58.45 -32.42
N GLU D 509 15.11 58.66 -31.15
CA GLU D 509 16.26 59.47 -30.77
C GLU D 509 17.56 58.80 -31.19
N LYS D 510 17.64 57.48 -31.05
CA LYS D 510 18.75 56.73 -31.63
C LYS D 510 18.65 56.69 -33.14
N GLY D 511 17.44 56.84 -33.68
CA GLY D 511 17.21 56.62 -35.10
C GLY D 511 17.34 55.17 -35.52
N GLU D 512 17.17 54.23 -34.59
CA GLU D 512 17.51 52.84 -34.79
C GLU D 512 16.80 51.97 -33.77
N THR D 513 16.28 50.84 -34.25
CA THR D 513 15.45 49.93 -33.46
C THR D 513 16.19 48.63 -33.17
N PHE D 514 15.51 47.71 -32.51
CA PHE D 514 16.10 46.40 -32.35
C PHE D 514 15.99 45.61 -33.66
N ASP D 515 16.70 44.49 -33.69
CA ASP D 515 16.79 43.69 -34.91
C ASP D 515 15.57 42.78 -35.05
N GLN D 516 15.19 42.54 -36.32
CA GLN D 516 13.94 41.85 -36.70
C GLN D 516 12.72 42.53 -36.08
N TYR D 517 12.75 43.85 -36.04
CA TYR D 517 11.61 44.61 -35.56
C TYR D 517 10.44 44.52 -36.53
N GLU D 518 10.75 44.36 -37.81
CA GLU D 518 9.75 44.42 -38.87
C GLU D 518 8.77 43.26 -38.82
N GLY D 519 9.21 42.09 -38.38
CA GLY D 519 8.31 40.96 -38.27
C GLY D 519 7.52 40.91 -36.99
N SER D 520 7.82 41.79 -36.05
CA SER D 520 7.09 41.85 -34.80
C SER D 520 5.75 42.54 -35.00
N THR D 521 4.87 42.42 -33.98
CA THR D 521 3.56 43.05 -34.05
C THR D 521 3.63 44.56 -33.85
N TYR D 522 4.74 45.07 -33.33
CA TYR D 522 4.88 46.51 -33.14
C TYR D 522 5.05 47.23 -34.48
N ALA D 523 5.77 46.61 -35.42
CA ALA D 523 5.94 47.22 -36.74
C ALA D 523 4.65 47.18 -37.54
N THR D 524 3.78 46.22 -37.27
CA THR D 524 2.48 46.11 -37.91
C THR D 524 1.36 46.69 -37.05
N GLY D 525 1.67 47.15 -35.85
CA GLY D 525 0.68 47.77 -35.01
C GLY D 525 -0.33 46.83 -34.39
N GLU D 526 -0.05 45.52 -34.41
CA GLU D 526 -1.04 44.55 -33.96
C GLU D 526 -1.16 44.48 -32.44
N TYR D 527 -0.10 44.83 -31.72
CA TYR D 527 -0.20 44.92 -30.27
C TYR D 527 -1.06 46.10 -29.85
N PHE D 528 -1.09 47.14 -30.66
CA PHE D 528 -1.95 48.29 -30.39
C PHE D 528 -3.37 48.05 -30.88
N ASP D 529 -3.59 47.03 -31.69
CA ASP D 529 -4.93 46.72 -32.19
C ASP D 529 -5.87 46.33 -31.06
N LYS D 530 -5.33 45.72 -30.00
CA LYS D 530 -6.10 45.53 -28.78
C LYS D 530 -6.37 46.85 -28.08
N TYR D 531 -5.49 47.84 -28.23
CA TYR D 531 -5.56 49.08 -27.48
C TYR D 531 -6.11 50.26 -28.27
N VAL D 532 -6.21 50.16 -29.60
CA VAL D 532 -6.88 51.21 -30.36
C VAL D 532 -8.38 51.17 -30.14
N SER D 533 -8.90 50.06 -29.65
CA SER D 533 -10.23 49.94 -29.08
C SER D 533 -10.06 49.53 -27.62
N THR D 534 -11.19 49.23 -26.97
CA THR D 534 -11.28 48.64 -25.61
C THR D 534 -10.57 49.52 -24.58
N ASP D 535 -11.16 50.70 -24.34
CA ASP D 535 -10.59 51.64 -23.39
C ASP D 535 -10.63 51.09 -21.97
N PHE D 536 -9.46 51.10 -21.32
CA PHE D 536 -9.30 50.54 -19.98
C PHE D 536 -9.38 51.62 -18.91
N SER D 537 -10.27 52.58 -19.13
CA SER D 537 -10.58 53.60 -18.13
C SER D 537 -11.18 52.93 -16.88
N PRO D 538 -10.96 53.49 -15.69
CA PRO D 538 -11.42 52.84 -14.46
C PRO D 538 -12.94 52.86 -14.35
N LYS D 539 -13.51 51.68 -14.14
CA LYS D 539 -14.95 51.51 -14.00
C LYS D 539 -15.41 51.59 -12.56
N TYR D 540 -14.49 51.81 -11.62
CA TYR D 540 -14.82 51.92 -10.21
C TYR D 540 -14.41 53.28 -9.69
N GLU D 541 -15.14 53.75 -8.69
CA GLU D 541 -15.04 55.15 -8.27
C GLU D 541 -13.80 55.41 -7.42
N LYS D 542 -13.47 54.51 -6.49
CA LYS D 542 -12.27 54.70 -5.69
C LYS D 542 -11.03 54.41 -6.52
N ILE D 543 -11.15 53.49 -7.47
CA ILE D 543 -10.06 53.17 -8.39
C ILE D 543 -9.77 54.37 -9.27
N ALA D 544 -10.81 55.00 -9.81
CA ALA D 544 -10.62 56.21 -10.61
C ALA D 544 -10.10 57.36 -9.76
N ASN D 545 -10.58 57.49 -8.53
CA ASN D 545 -10.15 58.58 -7.66
C ASN D 545 -8.69 58.43 -7.24
N LEU D 546 -8.20 57.20 -7.14
CA LEU D 546 -6.75 57.01 -6.99
C LEU D 546 -6.03 57.44 -8.25
N PHE D 547 -6.60 57.18 -9.41
CA PHE D 547 -6.02 57.62 -10.67
C PHE D 547 -6.35 59.07 -11.01
N GLU D 548 -7.19 59.74 -10.23
CA GLU D 548 -7.42 61.16 -10.47
C GLU D 548 -6.20 61.96 -10.08
N GLY D 549 -6.06 63.13 -10.69
CA GLY D 549 -4.85 63.92 -10.57
C GLY D 549 -3.90 63.77 -11.73
N MET D 550 -4.19 62.86 -12.66
CA MET D 550 -3.36 62.66 -13.83
C MET D 550 -4.24 62.19 -14.98
N HIS D 551 -3.82 62.51 -16.20
CA HIS D 551 -4.57 62.12 -17.38
C HIS D 551 -4.43 60.63 -17.65
N ILE D 552 -5.56 59.96 -17.83
CA ILE D 552 -5.57 58.53 -18.17
C ILE D 552 -5.60 58.41 -19.69
N PRO D 553 -4.63 57.73 -20.29
CA PRO D 553 -4.60 57.62 -21.77
C PRO D 553 -5.72 56.73 -22.28
N THR D 554 -6.49 57.27 -23.21
CA THR D 554 -7.57 56.53 -23.83
C THR D 554 -7.04 55.81 -25.07
N THR D 555 -7.96 55.27 -25.87
CA THR D 555 -7.57 54.53 -27.06
C THR D 555 -7.01 55.43 -28.14
N GLU D 556 -7.39 56.71 -28.14
CA GLU D 556 -6.85 57.64 -29.11
C GLU D 556 -5.38 57.95 -28.83
N ASP D 557 -5.01 57.98 -27.55
CA ASP D 557 -3.61 58.07 -27.19
C ASP D 557 -2.85 56.84 -27.64
N TRP D 558 -3.50 55.67 -27.58
CA TRP D 558 -2.90 54.45 -28.13
C TRP D 558 -2.82 54.51 -29.66
N LYS D 559 -3.75 55.23 -30.30
CA LYS D 559 -3.70 55.37 -31.75
C LYS D 559 -2.56 56.27 -32.19
N LYS D 560 -2.36 57.39 -31.49
CA LYS D 560 -1.21 58.24 -31.75
C LYS D 560 0.09 57.55 -31.41
N LEU D 561 0.07 56.71 -30.36
CA LEU D 561 1.23 55.90 -30.03
C LEU D 561 1.52 54.88 -31.13
N LYS D 562 0.48 54.28 -31.69
CA LYS D 562 0.62 53.34 -32.79
C LYS D 562 1.18 54.02 -34.03
N ALA D 563 0.72 55.24 -34.30
CA ALA D 563 1.22 56.00 -35.44
C ALA D 563 2.67 56.42 -35.23
N PHE D 564 3.04 56.74 -33.98
CA PHE D 564 4.42 57.09 -33.70
C PHE D 564 5.33 55.86 -33.73
N VAL D 565 4.82 54.70 -33.35
CA VAL D 565 5.61 53.48 -33.42
C VAL D 565 5.81 53.08 -34.88
N ALA D 566 4.75 53.13 -35.68
CA ALA D 566 4.88 52.91 -37.12
C ALA D 566 5.67 54.01 -37.81
N GLU D 567 5.81 55.17 -37.18
CA GLU D 567 6.61 56.25 -37.73
C GLU D 567 8.10 55.92 -37.66
N HIS D 568 8.58 55.51 -36.48
CA HIS D 568 10.00 55.22 -36.30
C HIS D 568 10.27 53.76 -35.98
N GLY D 569 9.65 53.23 -34.94
CA GLY D 569 9.93 51.90 -34.46
C GLY D 569 10.05 51.89 -32.96
N MET D 570 10.16 50.69 -32.39
CA MET D 570 10.35 50.52 -30.97
C MET D 570 11.74 49.97 -30.70
N TYR D 571 12.29 50.29 -29.54
CA TYR D 571 13.69 50.00 -29.28
C TYR D 571 13.91 48.64 -28.63
N HIS D 572 13.02 48.21 -27.74
CA HIS D 572 13.19 46.97 -27.01
C HIS D 572 12.21 45.93 -27.51
N SER D 573 12.71 44.75 -27.83
CA SER D 573 11.85 43.64 -28.21
C SER D 573 11.00 43.18 -27.03
N TYR D 574 11.49 43.33 -25.80
CA TYR D 574 10.71 43.09 -24.60
C TYR D 574 11.08 44.15 -23.58
N ARG D 575 10.12 44.52 -22.74
CA ARG D 575 10.36 45.60 -21.80
C ARG D 575 10.03 45.21 -20.37
N LEU D 576 9.19 44.20 -20.21
CA LEU D 576 8.56 43.93 -18.92
C LEU D 576 8.80 42.49 -18.49
N CYS D 577 9.07 42.30 -17.21
CA CYS D 577 9.01 40.98 -16.61
C CYS D 577 8.74 41.18 -15.13
N ILE D 578 8.17 40.17 -14.50
CA ILE D 578 7.84 40.22 -13.08
C ILE D 578 8.55 39.07 -12.39
N ALA D 579 9.45 39.39 -11.46
CA ALA D 579 10.26 38.47 -10.70
C ALA D 579 9.91 38.56 -9.22
N PRO D 580 10.08 37.48 -8.46
CA PRO D 580 9.91 37.59 -7.01
C PRO D 580 11.06 38.34 -6.36
N THR D 581 11.00 39.66 -6.40
CA THR D 581 12.07 40.51 -5.88
C THR D 581 11.80 40.89 -4.42
N GLY D 582 11.73 39.87 -3.57
CA GLY D 582 11.43 40.10 -2.17
C GLY D 582 12.62 40.44 -1.31
N SER D 583 13.82 40.31 -1.86
CA SER D 583 15.04 40.54 -1.07
C SER D 583 15.31 42.01 -0.83
N ILE D 584 14.57 42.91 -1.48
CA ILE D 584 14.80 44.35 -1.36
C ILE D 584 13.60 45.08 -0.80
N SER D 585 12.54 44.38 -0.42
CA SER D 585 11.35 45.04 0.12
C SER D 585 11.60 45.68 1.47
N TYR D 586 12.51 45.09 2.27
CA TYR D 586 12.80 45.61 3.58
C TYR D 586 13.51 46.95 3.49
N VAL D 587 14.54 47.03 2.65
CA VAL D 587 15.26 48.28 2.49
C VAL D 587 14.45 49.27 1.67
N GLN D 588 13.50 48.77 0.87
CA GLN D 588 12.52 49.65 0.26
C GLN D 588 11.39 50.01 1.19
N SER D 589 11.41 49.48 2.43
CA SER D 589 10.43 49.76 3.48
C SER D 589 9.02 49.43 3.04
N SER D 590 8.88 48.41 2.21
CA SER D 590 7.66 48.16 1.48
C SER D 590 7.33 46.68 1.54
N THR D 591 6.18 46.34 0.99
CA THR D 591 5.76 44.95 0.93
C THR D 591 6.37 44.27 -0.29
N ALA D 592 5.90 43.07 -0.58
CA ALA D 592 6.43 42.27 -1.67
C ALA D 592 5.88 42.73 -3.01
N SER D 593 6.00 41.88 -4.02
CA SER D 593 5.44 42.16 -5.33
C SER D 593 3.94 41.89 -5.35
N VAL D 594 3.37 41.77 -6.54
CA VAL D 594 1.93 41.65 -6.73
C VAL D 594 1.32 40.40 -6.11
N MET D 595 2.13 39.40 -5.75
CA MET D 595 1.65 38.31 -4.93
C MET D 595 1.21 38.84 -3.57
N PRO D 596 0.05 38.43 -3.07
CA PRO D 596 -0.41 38.93 -1.77
C PRO D 596 0.43 38.37 -0.63
N ILE D 597 0.36 39.05 0.51
CA ILE D 597 1.20 38.70 1.64
C ILE D 597 0.71 37.40 2.27
N MET D 598 1.60 36.76 3.02
CA MET D 598 1.19 35.57 3.75
C MET D 598 0.86 35.89 5.20
N GLU D 599 1.70 36.67 5.86
CA GLU D 599 1.53 37.00 7.26
C GLU D 599 1.53 38.51 7.45
N ARG D 600 0.79 38.97 8.46
CA ARG D 600 0.83 40.38 8.82
C ARG D 600 2.12 40.72 9.53
N ILE D 601 2.69 39.76 10.27
CA ILE D 601 3.94 39.96 10.98
C ILE D 601 4.89 38.84 10.59
N GLU D 602 5.93 39.18 9.85
CA GLU D 602 7.07 38.27 9.70
C GLU D 602 7.78 38.16 11.04
N GLU D 603 8.12 36.94 11.43
CA GLU D 603 8.94 36.70 12.61
C GLU D 603 10.19 35.95 12.19
N ARG D 604 11.35 36.49 12.56
CA ARG D 604 12.60 35.85 12.23
C ARG D 604 13.43 35.68 13.49
N THR D 605 14.20 34.61 13.51
CA THR D 605 15.28 34.44 14.47
C THR D 605 16.52 34.80 13.66
N TYR D 606 16.99 36.03 13.84
CA TYR D 606 18.23 36.45 13.20
C TYR D 606 19.40 35.64 13.72
N GLY D 607 19.72 35.81 15.00
CA GLY D 607 20.68 34.99 15.69
C GLY D 607 20.72 35.44 17.13
N ASN D 608 20.55 34.49 18.06
CA ASN D 608 20.40 34.73 19.50
C ASN D 608 19.30 35.75 19.80
N SER D 609 18.25 35.78 18.98
CA SER D 609 17.27 36.86 19.03
C SER D 609 16.04 36.43 18.24
N LYS D 610 14.98 37.23 18.36
CA LYS D 610 13.74 37.03 17.60
C LYS D 610 13.22 38.42 17.22
N THR D 611 13.54 38.87 16.02
CA THR D 611 12.91 40.07 15.50
C THR D 611 11.50 39.75 15.03
N TYR D 612 10.60 40.71 15.21
CA TYR D 612 9.22 40.61 14.81
C TYR D 612 8.94 41.81 13.93
N TYR D 613 9.10 41.63 12.63
CA TYR D 613 8.87 42.71 11.68
C TYR D 613 7.45 42.61 11.16
N PRO D 614 6.55 43.51 11.52
CA PRO D 614 5.22 43.48 10.93
C PRO D 614 5.24 43.99 9.50
N MET D 615 4.09 43.89 8.84
CA MET D 615 3.95 44.49 7.54
C MET D 615 3.98 46.01 7.66
N PRO D 616 4.54 46.70 6.67
CA PRO D 616 4.54 48.17 6.72
C PRO D 616 3.13 48.71 6.52
N GLY D 617 2.68 49.51 7.48
CA GLY D 617 1.31 50.01 7.47
C GLY D 617 0.32 49.10 8.13
N LEU D 618 0.78 48.14 8.94
CA LEU D 618 -0.12 47.19 9.58
C LEU D 618 -0.79 47.83 10.79
N ALA D 619 -2.10 47.94 10.74
CA ALA D 619 -2.91 48.37 11.88
C ALA D 619 -4.19 47.55 11.86
N SER D 620 -5.18 47.99 12.65
CA SER D 620 -6.43 47.26 12.75
C SER D 620 -7.40 47.58 11.62
N ASN D 621 -7.25 48.72 10.95
CA ASN D 621 -8.15 49.07 9.86
C ASN D 621 -7.84 48.26 8.61
N ASN D 622 -6.55 48.15 8.26
CA ASN D 622 -6.13 47.28 7.17
C ASN D 622 -5.71 45.91 7.66
N TRP D 623 -6.17 45.53 8.86
CA TRP D 623 -5.91 44.20 9.39
C TRP D 623 -6.51 43.13 8.50
N PHE D 624 -7.80 43.27 8.19
CA PHE D 624 -8.46 42.35 7.28
C PHE D 624 -8.30 42.74 5.83
N PHE D 625 -7.65 43.87 5.56
CA PHE D 625 -7.15 44.12 4.22
C PHE D 625 -5.82 43.42 4.01
N TYR D 626 -5.01 43.30 5.06
CA TYR D 626 -3.81 42.48 5.03
C TYR D 626 -4.22 41.06 5.38
N LYS D 627 -4.77 40.38 4.38
CA LYS D 627 -5.29 39.02 4.58
C LYS D 627 -4.13 38.02 4.62
N GLU D 628 -4.50 36.74 4.69
CA GLU D 628 -3.54 35.66 4.73
C GLU D 628 -3.65 34.83 3.46
N ALA D 629 -2.48 34.47 2.91
CA ALA D 629 -2.43 33.81 1.60
C ALA D 629 -2.95 32.39 1.64
N TYR D 630 -3.00 31.77 2.80
CA TYR D 630 -3.59 30.44 2.92
C TYR D 630 -5.11 30.48 2.90
N ASP D 631 -5.71 31.66 3.00
CA ASP D 631 -7.15 31.82 3.14
C ASP D 631 -7.68 32.75 2.06
N MET D 632 -7.28 32.49 0.82
CA MET D 632 -7.74 33.28 -0.31
C MET D 632 -8.23 32.35 -1.41
N ASP D 633 -9.08 32.90 -2.28
CA ASP D 633 -9.50 32.20 -3.49
C ASP D 633 -8.42 32.36 -4.54
N MET D 634 -7.85 31.25 -4.99
CA MET D 634 -6.81 31.32 -6.01
C MET D 634 -7.38 31.71 -7.36
N PHE D 635 -8.68 31.48 -7.57
CA PHE D 635 -9.31 31.79 -8.86
C PHE D 635 -9.34 33.29 -9.12
N LYS D 636 -9.64 34.07 -8.08
CA LYS D 636 -9.56 35.52 -8.22
C LYS D 636 -8.12 35.98 -8.45
N VAL D 637 -7.16 35.26 -7.89
CA VAL D 637 -5.77 35.60 -8.09
C VAL D 637 -5.35 35.37 -9.54
N VAL D 638 -5.77 34.24 -10.14
CA VAL D 638 -5.34 34.01 -11.52
C VAL D 638 -6.15 34.89 -12.47
N ASP D 639 -7.36 35.28 -12.07
CA ASP D 639 -8.08 36.30 -12.85
C ASP D 639 -7.35 37.63 -12.82
N MET D 640 -6.81 38.01 -11.67
CA MET D 640 -5.95 39.18 -11.57
C MET D 640 -4.68 39.01 -12.40
N ILE D 641 -4.15 37.79 -12.42
CA ILE D 641 -2.95 37.49 -13.19
C ILE D 641 -3.21 37.68 -14.68
N ALA D 642 -4.37 37.22 -15.16
CA ALA D 642 -4.74 37.42 -16.55
C ALA D 642 -5.01 38.88 -16.85
N THR D 643 -5.58 39.61 -15.86
CA THR D 643 -5.82 41.03 -16.02
C THR D 643 -4.51 41.80 -16.17
N ILE D 644 -3.48 41.37 -15.45
CA ILE D 644 -2.17 42.01 -15.58
C ILE D 644 -1.49 41.56 -16.87
N GLN D 645 -1.61 40.28 -17.21
CA GLN D 645 -1.04 39.68 -18.41
C GLN D 645 -1.67 40.24 -19.69
N GLN D 646 -2.80 40.92 -19.58
CA GLN D 646 -3.33 41.73 -20.67
C GLN D 646 -2.41 42.87 -21.10
N HIS D 647 -1.38 43.21 -20.32
CA HIS D 647 -0.45 44.27 -20.70
C HIS D 647 1.01 43.85 -20.70
N ILE D 648 1.37 42.69 -20.15
CA ILE D 648 2.77 42.29 -20.03
C ILE D 648 3.17 41.49 -21.27
N ASP D 649 4.33 41.81 -21.82
CA ASP D 649 4.84 41.07 -22.97
C ASP D 649 5.32 39.68 -22.57
N GLN D 650 6.15 39.60 -21.54
CA GLN D 650 6.72 38.33 -21.12
C GLN D 650 5.85 37.70 -20.03
N GLY D 651 6.40 36.68 -19.37
CA GLY D 651 5.67 35.99 -18.33
C GLY D 651 5.84 36.63 -16.97
N ILE D 652 5.03 36.15 -16.03
CA ILE D 652 5.01 36.63 -14.65
C ILE D 652 5.13 35.44 -13.73
N SER D 653 6.09 35.49 -12.81
CA SER D 653 6.33 34.39 -11.88
C SER D 653 5.24 34.37 -10.82
N PHE D 654 4.09 33.80 -11.19
CA PHE D 654 3.00 33.64 -10.24
C PHE D 654 3.30 32.45 -9.34
N THR D 655 3.62 32.72 -8.09
CA THR D 655 3.81 31.65 -7.13
C THR D 655 2.45 31.17 -6.62
N LEU D 656 2.24 29.86 -6.69
CA LEU D 656 0.99 29.27 -6.21
C LEU D 656 1.00 29.23 -4.69
N PHE D 657 -0.08 29.74 -4.10
CA PHE D 657 -0.23 29.80 -2.64
C PHE D 657 -1.23 28.73 -2.24
N LEU D 658 -0.74 27.54 -1.95
CA LEU D 658 -1.60 26.43 -1.62
C LEU D 658 -1.36 25.99 -0.18
N LYS D 659 -2.06 24.93 0.20
CA LYS D 659 -1.98 24.38 1.55
C LYS D 659 -1.79 22.87 1.44
N ASP D 660 -1.73 22.21 2.60
CA ASP D 660 -1.51 20.77 2.65
C ASP D 660 -2.81 20.00 2.49
N THR D 661 -3.93 20.59 2.87
CA THR D 661 -5.21 19.89 2.92
C THR D 661 -5.86 19.75 1.55
N MET D 662 -5.35 20.46 0.54
CA MET D 662 -5.96 20.46 -0.79
C MET D 662 -5.67 19.15 -1.52
N THR D 663 -6.27 19.00 -2.70
CA THR D 663 -6.19 17.75 -3.44
C THR D 663 -5.61 17.98 -4.83
N THR D 664 -5.27 16.88 -5.50
CA THR D 664 -4.63 16.97 -6.81
C THR D 664 -5.61 17.32 -7.91
N ARG D 665 -6.87 16.87 -7.78
CA ARG D 665 -7.85 17.14 -8.83
C ARG D 665 -8.25 18.60 -8.85
N ASP D 666 -8.27 19.26 -7.70
CA ASP D 666 -8.50 20.69 -7.68
C ASP D 666 -7.32 21.43 -8.29
N LEU D 667 -6.12 20.90 -8.11
CA LEU D 667 -4.95 21.44 -8.79
C LEU D 667 -5.07 21.26 -10.31
N ASN D 668 -5.66 20.14 -10.74
CA ASN D 668 -5.94 19.93 -12.15
C ASN D 668 -6.96 20.93 -12.66
N ARG D 669 -7.98 21.22 -11.85
CA ARG D 669 -8.98 22.23 -12.24
C ARG D 669 -8.35 23.61 -12.32
N ILE D 670 -7.39 23.89 -11.44
CA ILE D 670 -6.62 25.12 -11.50
C ILE D 670 -5.81 25.17 -12.79
N ASP D 671 -5.23 24.04 -13.18
CA ASP D 671 -4.44 23.97 -14.42
C ASP D 671 -5.32 24.19 -15.65
N LEU D 672 -6.50 23.58 -15.66
CA LEU D 672 -7.44 23.79 -16.76
C LEU D 672 -7.95 25.23 -16.79
N TYR D 673 -8.14 25.82 -15.62
CA TYR D 673 -8.56 27.21 -15.51
C TYR D 673 -7.48 28.16 -16.03
N ALA D 674 -6.22 27.85 -15.73
CA ALA D 674 -5.12 28.70 -16.18
C ALA D 674 -4.87 28.53 -17.67
N HIS D 675 -4.99 27.31 -18.18
CA HIS D 675 -4.92 27.10 -19.62
C HIS D 675 -6.09 27.76 -20.33
N HIS D 676 -7.24 27.80 -19.68
CA HIS D 676 -8.37 28.56 -20.19
C HIS D 676 -8.09 30.05 -20.17
N ARG D 677 -7.32 30.52 -19.19
CA ARG D 677 -7.01 31.93 -19.10
C ARG D 677 -5.83 32.33 -19.98
N GLY D 678 -5.17 31.38 -20.63
CA GLY D 678 -3.99 31.71 -21.41
C GLY D 678 -2.81 32.08 -20.55
N ILE D 679 -2.71 31.52 -19.35
CA ILE D 679 -1.61 31.82 -18.46
C ILE D 679 -0.34 31.22 -19.01
N LYS D 680 0.74 32.01 -19.02
CA LYS D 680 1.97 31.57 -19.65
C LYS D 680 2.67 30.51 -18.81
N THR D 681 3.08 30.85 -17.59
CA THR D 681 3.83 29.95 -16.75
C THR D 681 3.24 29.96 -15.34
N ILE D 682 3.67 28.98 -14.54
CA ILE D 682 3.37 28.94 -13.11
C ILE D 682 4.67 28.69 -12.37
N TYR D 683 4.67 29.01 -11.08
CA TYR D 683 5.81 28.77 -10.23
C TYR D 683 5.51 27.61 -9.27
N TYR D 684 6.56 27.19 -8.56
CA TYR D 684 6.50 26.30 -7.42
C TYR D 684 5.42 26.73 -6.42
N ALA D 685 4.73 25.74 -5.85
CA ALA D 685 3.55 25.98 -5.03
C ALA D 685 3.90 26.09 -3.55
N ARG D 686 2.94 26.60 -2.78
CA ARG D 686 3.11 26.79 -1.34
C ARG D 686 2.32 25.76 -0.54
N THR D 687 2.57 25.75 0.76
CA THR D 687 1.95 24.79 1.66
C THR D 687 1.66 25.41 3.02
PG DTP E . -24.91 -12.37 34.99
O1G DTP E . -24.18 -13.44 34.21
O2G DTP E . -24.10 -12.01 36.22
O3G DTP E . -25.11 -11.15 34.14
PB DTP E . -27.39 -13.90 34.63
O1B DTP E . -28.73 -13.23 34.57
O2B DTP E . -27.50 -15.22 35.34
O3B DTP E . -26.33 -12.94 35.43
PA DTP E . -26.24 -15.43 32.30
O1A DTP E . -27.31 -15.99 31.40
O2A DTP E . -25.79 -16.47 33.30
O3A DTP E . -26.82 -14.11 33.10
O5' DTP E . -24.96 -14.96 31.40
C5' DTP E . -24.91 -13.62 31.04
C4' DTP E . -24.82 -13.52 29.55
O4' DTP E . -23.80 -14.43 29.06
C3' DTP E . -26.17 -13.92 28.96
O3' DTP E . -26.76 -12.77 28.38
C2' DTP E . -25.83 -14.93 27.85
C1' DTP E . -24.37 -15.35 28.13
N9 DTP E . -24.29 -16.70 28.66
C8 DTP E . -24.70 -17.55 29.64
N7 DTP E . -24.15 -18.76 29.40
C5 DTP E . -23.40 -18.67 28.30
C6 DTP E . -22.63 -19.60 27.62
N6 DTP E . -22.51 -20.85 28.04
N1 DTP E . -21.99 -19.23 26.52
C2 DTP E . -22.13 -17.95 26.13
N3 DTP E . -22.84 -17.00 26.71
C4 DTP E . -23.50 -17.36 27.82
PG DTP F . -64.97 11.23 -23.08
O1G DTP F . -64.66 9.89 -23.70
O2G DTP F . -66.45 11.37 -22.87
O3G DTP F . -64.47 12.34 -23.97
PB DTP F . -64.26 10.24 -20.42
O1B DTP F . -65.27 9.16 -20.74
O2B DTP F . -64.62 10.94 -19.15
O3B DTP F . -64.25 11.30 -21.67
PA DTP F . -61.70 9.11 -21.46
O1A DTP F . -61.91 9.95 -22.70
O2A DTP F . -60.31 9.31 -20.93
O3A DTP F . -62.78 9.54 -20.31
O5' DTP F . -61.93 7.52 -21.85
C5' DTP F . -60.86 6.64 -21.68
C4' DTP F . -61.20 5.52 -20.72
O4' DTP F . -60.06 5.17 -19.89
C3' DTP F . -62.27 5.95 -19.73
O3' DTP F . -62.84 4.80 -19.13
C2' DTP F . -61.43 6.73 -18.69
C1' DTP F . -60.04 6.06 -18.78
N9 DTP F . -58.89 6.96 -18.94
C8 DTP F . -58.03 7.50 -19.85
N7 DTP F . -57.16 8.29 -19.23
C5 DTP F . -57.45 8.27 -17.93
C6 DTP F . -56.87 8.89 -16.85
N6 DTP F . -55.83 9.71 -17.03
N1 DTP F . -57.36 8.72 -15.63
C2 DTP F . -58.42 7.90 -15.53
N3 DTP F . -59.02 7.24 -16.49
C4 DTP F . -58.55 7.43 -17.74
PG DTP G . -50.29 -24.07 10.43
O1G DTP G . -51.53 -24.41 9.65
O2G DTP G . -49.50 -25.33 10.71
O3G DTP G . -49.45 -23.09 9.66
PB DTP G . -49.82 -22.43 12.82
O1B DTP G . -50.45 -21.07 12.87
O2B DTP G . -49.79 -23.02 14.21
O3B DTP G . -50.69 -23.41 11.82
PA DTP G . -47.43 -21.09 11.59
O1A DTP G . -48.36 -20.03 11.08
O2A DTP G . -46.48 -20.52 12.61
O3A DTP G . -48.29 -22.33 12.25
O5' DTP G . -46.56 -21.68 10.33
C5' DTP G . -46.27 -23.04 10.35
C4' DTP G . -44.79 -23.23 10.26
O4' DTP G . -44.26 -22.40 9.19
C3' DTP G . -44.17 -22.79 11.57
O3' DTP G . -43.65 -23.94 12.23
C2' DTP G . -43.00 -21.86 11.18
C1' DTP G . -43.28 -21.52 9.71
N9 DTP G . -43.74 -20.13 9.55
C8 DTP G . -44.65 -19.21 9.91
N7 DTP G . -44.37 -18.05 9.30
C5 DTP G . -43.27 -18.23 8.55
C6 DTP G . -42.54 -17.40 7.72
N6 DTP G . -42.91 -16.12 7.54
N1 DTP G . -41.47 -17.86 7.09
C2 DTP G . -41.16 -19.15 7.31
N3 DTP G . -41.78 -20.02 8.07
C4 DTP G . -42.86 -19.56 8.72
PG DTP H . 6.72 -48.58 51.47
O1G DTP H . 7.54 -49.75 51.03
O2G DTP H . 7.41 -47.29 51.09
O3G DTP H . 6.52 -48.62 52.97
PB DTP H . 4.12 -47.48 50.73
O1B DTP H . 2.80 -48.10 51.14
O2B DTP H . 4.50 -46.37 51.68
O3B DTP H . 5.29 -48.61 50.77
PA DTP H . 5.20 -46.55 48.11
O1A DTP H . 4.65 -46.80 46.73
O2A DTP H . 6.38 -47.45 48.35
O3A DTP H . 4.03 -46.86 49.21
O5' DTP H . 5.66 -44.98 48.24
C5' DTP H . 5.54 -44.15 47.12
C4' DTP H . 4.64 -42.96 47.41
O4' DTP H . 3.82 -42.63 46.26
C3' DTP H . 3.64 -43.28 48.50
O3' DTP H . 3.11 -42.07 49.01
C2' DTP H . 2.56 -44.05 47.71
C1' DTP H . 2.66 -43.46 46.29
N9 DTP H . 2.77 -44.43 45.18
C8 DTP H . 3.65 -45.06 44.35
N7 DTP H . 2.98 -45.86 43.53
C5 DTP H . 1.68 -45.75 43.82
C6 DTP H . 0.56 -46.35 43.28
N6 DTP H . 0.70 -47.24 42.30
N1 DTP H . -0.64 -46.08 43.77
C2 DTP H . -0.69 -45.20 44.78
N3 DTP H . 0.31 -44.56 45.35
C4 DTP H . 1.54 -44.84 44.88
PG DTP I . 44.85 32.64 -11.26
O1G DTP I . 43.54 32.43 -10.55
O2G DTP I . 45.65 33.69 -10.53
O3G DTP I . 45.63 31.35 -11.29
PB DTP I . 43.39 32.64 -13.80
O1B DTP I . 44.01 32.17 -15.09
O2B DTP I . 42.48 33.80 -14.06
O3B DTP I . 44.57 33.11 -12.74
PA DTP I . 41.01 31.27 -12.57
O1A DTP I . 40.16 30.55 -13.58
O2A DTP I . 40.45 32.64 -12.28
O3A DTP I . 42.54 31.40 -13.12
O5' DTP I . 41.03 30.40 -11.18
C5' DTP I . 42.11 29.55 -11.00
C4' DTP I . 41.58 28.15 -10.77
O4' DTP I . 40.52 28.20 -9.79
C3' DTP I . 41.02 27.63 -12.08
O3' DTP I . 41.85 26.57 -12.54
C2' DTP I . 39.63 27.06 -11.72
C1' DTP I . 39.33 27.66 -10.34
N9 DTP I . 38.30 28.68 -10.40
C8 DTP I . 37.93 29.87 -10.96
N7 DTP I . 36.73 30.21 -10.48
C5 DTP I . 36.32 29.26 -9.64
C6 DTP I . 35.18 29.08 -8.88
N6 DTP I . 34.20 29.99 -8.89
N1 DTP I . 35.05 28.01 -8.10
C2 DTP I . 36.06 27.13 -8.13
N3 DTP I . 37.18 27.20 -8.81
C4 DTP I . 37.33 28.27 -9.59
PG DTP J . 43.97 -34.06 -44.20
O1G DTP J . 42.49 -34.05 -43.95
O2G DTP J . 44.24 -34.09 -45.69
O3G DTP J . 44.61 -35.26 -43.55
PB DTP J . 44.14 -31.17 -43.81
O1B DTP J . 43.06 -31.14 -44.86
O2B DTP J . 45.31 -30.33 -44.22
O3B DTP J . 44.61 -32.73 -43.60
PA DTP J . 42.60 -31.38 -41.26
O1A DTP J . 42.87 -32.86 -41.29
O2A DTP J . 42.96 -30.83 -39.91
O3A DTP J . 43.50 -30.62 -42.40
O5' DTP J . 41.01 -31.11 -41.57
C5' DTP J . 40.23 -30.49 -40.59
C4' DTP J . 39.62 -29.20 -41.09
O4' DTP J . 39.60 -28.18 -40.06
C3' DTP J . 40.45 -28.60 -42.21
O3' DTP J . 39.65 -27.64 -42.91
C2' DTP J . 41.55 -27.87 -41.41
C1' DTP J . 40.87 -27.52 -40.06
N9 DTP J . 41.58 -27.91 -38.84
C8 DTP J . 41.67 -28.85 -37.86
N7 DTP J . 42.62 -28.51 -36.99
C5 DTP J . 43.14 -27.36 -37.40
C6 DTP J . 44.13 -26.56 -36.87
N6 DTP J . 44.77 -26.94 -35.77
N1 DTP J . 44.48 -25.44 -37.48
C2 DTP J . 43.80 -25.13 -38.60
N3 DTP J . 42.84 -25.81 -39.17
C4 DTP J . 42.49 -26.96 -38.57
PG DTP K . 25.11 12.12 -34.74
O1G DTP K . 24.52 11.40 -35.93
O2G DTP K . 24.05 12.96 -34.08
O3G DTP K . 25.64 11.10 -33.76
PB DTP K . 27.57 13.66 -34.34
O1B DTP K . 28.85 13.06 -34.86
O2B DTP K . 27.62 15.16 -34.48
O3B DTP K . 26.31 13.05 -35.20
PA DTP K . 28.18 12.26 -31.75
O1A DTP K . 28.97 11.26 -32.55
O2A DTP K . 29.09 13.06 -30.85
O3A DTP K . 27.37 13.27 -32.77
O5' DTP K . 27.09 11.47 -30.83
C5' DTP K . 25.85 12.07 -30.66
C4' DTP K . 25.58 12.24 -29.19
O4' DTP K . 25.87 10.99 -28.51
C3' DTP K . 26.51 13.32 -28.65
O3' DTP K . 25.71 14.44 -28.29
C2' DTP K . 27.14 12.71 -27.39
C1' DTP K . 26.85 11.20 -27.51
N9 DTP K . 28.06 10.44 -27.82
C8 DTP K . 29.09 10.28 -28.70
N7 DTP K . 29.86 9.29 -28.27
C5 DTP K . 29.35 8.81 -27.13
C6 DTP K . 29.74 7.80 -26.27
N6 DTP K . 30.83 7.07 -26.50
N1 DTP K . 29.01 7.54 -25.19
C2 DTP K . 27.92 8.30 -24.99
N3 DTP K . 27.47 9.28 -25.75
C4 DTP K . 28.19 9.55 -26.85
PG DTP L . 17.74 65.76 16.27
O1G DTP L . 16.46 65.94 17.03
O2G DTP L . 18.72 64.97 17.10
O3G DTP L . 18.33 67.10 15.94
PB DTP L . 18.53 64.34 13.85
O1B DTP L . 18.19 64.81 12.45
O2B DTP L . 19.91 64.79 14.23
O3B DTP L . 17.46 64.97 14.92
PA DTP L . 18.24 61.71 15.22
O1A DTP L . 17.45 60.50 14.77
O2A DTP L . 17.48 62.44 16.30
O3A DTP L . 18.46 62.71 13.94
O5' DTP L . 19.70 61.24 15.80
C5' DTP L . 20.00 59.87 15.84
C4' DTP L . 21.23 59.54 15.03
O4' DTP L . 21.08 58.28 14.34
C3' DTP L . 21.44 60.55 13.91
O3' DTP L . 22.77 60.46 13.44
C2' DTP L . 20.45 60.03 12.84
C1' DTP L . 20.38 58.51 13.12
N9 DTP L . 19.04 57.92 13.24
C8 DTP L . 18.09 57.52 14.13
N7 DTP L . 17.04 57.03 13.47
C5 DTP L . 17.30 57.11 12.17
C6 DTP L . 16.59 56.74 11.06
N6 DTP L . 15.37 56.23 11.20
N1 DTP L . 17.08 56.93 9.84
C2 DTP L . 18.31 57.48 9.78
N3 DTP L . 19.09 57.86 10.77
C4 DTP L . 18.58 57.68 12.01
#